data_9BIF
#
_entry.id   9BIF
#
_cell.length_a   96.737
_cell.length_b   97.294
_cell.length_c   168.343
_cell.angle_alpha   97.60
_cell.angle_beta   90.27
_cell.angle_gamma   106.21
#
_symmetry.space_group_name_H-M   'P 1'
#
loop_
_entity.id
_entity.type
_entity.pdbx_description
1 polymer 'VH-CH1 domain of B11 Fab'
2 polymer 'VH-VL domain of B11 Fab'
3 polymer 'Outer surface protein C'
4 non-polymer 'PRASEODYMIUM ION'
5 non-polymer 'CHLORIDE ION'
6 water water
#
loop_
_entity_poly.entity_id
_entity_poly.type
_entity_poly.pdbx_seq_one_letter_code
_entity_poly.pdbx_strand_id
1 'polypeptide(L)'
;QLQLQESGPGLVKPSQTLSLTCTLSGGSISSTSYYWGWIRQPPGSGLEWIGSMYHSGNTYYKSSLKGRVTISLDTSRTQF
SLRLTSVTAADTAVYYCARLGDVFNSAMDVWGQGTTVIVSSASTKGPSVFPLAPSSKSTSGGTAALGCLVKDYFPEPVTV
SWNSGALTSGVHTFPAVLQSSGLYSLSSVVTVPSSSLGTQTYICNVNHKPSNTKVDKRVEPKSCDKTH
;
H,C,G,J,O,Q,U,W
2 'polypeptide(L)'
;EIVMTQSPVTLSVSPGERATLSCRASQSVGNNLAWYQHKPGQAPRLLIYDASTRATGIPGRFSGSGSGTEFTLTISSLQS
EDFAVYYCQEYNNWPRYTFGQGAKLEIRRTVAAPSVFIFPPSDEQLKSGTASVVCLLNNFYPREAKVQWKVDNALQSGNS
QESVTEQDSKDSTYSLSSTLTLSKADYEKHKVYACEVTHQGLSSPVTKSFNRGEC
;
L,D,I,K,P,R,V,X
3 'polypeptide(L)'
;KGPNLTEISKKITDSNAVLLAVKEVEALLSSIDEIAAKAIGKKIHQNNGLDTENNHNGSLLAGAYAISTLIKQKLDGLKN
EGLKEKIDAAKKCSETFTNKLKEKHTDLGKEGVTDADAKEAILKTNGTKTKGAEELGKLFESVEVLSKAAKEMLANSVKE
LTSP
;
A,B,E,F,M,N,S,T
#
# COMPACT_ATOMS: atom_id res chain seq x y z
N GLN A 1 28.49 12.04 19.12
CA GLN A 1 27.63 12.81 20.00
C GLN A 1 26.73 13.78 19.21
N LEU A 2 27.27 14.94 18.82
CA LEU A 2 26.53 15.95 18.07
C LEU A 2 26.63 15.57 16.60
N GLN A 3 25.73 14.69 16.15
CA GLN A 3 25.86 14.05 14.85
C GLN A 3 24.55 14.17 14.08
N LEU A 4 24.61 14.80 12.91
CA LEU A 4 23.46 15.04 12.04
C LEU A 4 23.59 14.19 10.79
N GLN A 5 22.52 13.47 10.45
CA GLN A 5 22.57 12.49 9.36
C GLN A 5 21.40 12.70 8.41
N GLU A 6 21.71 12.74 7.12
CA GLU A 6 20.81 13.16 6.05
C GLU A 6 19.85 12.03 5.62
N SER A 7 19.16 12.28 4.50
CA SER A 7 17.82 11.80 4.20
C SER A 7 17.76 10.90 2.97
N GLY A 8 16.52 10.57 2.62
CA GLY A 8 16.17 9.65 1.57
C GLY A 8 16.24 10.24 0.18
N PRO A 9 15.26 9.87 -0.65
CA PRO A 9 15.47 9.79 -2.10
C PRO A 9 15.72 11.14 -2.78
N GLY A 10 16.77 11.17 -3.59
CA GLY A 10 16.94 12.17 -4.62
C GLY A 10 16.30 11.66 -5.90
N LEU A 11 16.62 12.34 -7.01
CA LEU A 11 16.06 11.98 -8.32
C LEU A 11 14.53 12.02 -8.27
N VAL A 12 14.01 13.22 -8.02
CA VAL A 12 12.58 13.48 -8.04
C VAL A 12 12.23 14.23 -9.32
N LYS A 13 11.10 13.89 -9.92
CA LYS A 13 10.67 14.49 -11.17
C LYS A 13 10.34 15.97 -10.97
N PRO A 14 10.50 16.78 -12.01
CA PRO A 14 10.12 18.20 -11.88
C PRO A 14 8.63 18.34 -11.64
N SER A 15 8.25 19.47 -11.04
CA SER A 15 6.90 19.83 -10.62
C SER A 15 6.40 18.93 -9.49
N GLN A 16 7.22 18.00 -9.01
CA GLN A 16 6.91 17.13 -7.90
C GLN A 16 7.38 17.77 -6.60
N THR A 17 7.34 17.00 -5.51
CA THR A 17 7.80 17.45 -4.21
C THR A 17 8.96 16.58 -3.76
N LEU A 18 10.07 17.21 -3.40
CA LEU A 18 11.18 16.48 -2.78
C LEU A 18 11.04 16.63 -1.28
N SER A 19 11.09 15.51 -0.58
CA SER A 19 10.93 15.47 0.86
C SER A 19 12.17 14.82 1.46
N LEU A 20 12.78 15.51 2.41
CA LEU A 20 13.96 15.01 3.08
C LEU A 20 13.72 15.00 4.58
N THR A 21 14.35 14.05 5.27
CA THR A 21 14.25 13.89 6.71
C THR A 21 15.64 13.93 7.31
N CYS A 22 15.86 14.82 8.25
CA CYS A 22 17.11 14.86 8.99
C CYS A 22 16.87 14.23 10.36
N THR A 23 17.61 13.17 10.66
CA THR A 23 17.42 12.38 11.86
C THR A 23 18.58 12.58 12.82
N LEU A 24 18.28 12.72 14.11
CA LEU A 24 19.35 12.91 15.07
C LEU A 24 19.86 11.56 15.56
N SER A 25 21.15 11.52 15.87
CA SER A 25 21.82 10.36 16.42
C SER A 25 22.67 10.82 17.59
N GLY A 26 22.62 10.07 18.69
CA GLY A 26 23.31 10.53 19.88
C GLY A 26 22.83 11.86 20.40
N GLY A 27 21.62 12.27 20.05
CA GLY A 27 21.14 13.59 20.41
C GLY A 27 19.63 13.62 20.45
N SER A 28 19.10 14.65 21.10
CA SER A 28 17.68 14.82 21.30
C SER A 28 17.31 16.28 21.17
N ILE A 29 16.01 16.55 21.22
CA ILE A 29 15.50 17.93 21.09
C ILE A 29 15.49 18.47 22.51
N SER A 30 16.61 19.04 22.93
CA SER A 30 16.84 19.22 24.34
C SER A 30 17.54 20.54 24.61
N SER A 31 17.32 21.05 25.82
CA SER A 31 17.74 22.38 26.27
C SER A 31 17.03 23.52 25.53
N THR A 32 15.72 23.40 25.24
CA THR A 32 14.87 22.28 24.88
C THR A 32 15.03 22.11 23.37
N SER A 33 16.10 22.74 22.87
CA SER A 33 16.35 22.89 21.44
C SER A 33 17.74 22.40 21.06
N TYR A 35 17.79 22.81 17.88
CA TYR A 35 18.38 22.39 16.61
C TYR A 35 17.31 22.82 15.60
N TRP A 36 17.69 23.18 14.38
CA TRP A 36 16.71 23.66 13.41
C TRP A 36 17.37 23.75 12.04
N GLY A 37 16.61 24.22 11.05
CA GLY A 37 17.21 24.71 9.81
C GLY A 37 17.72 23.74 8.76
N TRP A 38 17.70 24.22 7.51
CA TRP A 38 18.17 23.52 6.33
C TRP A 38 18.97 24.48 5.45
N ILE A 39 19.96 23.94 4.74
CA ILE A 39 20.85 24.70 3.87
C ILE A 39 21.04 23.90 2.59
N ARG A 40 21.21 24.60 1.46
CA ARG A 40 21.40 23.95 0.18
C ARG A 40 22.47 24.66 -0.65
N GLN A 41 23.06 23.92 -1.58
CA GLN A 41 24.01 24.45 -2.56
C GLN A 41 23.69 23.93 -3.95
N PRO A 42 23.26 24.78 -4.88
CA PRO A 42 23.01 24.32 -6.25
C PRO A 42 24.28 24.34 -7.08
N PRO A 43 24.35 23.51 -8.12
CA PRO A 43 25.60 23.42 -8.91
C PRO A 43 25.98 24.77 -9.51
N GLY A 44 27.29 25.06 -9.47
CA GLY A 44 27.80 26.32 -9.97
C GLY A 44 27.44 27.52 -9.12
N SER A 45 26.88 27.29 -7.94
CA SER A 45 26.44 28.37 -7.06
C SER A 45 26.85 28.03 -5.64
N GLY A 46 26.86 29.04 -4.79
CA GLY A 46 27.24 28.86 -3.40
C GLY A 46 26.10 28.35 -2.54
N LEU A 47 26.37 28.29 -1.24
CA LEU A 47 25.36 27.90 -0.28
C LEU A 47 24.33 29.01 -0.09
N GLU A 48 23.09 28.61 0.21
CA GLU A 48 22.09 29.57 0.63
C GLU A 48 21.17 28.92 1.64
N TRP A 49 20.76 29.71 2.64
CA TRP A 49 19.89 29.25 3.70
C TRP A 49 18.48 29.02 3.15
N ILE A 50 17.83 27.95 3.61
CA ILE A 50 16.49 27.63 3.16
C ILE A 50 15.45 28.09 4.16
N GLY A 51 15.55 27.57 5.39
CA GLY A 51 14.60 27.90 6.43
C GLY A 51 15.16 27.48 7.77
N SER A 52 14.51 27.95 8.82
CA SER A 52 14.89 27.64 10.19
C SER A 52 13.65 27.24 10.98
N MET A 53 13.86 26.42 12.00
CA MET A 53 12.77 25.95 12.83
C MET A 53 13.09 26.26 14.29
N TYR A 54 12.28 25.76 15.21
CA TYR A 54 12.51 25.91 16.65
C TYR A 54 12.06 24.60 17.29
N HIS A 55 12.51 24.35 18.52
CA HIS A 55 12.11 23.10 19.18
C HIS A 55 10.61 23.02 19.34
N SER A 56 9.96 24.15 19.62
CA SER A 56 8.50 24.22 19.51
C SER A 56 8.05 23.88 18.09
N GLY A 57 8.71 24.45 17.09
CA GLY A 57 8.33 24.20 15.70
C GLY A 57 8.09 25.41 14.84
N ASN A 58 8.13 26.61 15.41
CA ASN A 58 7.92 27.83 14.63
C ASN A 58 9.00 27.94 13.56
N THR A 59 8.59 28.24 12.33
CA THR A 59 9.50 28.22 11.19
C THR A 59 9.61 29.59 10.54
N TYR A 60 10.80 29.88 10.02
CA TYR A 60 11.09 31.11 9.30
C TYR A 60 11.82 30.77 8.00
N TYR A 61 11.33 31.32 6.89
CA TYR A 61 11.76 30.95 5.55
C TYR A 61 12.45 32.14 4.86
N LYS A 62 13.23 31.82 3.82
CA LYS A 62 13.99 32.83 3.08
C LYS A 62 13.12 33.86 2.36
N SER A 63 11.83 33.57 2.17
CA SER A 63 10.81 34.42 1.55
C SER A 63 10.91 34.49 0.03
N SER A 64 11.91 33.88 -0.59
CA SER A 64 11.82 33.55 -2.01
C SER A 64 11.42 32.10 -2.20
N LEU A 65 11.39 31.34 -1.10
CA LEU A 65 10.81 30.00 -1.05
C LEU A 65 9.52 30.01 -0.25
N LYS A 66 8.98 31.19 0.07
CA LYS A 66 7.73 31.31 0.80
C LYS A 66 6.61 30.62 0.03
N GLY A 67 5.75 29.90 0.76
CA GLY A 67 4.66 29.19 0.15
C GLY A 67 5.06 27.86 -0.45
N ARG A 68 6.33 27.72 -0.81
CA ARG A 68 6.93 26.55 -1.45
C ARG A 68 7.38 25.53 -0.40
N VAL A 69 8.11 26.00 0.61
CA VAL A 69 8.77 25.14 1.60
C VAL A 69 7.90 25.01 2.84
N THR A 70 8.02 23.86 3.50
CA THR A 70 7.52 23.65 4.85
C THR A 70 8.55 22.82 5.59
N ILE A 71 8.95 23.28 6.77
CA ILE A 71 9.84 22.53 7.64
C ILE A 71 8.99 21.98 8.77
N SER A 72 9.23 20.73 9.14
CA SER A 72 8.37 20.03 10.08
C SER A 72 9.21 19.34 11.14
N LEU A 73 8.63 19.23 12.34
CA LEU A 73 9.22 18.54 13.45
C LEU A 73 8.44 17.25 13.68
N ASP A 74 9.16 16.13 13.81
CA ASP A 74 8.52 14.87 14.13
C ASP A 74 8.33 14.78 15.64
N THR A 75 7.09 14.54 16.08
CA THR A 75 6.84 14.10 17.44
C THR A 75 7.62 12.81 17.67
N SER A 76 7.94 12.51 18.94
CA SER A 76 9.00 11.54 19.23
C SER A 76 10.29 12.02 18.57
N ARG A 77 10.74 13.18 19.06
CA ARG A 77 11.45 14.18 18.27
C ARG A 77 12.91 13.78 18.04
N THR A 78 13.06 12.65 17.36
CA THR A 78 14.36 12.24 16.84
C THR A 78 14.75 12.92 15.54
N GLN A 79 13.81 13.50 14.79
CA GLN A 79 14.11 13.92 13.44
C GLN A 79 13.21 15.09 13.00
N PHE A 80 13.68 15.83 11.99
CA PHE A 80 12.88 16.86 11.34
C PHE A 80 13.07 16.77 9.84
N SER A 81 12.09 17.29 9.10
CA SER A 81 11.95 17.03 7.67
C SER A 81 11.94 18.31 6.86
N LEU A 82 12.44 18.22 5.63
CA LEU A 82 12.34 19.28 4.63
C LEU A 82 11.37 18.87 3.54
N ARG A 83 10.49 19.80 3.15
CA ARG A 83 9.47 19.56 2.13
C ARG A 83 9.50 20.69 1.12
N LEU A 84 9.80 20.37 -0.14
CA LEU A 84 10.01 21.36 -1.20
C LEU A 84 9.10 21.03 -2.37
N THR A 85 8.22 21.96 -2.72
CA THR A 85 7.23 21.73 -3.78
C THR A 85 6.68 23.06 -4.28
N SER A 86 6.58 23.21 -5.59
CA SER A 86 6.97 22.24 -6.61
C SER A 86 8.40 22.59 -7.05
N VAL A 87 9.08 21.65 -7.71
CA VAL A 87 10.53 21.72 -7.85
C VAL A 87 10.90 21.97 -9.31
N THR A 88 11.64 23.05 -9.55
CA THR A 88 12.23 23.38 -10.84
C THR A 88 13.49 22.54 -11.01
N ALA A 89 14.17 22.69 -12.14
CA ALA A 89 15.53 22.19 -12.19
C ALA A 89 16.52 23.10 -11.48
N ALA A 90 16.12 24.33 -11.15
CA ALA A 90 16.97 25.19 -10.34
C ALA A 90 16.95 24.82 -8.87
N ASP A 91 16.14 23.83 -8.49
CA ASP A 91 16.14 23.26 -7.15
C ASP A 91 17.11 22.10 -7.02
N THR A 92 17.65 21.58 -8.11
CA THR A 92 18.68 20.55 -7.99
C THR A 92 19.87 21.13 -7.23
N ALA A 93 20.26 20.43 -6.19
CA ALA A 93 21.28 20.95 -5.27
C ALA A 93 21.66 19.83 -4.32
N VAL A 94 22.62 20.14 -3.45
CA VAL A 94 22.94 19.33 -2.28
C VAL A 94 22.34 20.01 -1.06
N TYR A 95 21.53 19.28 -0.31
CA TYR A 95 20.82 19.85 0.82
C TYR A 95 21.45 19.38 2.12
N TYR A 96 21.77 20.33 2.99
CA TYR A 96 22.32 20.06 4.30
C TYR A 96 21.31 20.41 5.38
N CYS A 97 21.20 19.56 6.37
CA CYS A 97 20.58 19.96 7.63
C CYS A 97 21.71 20.24 8.61
N ALA A 98 21.45 21.13 9.55
CA ALA A 98 22.52 21.57 10.43
C ALA A 98 21.91 22.14 11.69
N ARG A 99 22.60 21.97 12.82
CA ARG A 99 22.18 22.61 14.06
C ARG A 99 22.65 24.05 13.99
N LEU A 100 21.70 24.98 13.90
CA LEU A 100 22.00 26.39 13.66
C LEU A 100 21.95 27.23 14.94
N GLY A 101 22.34 26.66 16.08
CA GLY A 101 22.08 27.35 17.33
C GLY A 101 22.84 26.76 18.49
N ASP A 102 22.99 27.57 19.53
CA ASP A 102 23.49 27.18 20.84
C ASP A 102 23.36 28.41 21.73
N VAL A 103 23.54 28.19 23.03
CA VAL A 103 23.43 29.29 24.00
C VAL A 103 24.44 30.38 23.70
N PHE A 104 25.67 30.01 23.35
CA PHE A 104 26.78 30.96 23.35
C PHE A 104 27.26 31.38 21.97
N ASN A 105 26.89 30.68 20.90
CA ASN A 105 27.16 31.17 19.56
C ASN A 105 25.93 31.36 18.71
N SER A 106 24.84 30.64 19.00
CA SER A 106 23.62 30.67 18.20
C SER A 106 23.98 30.10 16.84
N ALA A 107 23.98 30.94 15.81
CA ALA A 107 24.27 30.46 14.47
C ALA A 107 25.73 30.03 14.38
N MET A 108 26.02 28.97 13.63
CA MET A 108 25.32 27.91 12.88
C MET A 108 26.33 26.77 12.94
N ASP A 109 26.10 25.79 13.82
CA ASP A 109 27.18 25.12 14.54
C ASP A 109 27.42 23.66 14.16
N VAL A 110 26.40 22.80 14.20
CA VAL A 110 26.59 21.38 13.91
C VAL A 110 25.89 21.06 12.59
N TRP A 111 26.67 20.56 11.63
CA TRP A 111 26.20 20.32 10.27
C TRP A 111 25.96 18.83 10.02
N GLY A 112 25.01 18.55 9.10
CA GLY A 112 24.85 17.21 8.58
C GLY A 112 25.91 16.88 7.56
N GLN A 113 25.88 15.63 7.11
CA GLN A 113 26.88 15.16 6.14
C GLN A 113 26.55 15.57 4.70
N GLY A 114 25.32 15.98 4.42
CA GLY A 114 24.96 16.33 3.05
C GLY A 114 24.36 15.22 2.23
N THR A 115 23.21 15.50 1.62
CA THR A 115 22.54 14.57 0.72
C THR A 115 22.26 15.27 -0.61
N THR A 116 22.39 14.54 -1.70
CA THR A 116 22.23 15.08 -3.04
C THR A 116 20.83 14.76 -3.56
N VAL A 117 20.16 15.76 -4.10
CA VAL A 117 18.83 15.60 -4.70
C VAL A 117 18.85 16.26 -6.07
N ILE A 118 18.59 15.46 -7.11
CA ILE A 118 18.60 15.93 -8.49
C ILE A 118 17.15 15.97 -8.98
N VAL A 119 16.74 17.10 -9.53
CA VAL A 119 15.41 17.27 -10.09
C VAL A 119 15.52 17.17 -11.61
N SER A 120 15.12 16.03 -12.17
CA SER A 120 15.18 15.81 -13.61
C SER A 120 14.11 14.81 -14.01
N SER A 121 13.74 14.86 -15.29
CA SER A 121 12.70 13.99 -15.85
C SER A 121 13.24 12.58 -16.13
N ALA A 122 13.67 11.93 -15.05
CA ALA A 122 14.00 10.49 -15.00
C ALA A 122 14.91 10.10 -16.16
N SER A 123 14.64 8.99 -16.85
CA SER A 123 15.49 8.45 -17.90
C SER A 123 16.91 8.18 -17.39
N THR A 124 16.97 7.29 -16.40
CA THR A 124 18.27 6.80 -15.93
C THR A 124 18.93 6.06 -17.09
N LYS A 125 20.21 6.34 -17.33
CA LYS A 125 20.80 5.91 -18.58
C LYS A 125 22.26 5.53 -18.40
N GLY A 126 22.67 4.47 -19.09
CA GLY A 126 24.06 4.09 -19.14
C GLY A 126 24.80 4.88 -20.19
N PRO A 127 26.11 5.05 -19.99
CA PRO A 127 26.88 5.92 -20.89
C PRO A 127 27.31 5.21 -22.16
N SER A 128 27.51 6.01 -23.20
CA SER A 128 28.19 5.57 -24.40
C SER A 128 29.60 6.14 -24.34
N VAL A 129 30.60 5.28 -24.54
CA VAL A 129 31.99 5.64 -24.30
C VAL A 129 32.74 5.67 -25.63
N PHE A 130 33.44 6.77 -25.86
CA PHE A 130 34.10 7.00 -27.13
C PHE A 130 35.58 7.28 -26.89
N PRO A 131 36.46 6.77 -27.74
CA PRO A 131 37.90 6.98 -27.54
C PRO A 131 38.33 8.32 -28.09
N LEU A 132 39.50 8.75 -27.64
CA LEU A 132 40.11 9.99 -28.13
C LEU A 132 41.50 9.62 -28.64
N ALA A 133 41.58 9.36 -29.94
CA ALA A 133 42.82 8.84 -30.50
C ALA A 133 43.86 9.96 -30.59
N PRO A 134 45.12 9.66 -30.32
CA PRO A 134 46.16 10.69 -30.38
C PRO A 134 46.73 10.85 -31.79
N SER A 135 47.32 12.03 -32.01
CA SER A 135 47.89 12.37 -33.30
C SER A 135 49.17 11.59 -33.59
N GLY A 142 58.09 15.98 -26.44
CA GLY A 142 57.52 15.27 -27.58
C GLY A 142 56.53 14.22 -27.16
N THR A 143 55.49 14.63 -26.45
CA THR A 143 54.48 13.73 -25.89
C THR A 143 53.20 13.79 -26.71
N ALA A 144 52.27 12.89 -26.36
CA ALA A 144 50.97 12.83 -26.99
C ALA A 144 49.92 12.57 -25.92
N ALA A 145 48.68 12.88 -26.25
CA ALA A 145 47.57 12.80 -25.31
C ALA A 145 46.44 11.98 -25.91
N LEU A 146 45.85 11.11 -25.09
CA LEU A 146 44.71 10.29 -25.47
C LEU A 146 43.69 10.34 -24.34
N GLY A 147 42.50 9.82 -24.63
CA GLY A 147 41.49 9.79 -23.59
C GLY A 147 40.25 9.05 -24.01
N CYS A 148 39.22 9.16 -23.16
CA CYS A 148 37.90 8.57 -23.39
C CYS A 148 36.85 9.67 -23.32
N LEU A 149 35.77 9.48 -24.08
CA LEU A 149 34.64 10.39 -24.07
C LEU A 149 33.42 9.62 -23.58
N VAL A 150 32.88 10.04 -22.44
CA VAL A 150 31.71 9.43 -21.83
C VAL A 150 30.55 10.40 -22.04
N LYS A 151 29.56 9.99 -22.83
CA LYS A 151 28.54 10.91 -23.32
C LYS A 151 27.14 10.40 -22.97
N ASP A 152 26.26 11.34 -22.62
CA ASP A 152 24.81 11.10 -22.56
C ASP A 152 24.46 9.95 -21.60
N TYR A 153 24.80 10.14 -20.33
CA TYR A 153 24.42 9.21 -19.28
C TYR A 153 23.77 9.99 -18.14
N PHE A 154 22.96 9.28 -17.35
CA PHE A 154 22.29 9.93 -16.23
C PHE A 154 21.77 8.82 -15.31
N PRO A 155 21.83 9.00 -14.00
CA PRO A 155 22.38 10.18 -13.31
C PRO A 155 23.87 10.09 -13.09
N GLU A 156 24.41 11.11 -12.43
CA GLU A 156 25.79 11.12 -11.99
C GLU A 156 25.90 10.31 -10.70
N PRO A 157 27.07 9.72 -10.40
CA PRO A 157 28.35 9.80 -11.11
C PRO A 157 28.73 8.58 -11.92
N VAL A 158 29.77 8.75 -12.73
CA VAL A 158 30.50 7.66 -13.34
C VAL A 158 31.95 7.76 -12.85
N THR A 159 32.60 6.60 -12.77
CA THR A 159 33.99 6.53 -12.36
C THR A 159 34.81 5.90 -13.47
N VAL A 160 35.94 6.50 -13.80
CA VAL A 160 36.80 6.03 -14.88
C VAL A 160 38.16 5.67 -14.32
N SER A 161 38.68 4.53 -14.76
CA SER A 161 40.03 4.08 -14.43
C SER A 161 40.67 3.57 -15.72
N TRP A 162 41.98 3.82 -15.86
CA TRP A 162 42.70 3.43 -17.06
C TRP A 162 43.56 2.21 -16.74
N ASN A 163 43.55 1.24 -17.67
CA ASN A 163 44.29 -0.01 -17.49
C ASN A 163 43.95 -0.67 -16.16
N SER A 164 42.66 -0.68 -15.82
CA SER A 164 42.16 -1.25 -14.56
C SER A 164 42.85 -0.65 -13.34
N GLY A 165 43.21 0.63 -13.43
CA GLY A 165 43.88 1.32 -12.34
C GLY A 165 45.38 1.23 -12.34
N ALA A 166 45.99 0.68 -13.39
CA ALA A 166 47.45 0.62 -13.49
C ALA A 166 48.06 1.90 -14.05
N LEU A 167 47.25 2.79 -14.63
CA LEU A 167 47.72 4.06 -15.18
C LEU A 167 47.05 5.17 -14.37
N THR A 168 47.81 5.79 -13.47
CA THR A 168 47.27 6.84 -12.60
C THR A 168 47.98 8.17 -12.74
N SER A 169 49.27 8.19 -13.07
CA SER A 169 49.99 9.45 -13.24
C SER A 169 49.74 10.02 -14.63
N GLY A 170 49.35 11.29 -14.68
CA GLY A 170 49.07 11.97 -15.93
C GLY A 170 47.61 12.01 -16.31
N VAL A 171 46.74 11.35 -15.55
CA VAL A 171 45.32 11.24 -15.87
C VAL A 171 44.58 12.44 -15.30
N HIS A 172 43.63 12.97 -16.07
CA HIS A 172 42.62 13.89 -15.55
C HIS A 172 41.27 13.42 -16.04
N THR A 173 40.39 13.07 -15.11
CA THR A 173 39.00 12.81 -15.41
C THR A 173 38.24 14.09 -15.09
N PHE A 174 37.60 14.66 -16.09
CA PHE A 174 37.03 15.98 -15.85
C PHE A 174 35.68 15.85 -15.16
N PRO A 175 35.27 16.87 -14.41
CA PRO A 175 33.91 16.87 -13.87
C PRO A 175 32.91 16.82 -15.01
N ALA A 176 31.79 16.15 -14.76
CA ALA A 176 30.79 16.04 -15.81
C ALA A 176 30.17 17.39 -16.09
N VAL A 177 29.60 17.53 -17.28
CA VAL A 177 28.90 18.74 -17.67
C VAL A 177 27.46 18.35 -18.00
N LEU A 178 26.54 19.27 -17.70
CA LEU A 178 25.13 19.08 -18.02
C LEU A 178 24.86 19.77 -19.35
N GLN A 179 24.62 18.98 -20.38
CA GLN A 179 24.30 19.49 -21.70
C GLN A 179 22.79 19.59 -21.90
N SER A 180 22.40 20.32 -22.95
CA SER A 180 20.99 20.67 -23.17
C SER A 180 20.06 19.46 -23.20
N SER A 181 20.57 18.29 -23.56
CA SER A 181 19.75 17.09 -23.61
C SER A 181 19.26 16.65 -22.23
N GLY A 182 19.82 17.19 -21.15
CA GLY A 182 19.49 16.74 -19.82
C GLY A 182 20.28 15.52 -19.38
N LEU A 183 21.24 15.07 -20.19
CA LEU A 183 22.13 13.98 -19.86
C LEU A 183 23.51 14.57 -19.59
N TYR A 184 24.34 13.81 -18.88
CA TYR A 184 25.66 14.29 -18.51
C TYR A 184 26.72 13.70 -19.44
N SER A 185 27.80 14.44 -19.62
CA SER A 185 28.94 13.95 -20.38
C SER A 185 30.22 14.50 -19.77
N LEU A 186 31.28 13.72 -19.87
CA LEU A 186 32.61 14.14 -19.44
C LEU A 186 33.63 13.49 -20.37
N SER A 187 34.90 13.81 -20.13
CA SER A 187 35.99 13.15 -20.83
C SER A 187 37.16 13.04 -19.87
N SER A 188 37.90 11.93 -19.98
CA SER A 188 39.07 11.69 -19.17
C SER A 188 40.28 11.59 -20.09
N VAL A 189 41.31 12.39 -19.83
CA VAL A 189 42.47 12.40 -20.70
C VAL A 189 43.70 11.95 -19.91
N VAL A 190 44.65 11.38 -20.63
CA VAL A 190 45.93 10.95 -20.08
C VAL A 190 47.01 11.35 -21.06
N THR A 191 48.16 11.79 -20.55
CA THR A 191 49.34 11.97 -21.37
C THR A 191 50.29 10.80 -21.16
N VAL A 192 50.80 10.27 -22.26
CA VAL A 192 51.72 9.15 -22.24
C VAL A 192 52.92 9.53 -23.10
N PRO A 193 54.08 8.92 -22.87
CA PRO A 193 55.19 9.14 -23.80
C PRO A 193 54.81 8.73 -25.21
N SER A 194 55.03 9.65 -26.16
CA SER A 194 54.64 9.40 -27.54
C SER A 194 55.32 8.16 -28.12
N SER A 195 56.39 7.70 -27.48
CA SER A 195 57.09 6.51 -27.91
C SER A 195 56.27 5.24 -27.66
N SER A 196 55.36 5.28 -26.70
CA SER A 196 54.60 4.10 -26.30
C SER A 196 53.33 3.91 -27.10
N LEU A 197 53.10 4.73 -28.14
CA LEU A 197 52.00 4.47 -29.04
C LEU A 197 52.27 3.19 -29.80
N GLY A 198 51.40 2.20 -29.65
CA GLY A 198 51.64 0.89 -30.20
C GLY A 198 52.48 -0.03 -29.33
N THR A 199 53.13 0.50 -28.29
CA THR A 199 53.90 -0.32 -27.36
C THR A 199 53.08 -0.73 -26.13
N GLN A 200 52.49 0.23 -25.45
CA GLN A 200 51.72 -0.01 -24.23
C GLN A 200 50.24 0.15 -24.55
N THR A 201 49.44 -0.85 -24.18
CA THR A 201 48.01 -0.79 -24.41
C THR A 201 47.33 0.07 -23.35
N TYR A 202 46.35 0.86 -23.78
CA TYR A 202 45.60 1.72 -22.88
C TYR A 202 44.11 1.43 -23.02
N ILE A 203 43.50 1.03 -21.92
CA ILE A 203 42.08 0.72 -21.83
C ILE A 203 41.51 1.51 -20.67
N CYS A 204 40.39 2.19 -20.89
CA CYS A 204 39.74 2.91 -19.81
C CYS A 204 38.48 2.17 -19.40
N ASN A 205 38.33 1.96 -18.09
CA ASN A 205 37.23 1.22 -17.52
C ASN A 205 36.20 2.22 -16.99
N VAL A 206 35.01 2.19 -17.56
CA VAL A 206 33.95 3.12 -17.21
C VAL A 206 32.96 2.39 -16.33
N ASN A 207 32.62 3.00 -15.19
CA ASN A 207 31.77 2.35 -14.20
C ASN A 207 30.69 3.32 -13.76
N HIS A 208 29.45 2.97 -14.08
CA HIS A 208 28.26 3.72 -13.71
C HIS A 208 27.44 2.80 -12.81
N LYS A 209 27.16 3.22 -11.58
CA LYS A 209 26.42 2.36 -10.67
C LYS A 209 24.90 2.30 -10.91
N PRO A 210 24.19 3.41 -11.17
CA PRO A 210 22.73 3.32 -11.34
C PRO A 210 22.26 2.24 -12.31
N SER A 211 22.79 2.24 -13.53
CA SER A 211 22.68 1.11 -14.44
C SER A 211 23.98 0.34 -14.33
N ASN A 212 24.03 -0.88 -14.87
CA ASN A 212 25.25 -1.64 -14.59
C ASN A 212 26.40 -1.14 -15.45
N THR A 213 26.26 -1.22 -16.77
CA THR A 213 26.97 -0.38 -17.74
C THR A 213 28.44 -0.18 -17.36
N LYS A 214 29.17 -1.27 -17.25
CA LYS A 214 30.62 -1.20 -17.06
C LYS A 214 31.27 -1.63 -18.37
N VAL A 215 31.85 -0.67 -19.08
CA VAL A 215 32.43 -0.89 -20.40
C VAL A 215 33.94 -0.71 -20.33
N ASP A 216 34.66 -1.59 -21.03
CA ASP A 216 36.12 -1.54 -21.10
C ASP A 216 36.47 -1.34 -22.56
N LYS A 217 36.84 -0.12 -22.93
CA LYS A 217 37.11 0.23 -24.32
C LYS A 217 38.57 0.61 -24.49
N ARG A 218 39.17 0.13 -25.58
CA ARG A 218 40.56 0.38 -25.90
C ARG A 218 40.66 1.53 -26.88
N VAL A 219 41.71 2.33 -26.74
CA VAL A 219 41.98 3.49 -27.59
C VAL A 219 43.12 3.15 -28.53
N GLU A 220 42.99 3.57 -29.79
CA GLU A 220 43.94 3.21 -30.83
C GLU A 220 44.42 4.47 -31.54
N PRO A 221 45.73 4.71 -31.62
CA PRO A 221 46.28 5.84 -32.36
C PRO A 221 46.06 5.73 -33.87
N GLU B 1 16.92 41.92 0.81
CA GLU B 1 17.48 43.26 0.81
C GLU B 1 18.62 43.40 1.82
N ILE B 2 19.13 42.25 2.28
CA ILE B 2 20.41 42.18 2.98
C ILE B 2 21.37 41.46 2.05
N VAL B 3 22.47 42.12 1.69
CA VAL B 3 23.37 41.62 0.67
C VAL B 3 24.74 41.42 1.29
N MET B 4 25.31 40.23 1.08
CA MET B 4 26.68 39.93 1.49
C MET B 4 27.52 39.75 0.24
N THR B 5 28.64 40.45 0.18
CA THR B 5 29.49 40.47 -1.02
C THR B 5 30.93 40.20 -0.60
N GLN B 6 31.47 39.06 -1.01
CA GLN B 6 32.87 38.76 -0.79
C GLN B 6 33.71 39.46 -1.85
N SER B 7 34.84 40.06 -1.42
CA SER B 7 35.49 41.04 -2.27
C SER B 7 36.07 40.44 -3.55
N PRO B 8 37.06 39.54 -3.51
CA PRO B 8 37.27 38.72 -4.71
C PRO B 8 36.48 37.43 -4.65
N VAL B 9 35.92 37.03 -5.79
CA VAL B 9 35.27 35.73 -5.86
C VAL B 9 36.30 34.61 -5.81
N THR B 10 37.51 34.86 -6.33
CA THR B 10 38.62 33.93 -6.24
C THR B 10 39.83 34.67 -5.69
N LEU B 11 40.63 33.96 -4.90
CA LEU B 11 41.81 34.55 -4.25
C LEU B 11 42.96 33.57 -4.37
N SER B 12 44.13 34.07 -4.78
CA SER B 12 45.28 33.22 -5.07
C SER B 12 46.46 33.69 -4.23
N VAL B 13 46.89 32.82 -3.32
CA VAL B 13 48.00 33.08 -2.41
C VAL B 13 48.90 31.84 -2.39
N SER B 14 50.21 32.06 -2.38
CA SER B 14 51.12 30.95 -2.30
C SER B 14 51.08 30.35 -0.90
N PRO B 15 51.25 29.04 -0.77
CA PRO B 15 51.20 28.42 0.56
C PRO B 15 52.22 29.03 1.51
N GLY B 16 51.80 29.18 2.77
CA GLY B 16 52.61 29.78 3.80
C GLY B 16 52.48 31.28 3.93
N GLU B 17 51.85 31.95 2.97
CA GLU B 17 51.72 33.40 3.04
C GLU B 17 50.37 33.74 3.71
N ARG B 18 50.10 35.02 3.86
CA ARG B 18 48.88 35.47 4.50
C ARG B 18 47.76 35.54 3.47
N ALA B 19 46.55 35.19 3.90
CA ALA B 19 45.34 35.34 3.11
C ALA B 19 44.41 36.30 3.81
N THR B 20 43.81 37.20 3.05
CA THR B 20 42.86 38.17 3.60
C THR B 20 41.59 38.11 2.75
N LEU B 21 40.60 37.38 3.25
CA LEU B 21 39.28 37.37 2.66
C LEU B 21 38.46 38.50 3.27
N SER B 22 37.60 39.10 2.46
CA SER B 22 36.77 40.20 2.92
C SER B 22 35.31 39.91 2.68
N CYS B 23 34.47 40.45 3.56
CA CYS B 23 33.02 40.35 3.42
C CYS B 23 32.43 41.70 3.75
N ARG B 24 31.48 42.12 2.93
CA ARG B 24 30.87 43.44 3.06
C ARG B 24 29.36 43.27 3.03
N ALA B 25 28.68 43.96 3.95
CA ALA B 25 27.24 43.88 4.07
C ALA B 25 26.62 45.18 3.58
N SER B 26 25.48 45.09 2.90
CA SER B 26 24.79 46.27 2.40
C SER B 26 24.35 47.18 3.53
N GLN B 27 24.20 46.63 4.73
CA GLN B 27 23.87 47.44 5.89
C GLN B 27 24.31 46.64 7.11
N SER B 28 24.44 47.34 8.23
CA SER B 28 25.04 46.74 9.41
C SER B 28 24.30 45.50 9.84
N VAL B 29 25.01 44.36 9.80
CA VAL B 29 24.56 43.16 10.47
C VAL B 29 25.07 43.14 11.90
N GLY B 30 25.72 44.24 12.31
CA GLY B 30 26.24 44.43 13.64
C GLY B 30 27.33 43.44 14.01
N ASN B 31 27.25 42.94 15.22
CA ASN B 31 28.20 42.01 15.79
C ASN B 31 27.86 40.55 15.48
N ASN B 32 27.09 40.31 14.41
CA ASN B 32 26.58 38.96 14.11
C ASN B 32 27.01 38.52 12.72
N LEU B 33 28.17 37.88 12.61
CA LEU B 33 28.66 37.35 11.35
C LEU B 33 29.38 36.02 11.57
N ALA B 34 29.32 35.15 10.56
CA ALA B 34 29.98 33.85 10.57
C ALA B 34 30.86 33.65 9.34
N TRP B 35 31.90 32.85 9.50
CA TRP B 35 32.82 32.46 8.43
C TRP B 35 32.92 30.95 8.37
N TYR B 36 32.78 30.37 7.18
CA TYR B 36 32.84 28.93 6.99
C TYR B 36 33.91 28.50 6.00
N GLN B 37 34.51 27.34 6.30
CA GLN B 37 35.33 26.59 5.38
C GLN B 37 34.50 25.46 4.79
N HIS B 38 34.67 25.19 3.51
CA HIS B 38 33.94 24.12 2.83
C HIS B 38 34.92 23.45 1.86
N LYS B 39 35.43 22.30 2.24
CA LYS B 39 36.23 21.62 1.24
C LYS B 39 35.32 20.81 0.34
N PRO B 40 35.59 20.71 -0.97
CA PRO B 40 34.75 19.86 -1.82
C PRO B 40 34.78 18.43 -1.30
N GLY B 41 33.60 17.90 -1.03
CA GLY B 41 33.42 16.55 -0.53
C GLY B 41 33.04 16.46 0.93
N GLN B 42 33.06 17.56 1.68
CA GLN B 42 32.65 17.56 3.08
C GLN B 42 31.54 18.58 3.28
N ALA B 43 30.95 18.51 4.48
CA ALA B 43 30.06 19.55 4.92
C ALA B 43 30.85 20.81 5.25
N PRO B 44 30.24 21.99 5.18
CA PRO B 44 30.94 23.20 5.62
C PRO B 44 31.27 23.10 7.11
N ARG B 45 32.40 23.69 7.48
CA ARG B 45 32.82 23.77 8.86
C ARG B 45 32.59 25.19 9.36
N LEU B 46 32.14 25.32 10.61
CA LEU B 46 32.02 26.64 11.20
C LEU B 46 33.37 27.05 11.76
N LEU B 47 33.87 28.20 11.31
CA LEU B 47 35.19 28.69 11.68
C LEU B 47 35.11 29.81 12.68
N ILE B 48 34.30 30.83 12.41
CA ILE B 48 34.20 32.02 13.23
C ILE B 48 32.72 32.35 13.42
N TYR B 49 32.40 32.90 14.58
CA TYR B 49 31.04 33.34 14.89
C TYR B 49 31.13 34.55 15.80
N ASP B 50 30.05 35.34 15.82
CA ASP B 50 30.01 36.66 16.41
C ASP B 50 31.03 37.60 15.78
N ALA B 51 31.58 37.20 14.63
CA ALA B 51 32.48 37.93 13.74
C ALA B 51 33.89 38.06 14.30
N SER B 52 34.14 37.59 15.52
CA SER B 52 35.50 37.61 16.06
C SER B 52 35.93 36.25 16.59
N THR B 53 34.97 35.46 17.07
CA THR B 53 35.26 34.31 17.91
C THR B 53 35.30 33.04 17.08
N ARG B 54 36.34 32.25 17.30
CA ARG B 54 36.53 31.00 16.58
C ARG B 54 35.83 29.85 17.31
N ALA B 55 35.13 29.01 16.55
CA ALA B 55 34.61 27.79 17.12
C ALA B 55 35.78 26.92 17.57
N THR B 56 35.69 26.41 18.80
CA THR B 56 36.81 25.66 19.35
C THR B 56 37.04 24.39 18.55
N GLY B 57 38.31 24.06 18.34
CA GLY B 57 38.69 22.95 17.48
C GLY B 57 39.43 23.37 16.22
N ILE B 58 39.42 24.65 15.88
CA ILE B 58 40.04 25.13 14.64
C ILE B 58 41.34 25.86 14.96
N PRO B 59 42.35 25.75 14.12
CA PRO B 59 43.68 26.27 14.48
C PRO B 59 43.72 27.79 14.58
N GLY B 60 44.74 28.26 15.29
CA GLY B 60 44.95 29.67 15.57
C GLY B 60 45.27 30.52 14.35
N ARG B 61 45.55 29.90 13.20
CA ARG B 61 45.83 30.68 12.01
C ARG B 61 44.61 31.42 11.47
N PHE B 62 43.41 31.02 11.86
CA PHE B 62 42.22 31.73 11.43
C PHE B 62 41.81 32.77 12.48
N SER B 63 41.36 33.92 12.01
CA SER B 63 41.01 35.04 12.88
C SER B 63 40.06 35.95 12.12
N GLY B 64 39.32 36.77 12.86
CA GLY B 64 38.30 37.59 12.24
C GLY B 64 37.97 38.91 12.93
N SER B 65 37.86 39.98 12.14
CA SER B 65 37.36 41.27 12.60
C SER B 65 35.98 41.53 12.01
N GLY B 66 35.41 42.69 12.32
CA GLY B 66 33.96 42.83 12.23
C GLY B 66 33.43 44.11 12.85
N SER B 67 32.39 43.98 13.68
CA SER B 67 31.78 45.12 14.38
C SER B 67 31.26 46.20 13.42
N GLY B 68 30.28 45.79 12.60
CA GLY B 68 29.59 46.72 11.72
C GLY B 68 29.43 46.22 10.30
N THR B 69 29.96 46.93 9.31
CA THR B 69 29.87 46.44 7.94
C THR B 69 31.22 46.01 7.36
N GLU B 70 32.32 46.44 7.95
CA GLU B 70 33.63 45.83 7.67
C GLU B 70 33.67 44.41 8.25
N PHE B 71 34.11 43.45 7.44
CA PHE B 71 34.35 42.11 7.94
C PHE B 71 35.49 41.45 7.17
N THR B 72 36.40 40.81 7.91
CA THR B 72 37.56 40.18 7.31
C THR B 72 37.92 38.90 8.06
N LEU B 73 38.16 37.82 7.31
CA LEU B 73 38.75 36.59 7.82
C LEU B 73 40.17 36.47 7.28
N THR B 74 41.15 36.36 8.17
CA THR B 74 42.55 36.27 7.78
C THR B 74 43.15 34.97 8.27
N ILE B 75 43.72 34.21 7.35
CA ILE B 75 44.50 33.03 7.67
C ILE B 75 45.97 33.39 7.50
N SER B 76 46.68 33.56 8.61
CA SER B 76 48.11 33.79 8.55
C SER B 76 48.79 32.46 8.31
N SER B 77 49.64 32.40 7.29
CA SER B 77 50.37 31.19 6.94
C SER B 77 49.43 30.02 6.66
N LEU B 78 48.59 30.19 5.64
CA LEU B 78 47.67 29.13 5.29
C LEU B 78 48.43 27.95 4.73
N GLN B 79 47.96 26.75 5.06
CA GLN B 79 48.65 25.50 4.76
C GLN B 79 47.89 24.79 3.65
N SER B 80 48.35 23.59 3.30
CA SER B 80 47.79 22.88 2.16
C SER B 80 46.29 22.64 2.33
N GLU B 81 45.86 22.29 3.54
CA GLU B 81 44.45 22.05 3.79
C GLU B 81 43.59 23.29 3.58
N ASP B 82 44.16 24.49 3.77
CA ASP B 82 43.37 25.70 3.85
C ASP B 82 42.85 26.20 2.50
N PHE B 83 43.10 25.51 1.41
CA PHE B 83 42.63 25.97 0.11
C PHE B 83 41.23 25.41 -0.13
N ALA B 84 40.24 26.30 -0.10
CA ALA B 84 38.84 25.97 -0.29
C ALA B 84 38.09 27.29 -0.51
N VAL B 85 36.78 27.20 -0.63
CA VAL B 85 35.91 28.36 -0.69
C VAL B 85 35.54 28.74 0.74
N TYR B 86 35.41 30.04 1.00
CA TYR B 86 35.00 30.54 2.31
C TYR B 86 33.81 31.46 2.14
N TYR B 87 32.74 31.18 2.86
CA TYR B 87 31.55 32.02 2.84
C TYR B 87 31.43 32.76 4.16
N CYS B 88 30.91 33.98 4.08
CA CYS B 88 30.46 34.75 5.23
C CYS B 88 28.94 34.64 5.35
N GLN B 89 28.43 34.98 6.52
CA GLN B 89 27.02 34.71 6.82
C GLN B 89 26.47 35.77 7.76
N GLU B 90 25.32 36.35 7.37
CA GLU B 90 24.55 37.22 8.24
C GLU B 90 23.52 36.42 9.01
N TYR B 91 23.41 36.68 10.32
CA TYR B 91 22.35 36.12 11.14
C TYR B 91 21.78 37.16 12.11
N ASN B 92 21.79 38.44 11.71
CA ASN B 92 21.36 39.52 12.60
C ASN B 92 19.86 39.45 12.87
N ASN B 93 19.11 38.71 12.09
CA ASN B 93 17.74 38.29 12.39
C ASN B 93 17.88 36.78 12.58
N TRP B 94 18.18 36.36 13.81
CA TRP B 94 18.93 35.12 14.04
C TRP B 94 18.33 33.89 13.36
N PRO B 95 17.04 33.57 13.49
CA PRO B 95 16.52 32.45 12.69
C PRO B 95 16.67 32.63 11.18
N ARG B 96 17.03 33.82 10.71
CA ARG B 96 17.11 34.14 9.29
C ARG B 96 18.55 34.43 8.89
N TYR B 97 19.03 33.77 7.84
CA TYR B 97 20.40 33.94 7.39
C TYR B 97 20.46 34.41 5.94
N THR B 98 21.62 34.95 5.57
CA THR B 98 21.98 35.18 4.18
C THR B 98 23.46 34.87 4.03
N PHE B 99 23.78 33.92 3.15
CA PHE B 99 25.16 33.60 2.82
C PHE B 99 25.71 34.63 1.83
N GLY B 100 27.02 34.54 1.59
CA GLY B 100 27.64 35.20 0.48
C GLY B 100 27.89 34.22 -0.67
N GLN B 101 28.43 34.76 -1.76
CA GLN B 101 28.70 33.91 -2.93
C GLN B 101 29.78 32.88 -2.63
N GLY B 102 30.69 33.19 -1.72
CA GLY B 102 31.85 32.36 -1.51
C GLY B 102 33.07 32.97 -2.18
N ALA B 103 34.23 32.54 -1.71
CA ALA B 103 35.48 33.02 -2.28
C ALA B 103 36.45 31.85 -2.29
N LYS B 104 36.75 31.36 -3.49
CA LYS B 104 37.74 30.31 -3.62
C LYS B 104 39.09 30.87 -3.22
N LEU B 105 39.92 30.00 -2.66
CA LEU B 105 41.25 30.37 -2.21
C LEU B 105 42.19 29.41 -2.92
N GLU B 106 42.94 29.94 -3.87
CA GLU B 106 43.69 29.10 -4.80
C GLU B 106 45.15 29.01 -4.38
N ILE B 107 45.77 27.90 -4.75
CA ILE B 107 47.21 27.82 -4.68
C ILE B 107 47.76 28.79 -5.70
N ARG B 108 48.73 29.60 -5.30
CA ARG B 108 49.34 30.54 -6.23
C ARG B 108 50.63 29.93 -6.75
N ARG B 109 50.83 30.06 -8.05
CA ARG B 109 52.01 29.53 -8.68
C ARG B 109 52.45 30.45 -9.80
N THR B 110 53.55 30.09 -10.45
CA THR B 110 54.04 30.81 -11.59
C THR B 110 53.31 30.37 -12.86
N VAL B 111 53.33 31.25 -13.86
CA VAL B 111 52.59 30.99 -15.08
C VAL B 111 53.11 29.76 -15.80
N ALA B 112 52.19 28.92 -16.27
CA ALA B 112 52.49 27.74 -17.07
C ALA B 112 51.59 27.74 -18.29
N ALA B 113 52.20 27.69 -19.48
CA ALA B 113 51.42 27.69 -20.70
C ALA B 113 50.75 26.33 -20.91
N PRO B 114 49.57 26.31 -21.51
CA PRO B 114 48.87 25.03 -21.68
C PRO B 114 49.46 24.21 -22.81
N SER B 115 49.46 22.90 -22.63
CA SER B 115 49.66 21.97 -23.74
C SER B 115 48.31 21.75 -24.39
N VAL B 116 48.21 22.08 -25.68
CA VAL B 116 46.95 22.05 -26.41
C VAL B 116 46.96 20.83 -27.33
N PHE B 117 45.89 20.04 -27.25
CA PHE B 117 45.69 18.94 -28.18
C PHE B 117 44.26 18.99 -28.70
N ILE B 118 44.10 18.53 -29.93
CA ILE B 118 42.81 18.52 -30.62
C ILE B 118 42.57 17.11 -31.12
N PHE B 119 41.33 16.65 -31.00
CA PHE B 119 40.99 15.26 -31.28
C PHE B 119 39.83 15.20 -32.26
N PRO B 120 39.89 14.38 -33.29
CA PRO B 120 38.78 14.26 -34.20
C PRO B 120 37.71 13.39 -33.59
N PRO B 121 36.47 13.47 -34.08
CA PRO B 121 35.43 12.59 -33.55
C PRO B 121 35.76 11.13 -33.81
N SER B 122 35.18 10.26 -32.99
CA SER B 122 35.40 8.83 -33.19
C SER B 122 34.55 8.33 -34.35
N ASP B 123 34.98 7.21 -34.94
CA ASP B 123 34.15 6.58 -35.96
C ASP B 123 32.93 5.91 -35.34
N GLU B 124 33.09 5.30 -34.17
CA GLU B 124 31.94 4.74 -33.46
C GLU B 124 30.92 5.82 -33.10
N GLN B 125 31.38 7.06 -32.89
CA GLN B 125 30.43 8.12 -32.59
C GLN B 125 29.73 8.64 -33.83
N LEU B 126 30.41 8.66 -34.97
CA LEU B 126 29.79 9.21 -36.18
C LEU B 126 28.73 8.29 -36.74
N LYS B 127 28.80 7.00 -36.42
CA LYS B 127 27.71 6.09 -36.76
C LYS B 127 26.57 6.16 -35.74
N SER B 128 26.80 6.79 -34.58
CA SER B 128 25.72 7.07 -33.67
C SER B 128 24.88 8.26 -34.12
N GLY B 129 25.41 9.08 -35.02
CA GLY B 129 24.69 10.20 -35.59
C GLY B 129 25.31 11.55 -35.28
N THR B 130 26.06 11.66 -34.18
CA THR B 130 26.61 12.93 -33.72
C THR B 130 28.13 12.92 -33.82
N ALA B 131 28.70 14.12 -33.83
CA ALA B 131 30.14 14.31 -33.85
C ALA B 131 30.52 15.24 -32.71
N SER B 132 31.58 14.89 -31.99
CA SER B 132 32.03 15.67 -30.84
C SER B 132 33.53 15.89 -30.98
N VAL B 133 33.90 17.14 -31.24
CA VAL B 133 35.30 17.54 -31.37
C VAL B 133 35.75 18.11 -30.04
N VAL B 134 36.78 17.51 -29.45
CA VAL B 134 37.24 17.87 -28.11
C VAL B 134 38.61 18.51 -28.24
N CYS B 135 38.79 19.62 -27.52
CA CYS B 135 40.02 20.39 -27.49
C CYS B 135 40.47 20.50 -26.05
N LEU B 136 41.71 20.12 -25.77
CA LEU B 136 42.20 19.96 -24.41
C LEU B 136 43.32 20.95 -24.12
N LEU B 137 43.22 21.61 -22.96
CA LEU B 137 44.27 22.46 -22.42
C LEU B 137 44.85 21.74 -21.21
N ASN B 138 46.17 21.57 -21.19
CA ASN B 138 46.82 20.67 -20.25
C ASN B 138 47.83 21.40 -19.38
N ASN B 139 47.74 21.18 -18.07
CA ASN B 139 48.75 21.62 -17.11
C ASN B 139 49.07 23.10 -17.28
N PHE B 140 48.05 23.93 -17.09
CA PHE B 140 48.20 25.37 -17.23
C PHE B 140 47.76 26.09 -15.97
N TYR B 141 48.30 27.30 -15.80
CA TYR B 141 47.92 28.19 -14.72
C TYR B 141 48.34 29.59 -15.15
N PRO B 142 47.54 30.63 -14.88
CA PRO B 142 46.31 30.63 -14.07
C PRO B 142 45.10 30.04 -14.79
N ARG B 143 43.97 29.95 -14.09
CA ARG B 143 42.79 29.30 -14.65
C ARG B 143 42.19 30.11 -15.79
N GLU B 144 42.30 31.44 -15.73
CA GLU B 144 41.67 32.27 -16.76
C GLU B 144 42.22 31.92 -18.13
N ALA B 145 41.36 31.37 -18.99
CA ALA B 145 41.72 31.02 -20.34
C ALA B 145 40.43 30.94 -21.15
N LYS B 146 40.52 31.29 -22.42
CA LYS B 146 39.36 31.25 -23.30
C LYS B 146 39.71 30.51 -24.58
N VAL B 147 38.80 29.64 -24.99
CA VAL B 147 38.97 28.79 -26.17
C VAL B 147 37.75 28.98 -27.05
N GLN B 148 37.97 29.37 -28.30
CA GLN B 148 36.89 29.59 -29.25
C GLN B 148 37.15 28.74 -30.48
N TRP B 149 36.06 28.24 -31.06
CA TRP B 149 36.10 27.28 -32.14
C TRP B 149 35.92 27.98 -33.48
N LYS B 150 36.70 27.55 -34.47
CA LYS B 150 36.59 28.08 -35.82
C LYS B 150 36.47 26.92 -36.79
N VAL B 151 35.38 26.89 -37.54
CA VAL B 151 35.09 25.85 -38.52
C VAL B 151 35.14 26.51 -39.89
N ASP B 152 36.16 26.16 -40.68
CA ASP B 152 36.48 26.88 -41.91
C ASP B 152 36.58 28.38 -41.63
N ASN B 153 37.25 28.72 -40.52
CA ASN B 153 37.46 30.07 -40.02
C ASN B 153 36.16 30.74 -39.59
N ALA B 154 35.05 30.01 -39.56
CA ALA B 154 33.78 30.53 -39.05
C ALA B 154 33.72 30.36 -37.54
N LEU B 155 33.66 31.46 -36.81
CA LEU B 155 33.60 31.42 -35.36
C LEU B 155 32.33 30.74 -34.89
N GLN B 156 32.48 29.66 -34.13
CA GLN B 156 31.34 28.93 -33.61
C GLN B 156 30.95 29.52 -32.26
N SER B 157 29.68 29.40 -31.91
CA SER B 157 29.20 29.95 -30.65
C SER B 157 27.96 29.20 -30.20
N GLY B 158 27.85 29.00 -28.88
CA GLY B 158 26.68 28.36 -28.33
C GLY B 158 26.57 26.88 -28.58
N ASN B 159 27.65 26.24 -29.02
CA ASN B 159 27.63 24.80 -29.29
C ASN B 159 28.83 24.08 -28.68
N SER B 160 29.52 24.70 -27.73
CA SER B 160 30.57 24.02 -26.98
C SER B 160 30.32 24.17 -25.50
N GLN B 161 30.62 23.10 -24.75
CA GLN B 161 30.64 23.13 -23.29
C GLN B 161 32.04 22.78 -22.83
N GLU B 162 32.59 23.60 -21.94
CA GLU B 162 33.94 23.37 -21.42
C GLU B 162 33.89 23.11 -19.92
N SER B 163 34.80 22.26 -19.47
CA SER B 163 34.94 21.93 -18.06
C SER B 163 36.41 22.00 -17.65
N VAL B 164 36.62 22.37 -16.38
CA VAL B 164 37.96 22.58 -15.84
C VAL B 164 38.20 21.54 -14.76
N THR B 165 39.47 21.22 -14.53
CA THR B 165 39.85 20.30 -13.47
C THR B 165 40.27 21.06 -12.21
N GLU B 166 40.31 20.32 -11.11
CA GLU B 166 40.77 20.84 -9.83
C GLU B 166 42.26 21.16 -9.88
N GLN B 167 42.66 22.14 -9.07
CA GLN B 167 44.07 22.51 -9.01
C GLN B 167 44.89 21.31 -8.55
N ASP B 168 45.92 20.98 -9.32
CA ASP B 168 46.59 19.68 -9.17
C ASP B 168 47.28 19.58 -7.80
N SER B 169 47.23 18.38 -7.23
CA SER B 169 47.79 18.18 -5.89
C SER B 169 49.30 18.40 -5.89
N LYS B 170 50.01 17.89 -6.89
CA LYS B 170 51.46 18.04 -6.97
C LYS B 170 51.86 19.35 -7.63
N ASP B 171 51.20 19.68 -8.75
CA ASP B 171 51.64 20.75 -9.63
C ASP B 171 50.82 22.03 -9.49
N SER B 172 49.68 21.97 -8.80
CA SER B 172 48.85 23.16 -8.56
C SER B 172 48.48 23.86 -9.86
N THR B 173 48.29 23.06 -10.91
CA THR B 173 47.94 23.52 -12.23
C THR B 173 46.47 23.22 -12.51
N TYR B 174 46.03 23.61 -13.70
CA TYR B 174 44.69 23.37 -14.16
C TYR B 174 44.73 22.58 -15.46
N SER B 175 43.62 21.93 -15.75
CA SER B 175 43.39 21.36 -17.07
C SER B 175 41.97 21.72 -17.48
N LEU B 176 41.77 21.90 -18.78
CA LEU B 176 40.48 22.32 -19.30
C LEU B 176 40.23 21.57 -20.59
N SER B 177 38.98 21.16 -20.80
CA SER B 177 38.59 20.53 -22.05
C SER B 177 37.35 21.25 -22.57
N SER B 178 37.45 21.78 -23.78
CA SER B 178 36.29 22.30 -24.49
C SER B 178 35.88 21.27 -25.53
N THR B 179 34.60 20.91 -25.53
CA THR B 179 34.10 19.91 -26.46
C THR B 179 33.04 20.55 -27.34
N LEU B 180 33.27 20.51 -28.66
CA LEU B 180 32.31 20.98 -29.64
C LEU B 180 31.44 19.82 -30.09
N THR B 181 30.13 19.98 -29.98
CA THR B 181 29.19 18.93 -30.36
C THR B 181 28.41 19.40 -31.57
N LEU B 182 28.52 18.64 -32.67
CA LEU B 182 27.74 18.87 -33.88
C LEU B 182 27.18 17.53 -34.33
N SER B 183 26.22 17.59 -35.25
CA SER B 183 25.75 16.35 -35.87
C SER B 183 26.62 16.01 -37.07
N LYS B 184 26.50 14.76 -37.52
CA LYS B 184 27.20 14.33 -38.73
C LYS B 184 26.87 15.26 -39.90
N ALA B 185 25.65 15.79 -39.94
CA ALA B 185 25.24 16.69 -41.01
C ALA B 185 26.12 17.95 -41.02
N ASP B 186 26.28 18.60 -39.86
CA ASP B 186 27.12 19.78 -39.82
C ASP B 186 28.60 19.40 -39.92
N TYR B 187 28.97 18.22 -39.40
CA TYR B 187 30.35 17.76 -39.53
C TYR B 187 30.71 17.44 -40.97
N GLU B 188 29.75 16.90 -41.73
CA GLU B 188 30.04 16.56 -43.13
C GLU B 188 30.17 17.81 -44.00
N LYS B 189 29.55 18.92 -43.60
CA LYS B 189 29.52 20.10 -44.47
C LYS B 189 30.90 20.72 -44.65
N HIS B 190 31.65 20.85 -43.56
CA HIS B 190 32.87 21.64 -43.57
C HIS B 190 34.11 20.76 -43.46
N LYS B 191 35.27 21.40 -43.61
CA LYS B 191 36.55 20.69 -43.66
C LYS B 191 37.53 21.07 -42.57
N VAL B 192 37.64 22.36 -42.24
CA VAL B 192 38.63 22.84 -41.28
C VAL B 192 37.96 22.99 -39.92
N TYR B 193 38.51 22.33 -38.91
CA TYR B 193 38.08 22.48 -37.52
C TYR B 193 39.29 22.90 -36.67
N ALA B 194 39.22 24.09 -36.10
CA ALA B 194 40.31 24.62 -35.30
C ALA B 194 39.78 25.18 -33.99
N CYS B 195 40.50 24.93 -32.91
CA CYS B 195 40.27 25.60 -31.63
C CYS B 195 41.47 26.51 -31.36
N GLU B 196 41.18 27.76 -31.05
CA GLU B 196 42.22 28.74 -30.75
C GLU B 196 42.24 28.98 -29.24
N VAL B 197 43.44 28.97 -28.67
CA VAL B 197 43.60 29.05 -27.22
C VAL B 197 44.38 30.31 -26.89
N THR B 198 43.81 31.16 -26.04
CA THR B 198 44.46 32.34 -25.52
C THR B 198 44.76 32.12 -24.04
N HIS B 199 46.02 32.27 -23.65
CA HIS B 199 46.41 32.13 -22.25
C HIS B 199 47.52 33.12 -21.95
N GLN B 200 47.61 33.52 -20.68
CA GLN B 200 48.60 34.51 -20.27
C GLN B 200 50.02 34.04 -20.56
N GLY B 201 50.27 32.73 -20.50
CA GLY B 201 51.60 32.22 -20.72
C GLY B 201 51.95 31.92 -22.15
N LEU B 202 51.12 32.36 -23.09
CA LEU B 202 51.38 32.22 -24.51
C LEU B 202 51.68 33.61 -25.08
N SER B 203 52.79 33.72 -25.81
CA SER B 203 53.17 35.00 -26.40
C SER B 203 52.05 35.53 -27.30
N SER B 204 51.47 34.66 -28.10
CA SER B 204 50.34 34.96 -28.96
C SER B 204 49.41 33.77 -28.91
N PRO B 205 48.12 33.96 -29.23
CA PRO B 205 47.18 32.84 -29.13
C PRO B 205 47.64 31.66 -29.96
N VAL B 206 47.57 30.47 -29.38
CA VAL B 206 47.99 29.26 -30.05
C VAL B 206 46.77 28.57 -30.64
N THR B 207 46.91 28.11 -31.87
CA THR B 207 45.83 27.46 -32.60
C THR B 207 46.30 26.09 -33.05
N LYS B 208 45.44 25.09 -32.87
CA LYS B 208 45.69 23.77 -33.42
C LYS B 208 44.42 23.30 -34.11
N SER B 209 44.60 22.62 -35.23
CA SER B 209 43.49 22.32 -36.12
C SER B 209 43.67 20.94 -36.72
N PHE B 210 42.65 20.50 -37.44
CA PHE B 210 42.69 19.24 -38.15
C PHE B 210 41.69 19.27 -39.28
N ASN B 211 42.03 18.58 -40.36
CA ASN B 211 41.13 18.35 -41.48
C ASN B 211 40.60 16.93 -41.37
N ARG B 212 39.29 16.76 -41.51
CA ARG B 212 38.66 15.48 -41.18
C ARG B 212 39.01 14.48 -42.27
N GLY B 213 40.00 13.65 -41.99
CA GLY B 213 40.55 12.76 -43.00
C GLY B 213 41.84 13.31 -43.58
N GLU B 214 42.97 12.74 -43.18
CA GLU B 214 44.28 13.18 -43.68
C GLU B 214 44.32 13.23 -45.20
N ILE C 8 39.62 28.35 29.56
CA ILE C 8 38.65 28.96 30.46
C ILE C 8 37.40 29.33 29.68
N SER C 9 37.55 29.40 28.35
CA SER C 9 36.42 29.82 27.51
C SER C 9 35.46 28.67 27.21
N LYS C 10 35.97 27.51 26.83
CA LYS C 10 35.11 26.40 26.44
C LYS C 10 34.31 25.82 27.60
N LYS C 11 34.97 25.56 28.73
CA LYS C 11 34.32 24.80 29.81
C LYS C 11 33.05 25.47 30.31
N ILE C 12 33.07 26.80 30.45
CA ILE C 12 31.88 27.50 30.94
C ILE C 12 30.70 27.21 30.03
N THR C 13 30.91 27.24 28.72
CA THR C 13 29.84 26.94 27.77
C THR C 13 29.44 25.48 27.83
N ASP C 14 30.43 24.58 27.97
CA ASP C 14 30.16 23.14 27.99
C ASP C 14 29.36 22.72 29.22
N SER C 15 29.76 23.18 30.40
CA SER C 15 29.06 22.79 31.61
C SER C 15 27.65 23.36 31.66
N ASN C 16 27.43 24.56 31.10
CA ASN C 16 26.09 25.11 31.06
C ASN C 16 25.17 24.24 30.21
N ALA C 17 25.70 23.69 29.11
CA ALA C 17 24.92 22.73 28.33
C ALA C 17 24.48 21.55 29.18
N VAL C 18 25.40 21.04 30.02
CA VAL C 18 25.07 19.93 30.90
C VAL C 18 24.03 20.35 31.93
N LEU C 19 24.16 21.55 32.48
CA LEU C 19 23.20 22.02 33.47
C LEU C 19 21.82 22.23 32.87
N LEU C 20 21.75 22.89 31.72
CA LEU C 20 20.46 23.06 31.03
C LEU C 20 19.82 21.72 30.71
N ALA C 21 20.62 20.76 30.27
CA ALA C 21 20.09 19.43 29.94
C ALA C 21 19.46 18.77 31.16
N VAL C 22 20.17 18.80 32.29
CA VAL C 22 19.67 18.13 33.48
C VAL C 22 18.47 18.87 34.07
N LYS C 23 18.52 20.20 34.13
CA LYS C 23 17.44 20.95 34.74
C LYS C 23 16.15 20.95 33.91
N GLU C 24 16.23 20.64 32.62
CA GLU C 24 14.99 20.44 31.89
C GLU C 24 14.41 19.05 32.16
N VAL C 25 15.25 18.08 32.49
CA VAL C 25 14.75 16.79 32.94
C VAL C 25 13.97 16.97 34.24
N GLU C 26 14.55 17.71 35.18
CA GLU C 26 13.84 18.00 36.42
C GLU C 26 12.59 18.83 36.16
N ALA C 27 12.65 19.75 35.18
CA ALA C 27 11.46 20.51 34.82
C ALA C 27 10.37 19.60 34.28
N LEU C 28 10.75 18.61 33.47
CA LEU C 28 9.80 17.58 33.08
C LEU C 28 9.39 16.77 34.30
N LEU C 29 10.38 16.42 35.13
CA LEU C 29 10.09 15.74 36.39
C LEU C 29 9.12 16.55 37.23
N SER C 30 9.25 17.88 37.23
CA SER C 30 8.29 18.72 37.92
C SER C 30 6.91 18.73 37.25
N SER C 31 6.83 18.44 35.94
CA SER C 31 5.51 18.38 35.30
C SER C 31 4.69 17.21 35.80
N ILE C 32 5.33 16.06 36.01
CA ILE C 32 4.75 15.04 36.87
C ILE C 32 5.05 15.52 38.28
N ASP C 33 4.06 15.47 39.18
CA ASP C 33 4.13 16.02 40.54
C ASP C 33 2.99 17.00 40.59
N GLU C 34 3.11 18.06 39.78
CA GLU C 34 2.14 19.13 39.79
C GLU C 34 0.80 18.65 39.22
N ILE C 35 0.85 17.84 38.16
CA ILE C 35 -0.39 17.21 37.71
C ILE C 35 -0.85 16.18 38.73
N ALA C 36 0.09 15.46 39.34
CA ALA C 36 -0.26 14.51 40.40
C ALA C 36 -0.82 15.23 41.61
N ALA C 37 -0.27 16.41 41.93
CA ALA C 37 -0.70 17.14 43.12
C ALA C 37 -2.02 17.85 42.91
N LYS C 38 -2.27 18.38 41.70
CA LYS C 38 -3.40 19.27 41.49
C LYS C 38 -4.43 18.79 40.48
N ALA C 39 -4.19 17.71 39.74
CA ALA C 39 -5.12 17.32 38.69
C ALA C 39 -5.74 15.94 38.86
N ILE C 40 -5.20 15.08 39.72
CA ILE C 40 -5.84 13.79 39.96
C ILE C 40 -7.21 14.03 40.59
N GLY C 41 -8.23 13.38 40.02
CA GLY C 41 -9.57 13.53 40.56
C GLY C 41 -10.18 14.90 40.35
N LYS C 42 -9.72 15.63 39.33
CA LYS C 42 -10.13 17.01 39.11
C LYS C 42 -10.62 17.22 37.69
N LYS C 43 -11.28 18.35 37.49
CA LYS C 43 -11.79 18.78 36.18
C LYS C 43 -11.65 20.28 36.10
N ILE C 44 -11.65 20.80 34.87
CA ILE C 44 -11.55 22.25 34.70
C ILE C 44 -12.87 22.90 35.10
N HIS C 45 -12.77 24.05 35.76
CA HIS C 45 -13.94 24.83 36.17
C HIS C 45 -13.75 26.26 35.71
N GLN C 46 -14.83 26.91 35.31
CA GLN C 46 -14.69 28.24 34.71
C GLN C 46 -14.21 29.27 35.71
N ASN C 47 -14.56 29.12 36.99
CA ASN C 47 -14.24 30.11 38.01
C ASN C 47 -13.12 29.65 38.94
N ASN C 48 -13.25 28.47 39.56
CA ASN C 48 -12.21 28.00 40.46
C ASN C 48 -10.95 27.63 39.69
N GLY C 49 -11.11 27.19 38.45
CA GLY C 49 -10.01 26.77 37.61
C GLY C 49 -9.95 25.25 37.59
N LEU C 50 -10.18 24.65 38.76
CA LEU C 50 -10.25 23.21 38.87
C LEU C 50 -11.35 22.83 39.85
N ASP C 51 -12.00 21.70 39.58
CA ASP C 51 -13.09 21.23 40.43
C ASP C 51 -13.09 19.71 40.38
N THR C 52 -13.79 19.10 41.34
CA THR C 52 -13.66 17.68 41.58
C THR C 52 -14.37 16.85 40.51
N GLU C 53 -13.70 15.82 40.02
CA GLU C 53 -14.30 14.81 39.15
C GLU C 53 -13.56 13.50 39.40
N ASN C 54 -14.18 12.64 40.20
CA ASN C 54 -13.49 11.48 40.76
C ASN C 54 -13.42 10.31 39.78
N ASN C 55 -12.28 9.60 39.81
CA ASN C 55 -12.14 8.27 39.22
C ASN C 55 -12.23 8.29 37.70
N HIS C 56 -11.69 9.33 37.07
CA HIS C 56 -11.59 9.42 35.61
C HIS C 56 -10.20 9.87 35.18
N ASN C 57 -9.17 9.28 35.79
CA ASN C 57 -7.80 9.76 35.67
C ASN C 57 -7.02 9.10 34.54
N GLY C 58 -7.70 8.43 33.61
CA GLY C 58 -6.99 7.66 32.60
C GLY C 58 -6.14 8.50 31.67
N SER C 59 -6.75 9.50 31.03
CA SER C 59 -5.98 10.33 30.10
C SER C 59 -4.91 11.13 30.83
N LEU C 60 -5.16 11.49 32.09
CA LEU C 60 -4.14 12.17 32.90
C LEU C 60 -2.93 11.27 33.10
N LEU C 61 -3.16 10.02 33.49
CA LEU C 61 -2.06 9.08 33.70
C LEU C 61 -1.38 8.71 32.40
N ALA C 62 -2.15 8.62 31.31
CA ALA C 62 -1.53 8.45 30.00
C ALA C 62 -0.61 9.62 29.70
N GLY C 63 -1.07 10.85 29.97
CA GLY C 63 -0.22 12.00 29.83
C GLY C 63 1.03 11.94 30.70
N ALA C 64 0.88 11.42 31.92
CA ALA C 64 2.03 11.28 32.81
C ALA C 64 3.09 10.38 32.20
N TYR C 65 2.68 9.23 31.67
CA TYR C 65 3.62 8.33 31.02
C TYR C 65 4.22 8.97 29.76
N ALA C 66 3.43 9.79 29.06
CA ALA C 66 3.94 10.49 27.88
C ALA C 66 5.15 11.35 28.22
N ILE C 67 5.04 12.18 29.26
CA ILE C 67 6.18 12.97 29.70
C ILE C 67 7.27 12.07 30.26
N SER C 68 6.88 10.94 30.85
CA SER C 68 7.85 10.01 31.42
C SER C 68 8.83 9.51 30.35
N THR C 69 8.31 9.15 29.17
CA THR C 69 9.22 8.73 28.10
C THR C 69 9.92 9.91 27.45
N LEU C 70 9.30 11.10 27.46
CA LEU C 70 10.04 12.28 27.06
C LEU C 70 11.24 12.51 27.98
N ILE C 71 11.11 12.13 29.25
CA ILE C 71 12.24 12.21 30.17
C ILE C 71 13.35 11.26 29.75
N LYS C 72 12.96 10.01 29.40
CA LYS C 72 13.96 9.02 28.99
C LYS C 72 14.72 9.50 27.76
N GLN C 73 14.01 10.07 26.79
CA GLN C 73 14.66 10.66 25.63
C GLN C 73 15.69 11.71 26.05
N LYS C 74 15.35 12.53 27.04
CA LYS C 74 16.24 13.62 27.45
C LYS C 74 17.45 13.08 28.21
N LEU C 75 17.25 12.05 29.03
CA LEU C 75 18.39 11.44 29.72
C LEU C 75 19.33 10.74 28.75
N ASP C 76 18.78 10.25 27.63
CA ASP C 76 19.62 9.61 26.62
C ASP C 76 20.48 10.62 25.86
N GLY C 77 19.99 11.85 25.68
CA GLY C 77 20.79 12.86 25.00
C GLY C 77 21.95 13.38 25.83
N LEU C 78 22.01 13.04 27.12
CA LEU C 78 23.12 13.42 27.97
C LEU C 78 24.34 12.54 27.73
N LYS C 79 25.46 13.18 27.43
CA LYS C 79 26.72 12.45 27.34
C LYS C 79 27.84 13.32 27.91
N ASN C 80 28.50 12.79 28.93
CA ASN C 80 29.62 13.43 29.61
C ASN C 80 30.45 12.31 30.20
N GLU C 81 31.76 12.34 29.97
CA GLU C 81 32.61 11.24 30.42
C GLU C 81 32.62 11.13 31.94
N GLY C 82 32.63 12.25 32.63
CA GLY C 82 32.69 12.22 34.08
C GLY C 82 31.42 11.69 34.73
N LEU C 83 30.27 12.15 34.24
CA LEU C 83 28.98 11.77 34.81
C LEU C 83 28.46 10.44 34.25
N LYS C 84 29.30 9.68 33.55
CA LYS C 84 28.83 8.51 32.81
C LYS C 84 28.09 7.53 33.70
N GLU C 85 28.67 7.17 34.86
CA GLU C 85 28.04 6.18 35.71
C GLU C 85 26.72 6.69 36.28
N LYS C 86 26.67 7.97 36.66
CA LYS C 86 25.45 8.53 37.24
C LYS C 86 24.35 8.76 36.21
N ILE C 87 24.72 9.13 34.99
CA ILE C 87 23.71 9.32 33.95
C ILE C 87 23.03 7.99 33.62
N ASP C 88 23.83 6.93 33.49
CA ASP C 88 23.27 5.60 33.26
C ASP C 88 22.33 5.18 34.39
N ALA C 89 22.67 5.55 35.63
CA ALA C 89 21.81 5.20 36.75
C ALA C 89 20.46 5.92 36.66
N ALA C 90 20.48 7.21 36.28
CA ALA C 90 19.21 7.90 36.04
C ALA C 90 18.49 7.29 34.86
N LYS C 91 19.23 6.88 33.83
CA LYS C 91 18.64 6.17 32.70
C LYS C 91 17.95 4.90 33.15
N LYS C 92 18.64 4.10 33.97
CA LYS C 92 18.05 2.86 34.48
C LYS C 92 16.81 3.14 35.32
N CYS C 93 16.84 4.21 36.13
CA CYS C 93 15.70 4.52 36.98
C CYS C 93 14.49 4.94 36.15
N SER C 94 14.71 5.74 35.11
CA SER C 94 13.61 6.16 34.24
C SER C 94 12.93 4.97 33.60
N GLU C 95 13.69 3.95 33.23
CA GLU C 95 13.09 2.78 32.57
C GLU C 95 12.26 1.96 33.55
N THR C 96 12.69 1.88 34.81
CA THR C 96 11.93 1.12 35.79
C THR C 96 10.57 1.76 36.04
N PHE C 97 10.53 3.09 36.08
CA PHE C 97 9.28 3.81 36.22
C PHE C 97 8.37 3.57 35.02
N THR C 98 8.88 3.79 33.81
CA THR C 98 8.06 3.57 32.61
C THR C 98 7.65 2.11 32.47
N ASN C 99 8.52 1.19 32.86
CA ASN C 99 8.14 -0.22 32.77
C ASN C 99 7.06 -0.57 33.80
N LYS C 100 7.14 0.04 34.99
CA LYS C 100 6.14 -0.24 36.02
C LYS C 100 4.77 0.29 35.63
N LEU C 101 4.71 1.47 35.00
CA LEU C 101 3.42 2.02 34.60
C LEU C 101 2.72 1.13 33.57
N LYS C 102 3.44 0.70 32.54
CA LYS C 102 2.89 -0.26 31.59
C LYS C 102 2.61 -1.60 32.26
N GLU C 103 3.50 -2.02 33.17
CA GLU C 103 3.32 -3.30 33.87
C GLU C 103 1.99 -3.36 34.60
N LYS C 104 1.55 -2.23 35.15
CA LYS C 104 0.32 -2.15 35.92
C LYS C 104 -0.84 -1.65 35.09
N HIS C 105 -0.82 -1.94 33.78
CA HIS C 105 -1.84 -1.48 32.86
C HIS C 105 -3.23 -1.97 33.24
N THR C 106 -3.32 -3.08 33.96
CA THR C 106 -4.62 -3.61 34.36
C THR C 106 -5.42 -2.58 35.16
N ASP C 107 -4.73 -1.76 35.95
CA ASP C 107 -5.38 -0.69 36.71
C ASP C 107 -5.17 0.70 36.12
N LEU C 108 -4.09 0.92 35.36
CA LEU C 108 -3.77 2.27 34.91
C LEU C 108 -4.15 2.56 33.46
N GLY C 109 -4.34 1.55 32.62
CA GLY C 109 -4.71 1.79 31.23
C GLY C 109 -6.20 1.80 30.93
N LYS C 110 -6.95 2.73 31.51
CA LYS C 110 -8.37 2.88 31.20
C LYS C 110 -8.81 4.27 31.64
N GLU C 111 -10.00 4.69 31.19
CA GLU C 111 -10.50 6.00 31.59
C GLU C 111 -10.82 6.04 33.08
N GLY C 112 -11.41 4.98 33.62
CA GLY C 112 -11.78 5.00 35.02
C GLY C 112 -10.72 4.48 35.96
N VAL C 113 -9.56 5.12 35.98
CA VAL C 113 -8.57 4.81 37.00
C VAL C 113 -8.95 5.57 38.26
N THR C 114 -9.02 4.85 39.38
CA THR C 114 -9.44 5.49 40.62
C THR C 114 -8.44 6.57 41.03
N ASP C 115 -8.93 7.56 41.77
CA ASP C 115 -8.05 8.56 42.36
C ASP C 115 -6.93 7.91 43.16
N ALA C 116 -7.26 6.91 43.98
CA ALA C 116 -6.26 6.25 44.80
C ALA C 116 -5.15 5.63 43.96
N ASP C 117 -5.52 4.93 42.87
CA ASP C 117 -4.51 4.26 42.06
C ASP C 117 -3.64 5.26 41.31
N ALA C 118 -4.23 6.37 40.84
CA ALA C 118 -3.44 7.40 40.19
C ALA C 118 -2.40 7.99 41.15
N LYS C 119 -2.81 8.26 42.39
CA LYS C 119 -1.87 8.77 43.39
C LYS C 119 -0.77 7.75 43.68
N GLU C 120 -1.13 6.46 43.73
CA GLU C 120 -0.13 5.41 43.90
C GLU C 120 0.80 5.31 42.70
N ALA C 121 0.43 5.88 41.56
CA ALA C 121 1.22 5.76 40.34
C ALA C 121 2.20 6.91 40.15
N ILE C 122 1.75 8.15 40.36
CA ILE C 122 2.54 9.32 39.99
C ILE C 122 2.69 10.33 41.11
N LEU C 123 2.06 10.14 42.26
CA LEU C 123 2.19 11.06 43.39
C LEU C 123 3.20 10.47 44.36
N LYS C 124 4.47 10.89 44.23
CA LYS C 124 5.55 10.27 44.99
C LYS C 124 5.45 10.50 46.50
N THR C 125 4.66 11.47 46.94
CA THR C 125 4.49 11.72 48.37
C THR C 125 3.23 11.08 48.92
N ASN C 126 2.56 10.24 48.15
CA ASN C 126 1.35 9.56 48.59
C ASN C 126 1.67 8.59 49.73
N GLY C 127 0.61 8.18 50.45
CA GLY C 127 0.76 7.23 51.53
C GLY C 127 1.27 5.88 51.08
N THR C 128 0.56 5.25 50.14
CA THR C 128 1.00 3.97 49.57
C THR C 128 1.45 4.22 48.14
N LYS C 129 2.52 3.52 47.73
CA LYS C 129 3.21 3.83 46.48
C LYS C 129 3.49 2.56 45.68
N THR C 130 2.50 1.68 45.58
CA THR C 130 2.69 0.37 44.97
C THR C 130 2.44 0.35 43.47
N LYS C 131 2.10 1.48 42.85
CA LYS C 131 1.77 1.51 41.44
C LYS C 131 2.72 2.36 40.60
N GLY C 132 3.87 2.75 41.15
CA GLY C 132 4.86 3.48 40.38
C GLY C 132 5.49 4.64 41.09
N ALA C 133 4.84 5.16 42.12
CA ALA C 133 5.39 6.31 42.84
C ALA C 133 6.71 5.97 43.52
N GLU C 134 6.89 4.72 43.95
CA GLU C 134 8.19 4.30 44.45
C GLU C 134 9.28 4.47 43.39
N GLU C 135 9.04 3.93 42.19
CA GLU C 135 10.01 4.09 41.11
C GLU C 135 10.15 5.55 40.72
N LEU C 136 9.07 6.34 40.86
CA LEU C 136 9.16 7.77 40.62
C LEU C 136 10.06 8.44 41.66
N GLY C 137 9.95 8.03 42.92
CA GLY C 137 10.84 8.55 43.94
C GLY C 137 12.29 8.26 43.65
N LYS C 138 12.60 7.01 43.30
CA LYS C 138 13.96 6.67 42.90
C LYS C 138 14.43 7.51 41.72
N LEU C 139 13.53 7.79 40.76
CA LEU C 139 13.90 8.58 39.60
C LEU C 139 14.22 10.02 40.00
N PHE C 140 13.35 10.64 40.81
CA PHE C 140 13.65 11.98 41.31
C PHE C 140 14.99 12.03 42.03
N GLU C 141 15.25 11.04 42.90
CA GLU C 141 16.50 11.04 43.67
C GLU C 141 17.71 10.84 42.77
N SER C 142 17.61 9.94 41.79
CA SER C 142 18.75 9.71 40.89
C SER C 142 19.03 10.95 40.04
N VAL C 143 17.99 11.62 39.56
CA VAL C 143 18.19 12.81 38.74
C VAL C 143 18.76 13.96 39.56
N GLU C 144 18.34 14.09 40.82
CA GLU C 144 18.80 15.22 41.62
C GLU C 144 20.27 15.07 41.99
N VAL C 145 20.72 13.84 42.27
CA VAL C 145 22.15 13.63 42.48
C VAL C 145 22.91 14.03 41.23
N LEU C 146 22.28 13.90 40.06
CA LEU C 146 22.90 14.37 38.82
C LEU C 146 22.84 15.89 38.74
N SER C 147 21.77 16.49 39.25
CA SER C 147 21.67 17.95 39.27
C SER C 147 22.68 18.55 40.22
N LYS C 148 22.89 17.92 41.39
CA LYS C 148 23.86 18.41 42.35
C LYS C 148 25.26 18.44 41.74
N ALA C 149 25.64 17.38 41.04
CA ALA C 149 26.95 17.35 40.41
C ALA C 149 27.08 18.39 39.31
N ALA C 150 26.01 18.60 38.54
CA ALA C 150 26.06 19.57 37.45
C ALA C 150 26.19 21.00 37.95
N LYS C 151 25.62 21.34 39.11
CA LYS C 151 25.67 22.71 39.58
C LYS C 151 27.09 23.16 39.89
N GLU C 152 27.86 22.32 40.58
CA GLU C 152 29.25 22.69 40.84
C GLU C 152 30.13 22.52 39.61
N MET C 153 29.71 21.68 38.66
CA MET C 153 30.43 21.57 37.39
C MET C 153 30.46 22.91 36.66
N LEU C 154 29.33 23.63 36.66
CA LEU C 154 29.31 24.97 36.08
C LEU C 154 30.03 25.97 36.97
N ALA C 155 29.77 25.92 38.28
CA ALA C 155 30.26 26.96 39.18
C ALA C 155 31.78 27.01 39.22
N ASN C 156 32.43 25.86 39.22
CA ASN C 156 33.89 25.85 39.23
C ASN C 156 34.48 26.34 37.92
N SER C 157 33.71 26.34 36.84
CA SER C 157 34.15 26.96 35.60
C SER C 157 34.19 28.47 35.72
N VAL C 158 33.24 29.06 36.44
CA VAL C 158 33.16 30.51 36.53
C VAL C 158 33.95 31.08 37.71
N LYS C 159 34.17 30.30 38.77
CA LYS C 159 35.00 30.81 39.85
C LYS C 159 36.47 30.89 39.45
N GLU C 160 36.81 30.50 38.23
CA GLU C 160 38.15 30.64 37.67
C GLU C 160 38.46 32.06 37.22
N LEU C 161 37.63 33.03 37.57
CA LEU C 161 37.93 34.43 37.24
C LEU C 161 38.74 35.10 38.35
N THR C 162 38.49 34.76 39.61
CA THR C 162 39.36 35.12 40.72
C THR C 162 39.25 34.07 41.83
N ILE D 8 31.67 41.67 35.17
CA ILE D 8 31.92 40.39 34.52
C ILE D 8 31.32 39.25 35.34
N SER D 9 31.79 39.13 36.59
CA SER D 9 31.33 38.03 37.42
C SER D 9 29.88 38.23 37.82
N LYS D 10 29.51 39.46 38.18
CA LYS D 10 28.10 39.74 38.47
C LYS D 10 27.27 39.52 37.21
N LYS D 11 27.80 39.95 36.06
CA LYS D 11 27.08 39.80 34.79
C LYS D 11 26.77 38.34 34.49
N ILE D 12 27.79 37.47 34.58
CA ILE D 12 27.63 36.07 34.17
C ILE D 12 26.63 35.34 35.07
N THR D 13 26.79 35.48 36.39
CA THR D 13 25.93 34.73 37.30
C THR D 13 24.50 35.20 37.20
N ASP D 14 24.28 36.51 37.17
CA ASP D 14 22.92 37.03 37.05
C ASP D 14 22.34 36.73 35.68
N SER D 15 23.13 36.86 34.61
CA SER D 15 22.64 36.55 33.27
C SER D 15 22.33 35.06 33.11
N ASN D 16 23.10 34.18 33.75
CA ASN D 16 22.81 32.75 33.68
C ASN D 16 21.48 32.41 34.35
N ALA D 17 21.17 33.06 35.47
CA ALA D 17 19.92 32.78 36.18
C ALA D 17 18.69 32.88 35.30
N VAL D 18 18.60 33.91 34.45
CA VAL D 18 17.43 34.06 33.59
C VAL D 18 17.37 32.94 32.56
N LEU D 19 18.51 32.55 31.99
CA LEU D 19 18.48 31.49 30.98
C LEU D 19 17.98 30.20 31.59
N LEU D 20 18.49 29.84 32.76
CA LEU D 20 17.92 28.71 33.49
C LEU D 20 16.46 28.96 33.80
N ALA D 21 16.12 30.20 34.17
CA ALA D 21 14.74 30.56 34.48
C ALA D 21 13.84 30.40 33.26
N VAL D 22 14.27 30.91 32.10
CA VAL D 22 13.42 30.85 30.91
C VAL D 22 13.36 29.44 30.37
N LYS D 23 14.49 28.74 30.32
CA LYS D 23 14.51 27.40 29.74
C LYS D 23 13.73 26.39 30.58
N GLU D 24 13.41 26.70 31.83
CA GLU D 24 12.50 25.84 32.57
C GLU D 24 11.05 26.06 32.14
N VAL D 25 10.71 27.29 31.78
CA VAL D 25 9.38 27.55 31.22
C VAL D 25 9.19 26.82 29.91
N GLU D 26 10.20 26.87 29.03
CA GLU D 26 10.11 26.14 27.77
C GLU D 26 10.00 24.64 28.01
N ALA D 27 10.70 24.13 29.02
CA ALA D 27 10.57 22.72 29.38
C ALA D 27 9.15 22.41 29.85
N LEU D 28 8.56 23.33 30.63
CA LEU D 28 7.18 23.15 31.05
C LEU D 28 6.21 23.21 29.88
N LEU D 29 6.40 24.17 28.97
CA LEU D 29 5.57 24.23 27.76
C LEU D 29 5.66 22.93 26.97
N SER D 30 6.86 22.37 26.83
CA SER D 30 7.00 21.11 26.11
C SER D 30 6.29 19.97 26.81
N SER D 31 6.05 20.08 28.12
CA SER D 31 5.23 19.10 28.81
C SER D 31 3.79 19.15 28.34
N ILE D 32 3.26 20.35 28.14
CA ILE D 32 1.92 20.51 27.58
C ILE D 32 1.89 20.03 26.13
N ASP D 33 2.85 20.47 25.32
CA ASP D 33 2.87 20.10 23.91
C ASP D 33 3.00 18.59 23.74
N GLU D 34 3.81 17.94 24.58
CA GLU D 34 4.07 16.52 24.41
C GLU D 34 2.87 15.66 24.75
N ILE D 35 2.14 16.00 25.82
CA ILE D 35 0.93 15.25 26.13
C ILE D 35 -0.14 15.48 25.07
N ALA D 36 -0.19 16.68 24.49
CA ALA D 36 -1.16 16.94 23.42
C ALA D 36 -0.85 16.10 22.19
N ALA D 37 0.42 15.96 21.85
CA ALA D 37 0.80 15.24 20.64
C ALA D 37 0.73 13.73 20.83
N LYS D 38 1.06 13.24 22.03
CA LYS D 38 1.23 11.81 22.25
C LYS D 38 0.26 11.19 23.24
N ALA D 39 -0.52 11.99 23.98
CA ALA D 39 -1.38 11.41 25.01
C ALA D 39 -2.86 11.72 24.83
N ILE D 40 -3.24 12.68 23.99
CA ILE D 40 -4.65 12.94 23.74
C ILE D 40 -5.31 11.69 23.17
N GLY D 41 -6.43 11.29 23.77
CA GLY D 41 -7.15 10.14 23.29
C GLY D 41 -6.45 8.81 23.45
N LYS D 42 -5.56 8.68 24.43
CA LYS D 42 -4.76 7.48 24.58
C LYS D 42 -4.84 6.92 25.99
N LYS D 43 -4.38 5.67 26.12
CA LYS D 43 -4.36 4.93 27.35
C LYS D 43 -3.08 4.10 27.37
N ILE D 44 -2.62 3.72 28.56
CA ILE D 44 -1.40 2.93 28.65
C ILE D 44 -1.65 1.51 28.15
N HIS D 45 -0.70 0.98 27.38
CA HIS D 45 -0.73 -0.37 26.86
C HIS D 45 0.57 -1.06 27.25
N GLN D 46 0.49 -2.36 27.58
CA GLN D 46 1.67 -3.03 28.12
C GLN D 46 2.79 -3.16 27.11
N ASN D 47 2.48 -3.22 25.81
CA ASN D 47 3.50 -3.42 24.79
C ASN D 47 3.81 -2.16 24.00
N ASN D 48 2.79 -1.52 23.41
CA ASN D 48 3.02 -0.31 22.65
C ASN D 48 3.37 0.85 23.56
N GLY D 49 2.93 0.79 24.81
CA GLY D 49 3.14 1.82 25.80
C GLY D 49 1.91 2.69 25.90
N LEU D 50 1.31 2.97 24.75
CA LEU D 50 0.07 3.73 24.70
C LEU D 50 -0.83 3.15 23.63
N ASP D 51 -2.13 3.25 23.87
CA ASP D 51 -3.14 2.64 23.01
C ASP D 51 -4.29 3.62 22.91
N THR D 52 -5.06 3.50 21.83
CA THR D 52 -6.03 4.53 21.51
C THR D 52 -7.25 4.40 22.43
N GLU D 53 -7.71 5.55 22.93
CA GLU D 53 -8.94 5.60 23.72
C GLU D 53 -9.61 6.93 23.40
N ASN D 54 -10.64 6.88 22.56
CA ASN D 54 -11.17 8.10 21.98
C ASN D 54 -12.15 8.77 22.94
N ASN D 55 -12.08 10.10 22.99
CA ASN D 55 -13.10 10.95 23.61
C ASN D 55 -13.16 10.75 25.13
N HIS D 56 -12.00 10.57 25.75
CA HIS D 56 -11.90 10.51 27.21
C HIS D 56 -10.75 11.36 27.73
N ASN D 57 -10.61 12.58 27.19
CA ASN D 57 -9.46 13.42 27.45
C ASN D 57 -9.69 14.41 28.59
N GLY D 58 -10.68 14.16 29.45
CA GLY D 58 -11.04 15.15 30.45
C GLY D 58 -9.95 15.40 31.48
N SER D 59 -9.45 14.34 32.11
CA SER D 59 -8.46 14.50 33.17
C SER D 59 -7.14 15.03 32.64
N LEU D 60 -6.76 14.66 31.41
CA LEU D 60 -5.54 15.19 30.82
C LEU D 60 -5.61 16.71 30.66
N LEU D 61 -6.78 17.24 30.31
CA LEU D 61 -6.92 18.68 30.16
C LEU D 61 -6.73 19.39 31.50
N ALA D 62 -7.21 18.78 32.58
CA ALA D 62 -6.91 19.32 33.91
C ALA D 62 -5.41 19.31 34.16
N GLY D 63 -4.75 18.19 33.90
CA GLY D 63 -3.30 18.14 34.01
C GLY D 63 -2.61 19.17 33.13
N ALA D 64 -3.13 19.36 31.91
CA ALA D 64 -2.57 20.40 31.03
C ALA D 64 -2.73 21.77 31.67
N TYR D 65 -3.92 22.08 32.17
CA TYR D 65 -4.14 23.35 32.85
C TYR D 65 -3.32 23.41 34.13
N ALA D 66 -3.13 22.27 34.80
CA ALA D 66 -2.27 22.23 35.98
C ALA D 66 -0.87 22.72 35.65
N ILE D 67 -0.27 22.18 34.59
CA ILE D 67 1.04 22.65 34.17
C ILE D 67 0.98 24.10 33.69
N SER D 68 -0.13 24.50 33.06
CA SER D 68 -0.23 25.87 32.54
C SER D 68 -0.13 26.90 33.65
N THR D 69 -0.79 26.65 34.79
CA THR D 69 -0.71 27.61 35.88
C THR D 69 0.64 27.53 36.60
N LEU D 70 1.26 26.35 36.63
CA LEU D 70 2.65 26.28 37.10
C LEU D 70 3.57 27.11 36.23
N ILE D 71 3.27 27.19 34.93
CA ILE D 71 4.06 28.04 34.04
C ILE D 71 3.90 29.52 34.40
N LYS D 72 2.66 29.96 34.61
CA LYS D 72 2.42 31.36 34.91
C LYS D 72 3.12 31.78 36.20
N GLN D 73 3.08 30.93 37.22
CA GLN D 73 3.82 31.21 38.45
C GLN D 73 5.29 31.45 38.15
N LYS D 74 5.90 30.62 37.30
CA LYS D 74 7.32 30.78 36.99
C LYS D 74 7.55 32.07 36.21
N LEU D 75 6.62 32.43 35.31
CA LEU D 75 6.71 33.71 34.63
C LEU D 75 6.64 34.87 35.61
N ASP D 76 5.95 34.68 36.73
CA ASP D 76 5.89 35.71 37.76
C ASP D 76 7.22 35.86 38.48
N GLY D 77 7.97 34.76 38.64
CA GLY D 77 9.28 34.80 39.27
C GLY D 77 10.39 35.39 38.42
N LEU D 78 10.19 35.52 37.12
CA LEU D 78 11.19 36.12 36.24
C LEU D 78 11.13 37.64 36.38
N LYS D 79 12.24 38.26 36.78
CA LYS D 79 12.29 39.71 36.88
C LYS D 79 13.66 40.21 36.46
N ASN D 80 13.69 41.03 35.41
CA ASN D 80 14.91 41.62 34.88
C ASN D 80 14.49 42.90 34.16
N GLU D 81 15.18 44.01 34.45
CA GLU D 81 14.77 45.28 33.84
C GLU D 81 15.02 45.26 32.33
N GLY D 82 16.10 44.62 31.90
CA GLY D 82 16.36 44.56 30.47
C GLY D 82 15.36 43.69 29.74
N LEU D 83 14.97 42.56 30.35
CA LEU D 83 13.97 41.68 29.77
C LEU D 83 12.56 41.98 30.26
N LYS D 84 12.36 43.09 30.98
CA LYS D 84 11.05 43.38 31.56
C LYS D 84 9.96 43.42 30.50
N GLU D 85 10.27 44.04 29.36
CA GLU D 85 9.29 44.24 28.30
C GLU D 85 8.86 42.91 27.70
N LYS D 86 9.83 42.02 27.46
CA LYS D 86 9.54 40.71 26.89
C LYS D 86 8.96 39.74 27.92
N ILE D 87 9.37 39.86 29.19
CA ILE D 87 8.77 39.03 30.23
C ILE D 87 7.32 39.42 30.46
N ASP D 88 7.04 40.73 30.55
CA ASP D 88 5.66 41.18 30.70
C ASP D 88 4.81 40.76 29.50
N ALA D 89 5.39 40.79 28.31
CA ALA D 89 4.66 40.31 27.13
C ALA D 89 4.42 38.81 27.23
N ALA D 90 5.39 38.08 27.78
CA ALA D 90 5.20 36.67 28.06
C ALA D 90 4.17 36.48 29.18
N LYS D 91 4.16 37.39 30.16
CA LYS D 91 3.19 37.34 31.25
C LYS D 91 1.76 37.41 30.73
N LYS D 92 1.46 38.33 29.82
CA LYS D 92 0.11 38.40 29.29
C LYS D 92 -0.31 37.11 28.56
N CYS D 93 0.59 36.50 27.76
CA CYS D 93 0.18 35.40 26.90
C CYS D 93 -0.21 34.13 27.66
N SER D 94 0.55 33.72 28.70
CA SER D 94 0.14 32.54 29.47
C SER D 94 -1.16 32.80 30.21
N GLU D 95 -1.40 34.05 30.60
CA GLU D 95 -2.64 34.37 31.29
C GLU D 95 -3.83 34.27 30.35
N THR D 96 -3.65 34.67 29.09
CA THR D 96 -4.73 34.56 28.12
C THR D 96 -5.02 33.10 27.79
N PHE D 97 -3.96 32.27 27.71
CA PHE D 97 -4.14 30.85 27.48
C PHE D 97 -4.92 30.19 28.61
N THR D 98 -4.47 30.40 29.85
CA THR D 98 -5.13 29.79 31.01
C THR D 98 -6.57 30.26 31.12
N ASN D 99 -6.84 31.51 30.78
CA ASN D 99 -8.20 32.03 30.83
C ASN D 99 -9.11 31.35 29.81
N LYS D 100 -8.56 31.03 28.62
CA LYS D 100 -9.37 30.40 27.59
C LYS D 100 -9.85 29.01 28.00
N LEU D 101 -9.00 28.25 28.69
CA LEU D 101 -9.44 26.94 29.17
C LEU D 101 -10.59 27.08 30.17
N LYS D 102 -10.54 28.12 31.01
CA LYS D 102 -11.68 28.41 31.87
C LYS D 102 -12.90 28.77 31.04
N GLU D 103 -12.72 29.64 30.04
CA GLU D 103 -13.81 30.12 29.20
C GLU D 103 -14.55 28.98 28.50
N LYS D 104 -13.81 27.97 28.05
CA LYS D 104 -14.40 26.84 27.31
C LYS D 104 -14.63 25.62 28.21
N HIS D 105 -14.92 25.86 29.50
CA HIS D 105 -15.07 24.77 30.46
C HIS D 105 -16.22 23.82 30.10
N THR D 106 -17.27 24.33 29.42
CA THR D 106 -18.41 23.47 29.10
C THR D 106 -18.01 22.30 28.21
N ASP D 107 -17.01 22.47 27.35
CA ASP D 107 -16.53 21.39 26.52
C ASP D 107 -15.33 20.67 27.12
N LEU D 108 -14.58 21.34 28.01
CA LEU D 108 -13.39 20.74 28.61
C LEU D 108 -13.62 20.27 30.04
N GLY D 109 -14.68 20.73 30.70
CA GLY D 109 -14.93 20.33 32.08
C GLY D 109 -15.80 19.09 32.21
N LYS D 110 -15.30 17.97 31.71
CA LYS D 110 -15.94 16.67 31.88
C LYS D 110 -14.88 15.61 31.66
N GLU D 111 -15.19 14.38 32.06
CA GLU D 111 -14.27 13.28 31.79
C GLU D 111 -14.24 12.94 30.30
N GLY D 112 -15.40 12.96 29.65
CA GLY D 112 -15.49 12.62 28.25
C GLY D 112 -15.35 13.78 27.29
N VAL D 113 -14.18 14.43 27.29
CA VAL D 113 -13.90 15.47 26.30
C VAL D 113 -13.48 14.83 24.99
N THR D 114 -14.09 15.24 23.89
CA THR D 114 -13.77 14.67 22.59
C THR D 114 -12.32 14.95 22.23
N ASP D 115 -11.74 14.05 21.42
CA ASP D 115 -10.41 14.28 20.90
C ASP D 115 -10.31 15.62 20.16
N ALA D 116 -11.29 15.92 19.31
CA ALA D 116 -11.24 17.15 18.53
C ALA D 116 -11.20 18.38 19.41
N ASP D 117 -12.06 18.45 20.43
CA ASP D 117 -12.06 19.63 21.29
C ASP D 117 -10.85 19.68 22.20
N ALA D 118 -10.37 18.51 22.65
CA ALA D 118 -9.13 18.47 23.42
C ALA D 118 -7.96 19.00 22.59
N LYS D 119 -7.85 18.54 21.34
CA LYS D 119 -6.81 19.02 20.44
C LYS D 119 -6.99 20.50 20.13
N GLU D 120 -8.24 20.94 20.00
CA GLU D 120 -8.53 22.36 19.75
C GLU D 120 -8.06 23.25 20.89
N ALA D 121 -7.83 22.69 22.07
CA ALA D 121 -7.45 23.46 23.24
C ALA D 121 -5.94 23.52 23.45
N ILE D 122 -5.24 22.38 23.34
CA ILE D 122 -3.85 22.28 23.76
C ILE D 122 -2.92 21.76 22.69
N LEU D 123 -3.42 21.43 21.51
CA LEU D 123 -2.59 20.92 20.41
C LEU D 123 -2.34 22.08 19.46
N LYS D 124 -1.21 22.77 19.63
CA LYS D 124 -0.95 24.00 18.90
C LYS D 124 -0.78 23.79 17.40
N THR D 125 -0.54 22.56 16.96
CA THR D 125 -0.42 22.25 15.54
C THR D 125 -1.72 21.70 14.94
N ASN D 126 -2.83 21.81 15.67
CA ASN D 126 -4.12 21.33 15.20
C ASN D 126 -4.62 22.18 14.03
N GLY D 127 -5.59 21.65 13.30
CA GLY D 127 -6.18 22.39 12.20
C GLY D 127 -6.88 23.66 12.65
N THR D 128 -7.90 23.52 13.50
CA THR D 128 -8.60 24.67 14.08
C THR D 128 -8.19 24.78 15.55
N LYS D 129 -8.07 26.02 16.03
CA LYS D 129 -7.41 26.31 17.31
C LYS D 129 -8.20 27.32 18.13
N THR D 130 -9.53 27.16 18.21
CA THR D 130 -10.37 28.19 18.81
C THR D 130 -10.65 27.97 20.29
N LYS D 131 -10.12 26.90 20.90
CA LYS D 131 -10.39 26.63 22.31
C LYS D 131 -9.16 26.80 23.18
N GLY D 132 -8.10 27.44 22.68
CA GLY D 132 -6.94 27.73 23.48
C GLY D 132 -5.62 27.48 22.76
N ALA D 133 -5.65 26.62 21.73
CA ALA D 133 -4.43 26.30 21.01
C ALA D 133 -3.82 27.52 20.33
N GLU D 134 -4.66 28.46 19.89
CA GLU D 134 -4.14 29.73 19.38
C GLU D 134 -3.37 30.48 20.45
N GLU D 135 -3.95 30.58 21.64
CA GLU D 135 -3.30 31.30 22.74
C GLU D 135 -2.02 30.59 23.17
N LEU D 136 -2.04 29.25 23.19
CA LEU D 136 -0.84 28.50 23.53
C LEU D 136 0.27 28.74 22.51
N GLY D 137 -0.06 28.73 21.23
CA GLY D 137 0.93 29.07 20.21
C GLY D 137 1.42 30.50 20.36
N LYS D 138 0.49 31.44 20.55
CA LYS D 138 0.87 32.82 20.84
C LYS D 138 1.76 32.88 22.08
N LEU D 139 1.46 32.04 23.07
CA LEU D 139 2.30 31.93 24.25
C LEU D 139 3.66 31.36 23.88
N PHE D 140 3.68 30.26 23.14
CA PHE D 140 4.92 29.66 22.67
C PHE D 140 5.81 30.70 21.98
N GLU D 141 5.24 31.50 21.08
CA GLU D 141 6.06 32.50 20.39
C GLU D 141 6.60 33.54 21.35
N SER D 142 5.77 33.97 22.31
CA SER D 142 6.25 34.96 23.28
C SER D 142 7.39 34.40 24.11
N VAL D 143 7.28 33.14 24.53
CA VAL D 143 8.35 32.52 25.30
C VAL D 143 9.60 32.33 24.45
N GLU D 144 9.44 31.95 23.17
CA GLU D 144 10.60 31.73 22.33
C GLU D 144 11.30 33.04 21.99
N VAL D 145 10.53 34.12 21.81
CA VAL D 145 11.12 35.44 21.66
C VAL D 145 11.93 35.81 22.91
N LEU D 146 11.54 35.29 24.07
CA LEU D 146 12.26 35.58 25.30
C LEU D 146 13.57 34.82 25.40
N SER D 147 13.59 33.57 24.93
CA SER D 147 14.83 32.79 24.96
C SER D 147 15.91 33.42 24.10
N LYS D 148 15.53 33.92 22.92
CA LYS D 148 16.50 34.53 22.02
C LYS D 148 17.17 35.75 22.67
N ALA D 149 16.37 36.62 23.30
CA ALA D 149 16.95 37.78 23.96
C ALA D 149 17.72 37.38 25.21
N ALA D 150 17.21 36.42 25.98
CA ALA D 150 17.91 36.00 27.20
C ALA D 150 19.21 35.27 26.87
N LYS D 151 19.21 34.47 25.79
CA LYS D 151 20.43 33.75 25.43
C LYS D 151 21.52 34.70 24.97
N GLU D 152 21.16 35.75 24.23
CA GLU D 152 22.17 36.69 23.77
C GLU D 152 22.71 37.54 24.91
N MET D 153 21.88 37.81 25.92
CA MET D 153 22.35 38.52 27.11
C MET D 153 23.41 37.71 27.84
N LEU D 154 23.23 36.39 27.92
CA LEU D 154 24.24 35.53 28.54
C LEU D 154 25.51 35.50 27.70
N ALA D 155 25.37 35.28 26.38
CA ALA D 155 26.54 35.12 25.52
C ALA D 155 27.39 36.37 25.51
N ASN D 156 26.76 37.56 25.46
CA ASN D 156 27.52 38.79 25.46
C ASN D 156 28.13 39.09 26.83
N SER D 157 27.61 38.48 27.89
CA SER D 157 28.28 38.51 29.18
C SER D 157 29.57 37.69 29.13
N VAL D 158 29.54 36.60 28.38
CA VAL D 158 30.68 35.68 28.24
C VAL D 158 31.60 36.12 27.12
N LYS D 159 31.12 36.93 26.17
CA LYS D 159 31.94 37.49 25.10
C LYS D 159 32.96 38.48 25.67
N GLU D 160 32.96 38.65 26.99
CA GLU D 160 33.92 39.39 27.79
C GLU D 160 35.21 38.59 28.01
N LEU D 161 35.40 37.50 27.27
CA LEU D 161 36.62 36.70 27.32
C LEU D 161 37.65 37.24 26.34
N THR D 162 37.30 37.33 25.06
CA THR D 162 38.10 38.05 24.09
C THR D 162 37.26 39.17 23.49
N SER D 163 37.89 40.32 23.24
CA SER D 163 37.30 41.54 22.68
C SER D 163 36.41 42.21 23.74
N PRO D 164 36.23 43.54 23.67
CA PRO D 164 35.42 44.23 24.69
C PRO D 164 33.92 44.03 24.50
N GLN E 1 12.60 41.00 46.00
CA GLN E 1 12.72 39.90 45.04
C GLN E 1 12.92 38.54 45.74
N LEU E 2 14.14 38.23 46.18
CA LEU E 2 14.43 36.96 46.84
C LEU E 2 14.15 37.12 48.34
N GLN E 3 12.91 36.85 48.74
CA GLN E 3 12.45 37.17 50.09
C GLN E 3 11.77 35.98 50.76
N LEU E 4 12.19 35.68 51.99
CA LEU E 4 11.65 34.61 52.82
C LEU E 4 10.92 35.19 54.01
N GLN E 5 9.70 34.68 54.29
CA GLN E 5 8.85 35.22 55.33
C GLN E 5 8.36 34.09 56.23
N GLU E 6 8.53 34.28 57.54
CA GLU E 6 8.39 33.26 58.57
C GLU E 6 6.97 33.14 59.12
N SER E 7 6.84 32.40 60.22
CA SER E 7 5.93 31.29 60.46
C SER E 7 5.06 31.47 61.70
N GLY E 8 4.34 30.40 62.04
CA GLY E 8 3.31 30.37 63.06
C GLY E 8 3.79 30.20 64.49
N PRO E 9 3.14 29.33 65.26
CA PRO E 9 3.03 29.54 66.71
C PRO E 9 4.38 29.52 67.42
N GLY E 10 4.56 30.50 68.30
CA GLY E 10 5.66 30.70 69.23
C GLY E 10 5.62 30.09 70.61
N LEU E 11 4.59 29.32 70.99
CA LEU E 11 4.59 28.76 72.35
C LEU E 11 3.77 27.46 72.35
N VAL E 12 4.48 26.33 72.36
CA VAL E 12 3.88 25.01 72.47
C VAL E 12 4.40 24.33 73.74
N LYS E 13 3.53 23.59 74.42
CA LYS E 13 3.92 22.83 75.60
C LYS E 13 4.87 21.69 75.21
N PRO E 14 5.78 21.30 76.09
CA PRO E 14 6.72 20.22 75.76
C PRO E 14 6.02 18.91 75.49
N SER E 15 6.74 18.02 74.79
CA SER E 15 6.32 16.70 74.32
C SER E 15 5.30 16.78 73.19
N GLN E 16 4.91 17.98 72.76
CA GLN E 16 3.99 18.22 71.66
C GLN E 16 4.75 18.46 70.36
N THR E 17 4.03 18.86 69.32
CA THR E 17 4.59 19.13 68.00
C THR E 17 4.49 20.62 67.69
N LEU E 18 5.60 21.24 67.30
CA LEU E 18 5.61 22.60 66.81
C LEU E 18 5.73 22.58 65.28
N SER E 19 4.95 23.42 64.61
CA SER E 19 4.94 23.49 63.16
C SER E 19 5.21 24.91 62.71
N LEU E 20 6.15 25.06 61.77
CA LEU E 20 6.48 26.35 61.19
C LEU E 20 6.40 26.26 59.68
N THR E 21 6.03 27.38 59.04
CA THR E 21 5.97 27.46 57.58
C THR E 21 6.65 28.73 57.11
N CYS E 22 7.56 28.60 56.16
CA CYS E 22 8.18 29.74 55.50
C CYS E 22 7.58 29.94 54.12
N THR E 23 7.11 31.15 53.85
CA THR E 23 6.43 31.50 52.62
C THR E 23 7.34 32.38 51.78
N LEU E 24 7.42 32.09 50.49
CA LEU E 24 8.33 32.83 49.62
C LEU E 24 7.65 34.10 49.13
N SER E 25 8.46 35.12 48.86
CA SER E 25 7.98 36.40 48.37
C SER E 25 8.85 36.82 47.19
N GLY E 26 8.20 37.31 46.13
CA GLY E 26 8.88 37.63 44.91
C GLY E 26 9.60 36.47 44.28
N GLY E 27 9.24 35.25 44.66
CA GLY E 27 9.95 34.08 44.18
C GLY E 27 9.13 32.82 44.34
N SER E 28 9.58 31.78 43.65
CA SER E 28 8.97 30.47 43.70
C SER E 28 10.09 29.45 43.69
N ILE E 29 9.74 28.19 43.88
CA ILE E 29 10.77 27.16 43.87
C ILE E 29 11.03 26.79 42.41
N SER E 30 12.02 27.45 41.80
CA SER E 30 12.13 27.48 40.34
C SER E 30 13.60 27.42 39.94
N SER E 31 13.81 27.20 38.63
CA SER E 31 15.13 27.03 38.00
C SER E 31 15.84 25.74 38.41
N THR E 32 15.12 24.64 38.62
CA THR E 32 13.73 24.28 38.93
C THR E 32 13.65 24.26 40.45
N SER E 33 14.71 24.79 41.09
CA SER E 33 15.01 24.50 42.48
C SER E 33 15.49 25.75 43.19
N TYR E 34 14.98 25.98 44.40
CA TYR E 34 15.36 27.10 45.25
C TYR E 34 14.64 26.95 46.60
N TYR E 35 15.15 27.69 47.58
CA TYR E 35 14.52 27.84 48.91
C TYR E 35 14.30 26.51 49.64
N TRP E 36 15.38 25.80 49.91
CA TRP E 36 15.35 24.66 50.82
C TRP E 36 16.01 25.03 52.15
N GLY E 37 15.60 24.39 53.24
CA GLY E 37 16.39 24.35 54.46
C GLY E 37 15.78 25.11 55.65
N TRP E 38 16.08 24.61 56.87
CA TRP E 38 15.70 25.23 58.14
C TRP E 38 16.88 25.23 59.12
N ILE E 39 16.93 26.28 59.96
CA ILE E 39 18.00 26.47 60.95
C ILE E 39 17.41 27.05 62.24
N ARG E 40 18.04 26.71 63.38
CA ARG E 40 17.60 27.25 64.67
C ARG E 40 18.81 27.67 65.51
N GLN E 41 18.56 28.62 66.41
CA GLN E 41 19.53 29.06 67.41
C GLN E 41 18.89 29.05 68.77
N PRO E 42 19.26 28.14 69.67
CA PRO E 42 18.67 28.12 71.01
C PRO E 42 19.38 29.09 71.93
N PRO E 43 18.71 29.55 73.00
CA PRO E 43 19.31 30.58 73.86
C PRO E 43 20.65 30.13 74.44
N GLY E 44 21.61 31.05 74.42
CA GLY E 44 22.95 30.80 74.93
C GLY E 44 23.83 29.94 74.05
N SER E 45 23.40 29.63 72.83
CA SER E 45 24.16 28.74 71.95
C SER E 45 24.19 29.31 70.55
N GLY E 46 25.06 28.73 69.72
CA GLY E 46 25.21 29.14 68.33
C GLY E 46 24.17 28.52 67.41
N LEU E 47 24.36 28.81 66.11
CA LEU E 47 23.52 28.26 65.06
C LEU E 47 23.89 26.82 64.76
N GLU E 48 22.88 26.03 64.41
CA GLU E 48 23.13 24.69 63.88
C GLU E 48 22.07 24.36 62.84
N TRP E 49 22.52 23.66 61.80
CA TRP E 49 21.64 23.23 60.72
C TRP E 49 20.65 22.18 61.22
N ILE E 50 19.40 22.30 60.80
CA ILE E 50 18.38 21.34 61.23
C ILE E 50 18.16 20.33 60.12
N GLY E 51 17.76 20.81 58.94
CA GLY E 51 17.52 19.90 57.84
C GLY E 51 17.44 20.63 56.53
N SER E 52 17.42 19.85 55.47
CA SER E 52 17.33 20.38 54.11
C SER E 52 16.27 19.62 53.34
N MET E 53 15.69 20.31 52.33
CA MET E 53 14.63 19.74 51.51
C MET E 53 15.07 19.90 50.06
N TYR E 54 14.20 19.60 49.10
CA TYR E 54 14.56 19.78 47.70
C TYR E 54 13.28 20.15 46.98
N HIS E 55 13.41 20.65 45.76
CA HIS E 55 12.22 21.11 45.01
C HIS E 55 11.28 19.94 44.75
N SER E 56 11.84 18.76 44.51
CA SER E 56 11.04 17.53 44.54
C SER E 56 10.39 17.36 45.92
N GLY E 57 11.21 17.35 46.95
CA GLY E 57 10.73 17.11 48.29
C GLY E 57 11.67 16.24 49.08
N ASN E 58 12.73 15.78 48.43
CA ASN E 58 13.72 14.92 49.08
C ASN E 58 14.30 15.68 50.27
N THR E 59 14.36 15.02 51.42
CA THR E 59 14.75 15.68 52.66
C THR E 59 16.00 15.04 53.24
N TYR E 60 16.83 15.87 53.85
CA TYR E 60 18.06 15.47 54.52
C TYR E 60 18.06 16.05 55.92
N TYR E 61 18.30 15.20 56.92
CA TYR E 61 18.13 15.59 58.32
C TYR E 61 19.47 15.57 59.04
N LYS E 62 19.58 16.39 60.09
CA LYS E 62 20.84 16.51 60.83
C LYS E 62 21.24 15.22 61.55
N SER E 63 20.28 14.53 62.15
CA SER E 63 20.50 13.36 63.01
C SER E 63 21.02 13.86 64.35
N SER E 64 20.57 13.22 65.43
CA SER E 64 20.28 13.76 66.75
C SER E 64 18.99 14.56 66.69
N LEU E 65 18.43 14.71 65.49
CA LEU E 65 17.06 15.13 65.23
C LEU E 65 16.35 14.04 64.46
N LYS E 66 16.99 12.86 64.33
CA LYS E 66 16.45 11.74 63.58
C LYS E 66 15.08 11.31 64.10
N GLY E 67 14.16 11.06 63.17
CA GLY E 67 12.84 10.57 63.52
C GLY E 67 11.97 11.67 64.08
N ARG E 68 12.65 12.73 64.51
CA ARG E 68 12.01 13.86 65.20
C ARG E 68 11.45 14.87 64.21
N VAL E 69 12.22 15.22 63.20
CA VAL E 69 11.91 16.32 62.30
C VAL E 69 11.18 15.79 61.07
N THR E 70 10.34 16.64 60.50
CA THR E 70 9.76 16.40 59.19
C THR E 70 9.65 17.75 58.49
N ILE E 71 10.30 17.87 57.33
CA ILE E 71 10.17 19.05 56.48
C ILE E 71 9.34 18.66 55.27
N SER E 72 8.40 19.53 54.90
CA SER E 72 7.46 19.24 53.84
C SER E 72 7.34 20.45 52.93
N LEU E 73 7.03 20.21 51.67
CA LEU E 73 6.78 21.28 50.72
C LEU E 73 5.30 21.30 50.35
N ASP E 74 4.74 22.50 50.33
CA ASP E 74 3.35 22.69 49.95
C ASP E 74 3.23 22.73 48.42
N THR E 75 2.40 21.85 47.87
CA THR E 75 1.94 21.98 46.49
C THR E 75 1.26 23.33 46.33
N SER E 76 1.23 23.84 45.08
CA SER E 76 0.97 25.27 44.89
C SER E 76 2.03 26.07 45.64
N ARG E 77 3.27 25.89 45.17
CA ARG E 77 4.51 25.87 45.95
C ARG E 77 4.95 27.28 46.36
N THR E 78 4.08 27.94 47.12
CA THR E 78 4.41 29.21 47.75
C THR E 78 5.15 29.09 49.08
N GLN E 79 5.10 27.94 49.75
CA GLN E 79 5.63 27.85 51.10
C GLN E 79 6.08 26.43 51.41
N PHE E 80 6.96 26.30 52.40
CA PHE E 80 7.41 25.00 52.89
C PHE E 80 7.40 25.03 54.42
N SER E 81 7.29 23.84 55.01
CA SER E 81 6.92 23.71 56.41
C SER E 81 7.94 22.90 57.21
N LEU E 82 8.08 23.28 58.47
CA LEU E 82 8.88 22.57 59.46
C LEU E 82 7.96 21.89 60.47
N ARG E 83 8.23 20.62 60.77
CA ARG E 83 7.46 19.84 61.72
C ARG E 83 8.44 19.14 62.65
N LEU E 84 8.37 19.47 63.94
CA LEU E 84 9.33 19.02 64.94
C LEU E 84 8.56 18.33 66.05
N THR E 85 8.83 17.06 66.28
CA THR E 85 8.05 16.27 67.22
C THR E 85 8.81 15.04 67.69
N SER E 86 8.77 14.79 69.00
CA SER E 86 8.08 15.65 69.96
C SER E 86 9.10 16.63 70.50
N VAL E 87 8.64 17.70 71.15
CA VAL E 87 9.54 18.80 71.48
C VAL E 87 9.65 18.89 73.00
N THR E 88 10.85 18.63 73.50
CA THR E 88 11.17 18.89 74.89
C THR E 88 11.51 20.36 75.05
N ALA E 89 11.71 20.80 76.29
CA ALA E 89 12.46 22.03 76.46
C ALA E 89 13.82 21.87 75.79
N ALA E 90 14.46 23.00 75.51
CA ALA E 90 15.73 23.13 74.78
C ALA E 90 15.50 22.97 73.28
N ASP E 91 14.26 22.72 72.85
CA ASP E 91 13.90 22.95 71.45
C ASP E 91 13.45 24.38 71.25
N THR E 92 13.16 25.06 72.35
CA THR E 92 12.92 26.49 72.35
C THR E 92 14.12 27.21 71.78
N ALA E 93 13.89 28.05 70.77
CA ALA E 93 14.99 28.64 70.03
C ALA E 93 14.45 29.75 69.14
N VAL E 94 15.35 30.37 68.40
CA VAL E 94 15.02 31.26 67.29
C VAL E 94 15.23 30.46 66.01
N TYR E 95 14.18 30.36 65.19
CA TYR E 95 14.22 29.52 64.00
C TYR E 95 14.32 30.37 62.74
N TYR E 96 15.24 29.99 61.87
CA TYR E 96 15.44 30.61 60.56
C TYR E 96 15.20 29.59 59.45
N CYS E 97 14.53 30.03 58.40
CA CYS E 97 14.60 29.31 57.13
C CYS E 97 15.50 30.10 56.19
N ALA E 98 16.04 29.41 55.19
CA ALA E 98 17.01 30.05 54.32
C ALA E 98 17.02 29.35 52.98
N ARG E 99 17.37 30.07 51.93
CA ARG E 99 17.67 29.45 50.65
C ARG E 99 19.09 28.91 50.72
N LEU E 100 19.24 27.60 50.84
CA LEU E 100 20.60 27.08 50.97
C LEU E 100 21.12 26.73 49.58
N GLY E 101 21.07 27.68 48.65
CA GLY E 101 21.31 27.33 47.27
C GLY E 101 21.37 28.54 46.37
N ASP E 102 22.07 28.34 45.27
CA ASP E 102 22.18 29.20 44.09
C ASP E 102 23.03 28.39 43.12
N VAL E 103 23.03 28.81 41.86
CA VAL E 103 23.81 28.09 40.87
C VAL E 103 25.29 28.08 41.25
N PHE E 104 25.79 29.21 41.76
CA PHE E 104 27.23 29.41 41.88
C PHE E 104 27.77 29.24 43.30
N ASN E 105 26.92 29.30 44.33
CA ASN E 105 27.29 28.86 45.66
C ASN E 105 26.28 27.83 46.14
N SER E 106 26.78 26.78 46.81
CA SER E 106 25.92 25.71 47.30
C SER E 106 25.40 25.98 48.71
N ALA E 107 25.58 27.20 49.20
CA ALA E 107 25.10 27.63 50.51
C ALA E 107 25.35 29.13 50.61
N MET E 108 24.56 29.82 51.43
CA MET E 108 23.32 29.61 52.19
C MET E 108 22.88 31.07 52.21
N ASP E 109 21.91 31.41 51.36
CA ASP E 109 21.93 32.71 50.73
C ASP E 109 20.81 33.66 51.15
N VAL E 110 19.54 33.25 51.07
CA VAL E 110 18.44 34.12 51.42
C VAL E 110 17.88 33.68 52.76
N TRP E 111 17.92 34.58 53.74
CA TRP E 111 17.55 34.26 55.11
C TRP E 111 16.20 34.90 55.47
N GLY E 112 15.49 34.24 56.39
CA GLY E 112 14.31 34.83 57.00
C GLY E 112 14.64 35.83 58.08
N GLN E 113 13.59 36.38 58.69
CA GLN E 113 13.76 37.37 59.76
C GLN E 113 14.06 36.74 61.11
N GLY E 114 13.80 35.45 61.28
CA GLY E 114 13.94 34.81 62.58
C GLY E 114 12.62 34.81 63.32
N THR E 115 12.21 33.65 63.81
CA THR E 115 10.99 33.52 64.60
C THR E 115 11.32 32.81 65.90
N THR E 116 10.65 33.22 66.98
CA THR E 116 10.89 32.65 68.30
C THR E 116 9.81 31.64 68.61
N VAL E 117 10.22 30.48 69.12
CA VAL E 117 9.32 29.43 69.57
C VAL E 117 9.78 29.00 70.95
N ILE E 118 8.90 29.13 71.94
CA ILE E 118 9.22 28.80 73.32
C ILE E 118 8.53 27.49 73.68
N VAL E 119 9.30 26.52 74.15
CA VAL E 119 8.77 25.25 74.63
C VAL E 119 8.80 25.30 76.15
N SER E 120 7.62 25.45 76.75
CA SER E 120 7.52 25.50 78.20
C SER E 120 6.15 24.98 78.62
N SER E 121 6.06 24.59 79.89
CA SER E 121 4.82 24.04 80.46
C SER E 121 3.87 25.18 80.85
N ALA E 122 3.55 26.00 79.84
CA ALA E 122 2.50 27.02 79.92
C ALA E 122 2.59 27.88 81.17
N SER E 123 1.45 28.13 81.81
CA SER E 123 1.35 29.00 82.98
C SER E 123 1.85 30.41 82.67
N THR E 124 1.17 31.05 81.71
CA THR E 124 1.47 32.43 81.38
C THR E 124 1.14 33.34 82.57
N LYS E 125 2.02 34.32 82.81
CA LYS E 125 1.98 35.06 84.07
C LYS E 125 2.45 36.51 83.88
N GLY E 126 1.83 37.41 84.64
CA GLY E 126 2.26 38.78 84.73
C GLY E 126 3.38 38.89 85.75
N PRO E 127 4.25 39.90 85.59
CA PRO E 127 5.45 39.97 86.44
C PRO E 127 5.19 40.55 87.81
N SER E 128 6.06 40.16 88.74
CA SER E 128 6.17 40.79 90.06
C SER E 128 7.34 41.75 90.04
N VAL E 129 7.11 42.98 90.52
CA VAL E 129 8.09 44.04 90.43
C VAL E 129 8.45 44.49 91.83
N PHE E 130 9.76 44.54 92.11
CA PHE E 130 10.30 44.79 93.43
C PHE E 130 11.35 45.88 93.36
N PRO E 131 11.45 46.73 94.38
CA PRO E 131 12.40 47.83 94.33
C PRO E 131 13.81 47.42 94.75
N LEU E 132 14.77 48.23 94.32
CA LEU E 132 16.18 48.07 94.68
C LEU E 132 16.62 49.42 95.25
N ALA E 133 16.49 49.57 96.57
CA ALA E 133 16.70 50.88 97.18
C ALA E 133 18.19 51.21 97.23
N PRO E 134 18.54 52.48 97.09
CA PRO E 134 19.96 52.87 97.11
C PRO E 134 20.50 53.12 98.51
N SER E 135 21.79 52.86 98.66
CA SER E 135 22.47 53.03 99.93
C SER E 135 22.65 54.52 100.23
N GLY E 142 30.86 60.47 92.65
CA GLY E 142 29.95 60.40 93.78
C GLY E 142 28.53 60.04 93.38
N THR E 143 28.39 58.88 92.74
CA THR E 143 27.10 58.43 92.24
C THR E 143 26.53 57.35 93.15
N ALA E 144 25.27 57.01 92.89
CA ALA E 144 24.57 55.97 93.63
C ALA E 144 23.74 55.16 92.64
N ALA E 145 23.34 53.97 93.07
CA ALA E 145 22.63 53.06 92.18
C ALA E 145 21.36 52.57 92.83
N LEU E 146 20.28 52.60 92.05
CA LEU E 146 18.98 52.09 92.42
C LEU E 146 18.44 51.34 91.22
N GLY E 147 17.38 50.57 91.43
CA GLY E 147 16.82 49.87 90.30
C GLY E 147 15.57 49.10 90.67
N CYS E 148 15.15 48.27 89.73
CA CYS E 148 14.00 47.40 89.88
C CYS E 148 14.41 45.96 89.63
N LEU E 149 13.75 45.05 90.34
CA LEU E 149 13.88 43.62 90.08
C LEU E 149 12.50 43.15 89.67
N VAL E 150 12.37 42.74 88.41
CA VAL E 150 11.11 42.27 87.86
C VAL E 150 11.22 40.76 87.75
N LYS E 151 10.42 40.05 88.53
CA LYS E 151 10.64 38.64 88.78
C LYS E 151 9.42 37.80 88.44
N ASP E 152 9.68 36.55 88.05
CA ASP E 152 8.67 35.50 87.96
C ASP E 152 7.52 35.86 87.01
N TYR E 153 7.87 36.06 85.74
CA TYR E 153 6.88 36.30 84.70
C TYR E 153 7.14 35.39 83.52
N PHE E 154 6.10 35.19 82.72
CA PHE E 154 6.17 34.33 81.54
C PHE E 154 4.93 34.60 80.68
N PRO E 155 5.08 34.68 79.35
CA PRO E 155 6.35 34.60 78.62
C PRO E 155 7.00 35.95 78.39
N GLU E 156 8.12 35.91 77.71
CA GLU E 156 8.94 37.03 77.25
C GLU E 156 8.28 37.67 76.03
N PRO E 157 8.45 38.99 75.82
CA PRO E 157 9.25 39.96 76.58
C PRO E 157 8.48 40.90 77.51
N VAL E 158 9.24 41.60 78.35
CA VAL E 158 8.80 42.75 79.11
C VAL E 158 9.63 43.95 78.67
N THR E 159 9.05 45.14 78.80
CA THR E 159 9.75 46.39 78.53
C THR E 159 9.78 47.19 79.81
N VAL E 160 10.94 47.75 80.15
CA VAL E 160 11.12 48.52 81.36
C VAL E 160 11.53 49.93 80.96
N SER E 161 10.90 50.93 81.59
CA SER E 161 11.25 52.32 81.38
C SER E 161 11.22 53.05 82.71
N TRP E 162 12.06 54.08 82.83
CA TRP E 162 12.19 54.84 84.06
C TRP E 162 11.57 56.22 83.88
N ASN E 163 10.77 56.64 84.87
CA ASN E 163 10.07 57.92 84.85
C ASN E 163 9.32 58.14 83.53
N SER E 164 8.65 57.08 83.06
CA SER E 164 7.88 57.13 81.81
C SER E 164 8.76 57.52 80.63
N GLY E 165 10.01 57.06 80.65
CA GLY E 165 10.95 57.38 79.59
C GLY E 165 11.68 58.69 79.73
N ALA E 166 11.57 59.36 80.87
CA ALA E 166 12.29 60.62 81.07
C ALA E 166 13.72 60.42 81.54
N LEU E 167 14.07 59.24 82.06
CA LEU E 167 15.43 58.95 82.50
C LEU E 167 16.00 57.80 81.68
N THR E 168 16.98 58.09 80.82
CA THR E 168 17.61 57.08 79.99
C THR E 168 19.12 56.96 80.19
N SER E 169 19.79 58.02 80.64
CA SER E 169 21.23 57.96 80.88
C SER E 169 21.52 57.22 82.18
N GLY E 170 22.38 56.22 82.11
CA GLY E 170 22.74 55.45 83.28
C GLY E 170 21.92 54.19 83.47
N VAL E 171 20.94 53.94 82.61
CA VAL E 171 20.04 52.80 82.78
C VAL E 171 20.65 51.60 82.07
N HIS E 172 20.59 50.44 82.72
CA HIS E 172 20.91 49.16 82.12
C HIS E 172 19.80 48.19 82.49
N THR E 173 19.08 47.70 81.49
CA THR E 173 18.09 46.66 81.69
C THR E 173 18.69 45.34 81.22
N PHE E 174 18.82 44.39 82.13
CA PHE E 174 19.55 43.17 81.85
C PHE E 174 18.67 42.19 81.07
N PRO E 175 19.30 41.30 80.29
CA PRO E 175 18.52 40.23 79.65
C PRO E 175 17.87 39.35 80.71
N ALA E 176 16.66 38.89 80.41
CA ALA E 176 15.95 38.07 81.37
C ALA E 176 16.59 36.69 81.46
N VAL E 177 16.46 36.06 82.63
CA VAL E 177 16.95 34.72 82.85
C VAL E 177 15.79 33.81 83.21
N LEU E 178 15.89 32.56 82.81
CA LEU E 178 14.88 31.55 83.08
C LEU E 178 15.25 30.81 84.37
N GLN E 179 14.40 30.93 85.39
CA GLN E 179 14.67 30.26 86.65
C GLN E 179 14.19 28.82 86.60
N SER E 180 14.66 28.02 87.56
CA SER E 180 14.34 26.60 87.58
C SER E 180 12.84 26.36 87.63
N SER E 181 12.07 27.34 88.11
CA SER E 181 10.62 27.27 88.12
C SER E 181 10.02 27.34 86.72
N GLY E 182 10.83 27.64 85.70
CA GLY E 182 10.32 27.84 84.36
C GLY E 182 9.81 29.23 84.05
N LEU E 183 9.98 30.19 84.96
CA LEU E 183 9.56 31.56 84.74
C LEU E 183 10.78 32.44 84.47
N TYR E 184 10.53 33.58 83.84
CA TYR E 184 11.60 34.51 83.51
C TYR E 184 11.66 35.65 84.52
N SER E 185 12.86 36.18 84.70
CA SER E 185 13.06 37.36 85.53
C SER E 185 14.22 38.15 84.95
N LEU E 186 14.16 39.47 85.15
CA LEU E 186 15.23 40.37 84.80
C LEU E 186 15.29 41.44 85.87
N SER E 187 16.25 42.35 85.73
CA SER E 187 16.32 43.47 86.65
C SER E 187 16.84 44.66 85.87
N SER E 188 16.29 45.83 86.16
CA SER E 188 16.68 47.07 85.52
C SER E 188 17.27 47.99 86.57
N VAL E 189 18.49 48.43 86.34
CA VAL E 189 19.20 49.27 87.29
C VAL E 189 19.52 50.60 86.62
N VAL E 190 19.72 51.62 87.45
CA VAL E 190 20.07 52.95 86.97
C VAL E 190 21.19 53.47 87.86
N THR E 191 22.07 54.29 87.26
CA THR E 191 23.02 55.06 88.02
C THR E 191 22.49 56.47 88.12
N VAL E 192 22.53 57.04 89.33
CA VAL E 192 22.00 58.36 89.57
C VAL E 192 23.07 59.18 90.29
N PRO E 193 23.15 60.49 90.11
CA PRO E 193 24.00 61.29 91.01
C PRO E 193 23.47 61.15 92.43
N SER E 194 24.37 60.81 93.36
CA SER E 194 23.93 60.54 94.72
C SER E 194 23.32 61.76 95.40
N SER E 195 23.59 62.97 94.89
CA SER E 195 23.06 64.17 95.50
C SER E 195 21.55 64.34 95.28
N SER E 196 20.98 63.66 94.29
CA SER E 196 19.58 63.87 93.92
C SER E 196 18.61 62.92 94.60
N LEU E 197 19.08 62.06 95.51
CA LEU E 197 18.18 61.22 96.28
C LEU E 197 17.38 62.05 97.27
N GLY E 198 16.06 61.89 97.25
CA GLY E 198 15.14 62.70 98.02
C GLY E 198 14.70 63.98 97.34
N THR E 199 15.42 64.41 96.31
CA THR E 199 15.04 65.53 95.46
C THR E 199 14.28 65.05 94.23
N GLN E 200 14.78 64.01 93.58
CA GLN E 200 14.22 63.48 92.35
C GLN E 200 13.50 62.16 92.61
N THR E 201 12.28 62.05 92.09
CA THR E 201 11.50 60.82 92.21
C THR E 201 11.95 59.79 91.18
N TYR E 202 12.03 58.53 91.60
CA TYR E 202 12.41 57.44 90.70
C TYR E 202 11.35 56.36 90.72
N ILE E 203 10.72 56.14 89.56
CA ILE E 203 9.72 55.10 89.36
C ILE E 203 10.09 54.34 88.08
N CYS E 204 10.05 53.02 88.15
CA CYS E 204 10.35 52.17 87.00
C CYS E 204 9.05 51.59 86.44
N ASN E 205 8.89 51.68 85.12
CA ASN E 205 7.68 51.25 84.44
C ASN E 205 7.85 49.85 83.82
N VAL E 206 7.09 48.90 84.32
CA VAL E 206 7.12 47.51 83.86
C VAL E 206 5.86 47.23 83.06
N ASN E 207 6.03 46.71 81.85
CA ASN E 207 4.93 46.46 80.93
C ASN E 207 5.11 45.08 80.30
N HIS E 208 4.11 44.21 80.48
CA HIS E 208 4.08 42.88 79.90
C HIS E 208 3.00 42.82 78.83
N LYS E 209 3.36 42.38 77.62
CA LYS E 209 2.34 42.32 76.59
C LYS E 209 1.41 41.11 76.80
N PRO E 210 1.94 39.89 77.01
CA PRO E 210 1.03 38.73 77.16
C PRO E 210 -0.09 38.91 78.19
N SER E 211 0.24 39.28 79.42
CA SER E 211 -0.75 39.72 80.40
C SER E 211 -0.78 41.24 80.39
N ASN E 212 -1.99 41.81 80.37
CA ASN E 212 -2.10 43.27 80.21
C ASN E 212 -1.86 43.95 81.56
N THR E 213 -0.70 43.64 82.13
CA THR E 213 -0.24 44.22 83.37
C THR E 213 0.66 45.43 83.11
N LYS E 214 0.29 46.58 83.67
CA LYS E 214 1.15 47.75 83.74
C LYS E 214 1.29 48.14 85.20
N VAL E 215 2.46 47.90 85.77
CA VAL E 215 2.74 48.19 87.17
C VAL E 215 3.78 49.29 87.26
N ASP E 216 3.55 50.26 88.14
CA ASP E 216 4.44 51.40 88.34
C ASP E 216 4.94 51.39 89.78
N LYS E 217 6.20 51.00 89.96
CA LYS E 217 6.79 50.83 91.28
C LYS E 217 7.86 51.87 91.50
N ARG E 218 7.81 52.54 92.65
CA ARG E 218 8.73 53.59 93.04
C ARG E 218 9.79 53.04 93.99
N VAL E 219 11.01 53.57 93.87
CA VAL E 219 12.12 53.19 94.74
C VAL E 219 12.47 54.38 95.61
N GLU E 220 12.62 54.14 96.91
CA GLU E 220 12.85 55.20 97.89
C GLU E 220 13.90 54.75 98.90
N PRO E 221 14.93 55.57 99.14
CA PRO E 221 15.95 55.25 100.14
C PRO E 221 15.39 55.26 101.56
N GLU F 1 29.90 14.76 62.88
CA GLU F 1 31.07 13.89 62.79
C GLU F 1 32.11 14.62 61.94
N ILE F 2 31.78 15.87 61.62
CA ILE F 2 32.71 16.85 61.09
C ILE F 2 32.68 18.03 62.04
N VAL F 3 33.85 18.47 62.51
CA VAL F 3 33.94 19.44 63.58
C VAL F 3 34.53 20.72 63.04
N MET F 4 33.84 21.83 63.27
CA MET F 4 34.35 23.15 62.93
C MET F 4 34.62 23.87 64.24
N THR F 5 35.85 24.37 64.38
CA THR F 5 36.31 24.96 65.63
C THR F 5 36.96 26.31 65.34
N GLN F 6 36.31 27.39 65.78
CA GLN F 6 36.93 28.70 65.69
C GLN F 6 37.90 28.84 66.86
N SER F 7 39.13 29.30 66.55
CA SER F 7 40.22 29.12 67.52
C SER F 7 40.06 30.00 68.75
N PRO F 8 39.96 31.34 68.65
CA PRO F 8 39.43 32.04 69.82
C PRO F 8 37.91 32.15 69.74
N VAL F 9 37.27 31.90 70.88
CA VAL F 9 35.82 32.08 70.97
C VAL F 9 35.46 33.56 71.03
N THR F 10 36.33 34.38 71.62
CA THR F 10 36.11 35.82 71.69
C THR F 10 37.34 36.53 71.16
N LEU F 11 37.11 37.68 70.55
CA LEU F 11 38.16 38.45 69.90
C LEU F 11 37.90 39.91 70.20
N SER F 12 38.93 40.63 70.65
CA SER F 12 38.79 42.02 71.06
C SER F 12 39.76 42.82 70.21
N VAL F 13 39.22 43.70 69.37
CA VAL F 13 40.02 44.47 68.42
C VAL F 13 39.68 45.94 68.57
N SER F 14 40.69 46.79 68.49
CA SER F 14 40.44 48.21 68.49
C SER F 14 39.75 48.61 67.19
N PRO F 15 38.81 49.54 67.23
CA PRO F 15 38.21 50.01 65.97
C PRO F 15 39.29 50.54 65.04
N GLY F 16 39.17 50.25 63.75
CA GLY F 16 40.17 50.68 62.80
C GLY F 16 41.28 49.68 62.56
N GLU F 17 41.41 48.65 63.39
CA GLU F 17 42.47 47.66 63.29
C GLU F 17 41.98 46.44 62.52
N ARG F 18 42.87 45.46 62.39
CA ARG F 18 42.61 44.23 61.66
C ARG F 18 42.09 43.14 62.60
N ALA F 19 41.18 42.32 62.10
CA ALA F 19 40.69 41.14 62.80
C ALA F 19 40.99 39.91 61.96
N THR F 20 41.34 38.80 62.62
CA THR F 20 41.64 37.55 61.94
C THR F 20 40.90 36.42 62.65
N LEU F 21 39.85 35.91 62.01
CA LEU F 21 39.14 34.72 62.46
C LEU F 21 39.81 33.49 61.88
N SER F 22 39.80 32.40 62.65
CA SER F 22 40.32 31.12 62.17
C SER F 22 39.26 30.05 62.41
N CYS F 23 39.26 29.06 61.52
CA CYS F 23 38.35 27.92 61.61
C CYS F 23 39.14 26.67 61.27
N ARG F 24 38.91 25.60 62.02
CA ARG F 24 39.64 24.35 61.87
C ARG F 24 38.65 23.22 61.64
N ALA F 25 38.95 22.36 60.67
CA ALA F 25 38.09 21.24 60.34
C ALA F 25 38.71 19.95 60.82
N SER F 26 37.87 19.04 61.35
CA SER F 26 38.37 17.76 61.84
C SER F 26 38.93 16.89 60.73
N GLN F 27 38.56 17.16 59.49
CA GLN F 27 39.08 16.47 58.31
C GLN F 27 38.79 17.36 57.11
N SER F 28 39.46 17.06 55.99
CA SER F 28 39.41 17.97 54.85
C SER F 28 37.99 18.20 54.36
N VAL F 29 37.52 19.44 54.50
CA VAL F 29 36.29 19.89 53.86
C VAL F 29 36.55 20.50 52.49
N GLY F 30 37.80 20.51 52.04
CA GLY F 30 38.21 21.05 50.76
C GLY F 30 37.90 22.53 50.66
N ASN F 31 37.67 22.98 49.43
CA ASN F 31 37.37 24.40 49.23
C ASN F 31 35.87 24.67 49.36
N ASN F 32 35.27 24.25 50.47
CA ASN F 32 33.84 24.44 50.73
C ASN F 32 33.69 24.99 52.15
N LEU F 33 33.71 26.31 52.29
CA LEU F 33 33.52 26.92 53.60
C LEU F 33 32.75 28.21 53.42
N ALA F 34 31.91 28.54 54.39
CA ALA F 34 31.18 29.80 54.37
C ALA F 34 31.40 30.53 55.68
N TRP F 35 31.35 31.86 55.60
CA TRP F 35 31.48 32.75 56.74
C TRP F 35 30.20 33.57 56.86
N TYR F 36 29.63 33.61 58.06
CA TYR F 36 28.39 34.36 58.28
C TYR F 36 28.62 35.42 59.34
N GLN F 37 28.00 36.57 59.14
CA GLN F 37 27.92 37.62 60.15
C GLN F 37 26.56 37.56 60.83
N HIS F 38 26.53 37.81 62.13
CA HIS F 38 25.28 37.74 62.89
C HIS F 38 25.26 38.84 63.94
N LYS F 39 24.51 39.92 63.67
CA LYS F 39 24.29 40.93 64.69
C LYS F 39 23.11 40.57 65.57
N PRO F 40 23.16 40.89 66.86
CA PRO F 40 22.01 40.65 67.73
C PRO F 40 20.79 41.38 67.18
N GLY F 41 19.71 40.62 66.97
CA GLY F 41 18.46 41.17 66.50
C GLY F 41 18.19 40.93 65.03
N GLN F 42 19.15 40.43 64.27
CA GLN F 42 18.99 40.21 62.84
C GLN F 42 19.31 38.76 62.48
N ALA F 43 18.97 38.41 61.24
CA ALA F 43 19.38 37.15 60.67
C ALA F 43 20.85 37.17 60.29
N PRO F 44 21.48 36.00 60.18
CA PRO F 44 22.87 35.97 59.69
C PRO F 44 22.95 36.47 58.26
N ARG F 45 24.08 37.11 57.95
CA ARG F 45 24.38 37.53 56.59
C ARG F 45 25.47 36.61 56.05
N LEU F 46 25.37 36.27 54.76
CA LEU F 46 26.42 35.48 54.12
C LEU F 46 27.55 36.39 53.65
N LEU F 47 28.77 36.08 54.05
CA LEU F 47 29.95 36.87 53.75
C LEU F 47 30.83 36.24 52.66
N ILE F 48 31.20 34.98 52.84
CA ILE F 48 32.13 34.30 51.96
C ILE F 48 31.57 32.93 51.59
N TYR F 49 31.76 32.54 50.34
CA TYR F 49 31.42 31.20 49.89
C TYR F 49 32.56 30.68 49.03
N ASP F 50 32.66 29.35 48.95
CA ASP F 50 33.81 28.65 48.38
C ASP F 50 35.12 29.05 49.04
N ALA F 51 35.05 29.69 50.21
CA ALA F 51 36.15 30.01 51.10
C ALA F 51 37.05 31.10 50.55
N SER F 52 36.82 31.59 49.33
CA SER F 52 37.61 32.68 48.78
C SER F 52 36.81 33.88 48.33
N THR F 53 35.62 33.67 47.76
CA THR F 53 34.91 34.73 47.05
C THR F 53 33.82 35.32 47.96
N ARG F 54 33.80 36.66 48.03
CA ARG F 54 32.86 37.35 48.89
C ARG F 54 31.47 37.42 48.28
N ALA F 55 30.46 37.23 49.12
CA ALA F 55 29.07 37.40 48.72
C ALA F 55 28.77 38.83 48.32
N THR F 56 28.01 38.98 47.23
CA THR F 56 27.70 40.30 46.69
C THR F 56 26.93 41.14 47.71
N GLY F 57 27.33 42.40 47.84
CA GLY F 57 26.76 43.30 48.82
C GLY F 57 27.65 43.62 50.00
N ILE F 58 28.72 42.85 50.20
CA ILE F 58 29.58 43.01 51.38
C ILE F 58 30.90 43.68 51.02
N PRO F 59 31.44 44.51 51.91
CA PRO F 59 32.61 45.31 51.55
C PRO F 59 33.87 44.47 51.36
N GLY F 60 34.81 45.05 50.62
CA GLY F 60 36.06 44.40 50.33
C GLY F 60 36.96 44.20 51.54
N ARG F 61 36.62 44.83 52.67
CA ARG F 61 37.39 44.65 53.89
C ARG F 61 37.31 43.22 54.40
N PHE F 62 36.33 42.45 53.94
CA PHE F 62 36.23 41.04 54.31
C PHE F 62 37.03 40.21 53.32
N SER F 63 37.66 39.15 53.83
CA SER F 63 38.56 38.34 53.02
C SER F 63 38.55 36.92 53.55
N GLY F 64 39.01 35.99 52.71
CA GLY F 64 39.00 34.60 53.12
C GLY F 64 40.00 33.72 52.42
N SER F 65 40.73 32.93 53.20
CA SER F 65 41.59 31.87 52.70
C SER F 65 41.01 30.53 53.15
N GLY F 66 41.71 29.44 52.82
CA GLY F 66 41.04 28.16 52.81
C GLY F 66 41.83 27.04 52.19
N SER F 67 41.17 26.28 51.29
CA SER F 67 41.80 25.16 50.60
C SER F 67 42.34 24.10 51.57
N GLY F 68 41.42 23.52 52.33
CA GLY F 68 41.77 22.40 53.19
C GLY F 68 41.21 22.50 54.60
N THR F 69 42.08 22.51 55.60
CA THR F 69 41.64 22.66 56.98
C THR F 69 42.02 23.99 57.61
N GLU F 70 43.01 24.69 57.05
CA GLU F 70 43.21 26.08 57.41
C GLU F 70 42.07 26.91 56.81
N PHE F 71 41.50 27.79 57.63
CA PHE F 71 40.55 28.76 57.14
C PHE F 71 40.67 30.03 57.96
N THR F 72 40.65 31.18 57.29
CA THR F 72 40.75 32.45 57.97
C THR F 72 39.79 33.45 57.33
N LEU F 73 39.00 34.11 58.17
CA LEU F 73 38.24 35.29 57.76
C LEU F 73 38.97 36.49 58.34
N THR F 74 39.44 37.38 57.48
CA THR F 74 40.23 38.54 57.89
C THR F 74 39.48 39.80 57.49
N ILE F 75 39.22 40.66 58.48
CA ILE F 75 38.59 41.96 58.25
C ILE F 75 39.68 43.01 58.39
N SER F 76 40.10 43.60 57.27
CA SER F 76 41.05 44.69 57.33
C SER F 76 40.31 45.98 57.71
N SER F 77 40.84 46.66 58.73
CA SER F 77 40.32 47.94 59.20
C SER F 77 38.82 47.85 59.49
N LEU F 78 38.47 46.98 60.43
CA LEU F 78 37.07 46.80 60.76
C LEU F 78 36.52 48.01 61.50
N GLN F 79 35.25 48.31 61.23
CA GLN F 79 34.59 49.50 61.76
C GLN F 79 33.53 49.08 62.77
N SER F 80 32.80 50.07 63.27
CA SER F 80 31.80 49.81 64.31
C SER F 80 30.76 48.80 63.86
N GLU F 81 30.35 48.85 62.58
CA GLU F 81 29.33 47.94 62.06
C GLU F 81 29.75 46.49 62.15
N ASP F 82 31.05 46.21 62.13
CA ASP F 82 31.56 44.84 61.96
C ASP F 82 31.59 44.03 63.26
N PHE F 83 31.23 44.60 64.40
CA PHE F 83 31.31 43.90 65.68
C PHE F 83 30.04 43.08 65.89
N ALA F 84 30.19 41.75 65.81
CA ALA F 84 29.09 40.81 65.94
C ALA F 84 29.68 39.42 66.11
N VAL F 85 28.81 38.41 66.16
CA VAL F 85 29.26 37.03 66.19
C VAL F 85 29.51 36.57 64.76
N TYR F 86 30.57 35.79 64.54
CA TYR F 86 30.94 35.29 63.22
C TYR F 86 31.06 33.77 63.27
N TYR F 87 30.33 33.10 62.38
CA TYR F 87 30.38 31.65 62.27
C TYR F 87 31.10 31.24 60.99
N CYS F 88 31.83 30.13 61.07
CA CYS F 88 32.28 29.42 59.88
C CYS F 88 31.36 28.21 59.68
N GLN F 89 31.38 27.66 58.47
CA GLN F 89 30.40 26.62 58.15
C GLN F 89 30.98 25.65 57.15
N GLU F 90 30.94 24.36 57.48
CA GLU F 90 31.28 23.32 56.52
C GLU F 90 30.02 22.96 55.74
N TYR F 91 30.15 22.94 54.41
CA TYR F 91 29.04 22.50 53.56
C TYR F 91 29.50 21.60 52.42
N ASN F 92 30.61 20.86 52.61
CA ASN F 92 31.08 20.00 51.52
C ASN F 92 30.19 18.78 51.31
N ASN F 93 29.22 18.55 52.20
CA ASN F 93 28.12 17.66 51.92
C ASN F 93 26.97 18.54 51.48
N TRP F 94 26.40 18.23 50.31
CA TRP F 94 25.70 19.26 49.56
C TRP F 94 24.51 19.89 50.28
N PRO F 95 23.52 19.15 50.79
CA PRO F 95 22.50 19.81 51.62
C PRO F 95 22.77 19.80 53.11
N ARG F 96 23.88 19.23 53.57
CA ARG F 96 24.12 18.99 54.99
C ARG F 96 25.21 19.91 55.51
N TYR F 97 24.92 20.64 56.58
CA TYR F 97 25.85 21.60 57.11
C TYR F 97 26.23 21.32 58.56
N THR F 98 27.36 21.89 58.95
CA THR F 98 27.73 22.05 60.35
C THR F 98 28.34 23.44 60.48
N PHE F 99 27.78 24.27 61.35
CA PHE F 99 28.37 25.55 61.67
C PHE F 99 29.52 25.33 62.65
N GLY F 100 30.18 26.42 63.03
CA GLY F 100 31.07 26.42 64.16
C GLY F 100 30.33 26.95 65.40
N GLN F 101 31.05 26.95 66.52
CA GLN F 101 30.44 27.42 67.75
C GLN F 101 30.13 28.92 67.70
N GLY F 102 30.82 29.65 66.86
CA GLY F 102 30.71 31.09 66.78
C GLY F 102 31.90 31.78 67.42
N ALA F 103 32.08 33.04 67.06
CA ALA F 103 33.17 33.83 67.64
C ALA F 103 32.69 35.27 67.76
N LYS F 104 32.49 35.74 69.00
CA LYS F 104 32.14 37.13 69.16
C LYS F 104 33.38 37.99 68.93
N LEU F 105 33.15 39.19 68.43
CA LEU F 105 34.23 40.12 68.10
C LEU F 105 33.87 41.46 68.74
N GLU F 106 34.61 41.82 69.78
CA GLU F 106 34.23 42.91 70.68
C GLU F 106 35.12 44.13 70.50
N ILE F 107 34.56 45.29 70.84
CA ILE F 107 35.33 46.54 70.88
C ILE F 107 36.36 46.47 72.01
N ARG F 108 37.59 46.88 71.71
CA ARG F 108 38.66 46.94 72.69
C ARG F 108 38.80 48.35 73.23
N ARG F 109 38.90 48.48 74.55
CA ARG F 109 39.16 49.75 75.20
C ARG F 109 40.04 49.49 76.41
N THR F 110 40.35 50.55 77.16
CA THR F 110 41.23 50.39 78.32
C THR F 110 40.47 49.75 79.48
N VAL F 111 41.23 49.08 80.35
CA VAL F 111 40.61 48.38 81.46
C VAL F 111 39.90 49.38 82.37
N ALA F 112 38.70 49.02 82.80
CA ALA F 112 37.89 49.85 83.67
C ALA F 112 37.39 49.01 84.82
N ALA F 113 37.62 49.46 86.05
CA ALA F 113 37.19 48.69 87.20
C ALA F 113 35.68 48.81 87.38
N PRO F 114 35.03 47.79 87.92
CA PRO F 114 33.58 47.83 88.10
C PRO F 114 33.18 48.62 89.33
N SER F 115 32.06 49.32 89.22
CA SER F 115 31.39 49.89 90.38
C SER F 115 30.50 48.81 90.97
N VAL F 116 30.69 48.51 92.25
CA VAL F 116 30.02 47.40 92.91
C VAL F 116 28.92 47.95 93.80
N PHE F 117 27.71 47.41 93.65
CA PHE F 117 26.61 47.72 94.55
C PHE F 117 25.91 46.44 94.96
N ILE F 118 25.34 46.46 96.15
CA ILE F 118 24.61 45.32 96.70
C ILE F 118 23.27 45.83 97.23
N PHE F 119 22.23 45.02 97.07
CA PHE F 119 20.88 45.42 97.40
C PHE F 119 20.24 44.33 98.25
N PRO F 120 19.64 44.68 99.39
CA PRO F 120 18.93 43.69 100.17
C PRO F 120 17.57 43.43 99.55
N PRO F 121 16.93 42.31 99.86
CA PRO F 121 15.59 42.07 99.33
C PRO F 121 14.61 43.13 99.82
N SER F 122 13.52 43.31 99.09
CA SER F 122 12.53 44.31 99.47
C SER F 122 11.64 43.77 100.59
N ASP F 123 10.97 44.69 101.29
CA ASP F 123 10.02 44.26 102.30
C ASP F 123 8.81 43.59 101.68
N GLU F 124 8.36 44.07 100.53
CA GLU F 124 7.28 43.45 99.80
C GLU F 124 7.61 41.99 99.43
N GLN F 125 8.90 41.66 99.24
CA GLN F 125 9.27 40.28 98.86
C GLN F 125 9.23 39.27 99.99
N LEU F 126 9.54 39.70 101.20
CA LEU F 126 9.69 38.74 102.29
C LEU F 126 8.33 38.19 102.75
N LYS F 127 7.24 38.94 102.57
CA LYS F 127 5.96 38.31 102.84
C LYS F 127 5.43 37.51 101.66
N SER F 128 6.05 37.64 100.46
CA SER F 128 5.71 36.74 99.37
C SER F 128 6.35 35.37 99.51
N GLY F 129 7.40 35.24 100.33
CA GLY F 129 8.00 33.94 100.64
C GLY F 129 9.46 33.81 100.25
N THR F 130 9.90 34.56 99.23
CA THR F 130 11.25 34.42 98.71
C THR F 130 12.05 35.70 98.93
N ALA F 131 13.38 35.53 98.92
CA ALA F 131 14.32 36.64 99.05
C ALA F 131 15.30 36.60 97.89
N SER F 132 15.62 37.77 97.35
CA SER F 132 16.51 37.90 96.20
C SER F 132 17.52 38.99 96.49
N VAL F 133 18.79 38.60 96.64
CA VAL F 133 19.88 39.53 96.91
C VAL F 133 20.60 39.80 95.59
N VAL F 134 20.70 41.07 95.22
CA VAL F 134 21.24 41.47 93.92
C VAL F 134 22.58 42.16 94.13
N CYS F 135 23.58 41.74 93.37
CA CYS F 135 24.91 42.35 93.37
C CYS F 135 25.23 42.71 91.94
N LEU F 136 25.49 43.99 91.68
CA LEU F 136 25.67 44.44 90.30
C LEU F 136 27.06 45.05 90.14
N LEU F 137 27.70 44.70 89.04
CA LEU F 137 28.98 45.27 88.61
C LEU F 137 28.69 46.20 87.44
N ASN F 138 29.21 47.42 87.50
CA ASN F 138 28.76 48.46 86.58
C ASN F 138 29.91 49.09 85.82
N ASN F 139 29.76 49.15 84.49
CA ASN F 139 30.65 49.88 83.58
C ASN F 139 32.11 49.45 83.74
N PHE F 140 32.37 48.16 83.48
CA PHE F 140 33.70 47.60 83.54
C PHE F 140 34.08 46.96 82.20
N TYR F 141 35.39 46.77 82.01
CA TYR F 141 35.98 46.07 80.87
C TYR F 141 37.36 45.59 81.29
N PRO F 142 37.81 44.39 80.87
CA PRO F 142 37.19 43.42 79.95
C PRO F 142 36.04 42.68 80.63
N ARG F 143 35.30 41.79 79.96
CA ARG F 143 34.16 41.18 80.61
C ARG F 143 34.59 40.22 81.71
N GLU F 144 35.76 39.58 81.57
CA GLU F 144 36.15 38.57 82.54
C GLU F 144 36.12 39.15 83.94
N ALA F 145 35.23 38.62 84.75
CA ALA F 145 35.01 39.09 86.12
C ALA F 145 34.45 37.92 86.93
N LYS F 146 34.75 37.93 88.22
CA LYS F 146 34.30 36.87 89.11
C LYS F 146 33.53 37.49 90.26
N VAL F 147 32.37 36.92 90.56
CA VAL F 147 31.49 37.40 91.62
C VAL F 147 31.12 36.20 92.45
N GLN F 148 31.46 36.23 93.74
CA GLN F 148 31.13 35.10 94.61
C GLN F 148 30.42 35.61 95.85
N TRP F 149 29.47 34.80 96.32
CA TRP F 149 28.59 35.15 97.42
C TRP F 149 29.03 34.45 98.71
N LYS F 150 29.05 35.20 99.81
CA LYS F 150 29.33 34.64 101.13
C LYS F 150 28.25 35.11 102.09
N VAL F 151 27.54 34.17 102.71
CA VAL F 151 26.52 34.49 103.71
C VAL F 151 27.05 33.99 105.06
N ASP F 152 27.38 34.92 105.95
CA ASP F 152 28.09 34.60 107.19
C ASP F 152 29.36 33.82 106.89
N ASN F 153 30.10 34.27 105.87
CA ASN F 153 31.33 33.66 105.38
C ASN F 153 31.14 32.28 104.79
N ALA F 154 29.90 31.82 104.64
CA ALA F 154 29.64 30.56 103.94
C ALA F 154 29.61 30.86 102.45
N LEU F 155 30.61 30.39 101.72
CA LEU F 155 30.68 30.63 100.28
C LEU F 155 29.51 29.94 99.59
N GLN F 156 28.70 30.72 98.87
CA GLN F 156 27.53 30.18 98.22
C GLN F 156 27.84 29.67 96.82
N SER F 157 27.10 28.65 96.42
CA SER F 157 27.29 28.01 95.13
C SER F 157 25.98 27.35 94.72
N GLY F 158 25.66 27.43 93.43
CA GLY F 158 24.48 26.78 92.91
C GLY F 158 23.17 27.48 93.22
N ASN F 159 23.21 28.73 93.69
CA ASN F 159 21.98 29.46 93.96
C ASN F 159 22.05 30.90 93.48
N SER F 160 22.93 31.22 92.52
CA SER F 160 22.97 32.53 91.91
C SER F 160 22.80 32.42 90.41
N GLN F 161 22.10 33.38 89.83
CA GLN F 161 22.00 33.56 88.38
C GLN F 161 22.64 34.91 88.06
N GLU F 162 23.53 34.93 87.07
CA GLU F 162 24.16 36.17 86.66
C GLU F 162 23.74 36.51 85.23
N SER F 163 23.60 37.79 84.97
CA SER F 163 23.27 38.28 83.64
C SER F 163 24.16 39.47 83.32
N VAL F 164 24.62 39.51 82.07
CA VAL F 164 25.56 40.53 81.61
C VAL F 164 24.86 41.38 80.56
N THR F 165 25.32 42.62 80.43
CA THR F 165 24.78 43.53 79.43
C THR F 165 25.60 43.51 78.15
N GLU F 166 25.00 44.05 77.11
CA GLU F 166 25.68 44.22 75.83
C GLU F 166 26.83 45.22 75.99
N GLN F 167 27.85 45.08 75.15
CA GLN F 167 28.94 46.04 75.21
C GLN F 167 28.38 47.43 74.93
N ASP F 168 28.63 48.35 75.85
CA ASP F 168 27.92 49.62 75.85
C ASP F 168 28.25 50.44 74.61
N SER F 169 27.23 51.09 74.05
CA SER F 169 27.41 51.84 72.81
C SER F 169 28.31 53.05 73.02
N LYS F 170 28.16 53.77 74.13
CA LYS F 170 28.92 55.00 74.32
C LYS F 170 30.34 54.71 74.83
N ASP F 171 30.48 53.93 75.89
CA ASP F 171 31.76 53.75 76.56
C ASP F 171 32.34 52.34 76.38
N SER F 172 31.59 51.42 75.77
CA SER F 172 32.08 50.08 75.43
C SER F 172 32.44 49.24 76.67
N THR F 173 31.76 49.46 77.79
CA THR F 173 31.96 48.70 79.01
C THR F 173 30.80 47.73 79.22
N TYR F 174 30.88 46.95 80.30
CA TYR F 174 29.85 46.00 80.65
C TYR F 174 29.26 46.30 82.02
N SER F 175 28.09 45.72 82.25
CA SER F 175 27.48 45.62 83.55
C SER F 175 27.03 44.18 83.73
N LEU F 176 27.03 43.74 84.97
CA LEU F 176 26.65 42.37 85.30
C LEU F 176 25.87 42.42 86.60
N SER F 177 24.87 41.55 86.72
CA SER F 177 24.12 41.41 87.94
C SER F 177 24.06 39.93 88.29
N SER F 178 24.57 39.59 89.46
CA SER F 178 24.40 38.26 90.02
C SER F 178 23.25 38.36 91.01
N THR F 179 22.30 37.44 90.91
CA THR F 179 21.13 37.48 91.76
C THR F 179 21.17 36.25 92.65
N LEU F 180 21.22 36.50 93.96
CA LEU F 180 21.18 35.43 94.94
C LEU F 180 19.75 35.27 95.41
N THR F 181 19.21 34.06 95.27
CA THR F 181 17.83 33.79 95.64
C THR F 181 17.83 32.78 96.77
N LEU F 182 17.19 33.16 97.87
CA LEU F 182 16.93 32.28 99.00
C LEU F 182 15.45 32.34 99.31
N SER F 183 15.00 31.42 100.16
CA SER F 183 13.66 31.53 100.71
C SER F 183 13.71 32.48 101.90
N LYS F 184 12.53 32.97 102.31
CA LYS F 184 12.48 33.79 103.52
C LYS F 184 13.06 33.04 104.70
N ALA F 185 12.77 31.73 104.78
CA ALA F 185 13.30 30.93 105.88
C ALA F 185 14.82 30.91 105.87
N ASP F 186 15.43 30.67 104.71
CA ASP F 186 16.89 30.66 104.67
C ASP F 186 17.49 32.06 104.73
N TYR F 187 16.81 33.06 104.20
CA TYR F 187 17.31 34.43 104.33
C TYR F 187 17.26 34.89 105.79
N GLU F 188 16.27 34.40 106.53
CA GLU F 188 16.12 34.77 107.93
C GLU F 188 17.19 34.13 108.81
N LYS F 189 17.73 32.98 108.39
CA LYS F 189 18.67 32.25 109.25
C LYS F 189 19.95 33.05 109.48
N HIS F 190 20.47 33.71 108.44
CA HIS F 190 21.79 34.29 108.47
C HIS F 190 21.69 35.82 108.55
N LYS F 191 22.84 36.46 108.80
CA LYS F 191 22.84 37.91 108.98
C LYS F 191 23.72 38.67 108.00
N VAL F 192 24.91 38.16 107.68
CA VAL F 192 25.86 38.87 106.83
C VAL F 192 25.73 38.32 105.41
N TYR F 193 25.44 39.20 104.46
CA TYR F 193 25.39 38.84 103.04
C TYR F 193 26.38 39.68 102.27
N ALA F 194 27.39 39.05 101.67
CA ALA F 194 28.41 39.76 100.92
C ALA F 194 28.64 39.12 99.56
N CYS F 195 28.80 39.95 98.54
CA CYS F 195 29.32 39.56 97.25
C CYS F 195 30.70 40.17 97.07
N GLU F 196 31.68 39.38 96.69
CA GLU F 196 33.02 39.89 96.42
C GLU F 196 33.26 39.88 94.92
N VAL F 197 33.90 40.93 94.43
CA VAL F 197 34.13 41.13 93.00
C VAL F 197 35.61 41.04 92.73
N THR F 198 35.99 40.15 91.81
CA THR F 198 37.36 40.03 91.33
C THR F 198 37.40 40.52 89.90
N HIS F 199 38.24 41.53 89.63
CA HIS F 199 38.37 42.06 88.29
C HIS F 199 39.80 42.52 88.04
N GLN F 200 40.20 42.50 86.77
CA GLN F 200 41.55 42.90 86.38
C GLN F 200 41.84 44.35 86.77
N GLY F 201 40.83 45.21 86.75
CA GLY F 201 41.01 46.61 87.06
C GLY F 201 40.86 46.94 88.53
N LEU F 202 40.82 45.93 89.39
CA LEU F 202 40.77 46.10 90.83
C LEU F 202 42.12 45.65 91.38
N SER F 203 42.70 46.48 92.26
CA SER F 203 43.97 46.12 92.87
C SER F 203 43.89 44.76 93.55
N SER F 204 42.87 44.58 94.38
CA SER F 204 42.57 43.35 95.09
C SER F 204 41.05 43.23 95.12
N PRO F 205 40.52 42.03 95.35
CA PRO F 205 39.06 41.86 95.26
C PRO F 205 38.31 42.81 96.20
N VAL F 206 37.24 43.40 95.66
CA VAL F 206 36.39 44.31 96.42
C VAL F 206 35.15 43.55 96.88
N THR F 207 34.77 43.73 98.14
CA THR F 207 33.59 43.11 98.70
C THR F 207 32.66 44.19 99.26
N LYS F 208 31.36 44.02 99.04
CA LYS F 208 30.34 44.89 99.60
C LYS F 208 29.22 44.04 100.18
N SER F 209 28.71 44.45 101.34
CA SER F 209 27.86 43.58 102.14
C SER F 209 26.85 44.39 102.94
N PHE F 210 25.92 43.68 103.59
CA PHE F 210 24.95 44.30 104.47
C PHE F 210 24.58 43.32 105.57
N ASN F 211 24.22 43.88 106.73
CA ASN F 211 23.58 43.17 107.81
C ASN F 211 22.08 43.39 107.70
N ARG F 212 21.29 42.50 108.30
CA ARG F 212 19.87 42.44 107.96
C ARG F 212 19.17 43.61 108.63
N GLY F 213 19.28 44.76 107.97
CA GLY F 213 18.89 46.04 108.50
C GLY F 213 19.99 46.69 109.33
N GLU F 214 19.75 47.95 109.67
CA GLU F 214 20.69 48.71 110.48
C GLU F 214 20.86 48.04 111.85
N CYS F 215 21.88 48.47 112.57
CA CYS F 215 22.14 47.91 113.90
C CYS F 215 21.95 48.96 114.99
N GLN G 1 -1.94 20.57 -59.96
CA GLN G 1 -2.37 20.41 -58.56
C GLN G 1 -3.16 19.10 -58.41
N LEU G 2 -4.46 19.15 -58.67
CA LEU G 2 -5.30 17.95 -58.68
C LEU G 2 -5.21 17.43 -60.11
N GLN G 3 -4.13 16.70 -60.37
CA GLN G 3 -3.66 16.49 -61.73
C GLN G 3 -3.40 15.02 -62.01
N LEU G 4 -3.99 14.52 -63.10
CA LEU G 4 -3.88 13.11 -63.47
C LEU G 4 -3.13 12.94 -64.80
N GLN G 5 -2.23 11.94 -64.84
CA GLN G 5 -1.32 11.69 -65.96
C GLN G 5 -1.34 10.21 -66.34
N GLU G 6 -1.34 9.93 -67.66
CA GLU G 6 -1.57 8.59 -68.24
C GLU G 6 -0.34 7.69 -68.20
N SER G 7 -0.46 6.55 -68.89
CA SER G 7 0.24 5.30 -68.60
C SER G 7 1.12 4.82 -69.75
N GLY G 8 1.65 3.61 -69.56
CA GLY G 8 2.57 2.97 -70.47
C GLY G 8 1.93 2.26 -71.66
N PRO G 9 2.42 1.06 -71.98
CA PRO G 9 2.36 0.58 -73.37
C PRO G 9 0.95 0.26 -73.89
N GLY G 10 0.64 0.83 -75.05
CA GLY G 10 -0.42 0.37 -75.91
C GLY G 10 0.11 -0.65 -76.90
N LEU G 11 -0.73 -0.99 -77.88
CA LEU G 11 -0.35 -1.91 -78.95
C LEU G 11 0.11 -3.27 -78.39
N VAL G 12 -0.82 -3.94 -77.73
CA VAL G 12 -0.59 -5.29 -77.19
C VAL G 12 -1.27 -6.32 -78.10
N LYS G 13 -0.63 -7.47 -78.24
CA LYS G 13 -1.16 -8.56 -79.05
C LYS G 13 -2.41 -9.16 -78.41
N PRO G 14 -3.33 -9.66 -79.22
CA PRO G 14 -4.56 -10.27 -78.67
C PRO G 14 -4.27 -11.51 -77.82
N SER G 15 -5.24 -11.81 -76.96
CA SER G 15 -5.26 -12.90 -75.97
C SER G 15 -4.22 -12.71 -74.87
N GLN G 16 -3.48 -11.62 -74.88
CA GLN G 16 -2.51 -11.28 -73.84
C GLN G 16 -3.16 -10.41 -72.77
N THR G 17 -2.32 -9.87 -71.89
CA THR G 17 -2.74 -9.00 -70.79
C THR G 17 -2.21 -7.61 -71.06
N LEU G 18 -3.10 -6.61 -71.04
CA LEU G 18 -2.68 -5.21 -71.12
C LEU G 18 -2.73 -4.60 -69.73
N SER G 19 -1.69 -3.87 -69.37
CA SER G 19 -1.55 -3.26 -68.06
C SER G 19 -1.34 -1.76 -68.23
N LEU G 20 -2.17 -0.98 -67.55
CA LEU G 20 -2.04 0.48 -67.55
C LEU G 20 -1.93 0.96 -66.11
N THR G 21 -1.20 2.05 -65.91
CA THR G 21 -1.01 2.62 -64.58
C THR G 21 -1.27 4.12 -64.64
N CYS G 22 -2.12 4.61 -63.75
CA CYS G 22 -2.40 6.03 -63.64
C CYS G 22 -1.59 6.62 -62.49
N THR G 23 -0.78 7.64 -62.80
CA THR G 23 0.13 8.25 -61.84
C THR G 23 -0.34 9.67 -61.53
N LEU G 24 -0.41 10.00 -60.24
CA LEU G 24 -0.92 11.28 -59.80
C LEU G 24 0.21 12.31 -59.75
N SER G 25 -0.14 13.57 -59.91
CA SER G 25 0.82 14.66 -59.87
C SER G 25 0.30 15.81 -59.03
N GLY G 26 1.18 16.38 -58.20
CA GLY G 26 0.77 17.38 -57.26
C GLY G 26 -0.21 16.86 -56.24
N GLY G 27 -0.27 15.54 -56.08
CA GLY G 27 -1.25 14.91 -55.23
C GLY G 27 -0.86 13.48 -54.95
N SER G 28 -1.56 12.93 -53.95
CA SER G 28 -1.41 11.56 -53.48
C SER G 28 -2.81 11.09 -53.17
N ILE G 29 -2.93 9.93 -52.54
CA ILE G 29 -4.25 9.46 -52.12
C ILE G 29 -4.40 10.13 -50.76
N SER G 30 -4.89 11.37 -50.79
CA SER G 30 -4.69 12.37 -49.75
C SER G 30 -6.02 12.86 -49.18
N SER G 31 -6.02 13.12 -47.87
CA SER G 31 -7.18 13.51 -47.08
C SER G 31 -8.18 12.37 -47.00
N THR G 32 -7.79 11.18 -47.46
CA THR G 32 -8.70 10.08 -47.70
C THR G 32 -9.89 10.56 -48.53
N SER G 33 -9.64 11.53 -49.41
CA SER G 33 -10.52 11.84 -50.52
C SER G 33 -10.12 11.11 -51.79
N TYR G 34 -9.14 10.20 -51.69
CA TYR G 34 -8.97 9.00 -52.52
C TYR G 34 -8.76 9.34 -54.00
N TYR G 35 -8.74 8.31 -54.85
CA TYR G 35 -8.71 8.37 -56.31
C TYR G 35 -9.09 6.98 -56.79
N TRP G 36 -10.03 6.90 -57.74
CA TRP G 36 -10.59 5.62 -58.18
C TRP G 36 -10.53 5.51 -59.70
N GLY G 37 -10.98 4.39 -60.22
CA GLY G 37 -11.54 4.32 -61.56
C GLY G 37 -10.73 4.32 -62.84
N TRP G 38 -11.28 3.64 -63.86
CA TRP G 38 -10.78 3.67 -65.23
C TRP G 38 -11.97 3.77 -66.17
N ILE G 39 -11.75 4.40 -67.33
CA ILE G 39 -12.78 4.60 -68.36
C ILE G 39 -12.13 4.41 -69.72
N ARG G 40 -12.91 3.91 -70.68
CA ARG G 40 -12.39 3.71 -72.04
C ARG G 40 -13.42 4.15 -73.07
N GLN G 41 -12.90 4.48 -74.26
CA GLN G 41 -13.72 4.78 -75.42
C GLN G 41 -13.18 3.99 -76.61
N PRO G 42 -13.89 2.98 -77.09
CA PRO G 42 -13.43 2.23 -78.26
C PRO G 42 -13.87 2.92 -79.54
N PRO G 43 -13.15 2.71 -80.65
CA PRO G 43 -13.47 3.42 -81.89
C PRO G 43 -14.91 3.17 -82.32
N GLY G 44 -15.57 4.25 -82.74
CA GLY G 44 -16.97 4.18 -83.16
C GLY G 44 -17.97 4.01 -82.04
N SER G 45 -17.53 4.09 -80.78
CA SER G 45 -18.41 3.87 -79.64
C SER G 45 -18.18 4.97 -78.61
N GLY G 46 -19.12 5.09 -77.67
CA GLY G 46 -19.02 6.08 -76.63
C GLY G 46 -18.19 5.61 -75.44
N LEU G 47 -18.19 6.45 -74.41
CA LEU G 47 -17.52 6.14 -73.15
C LEU G 47 -18.32 5.16 -72.32
N GLU G 48 -17.62 4.26 -71.62
CA GLU G 48 -18.28 3.47 -70.60
C GLU G 48 -17.31 3.16 -69.47
N TRP G 49 -17.86 3.18 -68.27
CA TRP G 49 -17.11 2.92 -67.04
C TRP G 49 -16.62 1.48 -67.00
N ILE G 50 -15.37 1.30 -66.56
CA ILE G 50 -14.73 -0.01 -66.49
C ILE G 50 -14.77 -0.51 -65.05
N GLY G 51 -14.22 0.27 -64.13
CA GLY G 51 -14.18 -0.15 -62.75
C GLY G 51 -13.85 1.02 -61.86
N SER G 52 -13.99 0.76 -60.56
CA SER G 52 -13.70 1.75 -59.53
C SER G 52 -12.83 1.10 -58.47
N MET G 53 -12.00 1.91 -57.83
CA MET G 53 -11.10 1.40 -56.80
C MET G 53 -11.34 2.27 -55.57
N TYR G 54 -10.54 2.12 -54.52
CA TYR G 54 -10.76 2.93 -53.33
C TYR G 54 -9.40 3.22 -52.70
N HIS G 55 -9.38 4.21 -51.81
CA HIS G 55 -8.12 4.58 -51.17
C HIS G 55 -7.54 3.41 -50.38
N SER G 56 -8.39 2.69 -49.64
CA SER G 56 -7.98 1.44 -49.04
C SER G 56 -7.58 0.43 -50.10
N GLY G 57 -8.38 0.30 -51.15
CA GLY G 57 -8.09 -0.65 -52.21
C GLY G 57 -9.27 -1.45 -52.70
N ASN G 58 -10.43 -1.35 -52.04
CA ASN G 58 -11.59 -2.11 -52.47
C ASN G 58 -12.00 -1.69 -53.87
N THR G 59 -12.29 -2.68 -54.71
CA THR G 59 -12.57 -2.44 -56.12
C THR G 59 -13.98 -2.91 -56.48
N TYR G 60 -14.61 -2.16 -57.37
CA TYR G 60 -15.89 -2.52 -57.95
C TYR G 60 -15.74 -2.42 -59.45
N TYR G 61 -16.08 -3.49 -60.17
CA TYR G 61 -15.79 -3.61 -61.59
C TYR G 61 -17.09 -3.66 -62.37
N LYS G 62 -17.01 -3.23 -63.63
CA LYS G 62 -18.13 -3.35 -64.54
C LYS G 62 -18.48 -4.82 -64.75
N SER G 63 -19.66 -5.22 -64.33
CA SER G 63 -20.08 -6.58 -64.57
C SER G 63 -20.11 -6.81 -66.07
N SER G 64 -19.79 -8.05 -66.47
CA SER G 64 -19.43 -8.52 -67.81
C SER G 64 -17.97 -8.16 -68.11
N LEU G 65 -17.28 -7.47 -67.21
CA LEU G 65 -15.82 -7.44 -67.19
C LEU G 65 -15.28 -8.20 -65.98
N LYS G 66 -16.16 -8.91 -65.27
CA LYS G 66 -15.79 -9.70 -64.09
C LYS G 66 -14.77 -10.77 -64.44
N GLY G 67 -13.77 -10.93 -63.59
CA GLY G 67 -12.75 -11.94 -63.79
C GLY G 67 -11.71 -11.47 -64.77
N ARG G 68 -12.12 -10.57 -65.66
CA ARG G 68 -11.22 -10.03 -66.68
C ARG G 68 -10.39 -8.88 -66.10
N VAL G 69 -11.02 -7.98 -65.38
CA VAL G 69 -10.39 -6.76 -64.91
C VAL G 69 -9.93 -6.93 -63.46
N THR G 70 -8.82 -6.27 -63.14
CA THR G 70 -8.41 -6.03 -61.77
C THR G 70 -7.76 -4.65 -61.76
N ILE G 71 -8.23 -3.78 -60.85
CA ILE G 71 -7.60 -2.49 -60.62
C ILE G 71 -6.87 -2.58 -59.29
N SER G 72 -5.67 -2.02 -59.23
CA SER G 72 -4.79 -2.20 -58.09
C SER G 72 -4.22 -0.87 -57.67
N LEU G 73 -3.90 -0.76 -56.38
CA LEU G 73 -3.28 0.42 -55.82
C LEU G 73 -1.84 0.11 -55.46
N ASP G 74 -0.94 0.98 -55.88
CA ASP G 74 0.48 0.85 -55.56
C ASP G 74 0.72 1.39 -54.16
N THR G 75 1.32 0.57 -53.30
CA THR G 75 1.84 1.07 -52.03
C THR G 75 2.87 2.17 -52.29
N SER G 76 3.00 3.10 -51.33
CA SER G 76 3.65 4.39 -51.60
C SER G 76 2.91 5.09 -52.75
N ARG G 77 1.64 5.38 -52.48
CA ARG G 77 0.56 5.43 -53.47
C ARG G 77 0.61 6.69 -54.34
N THR G 78 1.65 6.76 -55.16
CA THR G 78 1.72 7.72 -56.24
C THR G 78 0.91 7.30 -57.45
N GLN G 79 0.48 6.04 -57.54
CA GLN G 79 -0.14 5.54 -58.75
C GLN G 79 -1.07 4.38 -58.44
N PHE G 80 -2.00 4.14 -59.37
CA PHE G 80 -2.86 2.96 -59.35
C PHE G 80 -2.95 2.43 -60.78
N SER G 81 -3.27 1.15 -60.90
CA SER G 81 -3.06 0.43 -62.15
C SER G 81 -4.33 -0.24 -62.65
N LEU G 82 -4.44 -0.33 -63.97
CA LEU G 82 -5.48 -1.13 -64.64
C LEU G 82 -4.81 -2.35 -65.27
N ARG G 83 -5.38 -3.52 -65.04
CA ARG G 83 -4.86 -4.77 -65.57
C ARG G 83 -6.02 -5.55 -66.18
N LEU G 84 -5.96 -5.80 -67.49
CA LEU G 84 -7.05 -6.34 -68.27
C LEU G 84 -6.57 -7.57 -69.02
N THR G 85 -7.22 -8.70 -68.77
CA THR G 85 -6.76 -9.98 -69.29
C THR G 85 -7.88 -11.02 -69.24
N SER G 86 -8.05 -11.76 -70.33
CA SER G 86 -7.32 -11.69 -71.60
C SER G 86 -8.08 -10.79 -72.58
N VAL G 87 -7.44 -10.36 -73.65
CA VAL G 87 -7.96 -9.27 -74.47
C VAL G 87 -8.28 -9.78 -75.88
N THR G 88 -9.53 -9.58 -76.30
CA THR G 88 -9.93 -9.80 -77.68
C THR G 88 -9.47 -8.59 -78.48
N ALA G 89 -9.86 -8.50 -79.76
CA ALA G 89 -9.70 -7.24 -80.46
C ALA G 89 -10.73 -6.19 -80.09
N ALA G 90 -11.76 -6.55 -79.33
CA ALA G 90 -12.76 -5.58 -78.88
C ALA G 90 -12.29 -4.70 -77.73
N ASP G 91 -11.08 -4.91 -77.23
CA ASP G 91 -10.49 -4.04 -76.22
C ASP G 91 -9.71 -2.85 -76.78
N THR G 92 -9.47 -2.81 -78.09
CA THR G 92 -8.84 -1.63 -78.67
C THR G 92 -9.69 -0.39 -78.39
N ALA G 93 -9.08 0.61 -77.76
CA ALA G 93 -9.82 1.77 -77.27
C ALA G 93 -8.83 2.80 -76.76
N VAL G 94 -9.38 3.95 -76.39
CA VAL G 94 -8.64 4.99 -75.67
C VAL G 94 -9.07 4.94 -74.21
N TYR G 95 -8.10 4.76 -73.31
CA TYR G 95 -8.38 4.64 -71.88
C TYR G 95 -7.95 5.91 -71.15
N TYR G 96 -8.86 6.45 -70.35
CA TYR G 96 -8.57 7.55 -69.43
C TYR G 96 -8.69 7.04 -68.02
N CYS G 97 -7.80 7.48 -67.15
CA CYS G 97 -7.99 7.33 -65.72
C CYS G 97 -8.52 8.64 -65.16
N ALA G 98 -9.24 8.55 -64.06
CA ALA G 98 -9.88 9.72 -63.50
C ALA G 98 -10.17 9.47 -62.03
N ARG G 99 -10.14 10.53 -61.23
CA ARG G 99 -10.58 10.41 -59.84
C ARG G 99 -12.10 10.46 -59.80
N LEU G 100 -12.71 9.37 -59.36
CA LEU G 100 -14.17 9.29 -59.33
C LEU G 100 -14.70 9.76 -57.98
N GLY G 101 -14.30 10.96 -57.56
CA GLY G 101 -14.59 11.34 -56.20
C GLY G 101 -14.24 12.76 -55.79
N ASP G 102 -14.96 13.25 -54.79
CA ASP G 102 -14.71 14.49 -54.08
C ASP G 102 -15.73 14.53 -52.95
N VAL G 103 -15.47 15.39 -51.97
CA VAL G 103 -16.38 15.51 -50.83
C VAL G 103 -17.77 15.93 -51.28
N PHE G 104 -17.85 16.88 -52.21
CA PHE G 104 -19.13 17.52 -52.49
C PHE G 104 -19.77 17.08 -53.80
N ASN G 105 -19.04 16.43 -54.69
CA ASN G 105 -19.64 15.68 -55.78
C ASN G 105 -19.03 14.28 -55.78
N SER G 106 -19.90 13.28 -55.71
CA SER G 106 -19.44 11.89 -55.75
C SER G 106 -18.69 11.57 -57.03
N ALA G 107 -19.18 12.08 -58.15
CA ALA G 107 -18.63 11.78 -59.47
C ALA G 107 -18.42 13.07 -60.25
N MET G 108 -17.44 13.06 -61.16
CA MET G 108 -16.34 12.21 -61.62
C MET G 108 -15.40 13.27 -62.15
N ASP G 109 -14.34 13.58 -61.41
CA ASP G 109 -13.91 14.97 -61.26
C ASP G 109 -12.60 15.32 -61.95
N VAL G 110 -11.52 14.56 -61.76
CA VAL G 110 -10.25 14.89 -62.39
C VAL G 110 -9.94 13.79 -63.39
N TRP G 111 -9.76 14.16 -64.66
CA TRP G 111 -9.54 13.23 -65.76
C TRP G 111 -8.10 13.26 -66.23
N GLY G 112 -7.62 12.10 -66.69
CA GLY G 112 -6.38 12.05 -67.43
C GLY G 112 -6.57 12.49 -68.87
N GLN G 113 -5.47 12.53 -69.62
CA GLN G 113 -5.51 12.96 -71.02
C GLN G 113 -5.94 11.84 -71.98
N GLY G 114 -5.91 10.59 -71.55
CA GLY G 114 -6.21 9.50 -72.47
C GLY G 114 -5.00 8.87 -73.12
N THR G 115 -4.92 7.54 -73.03
CA THR G 115 -3.85 6.77 -73.66
C THR G 115 -4.49 5.74 -74.59
N THR G 116 -3.87 5.55 -75.75
CA THR G 116 -4.41 4.66 -76.77
C THR G 116 -3.76 3.29 -76.65
N VAL G 117 -4.59 2.25 -76.65
CA VAL G 117 -4.13 0.86 -76.59
C VAL G 117 -4.83 0.12 -77.72
N ILE G 118 -4.05 -0.45 -78.63
CA ILE G 118 -4.56 -1.16 -79.79
C ILE G 118 -4.29 -2.64 -79.60
N VAL G 119 -5.34 -3.46 -79.71
CA VAL G 119 -5.18 -4.90 -79.64
C VAL G 119 -5.27 -5.43 -81.07
N SER G 120 -4.12 -5.83 -81.61
CA SER G 120 -4.05 -6.39 -82.96
C SER G 120 -2.83 -7.31 -83.03
N SER G 121 -2.83 -8.21 -84.01
CA SER G 121 -1.75 -9.18 -84.15
C SER G 121 -0.54 -8.55 -84.86
N ALA G 122 -0.05 -7.46 -84.27
CA ALA G 122 1.24 -6.82 -84.55
C ALA G 122 1.47 -6.71 -86.05
N SER G 123 2.64 -7.08 -86.56
CA SER G 123 3.00 -6.94 -87.98
C SER G 123 2.89 -5.48 -88.43
N THR G 124 3.71 -4.63 -87.79
CA THR G 124 3.80 -3.24 -88.16
C THR G 124 4.26 -3.13 -89.62
N LYS G 125 3.65 -2.20 -90.36
CA LYS G 125 3.80 -2.19 -91.81
C LYS G 125 3.73 -0.78 -92.35
N GLY G 126 4.53 -0.52 -93.38
CA GLY G 126 4.47 0.73 -94.12
C GLY G 126 3.41 0.67 -95.20
N PRO G 127 2.85 1.83 -95.55
CA PRO G 127 1.72 1.85 -96.47
C PRO G 127 2.16 1.82 -97.93
N SER G 128 1.27 1.25 -98.76
CA SER G 128 1.39 1.32 -100.21
C SER G 128 0.40 2.36 -100.71
N VAL G 129 0.87 3.30 -101.52
CA VAL G 129 0.11 4.47 -101.91
C VAL G 129 -0.20 4.38 -103.40
N PHE G 130 -1.48 4.53 -103.74
CA PHE G 130 -2.00 4.37 -105.08
C PHE G 130 -2.76 5.64 -105.44
N PRO G 131 -2.64 6.11 -106.66
CA PRO G 131 -3.28 7.38 -107.02
C PRO G 131 -4.74 7.21 -107.39
N LEU G 132 -5.46 8.32 -107.32
CA LEU G 132 -6.84 8.42 -107.75
C LEU G 132 -6.84 9.53 -108.80
N ALA G 133 -6.60 9.14 -110.04
CA ALA G 133 -6.40 10.09 -111.11
C ALA G 133 -7.74 10.71 -111.49
N PRO G 134 -7.74 11.96 -111.97
CA PRO G 134 -9.00 12.58 -112.34
C PRO G 134 -9.40 12.21 -113.75
N SER G 135 -10.71 12.24 -113.99
CA SER G 135 -11.26 11.86 -115.29
C SER G 135 -10.95 12.89 -116.36
N GLY G 142 -17.34 23.75 -113.12
CA GLY G 142 -16.23 23.14 -113.84
C GLY G 142 -15.08 22.74 -112.93
N THR G 143 -15.37 21.88 -111.95
CA THR G 143 -14.38 21.45 -110.98
C THR G 143 -13.88 20.05 -111.32
N ALA G 144 -12.80 19.64 -110.66
CA ALA G 144 -12.23 18.32 -110.84
C ALA G 144 -11.79 17.77 -109.50
N ALA G 145 -11.73 16.44 -109.41
CA ALA G 145 -11.38 15.78 -108.16
C ALA G 145 -10.33 14.71 -108.42
N LEU G 146 -9.28 14.73 -107.60
CA LEU G 146 -8.21 13.76 -107.61
C LEU G 146 -7.85 13.43 -106.17
N GLY G 147 -7.04 12.40 -105.97
CA GLY G 147 -6.62 12.11 -104.62
C GLY G 147 -5.61 10.98 -104.56
N CYS G 148 -5.31 10.58 -103.32
CA CYS G 148 -4.39 9.49 -103.02
C CYS G 148 -5.08 8.42 -102.19
N LEU G 149 -4.65 7.17 -102.39
CA LEU G 149 -5.11 6.03 -101.60
C LEU G 149 -3.90 5.40 -100.89
N VAL G 150 -3.91 5.43 -99.56
CA VAL G 150 -2.85 4.83 -98.76
C VAL G 150 -3.40 3.56 -98.11
N LYS G 151 -2.83 2.42 -98.46
CA LYS G 151 -3.40 1.13 -98.15
C LYS G 151 -2.43 0.26 -97.36
N ASP G 152 -3.00 -0.57 -96.48
CA ASP G 152 -2.30 -1.67 -95.81
C ASP G 152 -1.08 -1.21 -95.01
N TYR G 153 -1.34 -0.38 -94.00
CA TYR G 153 -0.32 0.02 -93.05
C TYR G 153 -0.84 -0.15 -91.63
N PHE G 154 0.11 -0.25 -90.68
CA PHE G 154 -0.22 -0.42 -89.28
C PHE G 154 1.07 -0.10 -88.53
N PRO G 155 1.03 0.70 -87.44
CA PRO G 155 -0.13 1.41 -86.89
C PRO G 155 -0.34 2.82 -87.38
N GLU G 156 -1.37 3.43 -86.80
CA GLU G 156 -1.77 4.80 -86.97
C GLU G 156 -0.85 5.70 -86.14
N PRO G 157 -0.66 6.97 -86.54
CA PRO G 157 -1.26 7.67 -87.68
C PRO G 157 -0.36 7.87 -88.88
N VAL G 158 -0.96 8.25 -90.00
CA VAL G 158 -0.24 8.75 -91.17
C VAL G 158 -0.71 10.18 -91.42
N THR G 159 0.19 10.98 -92.00
CA THR G 159 -0.11 12.36 -92.36
C THR G 159 0.04 12.52 -93.86
N VAL G 160 -0.95 13.17 -94.48
CA VAL G 160 -0.95 13.39 -95.93
C VAL G 160 -0.97 14.90 -96.15
N SER G 161 -0.12 15.37 -97.05
CA SER G 161 -0.08 16.76 -97.43
C SER G 161 0.12 16.86 -98.94
N TRP G 162 -0.48 17.89 -99.53
CA TRP G 162 -0.44 18.09 -100.97
C TRP G 162 0.48 19.24 -101.33
N ASN G 163 1.27 19.05 -102.39
CA ASN G 163 2.25 20.03 -102.84
C ASN G 163 3.18 20.46 -101.71
N SER G 164 3.65 19.48 -100.94
CA SER G 164 4.56 19.71 -99.81
C SER G 164 3.96 20.69 -98.79
N GLY G 165 2.65 20.62 -98.61
CA GLY G 165 1.97 21.50 -97.68
C GLY G 165 1.60 22.86 -98.22
N ALA G 166 1.84 23.11 -99.52
CA ALA G 166 1.47 24.36 -100.16
C ALA G 166 0.05 24.35 -100.71
N LEU G 167 -0.58 23.18 -100.82
CA LEU G 167 -1.94 23.05 -101.33
C LEU G 167 -2.83 22.58 -100.19
N THR G 168 -3.64 23.50 -99.66
CA THR G 168 -4.51 23.23 -98.53
C THR G 168 -5.99 23.48 -98.79
N SER G 169 -6.33 24.32 -99.77
CA SER G 169 -7.72 24.59 -100.09
C SER G 169 -8.32 23.43 -100.90
N GLY G 170 -9.45 22.91 -100.43
CA GLY G 170 -10.15 21.84 -101.11
C GLY G 170 -9.83 20.44 -100.64
N VAL G 171 -8.89 20.27 -99.72
CA VAL G 171 -8.43 18.94 -99.31
C VAL G 171 -9.31 18.38 -98.20
N HIS G 172 -9.64 17.09 -98.33
CA HIS G 172 -10.22 16.31 -97.24
C HIS G 172 -9.44 15.01 -97.12
N THR G 173 -8.79 14.81 -95.98
CA THR G 173 -8.15 13.54 -95.65
C THR G 173 -9.06 12.80 -94.69
N PHE G 174 -9.54 11.63 -95.12
CA PHE G 174 -10.58 10.93 -94.36
C PHE G 174 -9.97 10.11 -93.23
N PRO G 175 -10.75 9.82 -92.19
CA PRO G 175 -10.26 8.96 -91.11
C PRO G 175 -9.86 7.58 -91.61
N ALA G 176 -8.83 7.03 -90.99
CA ALA G 176 -8.38 5.70 -91.36
C ALA G 176 -9.40 4.68 -90.88
N VAL G 177 -9.54 3.59 -91.64
CA VAL G 177 -10.43 2.51 -91.28
C VAL G 177 -9.62 1.23 -91.15
N LEU G 178 -9.99 0.40 -90.17
CA LEU G 178 -9.34 -0.88 -89.96
C LEU G 178 -10.12 -1.93 -90.76
N GLN G 179 -9.49 -2.49 -91.80
CA GLN G 179 -10.15 -3.50 -92.60
C GLN G 179 -9.88 -4.89 -92.04
N SER G 180 -10.54 -5.88 -92.65
CA SER G 180 -10.51 -7.26 -92.17
C SER G 180 -9.10 -7.80 -92.06
N SER G 181 -8.16 -7.27 -92.84
CA SER G 181 -6.76 -7.72 -92.79
C SER G 181 -6.07 -7.31 -91.51
N GLY G 182 -6.66 -6.45 -90.69
CA GLY G 182 -5.99 -5.94 -89.53
C GLY G 182 -5.09 -4.76 -89.81
N LEU G 183 -5.12 -4.24 -91.03
CA LEU G 183 -4.36 -3.07 -91.43
C LEU G 183 -5.30 -1.89 -91.63
N TYR G 184 -4.72 -0.69 -91.65
CA TYR G 184 -5.50 0.53 -91.82
C TYR G 184 -5.38 1.05 -93.24
N SER G 185 -6.42 1.74 -93.68
CA SER G 185 -6.40 2.42 -94.98
C SER G 185 -7.17 3.73 -94.87
N LEU G 186 -6.70 4.73 -95.60
CA LEU G 186 -7.41 6.00 -95.70
C LEU G 186 -7.11 6.56 -97.08
N SER G 187 -7.79 7.67 -97.40
CA SER G 187 -7.56 8.34 -98.67
C SER G 187 -7.73 9.84 -98.49
N SER G 188 -6.92 10.60 -99.22
CA SER G 188 -6.97 12.05 -99.18
C SER G 188 -7.27 12.56 -100.58
N VAL G 189 -8.33 13.36 -100.71
CA VAL G 189 -8.76 13.89 -101.98
C VAL G 189 -8.80 15.40 -101.89
N VAL G 190 -8.58 16.05 -103.04
CA VAL G 190 -8.65 17.50 -103.15
C VAL G 190 -9.40 17.83 -104.43
N THR G 191 -10.15 18.92 -104.40
CA THR G 191 -10.74 19.47 -105.62
C THR G 191 -9.88 20.62 -106.11
N VAL G 192 -9.61 20.63 -107.40
CA VAL G 192 -8.79 21.66 -108.04
C VAL G 192 -9.58 22.20 -109.21
N PRO G 193 -9.37 23.45 -109.62
CA PRO G 193 -9.97 23.92 -110.87
C PRO G 193 -9.63 22.98 -112.02
N SER G 194 -10.65 22.56 -112.76
CA SER G 194 -10.46 21.60 -113.83
C SER G 194 -9.57 22.14 -114.94
N SER G 195 -9.40 23.46 -115.02
CA SER G 195 -8.58 24.06 -116.07
C SER G 195 -7.09 23.86 -115.86
N SER G 196 -6.64 23.67 -114.62
CA SER G 196 -5.22 23.58 -114.33
C SER G 196 -4.68 22.16 -114.36
N LEU G 197 -5.48 21.19 -114.80
CA LEU G 197 -4.99 19.83 -114.99
C LEU G 197 -3.98 19.80 -116.13
N GLY G 198 -2.78 19.29 -115.86
CA GLY G 198 -1.69 19.35 -116.80
C GLY G 198 -0.86 20.61 -116.73
N THR G 199 -1.35 21.65 -116.06
CA THR G 199 -0.61 22.88 -115.82
C THR G 199 0.07 22.90 -114.45
N GLN G 200 -0.69 22.59 -113.40
CA GLN G 200 -0.19 22.62 -112.03
C GLN G 200 -0.01 21.20 -111.52
N THR G 201 1.14 20.93 -110.93
CA THR G 201 1.45 19.62 -110.39
C THR G 201 0.78 19.40 -109.04
N TYR G 202 0.29 18.18 -108.83
CA TYR G 202 -0.34 17.78 -107.58
C TYR G 202 0.40 16.55 -107.06
N ILE G 203 0.97 16.68 -105.87
CA ILE G 203 1.74 15.63 -105.23
C ILE G 203 1.21 15.46 -103.82
N CYS G 204 0.97 14.22 -103.41
CA CYS G 204 0.55 13.96 -102.05
C CYS G 204 1.71 13.34 -101.28
N ASN G 205 1.99 13.88 -100.11
CA ASN G 205 3.11 13.47 -99.27
C ASN G 205 2.58 12.60 -98.14
N VAL G 206 2.92 11.32 -98.17
CA VAL G 206 2.44 10.36 -97.20
C VAL G 206 3.56 10.05 -96.23
N ASN G 207 3.24 10.09 -94.93
CA ASN G 207 4.24 9.99 -93.87
C ASN G 207 3.75 9.02 -92.80
N HIS G 208 4.51 7.95 -92.59
CA HIS G 208 4.22 7.01 -91.51
C HIS G 208 5.29 7.21 -90.45
N LYS G 209 4.88 7.56 -89.24
CA LYS G 209 5.85 7.76 -88.18
C LYS G 209 6.35 6.44 -87.59
N PRO G 210 5.44 5.45 -87.27
CA PRO G 210 5.92 4.19 -86.67
C PRO G 210 7.06 3.51 -87.41
N SER G 211 6.84 3.24 -88.70
CA SER G 211 7.91 2.82 -89.61
C SER G 211 8.32 4.02 -90.44
N ASN G 212 9.61 4.16 -90.70
CA ASN G 212 10.14 5.39 -91.32
C ASN G 212 9.87 5.39 -92.82
N THR G 213 8.58 5.31 -93.15
CA THR G 213 8.09 5.40 -94.51
C THR G 213 7.70 6.85 -94.83
N LYS G 214 8.51 7.53 -95.62
CA LYS G 214 8.13 8.82 -96.20
C LYS G 214 8.17 8.67 -97.72
N VAL G 215 6.99 8.55 -98.33
CA VAL G 215 6.86 8.42 -99.78
C VAL G 215 6.03 9.59 -100.29
N ASP G 216 6.49 10.19 -101.39
CA ASP G 216 5.82 11.33 -102.01
C ASP G 216 5.50 10.98 -103.45
N LYS G 217 4.23 10.74 -103.74
CA LYS G 217 3.80 10.27 -105.05
C LYS G 217 2.97 11.34 -105.76
N ARG G 218 3.24 11.52 -107.05
CA ARG G 218 2.58 12.50 -107.89
C ARG G 218 1.50 11.80 -108.71
N VAL G 219 0.38 12.50 -108.94
CA VAL G 219 -0.77 11.93 -109.64
C VAL G 219 -0.87 12.54 -111.04
N GLU G 220 -1.16 11.69 -112.01
CA GLU G 220 -1.15 12.03 -113.43
C GLU G 220 -2.46 11.57 -114.06
N PRO G 221 -3.17 12.44 -114.79
CA PRO G 221 -4.39 11.98 -115.47
C PRO G 221 -4.04 11.01 -116.58
N LYS G 222 -4.53 9.77 -116.44
CA LYS G 222 -4.18 8.72 -117.39
C LYS G 222 -5.41 7.98 -117.90
N ILE H 2 -29.53 -0.96 -65.08
CA ILE H 2 -29.82 0.46 -65.26
C ILE H 2 -29.31 0.93 -66.62
N VAL H 3 -30.22 1.51 -67.40
CA VAL H 3 -29.96 1.89 -68.78
C VAL H 3 -30.13 3.39 -68.90
N MET H 4 -29.14 4.06 -69.47
CA MET H 4 -29.23 5.48 -69.74
C MET H 4 -29.36 5.69 -71.24
N THR H 5 -30.39 6.42 -71.65
CA THR H 5 -30.71 6.63 -73.05
C THR H 5 -30.91 8.12 -73.27
N GLN H 6 -29.95 8.78 -73.90
CA GLN H 6 -30.16 10.17 -74.26
C GLN H 6 -30.83 10.28 -75.63
N SER H 7 -31.81 11.19 -75.71
CA SER H 7 -32.94 11.01 -76.62
C SER H 7 -32.56 11.07 -78.10
N PRO H 8 -32.04 12.18 -78.65
CA PRO H 8 -31.44 12.06 -79.98
C PRO H 8 -29.96 11.73 -79.92
N VAL H 9 -29.54 10.85 -80.82
CA VAL H 9 -28.12 10.52 -80.95
C VAL H 9 -27.35 11.66 -81.60
N THR H 10 -28.00 12.41 -82.50
CA THR H 10 -27.39 13.56 -83.14
C THR H 10 -28.30 14.76 -82.96
N LEU H 11 -27.71 15.95 -83.00
CA LEU H 11 -28.44 17.19 -82.78
C LEU H 11 -27.95 18.21 -83.79
N SER H 12 -28.88 18.87 -84.47
CA SER H 12 -28.56 19.83 -85.53
C SER H 12 -29.15 21.15 -85.12
N VAL H 13 -28.29 22.11 -84.83
CA VAL H 13 -28.67 23.40 -84.27
C VAL H 13 -27.93 24.52 -84.98
N SER H 14 -28.65 25.60 -85.28
CA SER H 14 -27.98 26.78 -85.80
C SER H 14 -27.13 27.40 -84.69
N PRO H 15 -25.96 27.94 -85.02
CA PRO H 15 -25.14 28.59 -83.98
C PRO H 15 -25.89 29.74 -83.33
N GLY H 16 -25.74 29.86 -82.02
CA GLY H 16 -26.44 30.89 -81.26
C GLY H 16 -27.78 30.50 -80.71
N GLU H 17 -28.35 29.38 -81.15
CA GLU H 17 -29.66 28.94 -80.71
C GLU H 17 -29.55 27.92 -79.57
N ARG H 18 -30.71 27.51 -79.07
CA ARG H 18 -30.81 26.62 -77.91
C ARG H 18 -30.77 25.15 -78.31
N ALA H 19 -30.12 24.34 -77.47
CA ALA H 19 -30.14 22.90 -77.54
C ALA H 19 -30.72 22.33 -76.26
N THR H 20 -31.43 21.22 -76.38
CA THR H 20 -31.99 20.52 -75.22
C THR H 20 -31.65 19.04 -75.35
N LEU H 21 -30.71 18.58 -74.54
CA LEU H 21 -30.43 17.16 -74.43
C LEU H 21 -31.36 16.55 -73.39
N SER H 22 -31.73 15.30 -73.63
CA SER H 22 -32.57 14.56 -72.69
C SER H 22 -31.87 13.25 -72.39
N CYS H 23 -32.07 12.74 -71.17
CA CYS H 23 -31.51 11.46 -70.76
C CYS H 23 -32.55 10.73 -69.93
N ARG H 24 -32.74 9.43 -70.20
CA ARG H 24 -33.75 8.64 -69.52
C ARG H 24 -33.10 7.43 -68.86
N ALA H 25 -33.52 7.15 -67.63
CA ALA H 25 -33.00 6.03 -66.85
C ALA H 25 -34.06 4.95 -66.71
N SER H 26 -33.64 3.69 -66.83
CA SER H 26 -34.54 2.56 -66.68
C SER H 26 -35.13 2.47 -65.28
N GLN H 27 -34.55 3.19 -64.32
CA GLN H 27 -35.03 3.22 -62.94
C GLN H 27 -34.67 4.56 -62.33
N SER H 28 -35.38 4.90 -61.26
CA SER H 28 -35.16 6.20 -60.64
C SER H 28 -33.73 6.28 -60.14
N VAL H 29 -32.91 7.13 -60.75
CA VAL H 29 -31.62 7.47 -60.18
C VAL H 29 -31.69 8.76 -59.38
N GLY H 30 -32.89 9.33 -59.26
CA GLY H 30 -33.21 10.46 -58.41
C GLY H 30 -32.48 11.77 -58.62
N ASN H 31 -31.66 12.09 -57.63
CA ASN H 31 -30.85 13.30 -57.56
C ASN H 31 -29.57 13.23 -58.38
N ASN H 32 -29.15 12.04 -58.82
CA ASN H 32 -27.74 11.75 -58.92
C ASN H 32 -27.42 11.47 -60.39
N LEU H 33 -27.09 12.53 -61.11
CA LEU H 33 -26.78 12.48 -62.54
C LEU H 33 -25.69 13.48 -62.88
N ALA H 34 -24.86 13.15 -63.86
CA ALA H 34 -23.85 14.07 -64.37
C ALA H 34 -23.91 14.13 -65.88
N TRP H 35 -23.52 15.30 -66.41
CA TRP H 35 -23.41 15.54 -67.85
C TRP H 35 -21.97 15.91 -68.18
N TYR H 36 -21.41 15.29 -69.22
CA TYR H 36 -20.05 15.56 -69.64
C TYR H 36 -20.02 16.06 -71.08
N GLN H 37 -19.09 16.98 -71.34
CA GLN H 37 -18.74 17.42 -72.69
C GLN H 37 -17.50 16.65 -73.13
N HIS H 38 -17.44 16.29 -74.42
CA HIS H 38 -16.33 15.51 -74.93
C HIS H 38 -15.97 15.99 -76.34
N LYS H 39 -14.89 16.80 -76.45
CA LYS H 39 -14.34 17.16 -77.74
C LYS H 39 -13.33 16.12 -78.20
N PRO H 40 -13.24 15.87 -79.51
CA PRO H 40 -12.23 14.94 -80.02
C PRO H 40 -10.82 15.39 -79.67
N GLY H 41 -10.07 14.50 -79.02
CA GLY H 41 -8.69 14.77 -78.67
C GLY H 41 -8.46 15.21 -77.24
N GLN H 42 -9.52 15.46 -76.48
CA GLN H 42 -9.42 15.91 -75.10
C GLN H 42 -10.08 14.91 -74.17
N ALA H 43 -9.83 15.09 -72.88
CA ALA H 43 -10.57 14.36 -71.88
C ALA H 43 -11.98 14.95 -71.77
N PRO H 44 -12.95 14.16 -71.33
CA PRO H 44 -14.28 14.74 -71.06
C PRO H 44 -14.21 15.79 -69.98
N ARG H 45 -15.06 16.79 -70.10
CA ARG H 45 -15.20 17.82 -69.08
C ARG H 45 -16.45 17.52 -68.26
N LEU H 46 -16.39 17.80 -66.96
CA LEU H 46 -17.59 17.73 -66.14
C LEU H 46 -18.38 19.02 -66.29
N LEU H 47 -19.66 18.90 -66.65
CA LEU H 47 -20.54 20.04 -66.88
C LEU H 47 -21.54 20.25 -65.75
N ILE H 48 -22.27 19.21 -65.40
CA ILE H 48 -23.34 19.28 -64.41
C ILE H 48 -23.18 18.10 -63.48
N TYR H 49 -23.36 18.34 -62.19
CA TYR H 49 -23.28 17.28 -61.19
C TYR H 49 -24.41 17.45 -60.18
N ASP H 50 -24.80 16.34 -59.57
CA ASP H 50 -26.03 16.20 -58.80
C ASP H 50 -27.25 16.58 -59.63
N ALA H 51 -27.11 16.58 -60.95
CA ALA H 51 -28.13 16.74 -61.97
C ALA H 51 -28.70 18.15 -62.04
N SER H 52 -28.27 19.06 -61.16
CA SER H 52 -28.74 20.44 -61.25
C SER H 52 -27.60 21.45 -61.30
N THR H 53 -26.51 21.20 -60.59
CA THR H 53 -25.49 22.22 -60.33
C THR H 53 -24.32 22.02 -61.27
N ARG H 54 -23.87 23.11 -61.88
CA ARG H 54 -22.79 23.04 -62.85
C ARG H 54 -21.44 22.89 -62.18
N ALA H 55 -20.59 22.04 -62.78
CA ALA H 55 -19.22 21.91 -62.33
C ALA H 55 -18.49 23.23 -62.47
N THR H 56 -17.66 23.54 -61.49
CA THR H 56 -17.00 24.83 -61.41
C THR H 56 -16.08 25.07 -62.60
N GLY H 57 -16.16 26.28 -63.15
CA GLY H 57 -15.40 26.65 -64.34
C GLY H 57 -16.20 26.78 -65.61
N ILE H 58 -17.45 26.32 -65.65
CA ILE H 58 -18.20 26.32 -66.90
C ILE H 58 -19.22 27.45 -67.01
N PRO H 59 -19.43 27.98 -68.21
CA PRO H 59 -20.31 29.14 -68.37
C PRO H 59 -21.76 28.83 -68.07
N GLY H 60 -22.50 29.91 -67.78
CA GLY H 60 -23.90 29.84 -67.39
C GLY H 60 -24.84 29.41 -68.49
N ARG H 61 -24.39 29.35 -69.74
CA ARG H 61 -25.27 28.94 -70.82
C ARG H 61 -25.70 27.48 -70.70
N PHE H 62 -25.01 26.67 -69.90
CA PHE H 62 -25.40 25.30 -69.67
C PHE H 62 -26.34 25.21 -68.47
N SER H 63 -27.24 24.22 -68.51
CA SER H 63 -28.29 24.07 -67.51
C SER H 63 -28.59 22.60 -67.31
N GLY H 64 -29.23 22.29 -66.19
CA GLY H 64 -29.55 20.91 -65.85
C GLY H 64 -30.79 20.77 -65.00
N SER H 65 -31.71 19.90 -65.43
CA SER H 65 -32.89 19.51 -64.69
C SER H 65 -32.79 18.03 -64.31
N GLY H 66 -33.84 17.52 -63.64
CA GLY H 66 -33.69 16.26 -62.92
C GLY H 66 -34.83 15.87 -62.01
N SER H 67 -34.50 15.48 -60.77
CA SER H 67 -35.48 15.06 -59.77
C SER H 67 -36.31 13.87 -60.26
N GLY H 68 -35.62 12.76 -60.52
CA GLY H 68 -36.27 11.51 -60.87
C GLY H 68 -35.68 10.77 -62.06
N THR H 69 -36.48 10.52 -63.10
CA THR H 69 -35.96 9.87 -64.29
C THR H 69 -35.88 10.76 -65.52
N GLU H 70 -36.64 11.84 -65.55
CA GLU H 70 -36.40 12.89 -66.54
C GLU H 70 -35.14 13.66 -66.17
N PHE H 71 -34.29 13.89 -67.16
CA PHE H 71 -33.13 14.75 -67.01
C PHE H 71 -32.91 15.47 -68.32
N THR H 72 -32.54 16.75 -68.23
CA THR H 72 -32.34 17.54 -69.44
C THR H 72 -31.14 18.44 -69.24
N LEU H 73 -30.26 18.46 -70.24
CA LEU H 73 -29.17 19.41 -70.36
C LEU H 73 -29.57 20.38 -71.46
N THR H 74 -29.68 21.66 -71.12
CA THR H 74 -30.09 22.68 -72.08
C THR H 74 -28.99 23.72 -72.19
N ILE H 75 -28.51 23.94 -73.41
CA ILE H 75 -27.55 25.00 -73.68
C ILE H 75 -28.28 26.12 -74.41
N SER H 76 -28.50 27.23 -73.72
CA SER H 76 -29.01 28.43 -74.38
C SER H 76 -27.86 29.08 -75.15
N SER H 77 -28.17 29.58 -76.35
CA SER H 77 -27.18 30.29 -77.17
C SER H 77 -25.95 29.44 -77.46
N LEU H 78 -26.18 28.32 -78.17
CA LEU H 78 -25.09 27.40 -78.49
C LEU H 78 -24.05 28.05 -79.39
N GLN H 79 -22.79 27.87 -79.04
CA GLN H 79 -21.69 28.55 -79.71
C GLN H 79 -20.75 27.55 -80.38
N SER H 80 -19.71 28.09 -81.03
CA SER H 80 -18.77 27.26 -81.76
C SER H 80 -18.05 26.29 -80.84
N GLU H 81 -17.66 26.76 -79.65
CA GLU H 81 -17.00 25.90 -78.68
C GLU H 81 -17.89 24.73 -78.27
N ASP H 82 -19.20 24.93 -78.31
CA ASP H 82 -20.16 24.00 -77.72
C ASP H 82 -20.46 22.79 -78.58
N PHE H 83 -19.91 22.68 -79.79
CA PHE H 83 -20.22 21.56 -80.67
C PHE H 83 -19.29 20.40 -80.31
N ALA H 84 -19.88 19.37 -79.72
CA ALA H 84 -19.16 18.17 -79.28
C ALA H 84 -20.20 17.11 -78.96
N VAL H 85 -19.74 15.98 -78.43
CA VAL H 85 -20.66 14.98 -77.92
C VAL H 85 -20.86 15.25 -76.43
N TYR H 86 -22.08 15.01 -75.94
CA TYR H 86 -22.40 15.20 -74.53
C TYR H 86 -22.99 13.91 -73.97
N TYR H 87 -22.41 13.40 -72.88
CA TYR H 87 -22.90 12.19 -72.25
C TYR H 87 -23.56 12.52 -70.91
N CYS H 88 -24.59 11.74 -70.57
CA CYS H 88 -25.17 11.71 -69.25
C CYS H 88 -24.64 10.49 -68.48
N GLN H 89 -24.74 10.56 -67.16
CA GLN H 89 -24.11 9.54 -66.32
C GLN H 89 -24.89 9.32 -65.04
N GLU H 90 -25.27 8.07 -64.78
CA GLU H 90 -25.85 7.68 -63.51
C GLU H 90 -24.77 7.22 -62.54
N TYR H 91 -24.81 7.74 -61.31
CA TYR H 91 -23.96 7.19 -60.26
C TYR H 91 -24.67 7.06 -58.92
N ASN H 92 -25.99 6.83 -58.89
CA ASN H 92 -26.62 6.74 -57.58
C ASN H 92 -26.23 5.48 -56.83
N ASN H 93 -25.60 4.53 -57.52
CA ASN H 93 -24.84 3.45 -56.91
C ASN H 93 -23.41 3.98 -56.89
N TRP H 94 -22.97 4.49 -55.73
CA TRP H 94 -21.92 5.50 -55.61
C TRP H 94 -20.66 5.17 -56.42
N PRO H 95 -19.97 4.06 -56.20
CA PRO H 95 -18.83 3.75 -57.07
C PRO H 95 -19.16 3.05 -58.38
N ARG H 96 -20.44 2.89 -58.70
CA ARG H 96 -20.89 2.11 -59.85
C ARG H 96 -21.49 3.07 -60.86
N TYR H 97 -21.00 3.05 -62.10
CA TYR H 97 -21.45 4.02 -63.08
C TYR H 97 -22.04 3.37 -64.31
N THR H 98 -22.86 4.15 -65.03
CA THR H 98 -23.29 3.84 -66.39
C THR H 98 -23.37 5.16 -67.16
N PHE H 99 -22.61 5.25 -68.25
CA PHE H 99 -22.71 6.37 -69.17
C PHE H 99 -23.93 6.24 -70.07
N GLY H 100 -24.19 7.28 -70.86
CA GLY H 100 -25.11 7.20 -71.97
C GLY H 100 -24.38 6.99 -73.28
N GLN H 101 -25.17 6.84 -74.35
CA GLN H 101 -24.58 6.55 -75.65
C GLN H 101 -23.76 7.72 -76.18
N GLY H 102 -24.09 8.93 -75.77
CA GLY H 102 -23.52 10.13 -76.34
C GLY H 102 -24.52 10.81 -77.26
N ALA H 103 -24.29 12.09 -77.51
CA ALA H 103 -25.14 12.83 -78.43
C ALA H 103 -24.29 13.88 -79.10
N LYS H 104 -24.01 13.69 -80.39
CA LYS H 104 -23.28 14.72 -81.12
C LYS H 104 -24.17 15.93 -81.31
N LEU H 105 -23.53 17.08 -81.41
CA LEU H 105 -24.23 18.36 -81.59
C LEU H 105 -23.58 19.03 -82.79
N GLU H 106 -24.30 19.05 -83.91
CA GLU H 106 -23.75 19.49 -85.19
C GLU H 106 -24.27 20.87 -85.57
N ILE H 107 -23.47 21.58 -86.38
CA ILE H 107 -23.90 22.84 -86.96
C ILE H 107 -24.97 22.60 -88.02
N ARG H 108 -26.02 23.43 -88.00
CA ARG H 108 -27.08 23.35 -89.00
C ARG H 108 -26.88 24.38 -90.11
N ARG H 109 -26.99 23.92 -91.37
CA ARG H 109 -26.99 24.80 -92.53
C ARG H 109 -28.00 24.26 -93.53
N THR H 110 -28.10 24.93 -94.68
CA THR H 110 -29.08 24.53 -95.69
C THR H 110 -28.62 23.27 -96.43
N VAL H 111 -29.59 22.53 -96.97
CA VAL H 111 -29.30 21.26 -97.61
C VAL H 111 -28.35 21.49 -98.78
N ALA H 112 -27.32 20.65 -98.88
CA ALA H 112 -26.36 20.70 -99.97
C ALA H 112 -26.13 19.30 -100.52
N ALA H 113 -26.32 19.15 -101.83
CA ALA H 113 -26.12 17.86 -102.47
C ALA H 113 -24.63 17.57 -102.65
N PRO H 114 -24.25 16.30 -102.64
CA PRO H 114 -22.84 15.95 -102.82
C PRO H 114 -22.42 16.01 -104.28
N SER H 115 -21.15 16.35 -104.48
CA SER H 115 -20.49 16.14 -105.77
C SER H 115 -19.97 14.71 -105.76
N VAL H 116 -20.40 13.90 -106.73
CA VAL H 116 -20.11 12.48 -106.75
C VAL H 116 -19.00 12.23 -107.76
N PHE H 117 -17.96 11.51 -107.33
CA PHE H 117 -16.90 11.08 -108.22
C PHE H 117 -16.55 9.63 -107.93
N ILE H 118 -16.06 8.95 -108.95
CA ILE H 118 -15.66 7.55 -108.87
C ILE H 118 -14.28 7.44 -109.46
N PHE H 119 -13.45 6.57 -108.88
CA PHE H 119 -12.05 6.49 -109.26
C PHE H 119 -11.73 5.02 -109.56
N PRO H 120 -11.13 4.73 -110.70
CA PRO H 120 -10.78 3.35 -111.01
C PRO H 120 -9.51 2.96 -110.27
N PRO H 121 -9.28 1.67 -110.08
CA PRO H 121 -8.02 1.23 -109.46
C PRO H 121 -6.84 1.60 -110.34
N SER H 122 -5.68 1.74 -109.70
CA SER H 122 -4.47 2.05 -110.44
C SER H 122 -3.88 0.78 -111.03
N ASP H 123 -3.02 0.95 -112.03
CA ASP H 123 -2.27 -0.19 -112.55
C ASP H 123 -1.28 -0.70 -111.52
N GLU H 124 -0.69 0.22 -110.73
CA GLU H 124 0.24 -0.18 -109.68
C GLU H 124 -0.42 -1.11 -108.67
N GLN H 125 -1.73 -0.94 -108.42
CA GLN H 125 -2.42 -1.83 -107.49
C GLN H 125 -2.85 -3.12 -108.16
N LEU H 126 -3.16 -3.09 -109.46
CA LEU H 126 -3.68 -4.29 -110.12
C LEU H 126 -2.63 -5.36 -110.25
N LYS H 127 -1.36 -4.98 -110.26
CA LYS H 127 -0.27 -5.94 -110.26
C LYS H 127 0.14 -6.37 -108.85
N SER H 128 -0.35 -5.70 -107.81
CA SER H 128 -0.09 -6.15 -106.45
C SER H 128 -1.00 -7.30 -105.99
N GLY H 129 -2.15 -7.50 -106.65
CA GLY H 129 -3.03 -8.61 -106.34
C GLY H 129 -4.44 -8.23 -105.96
N THR H 130 -4.66 -7.01 -105.48
CA THR H 130 -5.95 -6.58 -104.97
C THR H 130 -6.50 -5.44 -105.82
N ALA H 131 -7.80 -5.18 -105.67
CA ALA H 131 -8.46 -4.06 -106.36
C ALA H 131 -9.22 -3.23 -105.35
N SER H 132 -9.12 -1.91 -105.49
CA SER H 132 -9.78 -0.97 -104.60
C SER H 132 -10.44 0.12 -105.42
N VAL H 133 -11.77 0.13 -105.45
CA VAL H 133 -12.55 1.13 -106.18
C VAL H 133 -13.09 2.15 -105.18
N VAL H 134 -12.81 3.42 -105.41
CA VAL H 134 -13.13 4.47 -104.46
C VAL H 134 -14.19 5.40 -105.05
N CYS H 135 -15.20 5.72 -104.25
CA CYS H 135 -16.30 6.61 -104.60
C CYS H 135 -16.41 7.68 -103.52
N LEU H 136 -16.36 8.95 -103.90
CA LEU H 136 -16.34 10.03 -102.92
C LEU H 136 -17.56 10.93 -103.09
N LEU H 137 -18.14 11.32 -101.96
CA LEU H 137 -19.20 12.31 -101.88
C LEU H 137 -18.60 13.59 -101.32
N ASN H 138 -18.83 14.71 -102.00
CA ASN H 138 -18.07 15.93 -101.72
C ASN H 138 -18.99 17.04 -101.23
N ASN H 139 -18.67 17.58 -100.05
CA ASN H 139 -19.27 18.79 -99.50
C ASN H 139 -20.80 18.74 -99.53
N PHE H 140 -21.34 17.76 -98.82
CA PHE H 140 -22.78 17.57 -98.71
C PHE H 140 -23.22 17.63 -97.26
N TYR H 141 -24.49 18.00 -97.05
CA TYR H 141 -25.12 17.99 -95.74
C TYR H 141 -26.60 18.00 -96.07
N PRO H 142 -27.45 17.19 -95.40
CA PRO H 142 -27.15 16.38 -94.22
C PRO H 142 -26.21 15.21 -94.40
N ARG H 143 -25.79 14.66 -93.26
CA ARG H 143 -24.81 13.59 -93.26
C ARG H 143 -25.44 12.29 -93.70
N GLU H 144 -26.71 12.10 -93.37
CA GLU H 144 -27.44 10.90 -93.74
C GLU H 144 -27.43 10.77 -95.26
N ALA H 145 -26.77 9.73 -95.76
CA ALA H 145 -26.61 9.51 -97.18
C ALA H 145 -26.45 8.02 -97.39
N LYS H 146 -26.76 7.57 -98.60
CA LYS H 146 -26.73 6.16 -98.92
C LYS H 146 -25.84 5.92 -100.15
N VAL H 147 -24.96 4.92 -100.03
CA VAL H 147 -24.04 4.57 -101.11
C VAL H 147 -24.12 3.06 -101.30
N GLN H 148 -24.48 2.64 -102.52
CA GLN H 148 -24.54 1.23 -102.86
C GLN H 148 -23.67 0.99 -104.09
N TRP H 149 -23.02 -0.16 -104.12
CA TRP H 149 -22.12 -0.52 -105.20
C TRP H 149 -22.83 -1.51 -106.11
N LYS H 150 -22.75 -1.28 -107.42
CA LYS H 150 -23.31 -2.21 -108.38
C LYS H 150 -22.24 -2.58 -109.39
N VAL H 151 -21.95 -3.87 -109.47
CA VAL H 151 -20.94 -4.43 -110.36
C VAL H 151 -21.67 -5.25 -111.41
N ASP H 152 -21.66 -4.76 -112.65
CA ASP H 152 -22.52 -5.30 -113.72
C ASP H 152 -23.96 -5.40 -113.24
N ASN H 153 -24.42 -4.35 -112.57
CA ASN H 153 -25.75 -4.23 -111.97
C ASN H 153 -26.00 -5.26 -110.88
N ALA H 154 -24.97 -6.00 -110.46
CA ALA H 154 -25.08 -6.90 -109.30
C ALA H 154 -24.82 -6.05 -108.06
N LEU H 155 -25.85 -5.85 -107.25
CA LEU H 155 -25.73 -5.03 -106.05
C LEU H 155 -24.73 -5.66 -105.09
N GLN H 156 -23.66 -4.92 -104.79
CA GLN H 156 -22.60 -5.43 -103.95
C GLN H 156 -22.89 -5.11 -102.49
N SER H 157 -22.42 -6.00 -101.60
CA SER H 157 -22.68 -5.86 -100.17
C SER H 157 -21.61 -6.59 -99.37
N GLY H 158 -21.21 -5.99 -98.26
CA GLY H 158 -20.27 -6.61 -97.35
C GLY H 158 -18.82 -6.58 -97.77
N ASN H 159 -18.46 -5.81 -98.80
CA ASN H 159 -17.08 -5.72 -99.23
C ASN H 159 -16.62 -4.28 -99.47
N SER H 160 -17.34 -3.30 -98.90
CA SER H 160 -16.90 -1.91 -98.95
C SER H 160 -16.87 -1.33 -97.53
N GLN H 161 -15.92 -0.43 -97.31
CA GLN H 161 -15.81 0.34 -96.08
C GLN H 161 -15.93 1.83 -96.37
N GLU H 162 -16.70 2.53 -95.53
CA GLU H 162 -16.91 3.96 -95.66
C GLU H 162 -16.27 4.72 -94.50
N SER H 163 -15.83 5.94 -94.79
CA SER H 163 -15.37 6.85 -93.75
C SER H 163 -15.92 8.24 -94.06
N VAL H 164 -16.30 8.96 -93.00
CA VAL H 164 -16.88 10.29 -93.13
C VAL H 164 -15.95 11.29 -92.45
N THR H 165 -15.97 12.52 -92.94
CA THR H 165 -15.19 13.58 -92.31
C THR H 165 -16.07 14.42 -91.39
N GLU H 166 -15.41 15.13 -90.47
CA GLU H 166 -16.05 16.08 -89.59
C GLU H 166 -16.58 17.27 -90.39
N GLN H 167 -17.57 17.96 -89.81
CA GLN H 167 -18.14 19.12 -90.47
C GLN H 167 -17.07 20.16 -90.77
N ASP H 168 -17.07 20.66 -92.01
CA ASP H 168 -16.00 21.53 -92.47
C ASP H 168 -16.02 22.83 -91.67
N SER H 169 -14.83 23.32 -91.32
CA SER H 169 -14.76 24.51 -90.48
C SER H 169 -15.37 25.71 -91.19
N LYS H 170 -15.08 25.87 -92.48
CA LYS H 170 -15.63 27.00 -93.24
C LYS H 170 -17.02 26.69 -93.78
N ASP H 171 -17.21 25.49 -94.30
CA ASP H 171 -18.39 25.16 -95.10
C ASP H 171 -19.43 24.34 -94.34
N SER H 172 -19.09 23.81 -93.16
CA SER H 172 -20.04 23.08 -92.31
C SER H 172 -20.69 21.92 -93.04
N THR H 173 -19.99 21.33 -94.01
CA THR H 173 -20.49 20.20 -94.78
C THR H 173 -19.77 18.93 -94.36
N TYR H 174 -20.18 17.83 -94.96
CA TYR H 174 -19.58 16.52 -94.75
C TYR H 174 -18.99 16.03 -96.06
N SER H 175 -18.05 15.09 -95.96
CA SER H 175 -17.57 14.36 -97.11
C SER H 175 -17.49 12.89 -96.75
N LEU H 176 -17.72 12.04 -97.75
CA LEU H 176 -17.76 10.60 -97.54
C LEU H 176 -17.05 9.91 -98.69
N SER H 177 -16.31 8.85 -98.37
CA SER H 177 -15.66 8.02 -99.37
C SER H 177 -15.98 6.57 -99.06
N SER H 178 -16.55 5.86 -100.04
CA SER H 178 -16.72 4.43 -99.95
C SER H 178 -15.69 3.77 -100.84
N THR H 179 -15.00 2.75 -100.30
CA THR H 179 -13.96 2.05 -101.03
C THR H 179 -14.40 0.60 -101.19
N LEU H 180 -14.47 0.16 -102.44
CA LEU H 180 -14.80 -1.23 -102.76
C LEU H 180 -13.50 -2.00 -102.94
N THR H 181 -13.36 -3.11 -102.22
CA THR H 181 -12.13 -3.89 -102.26
C THR H 181 -12.43 -5.27 -102.82
N LEU H 182 -11.75 -5.60 -103.91
CA LEU H 182 -11.79 -6.93 -104.52
C LEU H 182 -10.38 -7.38 -104.84
N SER H 183 -10.25 -8.64 -105.22
CA SER H 183 -9.00 -9.15 -105.75
C SER H 183 -8.96 -8.91 -107.26
N LYS H 184 -7.73 -8.93 -107.81
CA LYS H 184 -7.60 -8.77 -109.26
C LYS H 184 -8.38 -9.85 -110.01
N ALA H 185 -8.39 -11.08 -109.48
CA ALA H 185 -9.12 -12.17 -110.11
C ALA H 185 -10.61 -11.84 -110.18
N ASP H 186 -11.18 -11.38 -109.08
CA ASP H 186 -12.58 -10.98 -109.09
C ASP H 186 -12.79 -9.64 -109.79
N TYR H 187 -11.77 -8.79 -109.78
CA TYR H 187 -11.87 -7.50 -110.49
C TYR H 187 -11.97 -7.69 -111.99
N GLU H 188 -11.26 -8.69 -112.53
CA GLU H 188 -11.25 -8.94 -113.96
C GLU H 188 -12.56 -9.56 -114.44
N LYS H 189 -13.29 -10.26 -113.58
CA LYS H 189 -14.47 -11.00 -114.04
C LYS H 189 -15.53 -10.09 -114.65
N HIS H 190 -15.77 -8.92 -114.06
CA HIS H 190 -16.89 -8.07 -114.43
C HIS H 190 -16.42 -6.82 -115.16
N LYS H 191 -17.35 -6.07 -115.74
CA LYS H 191 -16.94 -4.91 -116.53
C LYS H 191 -17.46 -3.58 -116.03
N VAL H 192 -18.73 -3.51 -115.61
CA VAL H 192 -19.35 -2.26 -115.20
C VAL H 192 -19.34 -2.18 -113.67
N TYR H 193 -18.71 -1.14 -113.14
CA TYR H 193 -18.71 -0.87 -111.69
C TYR H 193 -19.23 0.55 -111.46
N ALA H 194 -20.32 0.65 -110.70
CA ALA H 194 -20.98 1.91 -110.42
C ALA H 194 -21.26 2.06 -108.94
N CYS H 195 -21.11 3.29 -108.43
CA CYS H 195 -21.62 3.65 -107.12
C CYS H 195 -22.77 4.63 -107.32
N GLU H 196 -23.90 4.33 -106.70
CA GLU H 196 -25.08 5.18 -106.76
C GLU H 196 -25.28 5.85 -105.41
N VAL H 197 -25.53 7.16 -105.42
CA VAL H 197 -25.58 7.97 -104.22
C VAL H 197 -26.98 8.52 -104.05
N THR H 198 -27.58 8.26 -102.89
CA THR H 198 -28.87 8.83 -102.50
C THR H 198 -28.64 9.87 -101.42
N HIS H 199 -29.13 11.09 -101.66
CA HIS H 199 -29.01 12.16 -100.68
C HIS H 199 -30.26 13.03 -100.73
N GLN H 200 -30.55 13.68 -99.61
CA GLN H 200 -31.73 14.55 -99.54
C GLN H 200 -31.67 15.70 -100.53
N GLY H 201 -30.46 16.22 -100.81
CA GLY H 201 -30.32 17.34 -101.70
C GLY H 201 -30.21 16.98 -103.16
N LEU H 202 -30.47 15.72 -103.51
CA LEU H 202 -30.48 15.25 -104.88
C LEU H 202 -31.92 14.95 -105.29
N SER H 203 -32.30 15.44 -106.47
CA SER H 203 -33.65 15.15 -106.97
C SER H 203 -33.88 13.64 -107.02
N SER H 204 -32.94 12.92 -107.61
CA SER H 204 -32.97 11.48 -107.71
C SER H 204 -31.55 10.97 -107.51
N PRO H 205 -31.39 9.69 -107.16
CA PRO H 205 -30.03 9.17 -106.92
C PRO H 205 -29.12 9.40 -108.11
N VAL H 206 -27.89 9.83 -107.81
CA VAL H 206 -26.89 10.04 -108.83
C VAL H 206 -26.02 8.79 -108.87
N THR H 207 -25.76 8.29 -110.06
CA THR H 207 -24.89 7.14 -110.25
C THR H 207 -23.77 7.52 -111.19
N LYS H 208 -22.56 7.11 -110.85
CA LYS H 208 -21.40 7.30 -111.70
C LYS H 208 -20.63 6.00 -111.77
N SER H 209 -20.11 5.70 -112.95
CA SER H 209 -19.60 4.36 -113.22
C SER H 209 -18.40 4.46 -114.15
N PHE H 210 -17.77 3.30 -114.37
CA PHE H 210 -16.64 3.22 -115.27
C PHE H 210 -16.54 1.82 -115.86
N ASN H 211 -16.02 1.76 -117.07
CA ASN H 211 -15.70 0.50 -117.74
C ASN H 211 -14.21 0.26 -117.63
N ARG H 212 -13.82 -0.89 -117.12
CA ARG H 212 -12.41 -1.27 -117.22
C ARG H 212 -12.06 -1.52 -118.68
N GLY H 213 -11.27 -0.62 -119.26
CA GLY H 213 -10.87 -0.71 -120.65
C GLY H 213 -11.33 0.55 -121.34
N GLU I 7 -28.16 29.38 -36.76
CA GLU I 7 -29.58 29.13 -36.97
C GLU I 7 -29.72 28.21 -38.19
N ILE I 8 -29.47 28.77 -39.37
CA ILE I 8 -29.29 27.98 -40.59
C ILE I 8 -28.06 27.09 -40.51
N SER I 9 -27.12 27.42 -39.62
CA SER I 9 -25.78 26.85 -39.62
C SER I 9 -25.64 25.43 -39.05
N LYS I 10 -26.43 25.03 -38.05
CA LYS I 10 -26.12 23.78 -37.34
C LYS I 10 -25.94 22.56 -38.25
N LYS I 11 -26.77 22.42 -39.29
CA LYS I 11 -26.70 21.21 -40.11
C LYS I 11 -25.33 20.99 -40.75
N ILE I 12 -24.72 22.04 -41.32
CA ILE I 12 -23.42 21.86 -41.95
C ILE I 12 -22.38 21.45 -40.90
N THR I 13 -22.41 22.08 -39.73
CA THR I 13 -21.41 21.79 -38.71
C THR I 13 -21.52 20.36 -38.20
N ASP I 14 -22.74 19.87 -37.99
CA ASP I 14 -22.91 18.51 -37.48
C ASP I 14 -22.44 17.47 -38.48
N SER I 15 -22.84 17.60 -39.75
CA SER I 15 -22.44 16.63 -40.74
C SER I 15 -20.93 16.67 -40.99
N ASN I 16 -20.32 17.84 -40.87
CA ASN I 16 -18.86 17.90 -40.97
C ASN I 16 -18.21 17.17 -39.80
N ALA I 17 -18.77 17.34 -38.59
CA ALA I 17 -18.23 16.65 -37.43
C ALA I 17 -18.24 15.14 -37.61
N VAL I 18 -19.33 14.59 -38.15
CA VAL I 18 -19.37 13.14 -38.34
C VAL I 18 -18.35 12.73 -39.41
N LEU I 19 -18.19 13.53 -40.46
CA LEU I 19 -17.22 13.18 -41.49
C LEU I 19 -15.80 13.21 -40.93
N LEU I 20 -15.48 14.26 -40.18
CA LEU I 20 -14.17 14.33 -39.53
C LEU I 20 -13.94 13.13 -38.64
N ALA I 21 -14.94 12.78 -37.82
CA ALA I 21 -14.81 11.64 -36.92
C ALA I 21 -14.61 10.33 -37.68
N VAL I 22 -15.36 10.12 -38.77
CA VAL I 22 -15.23 8.86 -39.50
C VAL I 22 -13.91 8.79 -40.25
N LYS I 23 -13.48 9.90 -40.86
CA LYS I 23 -12.27 9.88 -41.68
C LYS I 23 -11.00 9.73 -40.86
N GLU I 24 -11.02 10.01 -39.55
CA GLU I 24 -9.83 9.69 -38.77
C GLU I 24 -9.74 8.19 -38.48
N VAL I 25 -10.89 7.50 -38.44
CA VAL I 25 -10.86 6.05 -38.35
C VAL I 25 -10.18 5.46 -39.57
N GLU I 26 -10.53 5.96 -40.75
CA GLU I 26 -9.89 5.49 -41.98
C GLU I 26 -8.41 5.85 -42.03
N ALA I 27 -8.04 7.03 -41.51
CA ALA I 27 -6.63 7.40 -41.48
C ALA I 27 -5.83 6.45 -40.59
N LEU I 28 -6.40 6.04 -39.47
CA LEU I 28 -5.76 5.02 -38.64
C LEU I 28 -5.65 3.70 -39.39
N LEU I 29 -6.73 3.33 -40.10
CA LEU I 29 -6.71 2.12 -40.91
C LEU I 29 -5.55 2.13 -41.91
N SER I 30 -5.29 3.29 -42.53
CA SER I 30 -4.17 3.39 -43.45
C SER I 30 -2.83 3.23 -42.74
N SER I 31 -2.78 3.50 -41.43
CA SER I 31 -1.56 3.24 -40.66
C SER I 31 -1.29 1.74 -40.57
N ILE I 32 -2.34 0.94 -40.33
CA ILE I 32 -2.17 -0.52 -40.34
C ILE I 32 -1.76 -0.99 -41.74
N ASP I 33 -2.44 -0.47 -42.77
CA ASP I 33 -2.12 -0.88 -44.14
C ASP I 33 -0.69 -0.50 -44.51
N GLU I 34 -0.24 0.68 -44.08
CA GLU I 34 1.07 1.17 -44.50
C GLU I 34 2.20 0.42 -43.80
N ILE I 35 2.04 0.12 -42.51
CA ILE I 35 3.04 -0.68 -41.83
C ILE I 35 3.03 -2.10 -42.37
N ALA I 36 1.85 -2.61 -42.72
CA ALA I 36 1.78 -3.94 -43.31
C ALA I 36 2.43 -3.97 -44.68
N ALA I 37 2.25 -2.92 -45.47
CA ALA I 37 2.76 -2.91 -46.84
C ALA I 37 4.25 -2.63 -46.91
N LYS I 38 4.77 -1.77 -46.03
CA LYS I 38 6.15 -1.31 -46.14
C LYS I 38 7.04 -1.65 -44.96
N ALA I 39 6.49 -2.13 -43.85
CA ALA I 39 7.27 -2.30 -42.62
C ALA I 39 7.36 -3.72 -42.11
N ILE I 40 6.50 -4.64 -42.58
CA ILE I 40 6.60 -6.02 -42.12
C ILE I 40 7.95 -6.60 -42.52
N GLY I 41 8.66 -7.16 -41.54
CA GLY I 41 9.95 -7.76 -41.80
C GLY I 41 11.04 -6.77 -42.14
N LYS I 42 10.92 -5.52 -41.70
CA LYS I 42 11.86 -4.47 -42.07
C LYS I 42 12.48 -3.83 -40.83
N LYS I 43 13.55 -3.06 -41.06
CA LYS I 43 14.25 -2.36 -40.00
C LYS I 43 14.75 -1.02 -40.53
N ILE I 44 15.10 -0.13 -39.61
CA ILE I 44 15.60 1.19 -40.01
C ILE I 44 16.97 1.04 -40.67
N HIS I 45 17.17 1.81 -41.74
CA HIS I 45 18.45 1.88 -42.43
C HIS I 45 18.80 3.35 -42.62
N GLN I 46 20.09 3.67 -42.49
CA GLN I 46 20.47 5.08 -42.48
C GLN I 46 20.27 5.76 -43.83
N ASN I 47 20.32 5.01 -44.93
CA ASN I 47 20.23 5.61 -46.26
C ASN I 47 18.94 5.30 -47.00
N ASN I 48 18.59 4.02 -47.13
CA ASN I 48 17.38 3.67 -47.86
C ASN I 48 16.12 4.00 -47.05
N GLY I 49 16.23 4.04 -45.74
CA GLY I 49 15.10 4.30 -44.87
C GLY I 49 14.58 3.04 -44.25
N LEU I 50 14.56 1.95 -45.02
CA LEU I 50 14.19 0.64 -44.51
C LEU I 50 15.01 -0.44 -45.20
N ASP I 51 15.27 -1.51 -44.45
CA ASP I 51 16.06 -2.63 -44.93
C ASP I 51 15.51 -3.88 -44.27
N THR I 52 15.90 -5.04 -44.79
CA THR I 52 15.25 -6.29 -44.41
C THR I 52 15.71 -6.74 -43.03
N GLU I 53 14.75 -7.15 -42.19
CA GLU I 53 15.02 -7.78 -40.91
C GLU I 53 13.89 -8.77 -40.70
N ASN I 54 14.14 -10.03 -41.05
CA ASN I 54 13.06 -11.00 -41.18
C ASN I 54 12.67 -11.62 -39.85
N ASN I 55 11.35 -11.78 -39.67
CA ASN I 55 10.76 -12.63 -38.64
C ASN I 55 11.03 -12.09 -37.23
N HIS I 56 10.94 -10.77 -37.08
CA HIS I 56 11.00 -10.12 -35.77
C HIS I 56 9.91 -9.06 -35.67
N ASN I 57 8.71 -9.40 -36.14
CA ASN I 57 7.64 -8.44 -36.34
C ASN I 57 6.74 -8.32 -35.11
N GLY I 58 7.18 -8.83 -33.96
CA GLY I 58 6.31 -8.88 -32.80
C GLY I 58 5.90 -7.51 -32.29
N SER I 59 6.89 -6.63 -32.09
CA SER I 59 6.58 -5.29 -31.58
C SER I 59 5.78 -4.49 -32.59
N LEU I 60 6.04 -4.70 -33.89
CA LEU I 60 5.23 -4.03 -34.92
C LEU I 60 3.78 -4.45 -34.84
N LEU I 61 3.52 -5.76 -34.71
CA LEU I 61 2.14 -6.23 -34.59
C LEU I 61 1.49 -5.75 -33.31
N ALA I 62 2.25 -5.61 -32.23
CA ALA I 62 1.72 -5.03 -31.01
C ALA I 62 1.21 -3.62 -31.27
N GLY I 63 1.99 -2.82 -32.00
CA GLY I 63 1.53 -1.50 -32.39
C GLY I 63 0.25 -1.53 -33.20
N ALA I 64 0.12 -2.51 -34.11
CA ALA I 64 -1.09 -2.63 -34.90
C ALA I 64 -2.31 -2.85 -34.01
N TYR I 65 -2.23 -3.79 -33.07
CA TYR I 65 -3.33 -3.99 -32.15
C TYR I 65 -3.53 -2.75 -31.27
N ALA I 66 -2.44 -2.03 -30.96
CA ALA I 66 -2.59 -0.79 -30.22
C ALA I 66 -3.49 0.19 -30.97
N ILE I 67 -3.23 0.38 -32.28
CA ILE I 67 -4.11 1.20 -33.09
C ILE I 67 -5.48 0.53 -33.22
N SER I 68 -5.52 -0.81 -33.24
CA SER I 68 -6.77 -1.52 -33.40
C SER I 68 -7.79 -1.15 -32.32
N THR I 69 -7.33 -1.04 -31.06
CA THR I 69 -8.26 -0.64 -30.01
C THR I 69 -8.57 0.85 -30.09
N LEU I 70 -7.61 1.65 -30.56
CA LEU I 70 -7.93 3.04 -30.86
C LEU I 70 -9.03 3.14 -31.90
N ILE I 71 -9.09 2.19 -32.83
CA ILE I 71 -10.17 2.18 -33.81
C ILE I 71 -11.52 1.94 -33.15
N LYS I 72 -11.62 0.89 -32.34
CA LYS I 72 -12.88 0.60 -31.66
C LYS I 72 -13.28 1.73 -30.72
N GLN I 73 -12.27 2.33 -30.07
CA GLN I 73 -12.51 3.48 -29.21
C GLN I 73 -13.23 4.60 -29.94
N LYS I 74 -12.83 4.89 -31.19
CA LYS I 74 -13.46 5.98 -31.92
C LYS I 74 -14.86 5.61 -32.38
N LEU I 75 -15.06 4.37 -32.81
CA LEU I 75 -16.38 3.94 -33.26
C LEU I 75 -17.39 3.95 -32.12
N ASP I 76 -16.95 3.72 -30.89
CA ASP I 76 -17.85 3.85 -29.75
C ASP I 76 -18.17 5.32 -29.50
N GLY I 77 -17.24 6.23 -29.82
CA GLY I 77 -17.48 7.65 -29.69
C GLY I 77 -18.38 8.22 -30.76
N LEU I 78 -18.59 7.50 -31.85
CA LEU I 78 -19.51 7.91 -32.90
C LEU I 78 -20.93 7.52 -32.52
N LYS I 79 -21.83 8.51 -32.47
CA LYS I 79 -23.23 8.26 -32.20
C LYS I 79 -24.09 9.22 -33.00
N ASN I 80 -24.91 8.65 -33.87
CA ASN I 80 -25.86 9.37 -34.70
C ASN I 80 -26.97 8.37 -34.97
N GLU I 81 -28.21 8.79 -34.72
CA GLU I 81 -29.32 7.85 -34.82
C GLU I 81 -29.52 7.37 -36.26
N GLY I 82 -29.29 8.23 -37.24
CA GLY I 82 -29.46 7.79 -38.62
C GLY I 82 -28.42 6.76 -39.02
N LEU I 83 -27.15 7.00 -38.67
CA LEU I 83 -26.08 6.07 -38.99
C LEU I 83 -25.87 4.99 -37.94
N LYS I 84 -26.79 4.85 -36.98
CA LYS I 84 -26.56 3.95 -35.85
C LYS I 84 -26.29 2.52 -36.33
N GLU I 85 -27.10 2.02 -37.25
CA GLU I 85 -26.98 0.63 -37.68
C GLU I 85 -25.67 0.39 -38.41
N LYS I 86 -25.22 1.37 -39.21
CA LYS I 86 -23.94 1.21 -39.90
C LYS I 86 -22.77 1.39 -38.93
N ILE I 87 -22.91 2.28 -37.96
CA ILE I 87 -21.88 2.45 -36.93
C ILE I 87 -21.76 1.20 -36.09
N ASP I 88 -22.89 0.61 -35.70
CA ASP I 88 -22.88 -0.62 -34.92
C ASP I 88 -22.21 -1.77 -35.67
N ALA I 89 -22.36 -1.81 -37.01
CA ALA I 89 -21.71 -2.85 -37.79
C ALA I 89 -20.20 -2.68 -37.79
N ALA I 90 -19.73 -1.43 -37.91
CA ALA I 90 -18.29 -1.17 -37.81
C ALA I 90 -17.79 -1.49 -36.40
N LYS I 91 -18.61 -1.22 -35.39
CA LYS I 91 -18.24 -1.58 -34.02
C LYS I 91 -17.99 -3.07 -33.90
N LYS I 92 -18.89 -3.89 -34.49
CA LYS I 92 -18.70 -5.33 -34.48
C LYS I 92 -17.45 -5.74 -35.24
N CYS I 93 -17.20 -5.10 -36.39
CA CYS I 93 -16.04 -5.46 -37.20
C CYS I 93 -14.73 -5.11 -36.49
N SER I 94 -14.67 -3.94 -35.86
CA SER I 94 -13.46 -3.58 -35.12
C SER I 94 -13.28 -4.52 -33.93
N GLU I 95 -14.37 -4.92 -33.29
CA GLU I 95 -14.28 -5.86 -32.18
C GLU I 95 -13.92 -7.25 -32.67
N THR I 96 -14.47 -7.67 -33.81
CA THR I 96 -14.17 -8.98 -34.36
C THR I 96 -12.72 -9.08 -34.80
N PHE I 97 -12.19 -8.02 -35.41
CA PHE I 97 -10.78 -8.00 -35.80
C PHE I 97 -9.89 -8.03 -34.56
N THR I 98 -10.16 -7.15 -33.60
CA THR I 98 -9.35 -7.08 -32.39
C THR I 98 -9.39 -8.38 -31.60
N ASN I 99 -10.57 -9.02 -31.52
CA ASN I 99 -10.64 -10.32 -30.86
C ASN I 99 -9.88 -11.39 -31.63
N LYS I 100 -9.87 -11.30 -32.96
CA LYS I 100 -9.13 -12.28 -33.76
C LYS I 100 -7.63 -12.18 -33.49
N LEU I 101 -7.12 -10.97 -33.28
CA LEU I 101 -5.69 -10.81 -33.01
C LEU I 101 -5.30 -11.49 -31.70
N LYS I 102 -6.07 -11.27 -30.64
CA LYS I 102 -5.83 -12.02 -29.41
C LYS I 102 -6.09 -13.50 -29.60
N GLU I 103 -7.07 -13.85 -30.44
CA GLU I 103 -7.39 -15.26 -30.69
C GLU I 103 -6.18 -16.02 -31.21
N LYS I 104 -5.37 -15.40 -32.06
CA LYS I 104 -4.19 -16.02 -32.65
C LYS I 104 -2.90 -15.65 -31.93
N HIS I 105 -2.98 -15.41 -30.62
CA HIS I 105 -1.81 -14.99 -29.85
C HIS I 105 -0.68 -16.01 -29.83
N THR I 106 -0.98 -17.30 -30.03
CA THR I 106 0.08 -18.31 -30.02
C THR I 106 1.11 -18.05 -31.13
N ASP I 107 0.64 -17.57 -32.28
CA ASP I 107 1.54 -17.24 -33.38
C ASP I 107 1.85 -15.76 -33.47
N LEU I 108 0.99 -14.91 -32.92
CA LEU I 108 1.19 -13.48 -32.99
C LEU I 108 1.72 -12.87 -31.70
N GLY I 109 1.61 -13.57 -30.57
CA GLY I 109 2.12 -13.07 -29.30
C GLY I 109 3.55 -13.43 -28.94
N LYS I 110 4.52 -12.88 -29.67
CA LYS I 110 5.93 -13.03 -29.30
C LYS I 110 6.70 -11.93 -30.01
N GLU I 111 7.97 -11.75 -29.62
CA GLU I 111 8.80 -10.78 -30.32
C GLU I 111 9.08 -11.25 -31.75
N GLY I 112 9.33 -12.55 -31.93
CA GLY I 112 9.59 -13.13 -33.22
C GLY I 112 8.39 -13.68 -33.98
N VAL I 113 7.42 -12.87 -34.34
CA VAL I 113 6.34 -13.38 -35.19
C VAL I 113 6.84 -13.41 -36.63
N THR I 114 6.54 -14.49 -37.32
CA THR I 114 7.09 -14.73 -38.66
C THR I 114 6.67 -13.64 -39.63
N ASP I 115 7.53 -13.39 -40.62
CA ASP I 115 7.17 -12.51 -41.74
C ASP I 115 5.89 -13.00 -42.41
N ALA I 116 5.80 -14.31 -42.64
CA ALA I 116 4.61 -14.89 -43.24
C ALA I 116 3.39 -14.64 -42.35
N ASP I 117 3.54 -14.86 -41.04
CA ASP I 117 2.39 -14.73 -40.13
C ASP I 117 2.00 -13.27 -39.93
N ALA I 118 2.98 -12.36 -39.93
CA ALA I 118 2.67 -10.94 -39.79
C ALA I 118 1.85 -10.44 -40.97
N LYS I 119 2.23 -10.82 -42.19
CA LYS I 119 1.44 -10.44 -43.36
C LYS I 119 0.03 -11.01 -43.27
N GLU I 120 -0.10 -12.24 -42.78
CA GLU I 120 -1.41 -12.85 -42.59
C GLU I 120 -2.28 -12.08 -41.61
N ALA I 121 -1.70 -11.22 -40.76
CA ALA I 121 -2.49 -10.56 -39.74
C ALA I 121 -3.00 -9.18 -40.16
N ILE I 122 -2.17 -8.36 -40.80
CA ILE I 122 -2.52 -6.97 -41.04
C ILE I 122 -2.40 -6.55 -42.49
N LEU I 123 -1.97 -7.44 -43.39
CA LEU I 123 -1.87 -7.12 -44.81
C LEU I 123 -3.14 -7.65 -45.48
N LYS I 124 -4.13 -6.77 -45.64
CA LYS I 124 -5.44 -7.21 -46.13
C LYS I 124 -5.39 -7.73 -47.56
N THR I 125 -4.33 -7.43 -48.30
CA THR I 125 -4.16 -7.91 -49.67
C THR I 125 -3.34 -9.18 -49.78
N ASN I 126 -2.96 -9.78 -48.65
CA ASN I 126 -2.13 -10.98 -48.70
C ASN I 126 -2.91 -12.16 -49.28
N GLY I 127 -2.15 -13.17 -49.73
CA GLY I 127 -2.77 -14.38 -50.26
C GLY I 127 -3.58 -15.13 -49.24
N THR I 128 -2.98 -15.44 -48.08
CA THR I 128 -3.67 -16.12 -47.01
C THR I 128 -4.02 -15.12 -45.91
N LYS I 129 -5.22 -15.28 -45.34
CA LYS I 129 -5.79 -14.28 -44.46
C LYS I 129 -6.39 -14.94 -43.22
N THR I 130 -5.69 -15.94 -42.66
CA THR I 130 -6.23 -16.74 -41.57
C THR I 130 -5.84 -16.22 -40.20
N LYS I 131 -5.05 -15.15 -40.12
CA LYS I 131 -4.60 -14.60 -38.85
C LYS I 131 -5.14 -13.21 -38.57
N GLY I 132 -6.12 -12.74 -39.34
CA GLY I 132 -6.72 -11.45 -39.06
C GLY I 132 -6.93 -10.56 -40.27
N ALA I 133 -6.22 -10.86 -41.38
CA ALA I 133 -6.32 -10.01 -42.57
C ALA I 133 -7.74 -10.02 -43.15
N GLU I 134 -8.48 -11.12 -42.99
CA GLU I 134 -9.88 -11.13 -43.40
C GLU I 134 -10.70 -10.09 -42.64
N GLU I 135 -10.62 -10.12 -41.31
CA GLU I 135 -11.39 -9.18 -40.50
C GLU I 135 -10.98 -7.75 -40.76
N LEU I 136 -9.68 -7.52 -41.04
CA LEU I 136 -9.24 -6.17 -41.37
C LEU I 136 -9.90 -5.67 -42.65
N GLY I 137 -9.97 -6.54 -43.67
CA GLY I 137 -10.69 -6.17 -44.88
C GLY I 137 -12.15 -5.93 -44.64
N LYS I 138 -12.79 -6.81 -43.87
CA LYS I 138 -14.18 -6.62 -43.48
C LYS I 138 -14.37 -5.30 -42.75
N LEU I 139 -13.41 -4.93 -41.90
CA LEU I 139 -13.50 -3.66 -41.18
C LEU I 139 -13.41 -2.47 -42.13
N PHE I 140 -12.42 -2.49 -43.04
CA PHE I 140 -12.33 -1.44 -44.05
C PHE I 140 -13.65 -1.25 -44.79
N GLU I 141 -14.27 -2.36 -45.20
CA GLU I 141 -15.54 -2.27 -45.93
C GLU I 141 -16.63 -1.64 -45.08
N SER I 142 -16.69 -2.00 -43.80
CA SER I 142 -17.70 -1.40 -42.93
C SER I 142 -17.47 0.10 -42.78
N VAL I 143 -16.21 0.51 -42.62
CA VAL I 143 -15.92 1.93 -42.48
C VAL I 143 -16.19 2.67 -43.78
N GLU I 144 -15.84 2.08 -44.93
CA GLU I 144 -16.03 2.79 -46.19
C GLU I 144 -17.51 2.94 -46.55
N VAL I 145 -18.33 1.91 -46.28
CA VAL I 145 -19.77 2.07 -46.43
C VAL I 145 -20.27 3.18 -45.52
N LEU I 146 -19.62 3.33 -44.37
CA LEU I 146 -19.95 4.38 -43.42
C LEU I 146 -19.40 5.74 -43.86
N SER I 147 -18.22 5.74 -44.50
CA SER I 147 -17.65 6.99 -44.99
C SER I 147 -18.54 7.62 -46.05
N LYS I 148 -19.12 6.80 -46.92
CA LYS I 148 -20.01 7.32 -47.97
C LYS I 148 -21.21 8.05 -47.36
N ALA I 149 -21.84 7.44 -46.36
CA ALA I 149 -23.03 8.05 -45.77
C ALA I 149 -22.69 9.37 -45.08
N ALA I 150 -21.56 9.43 -44.37
CA ALA I 150 -21.17 10.70 -43.77
C ALA I 150 -20.79 11.70 -44.84
N LYS I 151 -20.21 11.23 -45.95
CA LYS I 151 -19.78 12.11 -47.03
C LYS I 151 -20.97 12.78 -47.72
N GLU I 152 -22.03 12.01 -48.01
CA GLU I 152 -23.18 12.59 -48.68
C GLU I 152 -24.01 13.45 -47.73
N MET I 153 -24.01 13.11 -46.45
CA MET I 153 -24.68 13.92 -45.44
C MET I 153 -24.08 15.32 -45.36
N LEU I 154 -22.76 15.42 -45.48
CA LEU I 154 -22.11 16.74 -45.49
C LEU I 154 -22.45 17.50 -46.76
N ALA I 155 -22.31 16.85 -47.92
CA ALA I 155 -22.40 17.56 -49.19
C ALA I 155 -23.77 18.18 -49.42
N ASN I 156 -24.84 17.47 -49.06
CA ASN I 156 -26.18 18.03 -49.27
C ASN I 156 -26.49 19.18 -48.32
N SER I 157 -25.81 19.26 -47.17
CA SER I 157 -25.96 20.43 -46.31
C SER I 157 -25.36 21.66 -46.98
N VAL I 158 -24.23 21.48 -47.66
CA VAL I 158 -23.59 22.60 -48.34
C VAL I 158 -24.15 22.76 -49.75
N LYS I 159 -24.64 21.68 -50.35
CA LYS I 159 -25.28 21.85 -51.64
C LYS I 159 -26.62 22.55 -51.52
N GLU I 160 -27.12 22.79 -50.31
CA GLU I 160 -28.26 23.71 -50.24
C GLU I 160 -27.75 25.14 -50.23
N LEU I 161 -26.90 25.52 -51.18
CA LEU I 161 -26.58 26.92 -51.41
C LEU I 161 -27.03 27.39 -52.77
N THR I 162 -26.64 26.67 -53.82
CA THR I 162 -26.89 26.99 -55.23
C THR I 162 -26.38 28.39 -55.57
N SER I 163 -25.53 28.97 -54.73
CA SER I 163 -25.21 30.38 -54.84
C SER I 163 -23.86 30.74 -54.22
N PRO I 164 -22.76 30.77 -55.00
CA PRO I 164 -21.57 31.42 -54.44
C PRO I 164 -21.80 32.90 -54.16
N ILE J 8 -18.96 31.77 -52.65
CA ILE J 8 -18.80 31.44 -51.25
C ILE J 8 -18.92 29.94 -51.06
N SER J 9 -19.54 29.26 -52.03
CA SER J 9 -19.69 27.81 -51.92
C SER J 9 -18.40 27.10 -52.30
N LYS J 10 -17.70 27.63 -53.31
CA LYS J 10 -16.42 27.06 -53.72
C LYS J 10 -15.38 27.19 -52.61
N LYS J 11 -15.34 28.35 -51.95
CA LYS J 11 -14.37 28.56 -50.88
C LYS J 11 -14.62 27.58 -49.74
N ILE J 12 -15.88 27.33 -49.40
CA ILE J 12 -16.19 26.38 -48.34
C ILE J 12 -15.65 25.01 -48.69
N THR J 13 -15.87 24.57 -49.94
CA THR J 13 -15.42 23.24 -50.36
C THR J 13 -13.91 23.15 -50.36
N ASP J 14 -13.22 24.17 -50.90
CA ASP J 14 -11.76 24.13 -50.92
C ASP J 14 -11.18 24.22 -49.52
N SER J 15 -11.74 25.08 -48.67
CA SER J 15 -11.26 25.17 -47.29
C SER J 15 -11.54 23.87 -46.54
N ASN J 16 -12.62 23.18 -46.89
CA ASN J 16 -12.90 21.87 -46.29
C ASN J 16 -11.86 20.86 -46.73
N ALA J 17 -11.44 20.91 -47.99
CA ALA J 17 -10.39 20.03 -48.48
C ALA J 17 -9.13 20.17 -47.62
N VAL J 18 -8.77 21.41 -47.28
CA VAL J 18 -7.58 21.65 -46.47
C VAL J 18 -7.77 21.13 -45.05
N LEU J 19 -8.95 21.36 -44.46
CA LEU J 19 -9.15 20.96 -43.07
C LEU J 19 -9.10 19.45 -42.91
N LEU J 20 -9.87 18.72 -43.72
CA LEU J 20 -9.81 17.26 -43.67
C LEU J 20 -8.39 16.78 -43.93
N ALA J 21 -7.67 17.43 -44.86
CA ALA J 21 -6.31 17.04 -45.18
C ALA J 21 -5.39 17.10 -43.97
N VAL J 22 -5.46 18.18 -43.19
CA VAL J 22 -4.56 18.30 -42.03
C VAL J 22 -4.96 17.29 -40.95
N LYS J 23 -6.26 17.13 -40.72
CA LYS J 23 -6.72 16.24 -39.65
C LYS J 23 -6.46 14.76 -39.93
N GLU J 24 -6.13 14.39 -41.16
CA GLU J 24 -5.65 13.02 -41.37
C GLU J 24 -4.18 12.89 -40.99
N VAL J 25 -3.41 13.97 -41.12
CA VAL J 25 -2.04 13.98 -40.63
C VAL J 25 -2.04 13.82 -39.11
N GLU J 26 -2.89 14.59 -38.43
CA GLU J 26 -3.00 14.45 -36.98
C GLU J 26 -3.53 13.08 -36.60
N ALA J 27 -4.43 12.52 -37.40
CA ALA J 27 -4.89 11.16 -37.16
C ALA J 27 -3.74 10.17 -37.29
N LEU J 28 -2.87 10.38 -38.28
CA LEU J 28 -1.69 9.53 -38.43
C LEU J 28 -0.71 9.78 -37.29
N LEU J 29 -0.49 11.04 -36.92
CA LEU J 29 0.37 11.35 -35.78
C LEU J 29 -0.11 10.65 -34.53
N SER J 30 -1.43 10.60 -34.31
CA SER J 30 -1.98 9.90 -33.16
C SER J 30 -1.72 8.39 -33.23
N SER J 31 -1.50 7.85 -34.43
CA SER J 31 -1.10 6.45 -34.54
C SER J 31 0.29 6.23 -33.96
N ILE J 32 1.20 7.19 -34.18
CA ILE J 32 2.52 7.13 -33.57
C ILE J 32 2.39 7.18 -32.05
N ASP J 33 1.55 8.08 -31.54
CA ASP J 33 1.42 8.24 -30.09
C ASP J 33 0.87 6.97 -29.44
N GLU J 34 -0.12 6.33 -30.08
CA GLU J 34 -0.76 5.19 -29.44
C GLU J 34 0.15 3.97 -29.43
N ILE J 35 0.92 3.76 -30.50
CA ILE J 35 1.89 2.67 -30.51
C ILE J 35 3.05 2.98 -29.55
N ALA J 36 3.48 4.24 -29.51
CA ALA J 36 4.54 4.61 -28.58
C ALA J 36 4.09 4.47 -27.13
N ALA J 37 2.85 4.86 -26.83
CA ALA J 37 2.38 4.84 -25.46
C ALA J 37 2.01 3.44 -24.99
N LYS J 38 1.46 2.60 -25.87
CA LYS J 38 0.91 1.32 -25.43
C LYS J 38 1.60 0.11 -26.05
N ALA J 39 2.51 0.27 -27.01
CA ALA J 39 3.09 -0.88 -27.67
C ALA J 39 4.59 -1.02 -27.49
N ILE J 40 5.30 0.04 -27.08
CA ILE J 40 6.72 -0.12 -26.79
C ILE J 40 6.89 -1.10 -25.64
N GLY J 41 7.72 -2.11 -25.86
CA GLY J 41 7.95 -3.11 -24.83
C GLY J 41 6.77 -4.01 -24.56
N LYS J 42 5.86 -4.16 -25.51
CA LYS J 42 4.65 -4.95 -25.31
C LYS J 42 4.54 -6.03 -26.38
N LYS J 43 3.65 -6.99 -26.11
CA LYS J 43 3.38 -8.09 -27.03
C LYS J 43 1.91 -8.47 -26.88
N ILE J 44 1.38 -9.16 -27.89
CA ILE J 44 -0.03 -9.54 -27.88
C ILE J 44 -0.30 -10.56 -26.79
N HIS J 45 -1.40 -10.39 -26.06
CA HIS J 45 -1.80 -11.31 -25.01
C HIS J 45 -3.25 -11.75 -25.25
N GLN J 46 -3.52 -13.02 -24.92
CA GLN J 46 -4.81 -13.61 -25.27
C GLN J 46 -5.97 -12.94 -24.56
N ASN J 47 -5.78 -12.51 -23.31
CA ASN J 47 -6.86 -11.96 -22.51
C ASN J 47 -6.70 -10.47 -22.24
N ASN J 48 -5.56 -10.05 -21.71
CA ASN J 48 -5.35 -8.62 -21.43
C ASN J 48 -5.23 -7.83 -22.72
N GLY J 49 -4.83 -8.49 -23.80
CA GLY J 49 -4.66 -7.88 -25.10
C GLY J 49 -3.21 -7.54 -25.36
N LEU J 50 -2.53 -7.06 -24.34
CA LEU J 50 -1.11 -6.77 -24.44
C LEU J 50 -0.42 -7.13 -23.14
N ASP J 51 0.80 -7.64 -23.26
CA ASP J 51 1.56 -8.13 -22.13
C ASP J 51 3.02 -7.80 -22.39
N THR J 52 3.83 -7.86 -21.35
CA THR J 52 5.17 -7.26 -21.42
C THR J 52 6.12 -8.12 -22.26
N GLU J 53 6.87 -7.44 -23.13
CA GLU J 53 7.93 -8.06 -23.93
C GLU J 53 9.01 -6.99 -24.09
N ASN J 54 10.05 -7.06 -23.28
CA ASN J 54 10.98 -5.95 -23.14
C ASN J 54 12.07 -5.96 -24.20
N ASN J 55 12.38 -4.77 -24.71
CA ASN J 55 13.61 -4.48 -25.45
C ASN J 55 13.72 -5.29 -26.75
N HIS J 56 12.60 -5.45 -27.45
CA HIS J 56 12.58 -6.07 -28.78
C HIS J 56 11.72 -5.24 -29.73
N ASN J 57 11.91 -3.92 -29.71
CA ASN J 57 11.02 -2.98 -30.37
C ASN J 57 11.49 -2.56 -31.76
N GLY J 58 12.35 -3.36 -32.39
CA GLY J 58 12.92 -2.95 -33.67
C GLY J 58 11.90 -2.79 -34.78
N SER J 59 11.08 -3.83 -35.01
CA SER J 59 10.11 -3.78 -36.09
C SER J 59 9.05 -2.71 -35.85
N LEU J 60 8.73 -2.43 -34.59
CA LEU J 60 7.81 -1.34 -34.29
C LEU J 60 8.36 0.00 -34.75
N LEU J 61 9.66 0.23 -34.53
CA LEU J 61 10.27 1.47 -35.00
C LEU J 61 10.26 1.54 -36.53
N ALA J 62 10.43 0.40 -37.19
CA ALA J 62 10.27 0.34 -38.64
C ALA J 62 8.86 0.76 -39.04
N GLY J 63 7.85 0.22 -38.36
CA GLY J 63 6.48 0.63 -38.61
C GLY J 63 6.25 2.12 -38.36
N ALA J 64 6.83 2.64 -37.29
CA ALA J 64 6.72 4.07 -37.01
C ALA J 64 7.33 4.89 -38.13
N TYR J 65 8.50 4.49 -38.63
CA TYR J 65 9.12 5.22 -39.73
C TYR J 65 8.25 5.15 -40.99
N ALA J 66 7.58 4.01 -41.21
CA ALA J 66 6.69 3.89 -42.36
C ALA J 66 5.60 4.94 -42.31
N ILE J 67 4.90 5.06 -41.18
CA ILE J 67 3.87 6.08 -41.03
C ILE J 67 4.48 7.49 -41.12
N SER J 68 5.70 7.66 -40.65
CA SER J 68 6.34 8.99 -40.71
C SER J 68 6.49 9.46 -42.15
N THR J 69 6.89 8.58 -43.05
CA THR J 69 7.00 8.96 -44.45
C THR J 69 5.63 9.10 -45.09
N LEU J 70 4.65 8.32 -44.63
CA LEU J 70 3.28 8.53 -45.04
C LEU J 70 2.81 9.93 -44.67
N ILE J 71 3.32 10.48 -43.56
CA ILE J 71 3.03 11.86 -43.19
C ILE J 71 3.66 12.82 -44.20
N LYS J 72 4.93 12.61 -44.51
CA LYS J 72 5.63 13.52 -45.43
C LYS J 72 4.94 13.57 -46.79
N GLN J 73 4.53 12.42 -47.32
CA GLN J 73 3.80 12.42 -48.59
C GLN J 73 2.52 13.26 -48.49
N LYS J 74 1.77 13.11 -47.39
CA LYS J 74 0.53 13.86 -47.25
C LYS J 74 0.81 15.35 -47.06
N LEU J 75 1.84 15.68 -46.29
CA LEU J 75 2.22 17.09 -46.12
C LEU J 75 2.79 17.66 -47.42
N ASP J 76 3.43 16.83 -48.24
CA ASP J 76 3.92 17.32 -49.53
C ASP J 76 2.76 17.61 -50.47
N GLY J 77 1.72 16.78 -50.43
CA GLY J 77 0.53 17.01 -51.22
C GLY J 77 -0.38 18.11 -50.71
N LEU J 78 -0.15 18.57 -49.48
CA LEU J 78 -0.94 19.66 -48.92
C LEU J 78 -0.42 20.97 -49.50
N LYS J 79 -1.29 21.73 -50.16
CA LYS J 79 -0.90 22.96 -50.82
C LYS J 79 -2.02 24.00 -50.72
N ASN J 80 -1.69 25.18 -50.20
CA ASN J 80 -2.69 26.24 -50.06
C ASN J 80 -2.01 27.59 -50.12
N GLU J 81 -2.64 28.52 -50.86
CA GLU J 81 -2.09 29.86 -51.03
C GLU J 81 -2.01 30.62 -49.71
N GLY J 82 -3.05 30.52 -48.89
CA GLY J 82 -3.08 31.24 -47.63
C GLY J 82 -2.20 30.63 -46.56
N LEU J 83 -2.25 29.32 -46.41
CA LEU J 83 -1.50 28.61 -45.38
C LEU J 83 -0.10 28.20 -45.84
N LYS J 84 0.38 28.71 -46.98
CA LYS J 84 1.62 28.19 -47.56
C LYS J 84 2.79 28.29 -46.58
N GLU J 85 2.92 29.41 -45.88
CA GLU J 85 4.07 29.59 -45.00
C GLU J 85 4.05 28.59 -43.85
N LYS J 86 2.88 28.31 -43.28
CA LYS J 86 2.80 27.35 -42.19
C LYS J 86 2.97 25.92 -42.69
N ILE J 87 2.53 25.63 -43.91
CA ILE J 87 2.76 24.32 -44.50
C ILE J 87 4.26 24.09 -44.70
N ASP J 88 4.97 25.13 -45.12
CA ASP J 88 6.42 25.06 -45.27
C ASP J 88 7.07 24.63 -43.96
N ALA J 89 6.53 25.11 -42.83
CA ALA J 89 7.09 24.75 -41.54
C ALA J 89 6.84 23.28 -41.20
N ALA J 90 5.65 22.77 -41.48
CA ALA J 90 5.35 21.36 -41.20
C ALA J 90 6.15 20.41 -42.07
N LYS J 91 6.38 20.76 -43.34
CA LYS J 91 7.15 19.88 -44.22
C LYS J 91 8.55 19.62 -43.69
N LYS J 92 9.29 20.67 -43.34
CA LYS J 92 10.65 20.50 -42.83
C LYS J 92 10.67 19.67 -41.55
N CYS J 93 9.70 19.92 -40.65
CA CYS J 93 9.66 19.18 -39.40
C CYS J 93 9.44 17.69 -39.64
N SER J 94 8.63 17.36 -40.65
CA SER J 94 8.40 15.95 -40.96
C SER J 94 9.67 15.26 -41.44
N GLU J 95 10.47 15.95 -42.26
CA GLU J 95 11.73 15.34 -42.71
C GLU J 95 12.75 15.31 -41.58
N THR J 96 12.77 16.33 -40.73
CA THR J 96 13.73 16.35 -39.63
C THR J 96 13.47 15.20 -38.67
N PHE J 97 12.20 14.88 -38.42
CA PHE J 97 11.88 13.72 -37.61
C PHE J 97 12.34 12.44 -38.29
N THR J 98 11.99 12.27 -39.56
CA THR J 98 12.39 11.07 -40.30
C THR J 98 13.91 10.99 -40.42
N ASN J 99 14.58 12.14 -40.57
CA ASN J 99 16.04 12.13 -40.69
C ASN J 99 16.70 11.71 -39.38
N LYS J 100 16.16 12.16 -38.24
CA LYS J 100 16.73 11.76 -36.95
C LYS J 100 16.61 10.25 -36.74
N LEU J 101 15.47 9.68 -37.13
CA LEU J 101 15.31 8.23 -37.03
C LEU J 101 16.34 7.50 -37.89
N LYS J 102 16.58 8.02 -39.10
CA LYS J 102 17.67 7.49 -39.93
C LYS J 102 19.01 7.73 -39.28
N GLU J 103 19.22 8.93 -38.73
CA GLU J 103 20.48 9.29 -38.11
C GLU J 103 20.84 8.34 -36.97
N LYS J 104 19.83 7.90 -36.21
CA LYS J 104 20.02 7.00 -35.08
C LYS J 104 19.70 5.55 -35.44
N HIS J 105 19.95 5.15 -36.68
CA HIS J 105 19.61 3.80 -37.12
C HIS J 105 20.43 2.74 -36.38
N THR J 106 21.63 3.08 -35.92
CA THR J 106 22.45 2.12 -35.19
C THR J 106 21.74 1.63 -33.93
N ASP J 107 20.95 2.49 -33.30
CA ASP J 107 20.22 2.12 -32.11
C ASP J 107 18.81 1.63 -32.42
N LEU J 108 18.24 2.05 -33.54
CA LEU J 108 16.89 1.67 -33.93
C LEU J 108 16.84 0.62 -35.03
N GLY J 109 17.93 0.42 -35.76
CA GLY J 109 17.97 -0.57 -36.83
C GLY J 109 18.43 -1.96 -36.43
N LYS J 110 17.67 -2.60 -35.54
CA LYS J 110 17.89 -3.99 -35.19
C LYS J 110 16.60 -4.49 -34.57
N GLU J 111 16.49 -5.82 -34.43
CA GLU J 111 15.29 -6.37 -33.82
C GLU J 111 15.21 -6.05 -32.33
N GLY J 112 16.35 -6.06 -31.63
CA GLY J 112 16.37 -5.80 -30.20
C GLY J 112 16.58 -4.36 -29.81
N VAL J 113 15.67 -3.48 -30.19
CA VAL J 113 15.75 -2.09 -29.74
C VAL J 113 15.22 -2.01 -28.31
N THR J 114 15.99 -1.39 -27.43
CA THR J 114 15.58 -1.26 -26.04
C THR J 114 14.34 -0.38 -25.91
N ASP J 115 13.54 -0.65 -24.88
CA ASP J 115 12.45 0.25 -24.55
C ASP J 115 12.97 1.67 -24.35
N ALA J 116 14.11 1.81 -23.68
CA ALA J 116 14.70 3.12 -23.44
C ALA J 116 14.95 3.85 -24.75
N ASP J 117 15.58 3.18 -25.72
CA ASP J 117 15.92 3.84 -26.98
C ASP J 117 14.69 4.05 -27.85
N ALA J 118 13.76 3.10 -27.82
CA ALA J 118 12.50 3.25 -28.55
C ALA J 118 11.72 4.45 -28.03
N LYS J 119 11.60 4.57 -26.71
CA LYS J 119 10.89 5.71 -26.12
C LYS J 119 11.58 7.03 -26.46
N GLU J 120 12.92 7.05 -26.46
CA GLU J 120 13.62 8.26 -26.86
C GLU J 120 13.38 8.58 -28.33
N ALA J 121 12.86 7.64 -29.11
CA ALA J 121 12.68 7.85 -30.54
C ALA J 121 11.29 8.36 -30.90
N ILE J 122 10.23 7.74 -30.36
CA ILE J 122 8.87 7.99 -30.84
C ILE J 122 7.89 8.33 -29.72
N LEU J 123 8.31 8.31 -28.46
CA LEU J 123 7.41 8.64 -27.35
C LEU J 123 7.69 10.09 -26.97
N LYS J 124 6.92 11.01 -27.55
CA LYS J 124 7.21 12.43 -27.40
C LYS J 124 7.05 12.92 -25.97
N THR J 125 6.40 12.15 -25.10
CA THR J 125 6.26 12.52 -23.70
C THR J 125 7.33 11.88 -22.81
N ASN J 126 8.34 11.25 -23.41
CA ASN J 126 9.40 10.62 -22.64
C ASN J 126 10.21 11.68 -21.90
N GLY J 127 10.95 11.23 -20.88
CA GLY J 127 11.81 12.12 -20.12
C GLY J 127 12.91 12.72 -20.98
N THR J 128 13.75 11.87 -21.56
CA THR J 128 14.78 12.31 -22.48
C THR J 128 14.35 11.94 -23.90
N LYS J 129 14.68 12.82 -24.85
CA LYS J 129 14.11 12.78 -26.19
C LYS J 129 15.21 12.92 -27.25
N THR J 130 16.33 12.23 -27.05
CA THR J 130 17.52 12.43 -27.87
C THR J 130 17.59 11.50 -29.08
N LYS J 131 16.63 10.61 -29.27
CA LYS J 131 16.66 9.69 -30.40
C LYS J 131 15.53 9.91 -31.39
N GLY J 132 14.86 11.06 -31.32
CA GLY J 132 13.83 11.40 -32.30
C GLY J 132 12.59 12.01 -31.71
N ALA J 133 12.35 11.78 -30.40
CA ALA J 133 11.15 12.35 -29.78
C ALA J 133 11.21 13.87 -29.75
N GLU J 134 12.43 14.43 -29.73
CA GLU J 134 12.59 15.88 -29.87
C GLU J 134 11.99 16.37 -31.17
N GLU J 135 12.36 15.73 -32.28
CA GLU J 135 11.84 16.13 -33.59
C GLU J 135 10.34 15.86 -33.70
N LEU J 136 9.88 14.74 -33.15
CA LEU J 136 8.45 14.39 -33.21
C LEU J 136 7.59 15.41 -32.48
N GLY J 137 8.01 15.83 -31.29
CA GLY J 137 7.28 16.87 -30.59
C GLY J 137 7.26 18.17 -31.38
N LYS J 138 8.42 18.57 -31.90
CA LYS J 138 8.50 19.73 -32.78
C LYS J 138 7.61 19.56 -34.00
N LEU J 139 7.47 18.33 -34.50
CA LEU J 139 6.57 18.07 -35.62
C LEU J 139 5.13 18.36 -35.23
N PHE J 140 4.70 17.85 -34.06
CA PHE J 140 3.38 18.19 -33.55
C PHE J 140 3.17 19.70 -33.49
N GLU J 141 4.21 20.45 -33.11
CA GLU J 141 4.06 21.90 -32.97
C GLU J 141 3.67 22.55 -34.29
N SER J 142 4.30 22.13 -35.38
CA SER J 142 3.96 22.70 -36.69
C SER J 142 2.55 22.32 -37.11
N VAL J 143 2.16 21.06 -36.91
CA VAL J 143 0.84 20.62 -37.33
C VAL J 143 -0.25 21.30 -36.52
N GLU J 144 -0.02 21.56 -35.23
CA GLU J 144 -1.05 22.21 -34.43
C GLU J 144 -1.26 23.64 -34.90
N VAL J 145 -0.17 24.34 -35.25
CA VAL J 145 -0.28 25.66 -35.85
C VAL J 145 -1.02 25.59 -37.17
N LEU J 146 -0.93 24.45 -37.87
CA LEU J 146 -1.63 24.31 -39.14
C LEU J 146 -3.12 24.10 -38.94
N SER J 147 -3.50 23.29 -37.94
CA SER J 147 -4.93 23.08 -37.68
C SER J 147 -5.60 24.36 -37.18
N LYS J 148 -4.92 25.10 -36.30
CA LYS J 148 -5.49 26.34 -35.78
C LYS J 148 -5.78 27.32 -36.91
N ALA J 149 -4.83 27.48 -37.85
CA ALA J 149 -5.03 28.39 -38.97
C ALA J 149 -6.03 27.83 -39.98
N ALA J 150 -5.90 26.55 -40.33
CA ALA J 150 -6.78 25.96 -41.34
C ALA J 150 -8.23 25.88 -40.86
N LYS J 151 -8.43 25.64 -39.57
CA LYS J 151 -9.79 25.51 -39.02
C LYS J 151 -10.53 26.84 -39.09
N GLU J 152 -9.82 27.96 -38.89
CA GLU J 152 -10.49 29.25 -39.02
C GLU J 152 -10.80 29.57 -40.48
N MET J 153 -10.02 29.04 -41.41
CA MET J 153 -10.32 29.21 -42.83
C MET J 153 -11.67 28.61 -43.19
N LEU J 154 -11.99 27.45 -42.62
CA LEU J 154 -13.31 26.85 -42.86
C LEU J 154 -14.40 27.68 -42.20
N ALA J 155 -14.20 28.03 -40.92
CA ALA J 155 -15.26 28.71 -40.18
C ALA J 155 -15.54 30.09 -40.75
N ASN J 156 -14.50 30.83 -41.13
CA ASN J 156 -14.72 32.16 -41.70
C ASN J 156 -15.33 32.08 -43.10
N SER J 157 -15.26 30.93 -43.75
CA SER J 157 -16.00 30.71 -44.99
C SER J 157 -17.49 30.55 -44.71
N VAL J 158 -17.83 29.86 -43.62
CA VAL J 158 -19.22 29.56 -43.30
C VAL J 158 -19.91 30.65 -42.48
N LYS J 159 -19.15 31.48 -41.76
CA LYS J 159 -19.76 32.59 -41.02
C LYS J 159 -20.29 33.67 -41.96
N GLU J 160 -20.18 33.46 -43.26
CA GLU J 160 -20.75 34.30 -44.32
C GLU J 160 -22.25 34.07 -44.51
N LEU J 161 -22.90 33.38 -43.58
CA LEU J 161 -24.35 33.18 -43.63
C LEU J 161 -25.06 34.33 -42.90
N GLN K 1 -23.92 12.15 -25.19
CA GLN K 1 -22.95 12.28 -26.28
C GLN K 1 -21.77 13.17 -25.87
N LEU K 2 -21.93 14.48 -25.92
CA LEU K 2 -20.89 15.43 -25.54
C LEU K 2 -21.07 15.70 -24.05
N GLN K 3 -20.47 14.85 -23.21
CA GLN K 3 -20.78 14.85 -21.78
C GLN K 3 -19.50 14.88 -20.97
N LEU K 4 -19.42 15.84 -20.06
CA LEU K 4 -18.28 16.05 -19.19
C LEU K 4 -18.67 15.74 -17.75
N GLN K 5 -17.85 14.95 -17.07
CA GLN K 5 -18.17 14.43 -15.74
C GLN K 5 -17.03 14.76 -14.80
N GLU K 6 -17.37 15.21 -13.59
CA GLU K 6 -16.42 15.81 -12.67
C GLU K 6 -15.61 14.75 -11.92
N SER K 7 -14.86 15.22 -10.94
CA SER K 7 -13.62 14.60 -10.50
C SER K 7 -13.67 14.14 -9.04
N GLY K 8 -12.51 13.68 -8.58
CA GLY K 8 -12.33 13.12 -7.27
C GLY K 8 -12.18 14.18 -6.19
N PRO K 9 -11.27 13.93 -5.25
CA PRO K 9 -11.41 14.51 -3.90
C PRO K 9 -11.20 16.01 -3.85
N GLY K 10 -12.16 16.68 -3.22
CA GLY K 10 -11.96 18.02 -2.69
C GLY K 10 -11.42 17.86 -1.29
N LEU K 11 -11.48 18.94 -0.50
CA LEU K 11 -11.02 18.92 0.88
C LEU K 11 -9.56 18.49 0.98
N VAL K 12 -8.67 19.30 0.39
CA VAL K 12 -7.23 19.08 0.48
C VAL K 12 -6.64 20.12 1.42
N LYS K 13 -5.68 19.69 2.23
CA LYS K 13 -4.99 20.56 3.18
C LYS K 13 -4.06 21.53 2.46
N PRO K 14 -3.82 22.71 3.04
CA PRO K 14 -2.92 23.67 2.39
C PRO K 14 -1.49 23.17 2.32
N SER K 15 -0.75 23.73 1.35
CA SER K 15 0.62 23.41 0.95
C SER K 15 0.73 22.03 0.32
N GLN K 16 -0.37 21.30 0.20
CA GLN K 16 -0.43 20.00 -0.46
C GLN K 16 -0.79 20.18 -1.94
N THR K 17 -1.08 19.07 -2.62
CA THR K 17 -1.43 19.06 -4.04
C THR K 17 -2.86 18.60 -4.23
N LEU K 18 -3.64 19.41 -4.96
CA LEU K 18 -4.99 19.04 -5.37
C LEU K 18 -4.97 18.57 -6.82
N SER K 19 -5.61 17.45 -7.09
CA SER K 19 -5.65 16.85 -8.42
C SER K 19 -7.09 16.56 -8.81
N LEU K 20 -7.49 17.01 -10.00
CA LEU K 20 -8.82 16.73 -10.51
C LEU K 20 -8.74 16.15 -11.92
N THR K 21 -9.67 15.25 -12.22
CA THR K 21 -9.74 14.60 -13.53
C THR K 21 -11.16 14.66 -14.07
N CYS K 22 -11.31 15.06 -15.33
CA CYS K 22 -12.59 14.98 -16.01
C CYS K 22 -12.63 13.75 -16.89
N THR K 23 -13.64 12.91 -16.68
CA THR K 23 -13.79 11.65 -17.39
C THR K 23 -14.92 11.81 -18.39
N LEU K 24 -14.69 11.38 -19.61
CA LEU K 24 -15.67 11.58 -20.67
C LEU K 24 -16.65 10.42 -20.75
N SER K 25 -17.84 10.73 -21.24
CA SER K 25 -18.88 9.75 -21.49
C SER K 25 -19.43 10.04 -22.88
N GLY K 26 -19.65 8.99 -23.66
CA GLY K 26 -20.03 9.17 -25.04
C GLY K 26 -19.01 9.91 -25.88
N GLY K 27 -17.76 9.99 -25.43
CA GLY K 27 -16.75 10.75 -26.14
C GLY K 27 -15.34 10.37 -25.76
N SER K 28 -14.41 10.82 -26.60
CA SER K 28 -12.98 10.59 -26.43
C SER K 28 -12.23 11.82 -26.94
N ILE K 29 -10.91 11.84 -26.73
CA ILE K 29 -10.08 12.94 -27.22
C ILE K 29 -9.70 12.54 -28.64
N SER K 30 -10.56 12.86 -29.61
CA SER K 30 -10.44 12.23 -30.92
C SER K 30 -11.20 13.07 -31.95
N SER K 31 -11.25 12.57 -33.20
CA SER K 31 -11.77 13.35 -34.32
C SER K 31 -10.86 14.56 -34.50
N THR K 32 -9.56 14.34 -34.29
CA THR K 32 -8.85 14.91 -33.17
C THR K 32 -8.93 16.43 -33.18
N SER K 33 -9.58 16.96 -32.13
CA SER K 33 -10.22 18.28 -32.20
C SER K 33 -10.17 19.01 -30.87
N TYR K 34 -9.19 19.90 -30.72
CA TYR K 34 -9.39 21.21 -30.08
C TYR K 34 -10.06 21.11 -28.70
N TYR K 35 -9.38 20.45 -27.76
CA TYR K 35 -10.04 19.88 -26.58
C TYR K 35 -9.48 20.39 -25.24
N TRP K 36 -9.25 21.69 -25.12
CA TRP K 36 -8.10 22.24 -24.41
C TRP K 36 -8.16 22.19 -22.87
N GLY K 37 -9.17 22.83 -22.24
CA GLY K 37 -8.93 23.56 -21.01
C GLY K 37 -9.68 23.17 -19.74
N TRP K 38 -9.30 23.85 -18.62
CA TRP K 38 -9.87 23.78 -17.28
C TRP K 38 -10.19 25.21 -16.80
N ILE K 39 -11.23 25.34 -15.96
CA ILE K 39 -11.71 26.64 -15.48
C ILE K 39 -12.09 26.52 -14.01
N ARG K 40 -11.89 27.62 -13.25
CA ARG K 40 -12.26 27.64 -11.85
C ARG K 40 -12.95 28.95 -11.51
N GLN K 41 -13.74 28.91 -10.44
CA GLN K 41 -14.39 30.08 -9.86
C GLN K 41 -14.19 30.10 -8.35
N PRO K 42 -13.39 31.01 -7.81
CA PRO K 42 -13.22 31.07 -6.35
C PRO K 42 -14.26 31.98 -5.73
N PRO K 43 -14.67 31.71 -4.49
CA PRO K 43 -15.74 32.49 -3.87
C PRO K 43 -15.41 33.97 -3.84
N GLY K 44 -16.42 34.79 -4.10
CA GLY K 44 -16.25 36.23 -4.15
C GLY K 44 -15.55 36.75 -5.38
N SER K 45 -15.30 35.89 -6.37
CA SER K 45 -14.58 36.26 -7.57
C SER K 45 -15.30 35.68 -8.78
N GLY K 46 -14.96 36.18 -9.96
CA GLY K 46 -15.54 35.68 -11.19
C GLY K 46 -14.81 34.44 -11.68
N LEU K 47 -15.20 34.00 -12.88
CA LEU K 47 -14.55 32.89 -13.53
C LEU K 47 -13.21 33.32 -14.09
N GLU K 48 -12.23 32.41 -14.06
CA GLU K 48 -11.00 32.65 -14.79
C GLU K 48 -10.43 31.34 -15.30
N TRP K 49 -9.86 31.39 -16.49
CA TRP K 49 -9.25 30.25 -17.16
C TRP K 49 -7.98 29.79 -16.44
N ILE K 50 -7.82 28.47 -16.30
CA ILE K 50 -6.65 27.90 -15.64
C ILE K 50 -5.60 27.51 -16.66
N GLY K 51 -5.94 26.62 -17.59
CA GLY K 51 -4.99 26.17 -18.59
C GLY K 51 -5.70 25.44 -19.71
N SER K 52 -4.94 25.12 -20.75
CA SER K 52 -5.47 24.46 -21.95
C SER K 52 -4.58 23.30 -22.39
N MET K 53 -5.20 22.34 -23.08
CA MET K 53 -4.53 21.19 -23.69
C MET K 53 -4.91 21.01 -25.15
N TYR K 54 -4.47 19.92 -25.76
CA TYR K 54 -4.82 19.60 -27.13
C TYR K 54 -4.93 18.08 -27.15
N HIS K 55 -5.44 17.50 -28.24
CA HIS K 55 -5.45 16.05 -28.26
C HIS K 55 -4.03 15.51 -28.14
N SER K 56 -3.06 16.18 -28.77
CA SER K 56 -1.65 16.02 -28.39
C SER K 56 -1.43 16.59 -26.98
N GLY K 57 -0.28 16.28 -26.40
CA GLY K 57 -0.14 16.72 -25.02
C GLY K 57 0.19 18.17 -24.78
N ASN K 58 0.39 18.98 -25.83
CA ASN K 58 0.81 20.37 -25.66
C ASN K 58 -0.17 21.15 -24.80
N THR K 59 0.36 21.88 -23.81
CA THR K 59 -0.41 22.60 -22.81
C THR K 59 -0.05 24.08 -22.79
N TYR K 60 -1.05 24.92 -22.48
CA TYR K 60 -0.86 26.35 -22.30
C TYR K 60 -1.54 26.79 -21.01
N TYR K 61 -0.82 27.50 -20.15
CA TYR K 61 -1.27 27.82 -18.80
C TYR K 61 -1.37 29.31 -18.57
N LYS K 62 -2.17 29.67 -17.58
CA LYS K 62 -2.27 31.06 -17.13
C LYS K 62 -0.95 31.50 -16.52
N SER K 63 -0.49 32.69 -16.88
CA SER K 63 0.79 33.19 -16.36
C SER K 63 0.81 33.20 -14.83
N SER K 64 -0.29 33.58 -14.20
CA SER K 64 -0.34 33.66 -12.74
C SER K 64 -0.25 32.30 -12.06
N LEU K 65 -0.37 31.21 -12.81
CA LEU K 65 -0.18 29.86 -12.29
C LEU K 65 1.10 29.20 -12.84
N LYS K 66 2.05 29.98 -13.33
CA LYS K 66 3.27 29.45 -13.93
C LYS K 66 4.01 28.51 -13.00
N GLY K 67 4.41 27.35 -13.53
CA GLY K 67 5.22 26.42 -12.78
C GLY K 67 4.40 25.58 -11.82
N ARG K 68 3.29 26.18 -11.41
CA ARG K 68 2.41 25.66 -10.36
C ARG K 68 1.47 24.59 -10.89
N VAL K 69 0.83 24.84 -12.02
CA VAL K 69 -0.26 23.98 -12.50
C VAL K 69 0.28 22.99 -13.51
N THR K 70 -0.35 21.82 -13.57
CA THR K 70 -0.10 20.83 -14.62
C THR K 70 -1.40 20.21 -15.09
N ILE K 71 -1.64 20.23 -16.40
CA ILE K 71 -2.75 19.51 -17.01
C ILE K 71 -2.18 18.37 -17.82
N SER K 72 -2.78 17.19 -17.70
CA SER K 72 -2.24 15.97 -18.30
C SER K 72 -3.33 15.21 -19.03
N LEU K 73 -2.90 14.45 -20.03
CA LEU K 73 -3.79 13.59 -20.81
C LEU K 73 -3.51 12.14 -20.48
N ASP K 74 -4.56 11.38 -20.22
CA ASP K 74 -4.46 9.93 -20.03
C ASP K 74 -4.53 9.26 -21.40
N THR K 75 -3.51 8.47 -21.74
CA THR K 75 -3.62 7.51 -22.84
C THR K 75 -4.80 6.58 -22.55
N SER K 76 -5.36 5.98 -23.60
CA SER K 76 -6.71 5.41 -23.52
C SER K 76 -7.67 6.52 -23.12
N ARG K 77 -7.76 7.51 -24.01
CA ARG K 77 -8.02 8.91 -23.71
C ARG K 77 -9.50 9.18 -23.40
N THR K 78 -9.97 8.52 -22.34
CA THR K 78 -11.28 8.82 -21.78
C THR K 78 -11.27 10.03 -20.86
N GLN K 79 -10.10 10.49 -20.39
CA GLN K 79 -10.06 11.52 -19.38
C GLN K 79 -8.76 12.31 -19.44
N PHE K 80 -8.81 13.53 -18.92
CA PHE K 80 -7.62 14.36 -18.73
C PHE K 80 -7.68 14.99 -17.35
N SER K 81 -6.50 15.34 -16.81
CA SER K 81 -6.37 15.63 -15.38
C SER K 81 -5.76 17.00 -15.16
N LEU K 82 -6.21 17.65 -14.09
CA LEU K 82 -5.64 18.89 -13.58
C LEU K 82 -4.89 18.60 -12.28
N ARG K 83 -3.69 19.19 -12.15
CA ARG K 83 -2.88 19.01 -10.94
C ARG K 83 -2.37 20.37 -10.49
N LEU K 84 -2.74 20.78 -9.28
CA LEU K 84 -2.47 22.13 -8.79
C LEU K 84 -1.72 22.07 -7.47
N THR K 85 -0.54 22.67 -7.44
CA THR K 85 0.32 22.70 -6.25
C THR K 85 1.31 23.83 -6.46
N SER K 86 1.45 24.70 -5.46
CA SER K 86 0.83 24.69 -4.14
C SER K 86 -0.54 25.37 -4.11
N VAL K 87 -1.22 25.21 -2.98
CA VAL K 87 -2.66 25.37 -2.82
C VAL K 87 -3.04 26.52 -1.89
N THR K 88 -2.23 27.57 -1.81
CA THR K 88 -2.04 28.36 -0.59
C THR K 88 -3.22 29.34 -0.36
N ALA K 89 -4.38 28.72 -0.13
CA ALA K 89 -5.61 29.22 0.47
C ALA K 89 -6.45 30.14 -0.40
N ALA K 90 -6.00 30.52 -1.59
CA ALA K 90 -6.82 31.24 -2.54
C ALA K 90 -7.25 30.32 -3.67
N ASP K 91 -6.80 29.07 -3.64
CA ASP K 91 -7.16 28.02 -4.59
C ASP K 91 -8.44 27.29 -4.26
N THR K 92 -8.97 27.43 -3.04
CA THR K 92 -10.28 26.86 -2.76
C THR K 92 -11.31 27.52 -3.67
N ALA K 93 -12.00 26.70 -4.45
CA ALA K 93 -12.88 27.22 -5.50
C ALA K 93 -13.73 26.08 -6.04
N VAL K 94 -14.57 26.42 -7.02
CA VAL K 94 -15.28 25.45 -7.84
C VAL K 94 -14.55 25.35 -9.17
N TYR K 95 -14.17 24.12 -9.55
CA TYR K 95 -13.39 23.90 -10.75
C TYR K 95 -14.26 23.27 -11.83
N TYR K 96 -14.23 23.86 -13.01
CA TYR K 96 -14.94 23.38 -14.19
C TYR K 96 -13.92 22.94 -15.24
N CYS K 97 -14.16 21.79 -15.84
CA CYS K 97 -13.47 21.39 -17.06
C CYS K 97 -14.39 21.60 -18.24
N ALA K 98 -13.79 21.75 -19.42
CA ALA K 98 -14.62 22.12 -20.56
C ALA K 98 -13.95 21.72 -21.87
N ARG K 99 -14.80 21.37 -22.84
CA ARG K 99 -14.38 21.20 -24.21
C ARG K 99 -14.27 22.61 -24.76
N LEU K 100 -13.05 23.06 -25.04
CA LEU K 100 -12.82 24.46 -25.39
C LEU K 100 -12.76 24.68 -26.90
N GLY K 101 -13.49 23.89 -27.67
CA GLY K 101 -13.25 23.89 -29.09
C GLY K 101 -14.34 23.20 -29.86
N ASP K 102 -14.34 23.47 -31.16
CA ASP K 102 -15.13 22.80 -32.17
C ASP K 102 -14.67 23.41 -33.48
N VAL K 103 -15.00 22.76 -34.59
CA VAL K 103 -14.52 23.26 -35.87
C VAL K 103 -15.01 24.67 -36.12
N PHE K 104 -16.27 24.95 -35.77
CA PHE K 104 -16.89 26.20 -36.17
C PHE K 104 -17.04 27.21 -35.03
N ASN K 105 -16.87 26.79 -33.78
CA ASN K 105 -16.72 27.70 -32.65
C ASN K 105 -15.42 27.30 -31.95
N SER K 106 -14.34 27.99 -32.31
CA SER K 106 -13.06 27.73 -31.65
C SER K 106 -13.23 27.63 -30.14
N ALA K 107 -14.08 28.47 -29.55
CA ALA K 107 -14.28 28.43 -28.10
C ALA K 107 -15.73 28.78 -27.77
N MET K 108 -16.26 28.23 -26.67
CA MET K 108 -15.87 27.22 -25.67
C MET K 108 -17.18 26.61 -25.16
N ASP K 109 -17.57 25.42 -25.64
CA ASP K 109 -18.99 25.09 -25.72
C ASP K 109 -19.50 23.90 -24.91
N VAL K 110 -18.65 23.09 -24.27
CA VAL K 110 -19.10 21.97 -23.46
C VAL K 110 -18.52 22.12 -22.07
N TRP K 111 -19.36 21.98 -21.04
CA TRP K 111 -18.96 22.21 -19.67
C TRP K 111 -19.24 20.98 -18.80
N GLY K 112 -18.40 20.80 -17.78
CA GLY K 112 -18.67 19.82 -16.75
C GLY K 112 -19.72 20.32 -15.77
N GLN K 113 -20.08 19.43 -14.84
CA GLN K 113 -21.11 19.76 -13.86
C GLN K 113 -20.59 20.62 -12.71
N GLY K 114 -19.27 20.68 -12.53
CA GLY K 114 -18.68 21.44 -11.45
C GLY K 114 -18.36 20.63 -10.20
N THR K 115 -17.12 20.70 -9.75
CA THR K 115 -16.70 20.07 -8.50
C THR K 115 -16.10 21.11 -7.57
N THR K 116 -16.38 20.99 -6.28
CA THR K 116 -15.87 21.92 -5.29
C THR K 116 -14.65 21.29 -4.61
N VAL K 117 -13.58 22.07 -4.51
CA VAL K 117 -12.35 21.64 -3.83
C VAL K 117 -11.99 22.72 -2.84
N ILE K 118 -11.91 22.36 -1.56
CA ILE K 118 -11.65 23.31 -0.49
C ILE K 118 -10.25 23.09 0.05
N VAL K 119 -9.45 24.15 0.09
CA VAL K 119 -8.14 24.11 0.71
C VAL K 119 -8.26 24.82 2.06
N SER K 120 -8.28 24.03 3.13
CA SER K 120 -8.38 24.52 4.49
C SER K 120 -7.80 23.46 5.41
N SER K 121 -7.45 23.86 6.63
CA SER K 121 -6.82 22.89 7.51
C SER K 121 -7.82 21.99 8.21
N ALA K 122 -8.68 21.34 7.42
CA ALA K 122 -9.47 20.17 7.84
C ALA K 122 -10.20 20.33 9.17
N SER K 123 -10.17 19.26 9.97
CA SER K 123 -10.86 19.18 11.25
C SER K 123 -12.36 19.41 11.06
N THR K 124 -12.97 18.53 10.26
CA THR K 124 -14.41 18.59 10.04
C THR K 124 -15.17 18.42 11.35
N LYS K 125 -16.15 19.29 11.58
CA LYS K 125 -16.80 19.42 12.87
C LYS K 125 -18.26 19.77 12.68
N GLY K 126 -19.13 19.21 13.54
CA GLY K 126 -20.52 19.56 13.53
C GLY K 126 -20.79 20.88 14.21
N PRO K 127 -21.89 21.53 13.83
CA PRO K 127 -22.16 22.89 14.29
C PRO K 127 -22.82 22.95 15.66
N SER K 128 -22.64 24.10 16.30
CA SER K 128 -23.37 24.46 17.51
C SER K 128 -24.53 25.38 17.13
N VAL K 129 -25.74 25.00 17.53
CA VAL K 129 -26.97 25.67 17.10
C VAL K 129 -27.66 26.25 18.33
N PHE K 130 -28.01 27.53 18.25
CA PHE K 130 -28.52 28.32 19.36
C PHE K 130 -29.82 29.00 18.96
N PRO K 131 -30.74 29.17 19.91
CA PRO K 131 -32.05 29.75 19.57
C PRO K 131 -31.91 31.24 19.39
N LEU K 132 -32.90 31.82 18.70
CA LEU K 132 -32.91 33.26 18.47
C LEU K 132 -34.27 33.75 18.99
N ALA K 133 -34.30 34.16 20.25
CA ALA K 133 -35.58 34.46 20.87
C ALA K 133 -36.15 35.76 20.33
N PRO K 134 -37.45 35.84 20.12
CA PRO K 134 -38.08 37.08 19.65
C PRO K 134 -38.53 37.94 20.82
N SER K 135 -38.70 39.23 20.53
CA SER K 135 -39.08 40.19 21.57
C SER K 135 -40.52 39.95 22.01
N GLY K 142 -47.87 43.08 12.23
CA GLY K 142 -47.60 42.66 13.59
C GLY K 142 -46.91 41.32 13.66
N THR K 143 -45.74 41.23 13.03
CA THR K 143 -45.01 39.98 12.94
C THR K 143 -43.87 39.93 13.96
N ALA K 144 -43.26 38.75 14.08
CA ALA K 144 -42.11 38.53 14.93
C ALA K 144 -41.15 37.61 14.18
N ALA K 145 -39.88 37.64 14.59
CA ALA K 145 -38.86 36.84 13.94
C ALA K 145 -38.07 36.09 14.98
N LEU K 146 -37.84 34.81 14.68
CA LEU K 146 -37.03 33.91 15.48
C LEU K 146 -36.13 33.17 14.50
N GLY K 147 -35.15 32.46 15.03
CA GLY K 147 -34.28 31.73 14.14
C GLY K 147 -33.27 30.89 14.88
N CYS K 148 -32.34 30.36 14.10
CA CYS K 148 -31.25 29.53 14.59
C CYS K 148 -29.93 30.13 14.13
N LEU K 149 -28.91 29.96 14.95
CA LEU K 149 -27.56 30.38 14.62
C LEU K 149 -26.72 29.11 14.55
N VAL K 150 -26.22 28.81 13.35
CA VAL K 150 -25.43 27.61 13.11
C VAL K 150 -23.99 28.07 12.91
N LYS K 151 -23.16 27.77 13.89
CA LYS K 151 -21.84 28.37 14.02
C LYS K 151 -20.76 27.30 14.11
N ASP K 152 -19.57 27.64 13.61
CA ASP K 152 -18.35 26.87 13.85
C ASP K 152 -18.45 25.42 13.36
N TYR K 153 -18.69 25.27 12.05
CA TYR K 153 -18.69 23.97 11.42
C TYR K 153 -17.85 24.02 10.15
N PHE K 154 -17.45 22.84 9.69
CA PHE K 154 -16.62 22.67 8.50
C PHE K 154 -16.77 21.19 8.18
N PRO K 155 -17.00 20.81 6.92
CA PRO K 155 -17.20 21.69 5.77
C PRO K 155 -18.64 22.11 5.51
N GLU K 156 -18.77 22.89 4.47
CA GLU K 156 -20.05 23.27 3.94
C GLU K 156 -20.59 22.11 3.12
N PRO K 157 -21.91 21.95 3.02
CA PRO K 157 -22.97 22.80 3.57
C PRO K 157 -23.66 22.17 4.76
N VAL K 158 -24.51 22.95 5.40
CA VAL K 158 -25.49 22.43 6.34
C VAL K 158 -26.85 22.74 5.73
N THR K 159 -27.82 21.90 6.07
CA THR K 159 -29.18 22.07 5.60
C THR K 159 -30.07 22.32 6.81
N VAL K 160 -30.92 23.34 6.71
CA VAL K 160 -31.79 23.73 7.80
C VAL K 160 -33.22 23.67 7.33
N SER K 161 -34.08 23.06 8.14
CA SER K 161 -35.51 22.98 7.90
C SER K 161 -36.21 23.25 9.22
N TRP K 162 -37.35 23.91 9.16
CA TRP K 162 -38.09 24.29 10.36
C TRP K 162 -39.31 23.40 10.49
N ASN K 163 -39.54 22.91 11.72
CA ASN K 163 -40.64 21.99 12.00
C ASN K 163 -40.63 20.81 11.03
N SER K 164 -39.43 20.28 10.78
CA SER K 164 -39.21 19.15 9.87
C SER K 164 -39.72 19.45 8.46
N GLY K 165 -39.59 20.71 8.04
CA GLY K 165 -40.03 21.10 6.73
C GLY K 165 -41.50 21.42 6.60
N ALA K 166 -42.23 21.46 7.71
CA ALA K 166 -43.64 21.85 7.67
C ALA K 166 -43.83 23.36 7.67
N LEU K 167 -42.79 24.12 8.01
CA LEU K 167 -42.81 25.57 7.99
C LEU K 167 -41.76 26.00 6.96
N THR K 168 -42.22 26.44 5.79
CA THR K 168 -41.32 26.85 4.72
C THR K 168 -41.56 28.25 4.21
N SER K 169 -42.79 28.77 4.30
CA SER K 169 -43.07 30.13 3.87
C SER K 169 -42.56 31.11 4.92
N GLY K 170 -41.81 32.11 4.49
CA GLY K 170 -41.28 33.09 5.40
C GLY K 170 -39.87 32.78 5.87
N VAL K 171 -39.33 31.64 5.48
CA VAL K 171 -38.02 31.19 5.93
C VAL K 171 -36.97 31.81 5.03
N HIS K 172 -35.92 32.36 5.66
CA HIS K 172 -34.73 32.78 4.94
C HIS K 172 -33.52 32.20 5.68
N THR K 173 -32.83 31.28 5.02
CA THR K 173 -31.58 30.72 5.53
C THR K 173 -30.44 31.41 4.79
N PHE K 174 -29.62 32.14 5.53
CA PHE K 174 -28.65 32.96 4.82
C PHE K 174 -27.46 32.10 4.39
N PRO K 175 -26.79 32.50 3.30
CA PRO K 175 -25.56 31.80 2.91
C PRO K 175 -24.50 31.90 4.00
N ALA K 176 -23.70 30.84 4.13
CA ALA K 176 -22.66 30.81 5.13
C ALA K 176 -21.52 31.77 4.78
N VAL K 177 -20.83 32.24 5.81
CA VAL K 177 -19.66 33.09 5.66
C VAL K 177 -18.50 32.41 6.35
N LEU K 178 -17.30 32.63 5.82
CA LEU K 178 -16.07 32.05 6.38
C LEU K 178 -15.49 33.05 7.36
N GLN K 179 -15.54 32.73 8.64
CA GLN K 179 -15.01 33.58 9.70
C GLN K 179 -13.54 33.24 9.95
N SER K 180 -12.87 34.18 10.63
CA SER K 180 -11.42 34.10 10.82
C SER K 180 -10.98 32.78 11.45
N SER K 181 -11.85 32.13 12.22
CA SER K 181 -11.50 30.86 12.85
C SER K 181 -11.30 29.73 11.86
N GLY K 182 -11.66 29.92 10.59
CA GLY K 182 -11.57 28.87 9.61
C GLY K 182 -12.77 27.94 9.57
N LEU K 183 -13.81 28.26 10.34
CA LEU K 183 -15.06 27.53 10.37
C LEU K 183 -16.14 28.38 9.71
N TYR K 184 -17.22 27.75 9.29
CA TYR K 184 -18.31 28.47 8.65
C TYR K 184 -19.44 28.68 9.64
N SER K 185 -20.16 29.79 9.46
CA SER K 185 -21.32 30.08 10.29
C SER K 185 -22.37 30.79 9.46
N LEU K 186 -23.63 30.48 9.77
CA LEU K 186 -24.77 31.11 9.10
C LEU K 186 -25.91 31.19 10.11
N SER K 187 -27.04 31.72 9.66
CA SER K 187 -28.24 31.76 10.47
C SER K 187 -29.46 31.56 9.58
N SER K 188 -30.46 30.87 10.11
CA SER K 188 -31.73 30.63 9.43
C SER K 188 -32.82 31.28 10.26
N VAL K 189 -33.55 32.22 9.66
CA VAL K 189 -34.58 32.96 10.37
C VAL K 189 -35.92 32.74 9.70
N VAL K 190 -36.98 32.84 10.50
CA VAL K 190 -38.35 32.70 10.02
C VAL K 190 -39.17 33.84 10.62
N THR K 191 -40.07 34.39 9.82
CA THR K 191 -41.07 35.32 10.31
C THR K 191 -42.39 34.59 10.48
N VAL K 192 -43.01 34.75 11.64
CA VAL K 192 -44.30 34.12 11.94
C VAL K 192 -45.24 35.21 12.46
N PRO K 193 -46.55 35.05 12.33
CA PRO K 193 -47.46 35.97 13.01
C PRO K 193 -47.20 35.97 14.51
N SER K 194 -47.02 37.18 15.07
CA SER K 194 -46.67 37.30 16.48
C SER K 194 -47.74 36.71 17.40
N SER K 195 -48.96 36.52 16.89
CA SER K 195 -50.03 35.96 17.72
C SER K 195 -49.81 34.47 17.98
N SER K 196 -49.12 33.77 17.08
CA SER K 196 -48.93 32.35 17.22
C SER K 196 -47.60 32.02 17.91
N LEU K 197 -46.90 33.03 18.39
CA LEU K 197 -45.72 32.82 19.22
C LEU K 197 -46.16 32.29 20.58
N GLY K 198 -45.65 31.13 20.97
CA GLY K 198 -46.13 30.44 22.14
C GLY K 198 -47.32 29.54 21.91
N THR K 199 -47.99 29.68 20.76
CA THR K 199 -49.07 28.79 20.34
C THR K 199 -48.53 27.68 19.44
N GLN K 200 -47.69 28.05 18.49
CA GLN K 200 -47.09 27.12 17.55
C GLN K 200 -45.65 26.89 17.97
N THR K 201 -45.26 25.64 18.09
CA THR K 201 -43.88 25.33 18.43
C THR K 201 -43.03 25.47 17.18
N TYR K 202 -41.86 26.08 17.34
CA TYR K 202 -40.95 26.28 16.23
C TYR K 202 -39.63 25.63 16.56
N ILE K 203 -39.24 24.65 15.76
CA ILE K 203 -38.00 23.91 15.91
C ILE K 203 -37.31 23.89 14.56
N CYS K 204 -36.02 24.19 14.54
CA CYS K 204 -35.25 24.14 13.32
C CYS K 204 -34.37 22.89 13.34
N ASN K 205 -34.39 22.16 12.24
CA ASN K 205 -33.64 20.92 12.12
C ASN K 205 -32.37 21.21 11.34
N VAL K 206 -31.23 21.07 11.99
CA VAL K 206 -29.93 21.37 11.40
C VAL K 206 -29.29 20.04 11.05
N ASN K 207 -28.87 19.90 9.80
CA ASN K 207 -28.38 18.63 9.27
C ASN K 207 -27.06 18.85 8.56
N HIS K 208 -26.01 18.26 9.11
CA HIS K 208 -24.66 18.32 8.57
C HIS K 208 -24.29 16.90 8.15
N LYS K 209 -23.99 16.71 6.86
CA LYS K 209 -23.65 15.38 6.37
C LYS K 209 -22.22 14.91 6.71
N PRO K 210 -21.18 15.75 6.52
CA PRO K 210 -19.81 15.27 6.81
C PRO K 210 -19.62 14.63 8.17
N SER K 211 -20.00 15.32 9.24
CA SER K 211 -20.12 14.71 10.55
C SER K 211 -21.59 14.40 10.79
N ASN K 212 -21.89 13.24 11.37
CA ASN K 212 -23.29 12.79 11.44
C ASN K 212 -24.02 13.50 12.58
N THR K 213 -23.97 14.83 12.52
CA THR K 213 -24.72 15.68 13.44
C THR K 213 -26.05 16.06 12.80
N LYS K 214 -27.14 15.51 13.32
CA LYS K 214 -28.48 15.99 13.02
C LYS K 214 -29.02 16.50 14.35
N VAL K 215 -29.14 17.81 14.48
CA VAL K 215 -29.57 18.44 15.72
C VAL K 215 -30.94 19.06 15.49
N ASP K 216 -31.83 18.83 16.46
CA ASP K 216 -33.21 19.31 16.39
C ASP K 216 -33.36 20.24 17.60
N LYS K 217 -33.39 21.55 17.35
CA LYS K 217 -33.34 22.52 18.41
C LYS K 217 -34.60 23.39 18.41
N ARG K 218 -35.14 23.62 19.60
CA ARG K 218 -36.37 24.38 19.81
C ARG K 218 -36.07 25.80 20.26
N VAL K 219 -36.85 26.76 19.77
CA VAL K 219 -36.72 28.17 20.12
C VAL K 219 -37.93 28.57 20.96
N GLU K 220 -37.66 29.31 22.05
CA GLU K 220 -38.67 29.66 23.04
C GLU K 220 -38.50 31.12 23.47
N PRO K 221 -39.57 31.93 23.42
CA PRO K 221 -39.50 33.32 23.87
C PRO K 221 -39.26 33.43 25.38
N GLU L 1 -2.31 41.37 -19.54
CA GLU L 1 -2.18 42.57 -20.36
C GLU L 1 -3.36 42.69 -21.30
N ILE L 2 -4.21 41.66 -21.30
CA ILE L 2 -5.52 41.73 -21.92
C ILE L 2 -6.53 41.79 -20.78
N VAL L 3 -7.34 42.83 -20.77
CA VAL L 3 -8.23 43.14 -19.65
C VAL L 3 -9.66 43.20 -20.16
N MET L 4 -10.54 42.46 -19.50
CA MET L 4 -11.98 42.50 -19.78
C MET L 4 -12.70 43.16 -18.61
N THR L 5 -13.49 44.18 -18.93
CA THR L 5 -14.14 45.03 -17.94
C THR L 5 -15.63 45.11 -18.26
N GLN L 6 -16.47 44.54 -17.39
CA GLN L 6 -17.90 44.69 -17.53
C GLN L 6 -18.30 46.10 -17.11
N SER L 7 -19.19 46.74 -17.89
CA SER L 7 -19.41 48.17 -17.68
C SER L 7 -20.09 48.42 -16.33
N PRO L 8 -21.31 47.94 -16.07
CA PRO L 8 -21.73 47.81 -14.67
C PRO L 8 -21.41 46.42 -14.14
N VAL L 9 -20.94 46.35 -12.90
CA VAL L 9 -20.77 45.03 -12.27
C VAL L 9 -22.13 44.46 -11.91
N THR L 10 -23.11 45.32 -11.59
CA THR L 10 -24.48 44.91 -11.35
C THR L 10 -25.40 45.75 -12.23
N LEU L 11 -26.47 45.13 -12.73
CA LEU L 11 -27.41 45.83 -13.61
C LEU L 11 -28.81 45.37 -13.23
N SER L 12 -29.73 46.33 -13.08
CA SER L 12 -31.07 46.06 -12.58
C SER L 12 -32.11 46.54 -13.58
N VAL L 13 -32.84 45.60 -14.17
CA VAL L 13 -33.88 45.87 -15.14
C VAL L 13 -35.11 45.05 -14.75
N SER L 14 -36.28 45.66 -14.84
CA SER L 14 -37.51 44.94 -14.55
C SER L 14 -37.76 43.89 -15.63
N PRO L 15 -38.30 42.72 -15.27
CA PRO L 15 -38.54 41.69 -16.29
C PRO L 15 -39.43 42.22 -17.39
N GLY L 16 -39.12 41.79 -18.62
CA GLY L 16 -39.81 42.27 -19.80
C GLY L 16 -39.16 43.45 -20.47
N GLU L 17 -38.19 44.09 -19.83
CA GLU L 17 -37.52 45.24 -20.41
C GLU L 17 -36.22 44.78 -21.08
N ARG L 18 -35.52 45.72 -21.71
CA ARG L 18 -34.30 45.40 -22.43
C ARG L 18 -33.10 45.49 -21.52
N ALA L 19 -32.15 44.58 -21.72
CA ALA L 19 -30.86 44.60 -21.05
C ALA L 19 -29.75 44.67 -22.10
N THR L 20 -28.72 45.48 -21.81
CA THR L 20 -27.55 45.59 -22.67
C THR L 20 -26.33 45.54 -21.76
N LEU L 21 -25.65 44.40 -21.75
CA LEU L 21 -24.37 44.31 -21.06
C LEU L 21 -23.27 44.81 -21.98
N SER L 22 -22.24 45.40 -21.38
CA SER L 22 -21.13 45.91 -22.16
C SER L 22 -19.83 45.27 -21.69
N CYS L 23 -18.91 45.13 -22.64
CA CYS L 23 -17.59 44.56 -22.40
C CYS L 23 -16.59 45.42 -23.15
N ARG L 24 -15.47 45.72 -22.50
CA ARG L 24 -14.45 46.61 -23.03
C ARG L 24 -13.13 45.86 -23.03
N ALA L 25 -12.36 46.01 -24.11
CA ALA L 25 -11.08 45.32 -24.23
C ALA L 25 -9.93 46.32 -24.06
N SER L 26 -8.91 45.90 -23.31
CA SER L 26 -7.74 46.75 -23.10
C SER L 26 -6.97 46.98 -24.39
N GLN L 27 -7.13 46.08 -25.36
CA GLN L 27 -6.55 46.23 -26.69
C GLN L 27 -7.34 45.32 -27.62
N SER L 28 -7.20 45.56 -28.91
CA SER L 28 -8.03 44.88 -29.89
C SER L 28 -7.84 43.37 -29.81
N VAL L 29 -8.93 42.68 -29.46
CA VAL L 29 -9.03 41.24 -29.61
C VAL L 29 -9.60 41.00 -31.01
N GLY L 30 -9.74 42.10 -31.76
CA GLY L 30 -10.33 42.10 -33.09
C GLY L 30 -11.75 41.67 -32.88
N ASN L 31 -12.13 40.51 -33.40
CA ASN L 31 -13.43 39.96 -33.08
C ASN L 31 -13.20 38.50 -32.73
N ASN L 32 -12.92 38.24 -31.46
CA ASN L 32 -12.92 36.91 -30.87
C ASN L 32 -13.50 37.10 -29.46
N LEU L 33 -14.80 36.90 -29.31
CA LEU L 33 -15.39 37.08 -27.99
C LEU L 33 -16.48 36.05 -27.75
N ALA L 34 -16.62 35.67 -26.48
CA ALA L 34 -17.68 34.79 -26.06
C ALA L 34 -18.42 35.43 -24.88
N TRP L 35 -19.70 35.09 -24.76
CA TRP L 35 -20.55 35.57 -23.67
C TRP L 35 -21.15 34.37 -22.97
N TYR L 36 -21.08 34.34 -21.64
CA TYR L 36 -21.62 33.23 -20.89
C TYR L 36 -22.68 33.70 -19.91
N GLN L 37 -23.73 32.88 -19.78
CA GLN L 37 -24.74 33.01 -18.74
C GLN L 37 -24.41 31.99 -17.67
N HIS L 38 -24.56 32.38 -16.42
CA HIS L 38 -24.20 31.50 -15.31
C HIS L 38 -25.24 31.65 -14.21
N LYS L 39 -26.14 30.69 -14.13
CA LYS L 39 -27.04 30.67 -12.98
C LYS L 39 -26.31 30.00 -11.82
N PRO L 40 -26.45 30.54 -10.61
CA PRO L 40 -25.84 29.87 -9.45
C PRO L 40 -26.43 28.48 -9.29
N GLY L 41 -25.55 27.48 -9.23
CA GLY L 41 -25.96 26.09 -9.11
C GLY L 41 -25.80 25.29 -10.37
N GLN L 42 -25.42 25.92 -11.48
CA GLN L 42 -25.23 25.24 -12.76
C GLN L 42 -23.84 25.54 -13.29
N ALA L 43 -23.47 24.79 -14.33
CA ALA L 43 -22.30 25.16 -15.12
C ALA L 43 -22.66 26.38 -15.96
N PRO L 44 -21.67 27.19 -16.31
CA PRO L 44 -21.95 28.33 -17.22
C PRO L 44 -22.51 27.83 -18.54
N ARG L 45 -23.36 28.66 -19.13
CA ARG L 45 -23.90 28.40 -20.46
C ARG L 45 -23.20 29.31 -21.45
N LEU L 46 -22.89 28.78 -22.63
CA LEU L 46 -22.33 29.59 -23.70
C LEU L 46 -23.47 30.26 -24.47
N LEU L 47 -23.40 31.58 -24.61
CA LEU L 47 -24.46 32.35 -25.26
C LEU L 47 -24.07 32.80 -26.66
N ILE L 48 -22.93 33.45 -26.81
CA ILE L 48 -22.52 34.05 -28.07
C ILE L 48 -21.09 33.66 -28.34
N TYR L 49 -20.79 33.35 -29.61
CA TYR L 49 -19.44 33.03 -30.03
C TYR L 49 -19.14 33.76 -31.33
N ASP L 50 -17.85 34.04 -31.54
CA ASP L 50 -17.37 35.00 -32.52
C ASP L 50 -18.01 36.37 -32.32
N ALA L 51 -18.56 36.61 -31.13
CA ALA L 51 -19.08 37.87 -30.62
C ALA L 51 -20.34 38.32 -31.34
N SER L 52 -20.81 37.56 -32.33
CA SER L 52 -22.02 37.92 -33.07
C SER L 52 -23.04 36.79 -33.10
N THR L 53 -22.56 35.55 -33.15
CA THR L 53 -23.40 34.42 -33.54
C THR L 53 -23.89 33.68 -32.30
N ARG L 54 -25.16 33.31 -32.35
CA ARG L 54 -25.80 32.62 -31.25
C ARG L 54 -25.38 31.16 -31.25
N ALA L 55 -25.00 30.65 -30.07
CA ALA L 55 -24.77 29.22 -29.94
C ALA L 55 -26.11 28.51 -30.08
N THR L 56 -26.17 27.50 -30.94
CA THR L 56 -27.44 26.85 -31.21
C THR L 56 -27.98 26.21 -29.93
N GLY L 57 -29.28 26.38 -29.71
CA GLY L 57 -29.93 25.95 -28.49
C GLY L 57 -30.45 27.06 -27.62
N ILE L 58 -30.04 28.31 -27.87
CA ILE L 58 -30.43 29.43 -27.02
C ILE L 58 -31.46 30.32 -27.72
N PRO L 59 -32.38 30.90 -26.96
CA PRO L 59 -33.48 31.66 -27.59
C PRO L 59 -33.00 32.94 -28.26
N GLY L 60 -33.84 33.40 -29.19
CA GLY L 60 -33.56 34.54 -30.04
C GLY L 60 -33.47 35.88 -29.34
N ARG L 61 -33.90 35.98 -28.08
CA ARG L 61 -33.77 37.28 -27.42
C ARG L 61 -32.32 37.65 -27.14
N PHE L 62 -31.41 36.69 -27.16
CA PHE L 62 -29.99 36.96 -26.95
C PHE L 62 -29.31 37.28 -28.27
N SER L 63 -28.45 38.29 -28.25
CA SER L 63 -27.79 38.81 -29.44
C SER L 63 -26.49 39.47 -29.01
N GLY L 64 -25.61 39.72 -29.99
CA GLY L 64 -24.30 40.24 -29.67
C GLY L 64 -23.66 41.15 -30.70
N SER L 65 -23.04 42.23 -30.24
CA SER L 65 -22.22 43.13 -31.05
C SER L 65 -20.76 43.01 -30.62
N GLY L 66 -19.91 43.83 -31.24
CA GLY L 66 -18.48 43.52 -31.25
C GLY L 66 -17.66 44.38 -32.19
N SER L 67 -16.81 43.72 -33.00
CA SER L 67 -15.94 44.39 -33.98
C SER L 67 -15.00 45.41 -33.34
N GLY L 68 -14.13 44.90 -32.46
CA GLY L 68 -13.05 45.71 -31.92
C GLY L 68 -12.94 45.67 -30.42
N THR L 69 -13.09 46.83 -29.78
CA THR L 69 -13.08 46.91 -28.32
C THR L 69 -14.48 47.11 -27.77
N GLU L 70 -15.42 47.54 -28.60
CA GLU L 70 -16.83 47.44 -28.27
C GLU L 70 -17.27 45.98 -28.24
N PHE L 71 -18.02 45.63 -27.20
CA PHE L 71 -18.71 44.35 -27.17
C PHE L 71 -20.02 44.58 -26.41
N THR L 72 -21.10 44.01 -26.93
CA THR L 72 -22.42 44.24 -26.35
C THR L 72 -23.22 42.95 -26.38
N LEU L 73 -23.80 42.61 -25.24
CA LEU L 73 -24.80 41.56 -25.12
C LEU L 73 -26.14 42.21 -24.87
N THR L 74 -27.12 41.93 -25.74
CA THR L 74 -28.44 42.51 -25.59
C THR L 74 -29.43 41.38 -25.44
N ILE L 75 -30.18 41.38 -24.36
CA ILE L 75 -31.29 40.47 -24.16
C ILE L 75 -32.56 41.30 -24.29
N SER L 76 -33.26 41.16 -25.42
CA SER L 76 -34.56 41.81 -25.57
C SER L 76 -35.60 41.01 -24.76
N SER L 77 -36.33 41.73 -23.92
CA SER L 77 -37.43 41.16 -23.15
C SER L 77 -36.96 39.97 -22.30
N LEU L 78 -36.04 40.22 -21.38
CA LEU L 78 -35.57 39.13 -20.55
C LEU L 78 -36.67 38.63 -19.61
N GLN L 79 -36.65 37.33 -19.36
CA GLN L 79 -37.67 36.60 -18.63
C GLN L 79 -37.14 36.22 -17.26
N SER L 80 -37.95 35.47 -16.52
CA SER L 80 -37.58 35.07 -15.16
C SER L 80 -36.28 34.27 -15.18
N GLU L 81 -36.13 33.39 -16.17
CA GLU L 81 -34.95 32.56 -16.29
C GLU L 81 -33.68 33.37 -16.55
N ASP L 82 -33.80 34.54 -17.17
CA ASP L 82 -32.64 35.24 -17.72
C ASP L 82 -31.82 35.99 -16.67
N PHE L 83 -32.20 35.96 -15.40
CA PHE L 83 -31.48 36.70 -14.36
C PHE L 83 -30.36 35.82 -13.80
N ALA L 84 -29.13 36.19 -14.09
CA ALA L 84 -27.94 35.45 -13.66
C ALA L 84 -26.73 36.36 -13.87
N VAL L 85 -25.53 35.81 -13.66
CA VAL L 85 -24.29 36.52 -13.96
C VAL L 85 -23.95 36.30 -15.42
N TYR L 86 -23.37 37.32 -16.06
CA TYR L 86 -22.94 37.22 -17.45
C TYR L 86 -21.48 37.66 -17.56
N TYR L 87 -20.66 36.79 -18.16
CA TYR L 87 -19.25 37.04 -18.39
C TYR L 87 -18.99 37.22 -19.89
N CYS L 88 -18.05 38.11 -20.23
CA CYS L 88 -17.50 38.15 -21.57
C CYS L 88 -16.12 37.51 -21.55
N GLN L 89 -15.63 37.13 -22.74
CA GLN L 89 -14.41 36.33 -22.81
C GLN L 89 -13.64 36.58 -24.08
N GLU L 90 -12.33 36.82 -23.95
CA GLU L 90 -11.41 36.91 -25.07
C GLU L 90 -10.91 35.52 -25.45
N TYR L 91 -10.90 35.21 -26.75
CA TYR L 91 -10.20 34.00 -27.17
C TYR L 91 -9.39 34.20 -28.46
N ASN L 92 -8.91 35.41 -28.74
CA ASN L 92 -8.14 35.56 -29.97
C ASN L 92 -6.71 35.02 -29.86
N ASN L 93 -6.24 34.66 -28.67
CA ASN L 93 -4.97 33.94 -28.56
C ASN L 93 -5.12 32.43 -28.44
N TRP L 94 -6.31 31.93 -28.05
CA TRP L 94 -6.84 30.71 -28.66
C TRP L 94 -5.80 29.60 -28.80
N PRO L 95 -5.35 28.94 -27.73
CA PRO L 95 -6.03 28.64 -26.45
C PRO L 95 -6.03 29.59 -25.27
N ARG L 96 -5.66 30.86 -25.34
CA ARG L 96 -5.50 31.66 -24.14
C ARG L 96 -6.67 32.61 -23.99
N TYR L 97 -7.35 32.54 -22.85
CA TYR L 97 -8.55 33.31 -22.61
C TYR L 97 -8.33 34.24 -21.41
N THR L 98 -9.17 35.26 -21.35
CA THR L 98 -9.34 36.10 -20.17
C THR L 98 -10.82 36.41 -20.05
N PHE L 99 -11.42 36.07 -18.91
CA PHE L 99 -12.81 36.41 -18.67
C PHE L 99 -12.92 37.87 -18.25
N GLY L 100 -14.18 38.31 -18.08
CA GLY L 100 -14.47 39.57 -17.44
C GLY L 100 -14.84 39.37 -15.97
N GLN L 101 -15.13 40.50 -15.32
CA GLN L 101 -15.51 40.44 -13.91
C GLN L 101 -16.82 39.70 -13.72
N GLY L 102 -17.69 39.76 -14.72
CA GLY L 102 -19.05 39.30 -14.56
C GLY L 102 -19.96 40.47 -14.31
N ALA L 103 -21.25 40.26 -14.56
CA ALA L 103 -22.22 41.33 -14.34
C ALA L 103 -23.50 40.71 -13.83
N LYS L 104 -23.83 40.99 -12.57
CA LYS L 104 -25.08 40.53 -12.03
C LYS L 104 -26.22 41.27 -12.70
N LEU L 105 -27.32 40.55 -12.87
CA LEU L 105 -28.51 41.10 -13.52
C LEU L 105 -29.65 40.84 -12.55
N GLU L 106 -30.15 41.90 -11.93
CA GLU L 106 -31.08 41.79 -10.83
C GLU L 106 -32.49 42.04 -11.32
N ILE L 107 -33.45 41.41 -10.64
CA ILE L 107 -34.83 41.82 -10.85
C ILE L 107 -34.95 43.22 -10.28
N ARG L 108 -35.47 44.15 -11.07
CA ARG L 108 -35.60 45.51 -10.62
C ARG L 108 -37.01 45.71 -10.09
N ARG L 109 -37.10 46.38 -8.94
CA ARG L 109 -38.38 46.55 -8.27
C ARG L 109 -38.48 47.95 -7.68
N THR L 110 -39.59 48.20 -6.99
CA THR L 110 -39.84 49.43 -6.27
C THR L 110 -39.17 49.37 -4.89
N VAL L 111 -38.94 50.55 -4.32
CA VAL L 111 -38.28 50.61 -3.03
C VAL L 111 -39.17 49.98 -1.96
N ALA L 112 -38.57 49.12 -1.13
CA ALA L 112 -39.24 48.53 0.02
C ALA L 112 -38.28 48.57 1.20
N ALA L 113 -38.76 49.09 2.32
CA ALA L 113 -37.92 49.22 3.49
C ALA L 113 -37.70 47.88 4.17
N PRO L 114 -36.55 47.70 4.84
CA PRO L 114 -36.30 46.44 5.53
C PRO L 114 -36.97 46.42 6.88
N SER L 115 -37.47 45.25 7.27
CA SER L 115 -37.87 45.08 8.65
C SER L 115 -36.63 44.74 9.45
N VAL L 116 -36.32 45.57 10.44
CA VAL L 116 -35.11 45.42 11.24
C VAL L 116 -35.50 44.88 12.59
N PHE L 117 -34.86 43.79 12.99
CA PHE L 117 -34.99 43.21 14.31
C PHE L 117 -33.60 42.96 14.85
N ILE L 118 -33.47 43.05 16.17
CA ILE L 118 -32.20 42.83 16.85
C ILE L 118 -32.45 41.76 17.90
N PHE L 119 -31.48 40.88 18.06
CA PHE L 119 -31.68 39.70 18.88
C PHE L 119 -30.53 39.56 19.87
N PRO L 120 -30.81 39.37 21.15
CA PRO L 120 -29.74 39.14 22.10
C PRO L 120 -29.30 37.69 22.03
N PRO L 121 -28.08 37.40 22.45
CA PRO L 121 -27.61 36.01 22.45
C PRO L 121 -28.39 35.15 23.43
N SER L 122 -28.36 33.85 23.18
CA SER L 122 -28.97 32.89 24.07
C SER L 122 -28.01 32.58 25.22
N ASP L 123 -28.57 32.08 26.32
CA ASP L 123 -27.72 31.62 27.41
C ASP L 123 -26.88 30.42 27.00
N GLU L 124 -27.42 29.56 26.13
CA GLU L 124 -26.66 28.40 25.66
C GLU L 124 -25.36 28.78 24.98
N GLN L 125 -25.30 29.95 24.31
CA GLN L 125 -24.04 30.35 23.69
C GLN L 125 -23.12 31.03 24.69
N LEU L 126 -23.68 31.77 25.65
CA LEU L 126 -22.84 32.53 26.56
C LEU L 126 -22.14 31.62 27.57
N LYS L 127 -22.67 30.41 27.78
CA LYS L 127 -21.96 29.42 28.58
C LYS L 127 -20.94 28.65 27.75
N SER L 128 -20.98 28.77 26.42
CA SER L 128 -19.92 28.23 25.58
C SER L 128 -18.67 29.11 25.60
N GLY L 129 -18.81 30.37 26.00
CA GLY L 129 -17.69 31.30 26.10
C GLY L 129 -17.79 32.50 25.18
N THR L 130 -18.52 32.38 24.07
CA THR L 130 -18.63 33.42 23.07
C THR L 130 -20.05 33.96 23.03
N ALA L 131 -20.18 35.19 22.51
CA ALA L 131 -21.48 35.85 22.36
C ALA L 131 -21.64 36.33 20.92
N SER L 132 -22.83 36.12 20.36
CA SER L 132 -23.13 36.50 18.99
C SER L 132 -24.46 37.24 18.95
N VAL L 133 -24.40 38.54 18.64
CA VAL L 133 -25.58 39.39 18.53
C VAL L 133 -25.90 39.57 17.05
N VAL L 134 -27.12 39.21 16.65
CA VAL L 134 -27.50 39.21 15.23
C VAL L 134 -28.58 40.27 15.00
N CYS L 135 -28.40 41.07 13.95
CA CYS L 135 -29.36 42.08 13.53
C CYS L 135 -29.69 41.81 12.07
N LEU L 136 -30.97 41.59 11.76
CA LEU L 136 -31.37 41.16 10.43
C LEU L 136 -32.32 42.15 9.78
N LEU L 137 -32.11 42.36 8.49
CA LEU L 137 -32.99 43.15 7.63
C LEU L 137 -33.74 42.19 6.72
N ASN L 138 -35.07 42.31 6.69
CA ASN L 138 -35.92 41.31 6.09
C ASN L 138 -36.75 41.92 4.96
N ASN L 139 -36.73 41.28 3.79
CA ASN L 139 -37.56 41.63 2.65
C ASN L 139 -37.42 43.10 2.26
N PHE L 140 -36.20 43.48 1.90
CA PHE L 140 -35.89 44.84 1.47
C PHE L 140 -35.27 44.84 0.08
N TYR L 141 -35.34 46.02 -0.56
CA TYR L 141 -34.69 46.30 -1.83
C TYR L 141 -34.56 47.81 -1.94
N PRO L 142 -33.47 48.34 -2.51
CA PRO L 142 -32.32 47.67 -3.15
C PRO L 142 -31.34 47.04 -2.16
N ARG L 143 -30.29 46.40 -2.67
CA ARG L 143 -29.35 45.70 -1.79
C ARG L 143 -28.52 46.69 -0.99
N GLU L 144 -28.15 47.81 -1.60
CA GLU L 144 -27.29 48.77 -0.92
C GLU L 144 -27.94 49.23 0.37
N ALA L 145 -27.31 48.88 1.49
CA ALA L 145 -27.80 49.18 2.83
C ALA L 145 -26.60 49.25 3.75
N LYS L 146 -26.77 49.96 4.86
CA LYS L 146 -25.68 50.17 5.80
C LYS L 146 -26.11 49.75 7.19
N VAL L 147 -25.25 48.98 7.86
CA VAL L 147 -25.51 48.46 9.20
C VAL L 147 -24.28 48.71 10.06
N GLN L 148 -24.45 49.42 11.15
CA GLN L 148 -23.37 49.67 12.09
C GLN L 148 -23.80 49.25 13.49
N TRP L 149 -22.85 48.72 14.26
CA TRP L 149 -23.11 48.27 15.61
C TRP L 149 -22.57 49.33 16.56
N LYS L 150 -23.34 49.65 17.58
CA LYS L 150 -22.90 50.59 18.60
C LYS L 150 -23.11 49.95 19.97
N VAL L 151 -22.04 49.86 20.74
CA VAL L 151 -22.09 49.31 22.09
C VAL L 151 -21.85 50.46 23.06
N ASP L 152 -22.89 50.86 23.78
CA ASP L 152 -22.87 52.09 24.57
C ASP L 152 -22.40 53.27 23.72
N ASN L 153 -22.95 53.37 22.50
CA ASN L 153 -22.64 54.38 21.50
C ASN L 153 -21.21 54.30 20.97
N ALA L 154 -20.47 53.24 21.30
CA ALA L 154 -19.14 53.03 20.74
C ALA L 154 -19.26 52.32 19.40
N LEU L 155 -18.94 53.04 18.32
CA LEU L 155 -19.02 52.48 16.97
C LEU L 155 -18.02 51.35 16.82
N GLN L 156 -18.51 50.14 16.58
CA GLN L 156 -17.65 48.98 16.43
C GLN L 156 -17.26 48.78 14.97
N SER L 157 -16.08 48.19 14.77
CA SER L 157 -15.55 47.98 13.43
C SER L 157 -14.59 46.81 13.44
N GLY L 158 -14.62 46.00 12.37
CA GLY L 158 -13.70 44.90 12.23
C GLY L 158 -13.99 43.68 13.08
N ASN L 159 -15.19 43.58 13.67
CA ASN L 159 -15.51 42.42 14.50
C ASN L 159 -16.92 41.87 14.24
N SER L 160 -17.53 42.19 13.09
CA SER L 160 -18.84 41.66 12.73
C SER L 160 -18.79 40.97 11.37
N GLN L 161 -19.66 39.98 11.20
CA GLN L 161 -19.85 39.28 9.93
C GLN L 161 -21.22 39.61 9.36
N GLU L 162 -21.26 39.98 8.08
CA GLU L 162 -22.50 40.31 7.37
C GLU L 162 -22.68 39.35 6.20
N SER L 163 -23.93 38.91 5.97
CA SER L 163 -24.25 38.04 4.86
C SER L 163 -25.61 38.39 4.27
N VAL L 164 -25.73 38.25 2.94
CA VAL L 164 -26.94 38.59 2.19
C VAL L 164 -27.55 37.33 1.59
N THR L 165 -28.86 37.37 1.38
CA THR L 165 -29.60 36.29 0.74
C THR L 165 -29.82 36.55 -0.74
N GLU L 166 -30.10 35.48 -1.47
CA GLU L 166 -30.46 35.57 -2.88
C GLU L 166 -31.83 36.24 -3.03
N GLN L 167 -32.00 36.94 -4.15
CA GLN L 167 -33.22 37.69 -4.42
C GLN L 167 -34.46 36.80 -4.46
N ASP L 168 -35.48 37.20 -3.71
CA ASP L 168 -36.66 36.38 -3.47
C ASP L 168 -37.42 36.09 -4.76
N SER L 169 -37.89 34.85 -4.90
CA SER L 169 -38.57 34.45 -6.14
C SER L 169 -39.87 35.21 -6.35
N LYS L 170 -40.68 35.37 -5.30
CA LYS L 170 -41.96 36.06 -5.39
C LYS L 170 -41.80 37.56 -5.23
N ASP L 171 -40.94 37.99 -4.32
CA ASP L 171 -40.88 39.36 -3.86
C ASP L 171 -39.69 40.12 -4.43
N SER L 172 -38.70 39.43 -5.01
CA SER L 172 -37.57 40.08 -5.66
C SER L 172 -36.81 40.98 -4.69
N THR L 173 -36.91 40.66 -3.41
CA THR L 173 -36.29 41.43 -2.34
C THR L 173 -35.06 40.71 -1.80
N TYR L 174 -34.44 41.34 -0.82
CA TYR L 174 -33.28 40.81 -0.13
C TYR L 174 -33.57 40.62 1.35
N SER L 175 -32.76 39.77 1.97
CA SER L 175 -32.68 39.68 3.40
C SER L 175 -31.21 39.69 3.76
N LEU L 176 -30.89 40.28 4.91
CA LEU L 176 -29.50 40.43 5.30
C LEU L 176 -29.38 40.18 6.79
N SER L 177 -28.28 39.54 7.18
CA SER L 177 -27.98 39.29 8.59
C SER L 177 -26.57 39.79 8.85
N SER L 178 -26.44 40.70 9.81
CA SER L 178 -25.13 41.09 10.33
C SER L 178 -24.96 40.44 11.68
N THR L 179 -23.83 39.76 11.87
CA THR L 179 -23.57 39.05 13.12
C THR L 179 -22.29 39.60 13.75
N LEU L 180 -22.44 40.25 14.90
CA LEU L 180 -21.32 40.72 15.69
C LEU L 180 -21.01 39.67 16.74
N THR L 181 -19.78 39.15 16.73
CA THR L 181 -19.37 38.08 17.63
C THR L 181 -18.35 38.62 18.62
N LEU L 182 -18.64 38.48 19.90
CA LEU L 182 -17.75 38.86 20.99
C LEU L 182 -17.61 37.71 21.97
N SER L 183 -16.65 37.84 22.88
CA SER L 183 -16.43 36.90 23.96
C SER L 183 -17.31 37.23 25.17
N LYS L 184 -17.50 36.21 26.02
CA LYS L 184 -18.30 36.39 27.24
C LYS L 184 -17.77 37.51 28.12
N ALA L 185 -16.45 37.64 28.23
CA ALA L 185 -15.89 38.72 29.04
C ALA L 185 -16.23 40.09 28.48
N ASP L 186 -16.06 40.28 27.16
CA ASP L 186 -16.33 41.56 26.54
C ASP L 186 -17.83 41.82 26.37
N TYR L 187 -18.64 40.78 26.24
CA TYR L 187 -20.08 40.99 26.13
C TYR L 187 -20.64 41.59 27.40
N GLU L 188 -20.11 41.17 28.56
CA GLU L 188 -20.55 41.69 29.85
C GLU L 188 -20.07 43.11 30.11
N LYS L 189 -19.03 43.58 29.41
CA LYS L 189 -18.42 44.87 29.74
C LYS L 189 -19.42 46.02 29.63
N HIS L 190 -20.21 46.05 28.56
CA HIS L 190 -21.08 47.18 28.26
C HIS L 190 -22.52 46.72 28.35
N LYS L 191 -23.48 47.64 28.23
CA LYS L 191 -24.88 47.29 28.48
C LYS L 191 -25.83 47.53 27.30
N VAL L 192 -25.66 48.62 26.56
CA VAL L 192 -26.58 48.98 25.48
C VAL L 192 -26.00 48.46 24.16
N TYR L 193 -26.79 47.65 23.46
CA TYR L 193 -26.40 47.10 22.16
C TYR L 193 -27.43 47.49 21.11
N ALA L 194 -27.00 48.29 20.13
CA ALA L 194 -27.87 48.77 19.07
C ALA L 194 -27.21 48.57 17.72
N CYS L 195 -28.00 48.18 16.72
CA CYS L 195 -27.59 48.17 15.33
C CYS L 195 -28.35 49.26 14.59
N GLU L 196 -27.63 50.05 13.81
CA GLU L 196 -28.27 51.10 13.03
C GLU L 196 -28.34 50.67 11.58
N VAL L 197 -29.48 50.87 10.96
CA VAL L 197 -29.73 50.45 9.59
C VAL L 197 -29.97 51.68 8.76
N THR L 198 -29.18 51.85 7.71
CA THR L 198 -29.37 52.91 6.74
C THR L 198 -29.80 52.29 5.42
N HIS L 199 -30.94 52.73 4.90
CA HIS L 199 -31.43 52.22 3.63
C HIS L 199 -32.14 53.35 2.89
N GLN L 200 -32.14 53.24 1.55
CA GLN L 200 -32.82 54.24 0.74
C GLN L 200 -34.30 54.32 1.08
N GLY L 201 -34.91 53.21 1.45
CA GLY L 201 -36.31 53.09 1.76
C GLY L 201 -36.69 53.41 3.19
N LEU L 202 -35.78 53.97 3.97
CA LEU L 202 -36.06 54.39 5.33
C LEU L 202 -36.01 55.92 5.38
N SER L 203 -37.03 56.52 5.99
CA SER L 203 -37.07 57.97 6.08
C SER L 203 -35.81 58.52 6.74
N SER L 204 -35.37 57.87 7.81
CA SER L 204 -34.11 58.16 8.48
C SER L 204 -33.55 56.82 8.94
N PRO L 205 -32.25 56.75 9.23
CA PRO L 205 -31.68 55.47 9.65
C PRO L 205 -32.39 54.95 10.89
N VAL L 206 -32.76 53.68 10.85
CA VAL L 206 -33.49 53.03 11.93
C VAL L 206 -32.53 52.22 12.79
N THR L 207 -32.66 52.35 14.09
CA THR L 207 -31.84 51.62 15.05
C THR L 207 -32.73 50.78 15.94
N LYS L 208 -32.27 49.56 16.25
CA LYS L 208 -32.95 48.67 17.17
C LYS L 208 -31.95 48.23 18.22
N SER L 209 -32.41 48.09 19.46
CA SER L 209 -31.49 47.95 20.58
C SER L 209 -32.09 47.06 21.65
N PHE L 210 -31.24 46.68 22.60
CA PHE L 210 -31.65 45.93 23.78
C PHE L 210 -30.66 46.20 24.90
N ASN L 211 -31.17 46.16 26.13
CA ASN L 211 -30.34 46.21 27.33
C ASN L 211 -30.10 44.79 27.83
N ARG L 212 -28.88 44.52 28.30
CA ARG L 212 -28.42 43.13 28.47
C ARG L 212 -29.08 42.53 29.71
N GLY L 213 -30.16 41.80 29.48
CA GLY L 213 -30.94 41.23 30.55
C GLY L 213 -32.12 42.07 30.93
N GLU L 214 -32.69 42.80 29.98
CA GLU L 214 -33.75 43.76 30.23
C GLU L 214 -33.38 44.73 31.35
N GLN M 1 33.20 -43.93 -17.33
CA GLN M 1 33.18 -43.42 -18.69
C GLN M 1 32.82 -41.91 -18.72
N LEU M 2 31.54 -41.59 -18.63
CA LEU M 2 31.06 -40.21 -18.64
C LEU M 2 31.01 -39.69 -17.21
N GLN M 3 32.16 -39.22 -16.71
CA GLN M 3 32.29 -38.88 -15.30
C GLN M 3 32.91 -37.50 -15.16
N LEU M 4 32.26 -36.66 -14.37
CA LEU M 4 32.68 -35.28 -14.14
C LEU M 4 33.14 -35.12 -12.69
N GLN M 5 34.32 -34.54 -12.51
CA GLN M 5 34.97 -34.47 -11.21
C GLN M 5 35.38 -33.03 -10.91
N GLU M 6 35.04 -32.58 -9.70
CA GLU M 6 35.07 -31.18 -9.29
C GLU M 6 36.47 -30.71 -8.89
N SER M 7 36.50 -29.51 -8.31
CA SER M 7 37.53 -28.49 -8.42
C SER M 7 38.20 -28.15 -7.10
N GLY M 8 39.05 -27.13 -7.18
CA GLY M 8 39.88 -26.66 -6.09
C GLY M 8 39.11 -25.78 -5.12
N PRO M 9 39.76 -24.71 -4.66
CA PRO M 9 39.43 -24.17 -3.33
C PRO M 9 38.04 -23.55 -3.24
N GLY M 10 37.32 -23.95 -2.20
CA GLY M 10 36.17 -23.23 -1.69
C GLY M 10 36.61 -22.22 -0.65
N LEU M 11 35.63 -21.56 -0.03
CA LEU M 11 35.88 -20.58 1.02
C LEU M 11 36.80 -19.45 0.53
N VAL M 12 36.30 -18.70 -0.45
CA VAL M 12 37.00 -17.53 -0.94
C VAL M 12 36.37 -16.28 -0.33
N LYS M 13 37.22 -15.31 0.00
CA LYS M 13 36.79 -14.06 0.63
C LYS M 13 35.96 -13.21 -0.32
N PRO M 14 35.05 -12.40 0.22
CA PRO M 14 34.24 -11.51 -0.64
C PRO M 14 35.11 -10.46 -1.34
N SER M 15 34.57 -9.94 -2.44
CA SER M 15 35.17 -8.97 -3.36
C SER M 15 36.36 -9.56 -4.09
N GLN M 16 36.69 -10.83 -3.87
CA GLN M 16 37.74 -11.57 -4.53
C GLN M 16 37.17 -12.37 -5.69
N THR M 17 38.00 -13.23 -6.28
CA THR M 17 37.62 -14.08 -7.40
C THR M 17 37.70 -15.53 -6.98
N LEU M 18 36.61 -16.28 -7.19
CA LEU M 18 36.62 -17.72 -6.98
C LEU M 18 36.72 -18.41 -8.33
N SER M 19 37.60 -19.40 -8.42
CA SER M 19 37.83 -20.12 -9.66
C SER M 19 37.65 -21.61 -9.41
N LEU M 20 36.84 -22.25 -10.25
CA LEU M 20 36.62 -23.69 -10.16
C LEU M 20 36.97 -24.33 -11.51
N THR M 21 37.42 -25.58 -11.46
CA THR M 21 37.80 -26.34 -12.64
C THR M 21 37.15 -27.72 -12.60
N CYS M 22 36.45 -28.08 -13.69
CA CYS M 22 35.87 -29.39 -13.84
C CYS M 22 36.73 -30.22 -14.78
N THR M 23 37.20 -31.38 -14.30
CA THR M 23 38.09 -32.23 -15.08
C THR M 23 37.37 -33.49 -15.52
N LEU M 24 37.57 -33.86 -16.78
CA LEU M 24 36.92 -35.04 -17.33
C LEU M 24 37.76 -36.28 -17.06
N SER M 25 37.09 -37.42 -16.95
CA SER M 25 37.77 -38.70 -16.77
C SER M 25 37.13 -39.72 -17.70
N GLY M 26 37.96 -40.57 -18.31
CA GLY M 26 37.46 -41.51 -19.29
C GLY M 26 36.82 -40.85 -20.50
N GLY M 27 37.11 -39.58 -20.72
CA GLY M 27 36.44 -38.82 -21.76
C GLY M 27 37.23 -37.56 -22.08
N SER M 28 36.91 -36.97 -23.22
CA SER M 28 37.53 -35.75 -23.66
C SER M 28 36.46 -34.87 -24.25
N ILE M 29 36.81 -33.62 -24.52
CA ILE M 29 35.86 -32.66 -25.07
C ILE M 29 35.95 -32.84 -26.58
N SER M 30 35.17 -33.80 -27.08
CA SER M 30 35.33 -34.38 -28.41
C SER M 30 33.99 -34.86 -28.94
N SER M 31 33.99 -35.24 -30.22
CA SER M 31 32.78 -35.65 -30.97
C SER M 31 31.70 -34.56 -31.12
N THR M 32 32.10 -33.40 -31.66
CA THR M 32 33.40 -32.78 -31.76
C THR M 32 33.63 -32.16 -30.39
N SER M 33 32.56 -32.12 -29.59
CA SER M 33 32.63 -31.96 -28.15
C SER M 33 31.28 -32.24 -27.51
N TYR M 34 31.32 -32.81 -26.30
CA TYR M 34 30.12 -33.06 -25.51
C TYR M 34 30.04 -32.29 -24.21
N TYR M 35 31.13 -31.74 -23.69
CA TYR M 35 31.16 -31.19 -22.34
C TYR M 35 31.19 -29.66 -22.39
N TRP M 36 30.30 -29.03 -21.63
CA TRP M 36 30.27 -27.58 -21.48
C TRP M 36 29.30 -27.22 -20.36
N GLY M 37 29.62 -26.19 -19.59
CA GLY M 37 28.58 -25.58 -18.78
C GLY M 37 28.79 -25.76 -17.27
N TRP M 38 28.27 -24.79 -16.50
CA TRP M 38 28.31 -24.79 -15.04
C TRP M 38 26.94 -24.44 -14.46
N ILE M 39 26.65 -25.01 -13.27
CA ILE M 39 25.38 -24.82 -12.59
C ILE M 39 25.64 -24.68 -11.09
N ARG M 40 24.77 -23.94 -10.40
CA ARG M 40 24.87 -23.80 -8.95
C ARG M 40 23.49 -23.85 -8.31
N GLN M 41 23.48 -24.24 -7.03
CA GLN M 41 22.29 -24.14 -6.18
C GLN M 41 22.70 -23.45 -4.89
N PRO M 42 22.22 -22.24 -4.62
CA PRO M 42 22.57 -21.57 -3.36
C PRO M 42 21.63 -21.98 -2.25
N PRO M 43 22.07 -21.90 -1.00
CA PRO M 43 21.23 -22.36 0.12
C PRO M 43 19.89 -21.64 0.15
N GLY M 44 18.83 -22.42 0.40
CA GLY M 44 17.48 -21.88 0.42
C GLY M 44 16.91 -21.57 -0.94
N SER M 45 17.58 -21.96 -2.01
CA SER M 45 17.13 -21.66 -3.37
C SER M 45 17.27 -22.91 -4.23
N GLY M 46 16.61 -22.87 -5.39
CA GLY M 46 16.68 -23.96 -6.34
C GLY M 46 17.96 -23.92 -7.15
N LEU M 47 18.02 -24.80 -8.15
CA LEU M 47 19.14 -24.81 -9.07
C LEU M 47 19.04 -23.62 -10.02
N GLU M 48 20.18 -23.09 -10.42
CA GLU M 48 20.19 -22.08 -11.46
C GLU M 48 21.41 -22.21 -12.36
N TRP M 49 21.17 -22.08 -13.66
CA TRP M 49 22.19 -22.19 -14.68
C TRP M 49 23.13 -20.98 -14.63
N ILE M 50 24.42 -21.25 -14.80
CA ILE M 50 25.43 -20.17 -14.77
C ILE M 50 25.83 -19.80 -16.19
N GLY M 51 26.35 -20.77 -16.94
CA GLY M 51 26.82 -20.49 -18.28
C GLY M 51 27.07 -21.78 -19.03
N SER M 52 27.37 -21.62 -20.33
CA SER M 52 27.64 -22.75 -21.21
C SER M 52 28.88 -22.44 -22.03
N MET M 53 29.55 -23.51 -22.48
CA MET M 53 30.77 -23.34 -23.28
C MET M 53 30.64 -24.14 -24.58
N TYR M 54 31.71 -24.21 -25.36
CA TYR M 54 31.73 -25.00 -26.58
C TYR M 54 33.18 -25.46 -26.75
N HIS M 55 33.43 -26.36 -27.71
CA HIS M 55 34.81 -26.75 -27.96
C HIS M 55 35.63 -25.54 -28.38
N SER M 56 35.04 -24.65 -29.17
CA SER M 56 35.62 -23.33 -29.34
C SER M 56 35.51 -22.55 -28.04
N GLY M 57 36.06 -21.35 -28.03
CA GLY M 57 36.00 -20.60 -26.78
C GLY M 57 34.68 -19.91 -26.53
N ASN M 58 33.75 -19.99 -27.47
CA ASN M 58 32.47 -19.29 -27.33
C ASN M 58 31.69 -19.76 -26.12
N THR M 59 31.30 -18.79 -25.29
CA THR M 59 30.62 -19.03 -24.03
C THR M 59 29.31 -18.24 -24.01
N TYR M 60 28.31 -18.78 -23.33
CA TYR M 60 27.02 -18.11 -23.16
C TYR M 60 26.67 -18.13 -21.68
N TYR M 61 26.38 -16.94 -21.14
CA TYR M 61 26.23 -16.72 -19.71
C TYR M 61 24.80 -16.32 -19.39
N LYS M 62 24.36 -16.63 -18.16
CA LYS M 62 23.05 -16.16 -17.73
C LYS M 62 23.07 -14.65 -17.58
N SER M 63 21.99 -14.00 -18.04
CA SER M 63 21.85 -12.54 -18.01
C SER M 63 22.36 -11.85 -16.74
N SER M 64 21.88 -12.28 -15.57
CA SER M 64 22.21 -11.61 -14.32
C SER M 64 23.65 -11.80 -13.86
N LEU M 65 24.42 -12.66 -14.52
CA LEU M 65 25.84 -12.82 -14.20
C LEU M 65 26.75 -12.18 -15.25
N LYS M 66 26.21 -11.31 -16.09
CA LYS M 66 27.00 -10.63 -17.12
C LYS M 66 28.22 -9.94 -16.52
N GLY M 67 29.37 -10.14 -17.16
CA GLY M 67 30.61 -9.50 -16.72
C GLY M 67 31.30 -10.21 -15.58
N ARG M 68 30.53 -10.95 -14.79
CA ARG M 68 31.08 -11.64 -13.62
C ARG M 68 31.75 -12.95 -14.00
N VAL M 69 31.12 -13.74 -14.85
CA VAL M 69 31.51 -15.12 -15.10
C VAL M 69 32.49 -15.18 -16.26
N THR M 70 33.41 -16.13 -16.18
CA THR M 70 34.25 -16.53 -17.31
C THR M 70 34.40 -18.04 -17.27
N ILE M 71 34.01 -18.69 -18.37
CA ILE M 71 34.23 -20.12 -18.55
C ILE M 71 35.31 -20.28 -19.61
N SER M 72 36.24 -21.18 -19.37
CA SER M 72 37.41 -21.32 -20.23
C SER M 72 37.67 -22.79 -20.47
N LEU M 73 38.28 -23.08 -21.61
CA LEU M 73 38.69 -24.43 -21.95
C LEU M 73 40.20 -24.52 -21.84
N ASP M 74 40.67 -25.59 -21.20
CA ASP M 74 42.10 -25.84 -21.10
C ASP M 74 42.60 -26.50 -22.37
N THR M 75 43.68 -25.96 -22.93
CA THR M 75 44.43 -26.69 -23.94
C THR M 75 44.84 -28.03 -23.34
N SER M 76 45.04 -29.04 -24.20
CA SER M 76 45.08 -30.44 -23.74
C SER M 76 43.78 -30.78 -23.01
N ARG M 77 42.69 -30.73 -23.77
CA ARG M 77 41.36 -30.36 -23.29
C ARG M 77 40.69 -31.51 -22.51
N THR M 78 41.36 -31.89 -21.43
CA THR M 78 40.82 -32.79 -20.43
C THR M 78 39.89 -32.09 -19.43
N GLN M 79 39.91 -30.77 -19.36
CA GLN M 79 39.20 -30.06 -18.29
C GLN M 79 38.78 -28.68 -18.77
N PHE M 80 37.75 -28.13 -18.12
CA PHE M 80 37.32 -26.76 -18.35
C PHE M 80 37.02 -26.10 -17.01
N SER M 81 37.13 -24.77 -16.98
CA SER M 81 37.20 -24.02 -15.73
C SER M 81 36.14 -22.94 -15.66
N LEU M 82 35.69 -22.65 -14.44
CA LEU M 82 34.81 -21.52 -14.13
C LEU M 82 35.57 -20.48 -13.31
N ARG M 83 35.41 -19.21 -13.68
CA ARG M 83 36.04 -18.10 -12.97
C ARG M 83 34.99 -17.03 -12.69
N LEU M 84 34.78 -16.72 -11.41
CA LEU M 84 33.68 -15.87 -10.98
C LEU M 84 34.21 -14.70 -10.16
N THR M 85 33.88 -13.47 -10.58
CA THR M 85 34.31 -12.26 -9.89
C THR M 85 33.37 -11.14 -10.31
N SER M 86 32.82 -10.42 -9.34
CA SER M 86 33.05 -10.53 -7.90
C SER M 86 32.10 -11.55 -7.25
N VAL M 87 32.34 -11.78 -5.96
CA VAL M 87 31.86 -12.97 -5.24
C VAL M 87 30.89 -12.60 -4.13
N THR M 88 30.13 -11.51 -4.27
CA THR M 88 29.75 -10.66 -3.15
C THR M 88 28.65 -11.29 -2.30
N ALA M 89 29.04 -12.38 -1.63
CA ALA M 89 28.40 -13.00 -0.48
C ALA M 89 27.07 -13.69 -0.79
N ALA M 90 26.59 -13.63 -2.03
CA ALA M 90 25.40 -14.35 -2.44
C ALA M 90 25.74 -15.42 -3.45
N ASP M 91 27.02 -15.55 -3.79
CA ASP M 91 27.56 -16.61 -4.63
C ASP M 91 27.90 -17.87 -3.85
N THR M 92 27.90 -17.82 -2.52
CA THR M 92 28.11 -19.03 -1.75
C THR M 92 27.03 -20.05 -2.10
N ALA M 93 27.46 -21.22 -2.55
CA ALA M 93 26.55 -22.22 -3.10
C ALA M 93 27.32 -23.51 -3.33
N VAL M 94 26.59 -24.52 -3.78
CA VAL M 94 27.16 -25.75 -4.32
C VAL M 94 27.08 -25.66 -5.84
N TYR M 95 28.22 -25.79 -6.51
CA TYR M 95 28.29 -25.63 -7.96
C TYR M 95 28.52 -26.99 -8.60
N TYR M 96 27.72 -27.30 -9.62
CA TYR M 96 27.88 -28.52 -10.40
C TYR M 96 28.30 -28.16 -11.82
N CYS M 97 29.23 -28.95 -12.36
CA CYS M 97 29.51 -28.95 -13.79
C CYS M 97 28.78 -30.10 -14.44
N ALA M 98 28.50 -29.95 -15.74
CA ALA M 98 27.71 -30.94 -16.44
C ALA M 98 27.93 -30.80 -17.93
N ARG M 99 27.82 -31.91 -18.66
CA ARG M 99 27.78 -31.85 -20.12
C ARG M 99 26.36 -31.47 -20.54
N LEU M 100 26.20 -30.28 -21.10
CA LEU M 100 24.86 -29.85 -21.49
C LEU M 100 24.60 -30.23 -22.94
N GLY M 101 24.80 -31.50 -23.28
CA GLY M 101 24.76 -31.86 -24.68
C GLY M 101 24.89 -33.36 -24.90
N ASP M 102 24.46 -33.76 -26.08
CA ASP M 102 24.62 -35.05 -26.73
C ASP M 102 24.03 -34.85 -28.12
N VAL M 103 24.34 -35.76 -29.03
CA VAL M 103 23.76 -35.65 -30.36
C VAL M 103 22.24 -35.71 -30.26
N PHE M 104 21.73 -36.54 -29.36
CA PHE M 104 20.31 -36.88 -29.34
C PHE M 104 19.52 -36.23 -28.22
N ASN M 105 20.16 -35.63 -27.21
CA ASN M 105 19.42 -34.76 -26.31
C ASN M 105 20.12 -33.41 -26.16
N SER M 106 19.40 -32.35 -26.52
CA SER M 106 19.80 -30.97 -26.32
C SER M 106 20.35 -30.74 -24.92
N ALA M 107 19.76 -31.40 -23.93
CA ALA M 107 20.09 -31.20 -22.52
C ALA M 107 19.59 -32.39 -21.71
N MET M 108 20.21 -32.62 -20.55
CA MET M 108 21.42 -32.16 -19.86
C MET M 108 21.83 -33.30 -18.92
N ASP M 109 22.86 -34.09 -19.22
CA ASP M 109 22.83 -35.46 -18.73
C ASP M 109 23.91 -35.85 -17.72
N VAL M 110 25.19 -35.59 -17.96
CA VAL M 110 26.23 -36.03 -17.03
C VAL M 110 26.63 -34.88 -16.12
N TRP M 111 26.42 -35.09 -14.82
CA TRP M 111 26.68 -34.10 -13.78
C TRP M 111 27.92 -34.46 -12.97
N GLY M 112 28.57 -33.44 -12.42
CA GLY M 112 29.58 -33.65 -11.41
C GLY M 112 28.97 -33.98 -10.06
N GLN M 113 29.84 -34.18 -9.06
CA GLN M 113 29.35 -34.49 -7.72
C GLN M 113 28.87 -33.27 -6.97
N GLY M 114 29.26 -32.08 -7.39
CA GLY M 114 28.92 -30.88 -6.63
C GLY M 114 30.03 -30.50 -5.68
N THR M 115 30.49 -29.25 -5.77
CA THR M 115 31.51 -28.73 -4.87
C THR M 115 30.98 -27.47 -4.22
N THR M 116 31.27 -27.31 -2.93
CA THR M 116 30.74 -26.21 -2.14
C THR M 116 31.78 -25.10 -2.01
N VAL M 117 31.34 -23.86 -2.22
CA VAL M 117 32.17 -22.68 -2.07
C VAL M 117 31.42 -21.68 -1.21
N ILE M 118 32.02 -21.27 -0.09
CA ILE M 118 31.42 -20.36 0.86
C ILE M 118 32.13 -19.01 0.77
N VAL M 119 31.37 -17.95 0.57
CA VAL M 119 31.91 -16.60 0.53
C VAL M 119 31.60 -15.90 1.85
N SER M 120 32.62 -15.69 2.68
CA SER M 120 32.45 -15.00 3.94
C SER M 120 33.77 -14.31 4.29
N SER M 121 33.69 -13.31 5.16
CA SER M 121 34.86 -12.53 5.55
C SER M 121 35.68 -13.30 6.60
N ALA M 122 36.13 -14.49 6.19
CA ALA M 122 37.09 -15.31 6.92
C ALA M 122 36.76 -15.44 8.40
N SER M 123 37.78 -15.34 9.25
CA SER M 123 37.65 -15.47 10.70
C SER M 123 37.01 -16.81 11.08
N THR M 124 37.67 -17.89 10.67
CA THR M 124 37.22 -19.22 11.05
C THR M 124 37.37 -19.42 12.56
N LYS M 125 36.35 -20.02 13.17
CA LYS M 125 36.25 -20.02 14.63
C LYS M 125 35.59 -21.32 15.10
N GLY M 126 36.05 -21.80 16.26
CA GLY M 126 35.44 -22.93 16.92
C GLY M 126 34.18 -22.53 17.66
N PRO M 127 33.28 -23.49 17.86
CA PRO M 127 31.95 -23.16 18.40
C PRO M 127 31.96 -22.93 19.90
N SER M 128 30.92 -22.22 20.35
CA SER M 128 30.59 -22.10 21.75
C SER M 128 29.42 -23.04 22.05
N VAL M 129 29.57 -23.86 23.08
CA VAL M 129 28.65 -24.96 23.36
C VAL M 129 27.95 -24.68 24.69
N PHE M 130 26.61 -24.64 24.66
CA PHE M 130 25.80 -24.26 25.80
C PHE M 130 24.68 -25.28 26.01
N PRO M 131 24.39 -25.65 27.25
CA PRO M 131 23.36 -26.68 27.49
C PRO M 131 21.95 -26.13 27.53
N LEU M 132 20.99 -27.04 27.34
CA LEU M 132 19.55 -26.75 27.43
C LEU M 132 18.91 -27.79 28.34
N ALA M 133 18.82 -27.50 29.64
CA ALA M 133 18.41 -28.45 30.66
C ALA M 133 16.90 -28.69 30.66
N PRO M 134 16.47 -29.91 30.95
CA PRO M 134 15.05 -30.24 30.95
C PRO M 134 14.39 -30.04 32.32
N SER M 135 13.07 -29.89 32.28
CA SER M 135 12.28 -29.68 33.49
C SER M 135 12.22 -30.94 34.34
N GLY M 142 4.67 -39.32 28.88
CA GLY M 142 5.41 -38.69 29.97
C GLY M 142 6.88 -38.53 29.67
N THR M 143 7.18 -37.81 28.59
CA THR M 143 8.55 -37.63 28.13
C THR M 143 9.05 -36.22 28.46
N ALA M 144 10.35 -36.02 28.25
CA ALA M 144 11.01 -34.74 28.46
C ALA M 144 12.06 -34.54 27.37
N ALA M 145 12.48 -33.30 27.20
CA ALA M 145 13.42 -32.94 26.14
C ALA M 145 14.58 -32.13 26.67
N LEU M 146 15.78 -32.50 26.24
CA LEU M 146 17.02 -31.80 26.57
C LEU M 146 17.83 -31.65 25.30
N GLY M 147 18.91 -30.87 25.36
CA GLY M 147 19.74 -30.74 24.19
C GLY M 147 21.00 -29.94 24.44
N CYS M 148 21.71 -29.68 23.32
CA CYS M 148 22.93 -28.90 23.27
C CYS M 148 22.77 -27.77 22.26
N LEU M 149 23.43 -26.65 22.54
CA LEU M 149 23.43 -25.49 21.65
C LEU M 149 24.85 -25.16 21.21
N VAL M 150 25.11 -25.31 19.92
CA VAL M 150 26.42 -25.01 19.33
C VAL M 150 26.27 -23.74 18.50
N LYS M 151 26.89 -22.65 18.97
CA LYS M 151 26.62 -21.32 18.45
C LYS M 151 27.92 -20.66 17.98
N ASP M 152 27.80 -19.78 16.99
CA ASP M 152 28.89 -18.87 16.59
C ASP M 152 30.15 -19.64 16.20
N TYR M 153 30.03 -20.46 15.16
CA TYR M 153 31.16 -21.20 14.63
C TYR M 153 31.26 -21.03 13.11
N PHE M 154 32.47 -21.28 12.60
CA PHE M 154 32.79 -21.08 11.19
C PHE M 154 34.08 -21.80 10.85
N PRO M 155 34.12 -22.51 9.73
CA PRO M 155 33.01 -22.71 8.80
C PRO M 155 32.20 -23.95 9.15
N GLU M 156 31.20 -24.24 8.34
CA GLU M 156 30.46 -25.48 8.50
C GLU M 156 31.28 -26.60 7.88
N PRO M 157 31.14 -27.86 8.35
CA PRO M 157 30.22 -28.39 9.36
C PRO M 157 30.80 -28.70 10.72
N VAL M 158 29.91 -28.95 11.66
CA VAL M 158 30.23 -29.58 12.93
C VAL M 158 29.44 -30.87 12.99
N THR M 159 29.98 -31.87 13.69
CA THR M 159 29.31 -33.15 13.87
C THR M 159 29.00 -33.33 15.35
N VAL M 160 27.76 -33.71 15.66
CA VAL M 160 27.33 -33.88 17.04
C VAL M 160 26.83 -35.30 17.20
N SER M 161 27.28 -35.95 18.27
CA SER M 161 26.82 -37.29 18.63
C SER M 161 26.58 -37.32 20.13
N TRP M 162 25.60 -38.11 20.55
CA TRP M 162 25.22 -38.20 21.94
C TRP M 162 25.72 -39.51 22.53
N ASN M 163 26.25 -39.44 23.74
CA ASN M 163 26.83 -40.58 24.44
C ASN M 163 27.85 -41.31 23.56
N SER M 164 28.67 -40.53 22.85
CA SER M 164 29.70 -41.07 21.96
C SER M 164 29.10 -42.00 20.91
N GLY M 165 27.92 -41.63 20.39
CA GLY M 165 27.23 -42.43 19.41
C GLY M 165 26.37 -43.54 19.98
N ALA M 166 26.20 -43.58 21.30
CA ALA M 166 25.33 -44.55 21.95
C ALA M 166 23.88 -44.11 21.99
N LEU M 167 23.61 -42.83 21.72
CA LEU M 167 22.26 -42.29 21.72
C LEU M 167 21.92 -41.85 20.29
N THR M 168 21.13 -42.66 19.60
CA THR M 168 20.73 -42.37 18.23
C THR M 168 19.22 -42.33 18.04
N SER M 169 18.45 -43.04 18.85
CA SER M 169 16.99 -43.01 18.76
C SER M 169 16.44 -41.81 19.51
N GLY M 170 15.59 -41.03 18.83
CA GLY M 170 14.95 -39.88 19.44
C GLY M 170 15.66 -38.55 19.22
N VAL M 171 16.82 -38.56 18.58
CA VAL M 171 17.63 -37.37 18.40
C VAL M 171 17.19 -36.64 17.14
N HIS M 172 17.15 -35.31 17.21
CA HIS M 172 17.01 -34.47 16.03
C HIS M 172 18.04 -33.35 16.11
N THR M 173 18.98 -33.35 15.15
CA THR M 173 19.95 -32.28 15.00
C THR M 173 19.51 -31.36 13.88
N PHE M 174 19.32 -30.08 14.20
CA PHE M 174 18.76 -29.14 13.23
C PHE M 174 19.84 -28.66 12.27
N PRO M 175 19.46 -28.35 11.03
CA PRO M 175 20.42 -27.71 10.12
C PRO M 175 20.83 -26.35 10.66
N ALA M 176 22.10 -26.01 10.44
CA ALA M 176 22.62 -24.75 10.96
C ALA M 176 22.02 -23.57 10.22
N VAL M 177 21.99 -22.41 10.91
CA VAL M 177 21.55 -21.16 10.33
C VAL M 177 22.67 -20.14 10.45
N LEU M 178 22.81 -19.31 9.42
CA LEU M 178 23.82 -18.25 9.39
C LEU M 178 23.20 -16.95 9.88
N GLN M 179 23.69 -16.44 11.02
CA GLN M 179 23.20 -15.16 11.50
C GLN M 179 24.00 -14.05 10.84
N SER M 180 23.44 -12.83 10.86
CA SER M 180 24.03 -11.70 10.16
C SER M 180 25.50 -11.48 10.54
N SER M 181 25.92 -11.98 11.70
CA SER M 181 27.30 -11.88 12.15
C SER M 181 28.27 -12.63 11.24
N GLY M 182 27.77 -13.46 10.33
CA GLY M 182 28.63 -14.27 9.48
C GLY M 182 29.04 -15.62 10.05
N LEU M 183 28.51 -16.01 11.20
CA LEU M 183 28.79 -17.31 11.77
C LEU M 183 27.55 -18.19 11.71
N TYR M 184 27.76 -19.50 11.81
CA TYR M 184 26.67 -20.48 11.77
C TYR M 184 26.33 -20.95 13.17
N SER M 185 25.08 -21.37 13.36
CA SER M 185 24.66 -21.97 14.62
C SER M 185 23.59 -23.02 14.35
N LEU M 186 23.58 -24.06 15.19
CA LEU M 186 22.54 -25.07 15.15
C LEU M 186 22.30 -25.54 16.59
N SER M 187 21.36 -26.46 16.75
CA SER M 187 21.07 -27.05 18.05
C SER M 187 20.69 -28.51 17.89
N SER M 188 21.09 -29.33 18.86
CA SER M 188 20.79 -30.76 18.86
C SER M 188 19.96 -31.08 20.10
N VAL M 189 18.79 -31.65 19.89
CA VAL M 189 17.86 -31.98 20.96
C VAL M 189 17.59 -33.49 20.92
N VAL M 190 17.24 -34.04 22.09
CA VAL M 190 16.90 -35.45 22.21
C VAL M 190 15.65 -35.57 23.06
N THR M 191 14.77 -36.52 22.71
CA THR M 191 13.62 -36.87 23.53
C THR M 191 13.87 -38.18 24.27
N VAL M 192 13.72 -38.15 25.59
CA VAL M 192 13.88 -39.35 26.42
C VAL M 192 12.71 -39.37 27.40
N PRO M 193 12.31 -40.54 27.90
CA PRO M 193 11.33 -40.57 29.01
C PRO M 193 11.79 -39.75 30.20
N SER M 194 10.86 -38.96 30.74
CA SER M 194 11.16 -38.01 31.81
C SER M 194 11.69 -38.67 33.08
N SER M 195 11.48 -39.97 33.25
CA SER M 195 11.96 -40.63 34.46
C SER M 195 13.47 -40.76 34.48
N SER M 196 14.12 -40.68 33.31
CA SER M 196 15.55 -40.92 33.19
C SER M 196 16.38 -39.64 33.31
N LEU M 197 15.77 -38.50 33.61
CA LEU M 197 16.57 -37.31 33.89
C LEU M 197 17.27 -37.50 35.23
N GLY M 198 18.59 -37.47 35.22
CA GLY M 198 19.35 -37.81 36.40
C GLY M 198 19.62 -39.30 36.58
N THR M 199 18.93 -40.15 35.82
CA THR M 199 19.15 -41.59 35.84
C THR M 199 20.16 -42.02 34.78
N GLN M 200 19.94 -41.59 33.53
CA GLN M 200 20.84 -41.91 32.43
C GLN M 200 21.66 -40.67 32.12
N THR M 201 22.97 -40.83 32.02
CA THR M 201 23.82 -39.70 31.70
C THR M 201 23.69 -39.36 30.22
N TYR M 202 23.62 -38.06 29.93
CA TYR M 202 23.55 -37.58 28.56
C TYR M 202 24.71 -36.65 28.33
N ILE M 203 25.56 -37.00 27.38
CA ILE M 203 26.72 -36.18 27.01
C ILE M 203 26.69 -36.05 25.50
N CYS M 204 26.82 -34.83 25.01
CA CYS M 204 26.91 -34.60 23.58
C CYS M 204 28.34 -34.23 23.25
N ASN M 205 28.93 -34.94 22.31
CA ASN M 205 30.31 -34.71 21.91
C ASN M 205 30.25 -33.86 20.65
N VAL M 206 30.75 -32.64 20.74
CA VAL M 206 30.70 -31.70 19.64
C VAL M 206 32.09 -31.65 19.01
N ASN M 207 32.14 -31.78 17.70
CA ASN M 207 33.40 -31.89 16.98
C ASN M 207 33.35 -30.97 15.77
N HIS M 208 34.28 -30.02 15.72
CA HIS M 208 34.42 -29.10 14.61
C HIS M 208 35.72 -29.49 13.91
N LYS M 209 35.62 -29.82 12.62
CA LYS M 209 36.83 -30.27 11.92
C LYS M 209 37.76 -29.13 11.51
N PRO M 210 37.26 -28.01 10.91
CA PRO M 210 38.17 -26.93 10.49
C PRO M 210 39.14 -26.46 11.58
N SER M 211 38.63 -26.07 12.74
CA SER M 211 39.46 -25.84 13.91
C SER M 211 39.43 -27.08 14.80
N ASN M 212 40.60 -27.46 15.32
CA ASN M 212 40.75 -28.73 16.03
C ASN M 212 40.13 -28.60 17.43
N THR M 213 38.80 -28.59 17.44
CA THR M 213 38.01 -28.49 18.67
C THR M 213 37.00 -29.63 18.75
N LYS M 214 37.24 -30.57 19.66
CA LYS M 214 36.23 -31.55 20.05
C LYS M 214 35.98 -31.39 21.54
N VAL M 215 34.80 -30.90 21.89
CA VAL M 215 34.42 -30.62 23.27
C VAL M 215 33.30 -31.57 23.68
N ASP M 216 33.35 -32.03 24.93
CA ASP M 216 32.40 -32.99 25.47
C ASP M 216 31.64 -32.34 26.62
N LYS M 217 30.37 -32.02 26.39
CA LYS M 217 29.56 -31.28 27.35
C LYS M 217 28.41 -32.13 27.88
N ARG M 218 28.21 -32.09 29.19
CA ARG M 218 27.14 -32.81 29.87
C ARG M 218 26.00 -31.86 30.20
N VAL M 219 24.77 -32.36 30.12
CA VAL M 219 23.59 -31.59 30.49
C VAL M 219 22.98 -32.24 31.72
N GLU M 220 22.60 -31.40 32.69
CA GLU M 220 22.11 -31.88 33.99
C GLU M 220 20.91 -31.04 34.41
N PRO M 221 19.82 -31.65 34.88
CA PRO M 221 18.65 -30.90 35.37
C PRO M 221 18.95 -30.10 36.63
N ILE N 2 11.70 -14.74 -19.99
CA ILE N 2 11.14 -16.08 -19.92
C ILE N 2 11.09 -16.58 -18.47
N VAL N 3 9.89 -16.93 -18.01
CA VAL N 3 9.60 -17.24 -16.62
C VAL N 3 9.17 -18.69 -16.51
N MET N 4 9.80 -19.44 -15.60
CA MET N 4 9.46 -20.82 -15.33
C MET N 4 8.72 -20.91 -14.01
N THR N 5 7.55 -21.55 -14.00
CA THR N 5 6.67 -21.57 -12.83
C THR N 5 6.19 -22.98 -12.52
N GLN N 6 6.65 -23.52 -11.38
CA GLN N 6 6.12 -24.77 -10.85
C GLN N 6 4.77 -24.54 -10.16
N SER N 7 3.80 -25.43 -10.42
CA SER N 7 2.46 -25.16 -9.91
C SER N 7 2.39 -25.27 -8.38
N PRO N 8 2.68 -26.41 -7.74
CA PRO N 8 2.96 -26.34 -6.30
C PRO N 8 4.43 -26.17 -6.00
N VAL N 9 4.74 -25.34 -5.01
CA VAL N 9 6.12 -25.30 -4.53
C VAL N 9 6.44 -26.56 -3.74
N THR N 10 5.45 -27.11 -3.03
CA THR N 10 5.57 -28.38 -2.33
C THR N 10 4.34 -29.23 -2.63
N LEU N 11 4.53 -30.55 -2.61
CA LEU N 11 3.44 -31.48 -2.89
C LEU N 11 3.56 -32.68 -1.94
N SER N 12 2.46 -33.05 -1.29
CA SER N 12 2.46 -34.09 -0.28
C SER N 12 1.47 -35.18 -0.68
N VAL N 13 1.99 -36.35 -1.02
CA VAL N 13 1.20 -37.48 -1.50
C VAL N 13 1.67 -38.75 -0.80
N SER N 14 0.71 -39.62 -0.46
CA SER N 14 1.03 -40.89 0.17
C SER N 14 1.75 -41.81 -0.83
N PRO N 15 2.67 -42.65 -0.35
CA PRO N 15 3.37 -43.56 -1.26
C PRO N 15 2.42 -44.46 -2.03
N GLY N 16 2.74 -44.68 -3.31
CA GLY N 16 1.94 -45.49 -4.19
C GLY N 16 0.90 -44.74 -4.99
N GLU N 17 0.63 -43.49 -4.65
CA GLU N 17 -0.38 -42.69 -5.32
C GLU N 17 0.28 -41.80 -6.39
N ARG N 18 -0.54 -40.98 -7.04
CA ARG N 18 -0.12 -40.13 -8.14
C ARG N 18 0.50 -38.82 -7.66
N ALA N 19 1.52 -38.37 -8.39
CA ALA N 19 2.06 -37.04 -8.27
C ALA N 19 1.95 -36.37 -9.63
N THR N 20 1.54 -35.10 -9.65
CA THR N 20 1.43 -34.35 -10.90
C THR N 20 2.05 -32.97 -10.70
N LEU N 21 3.26 -32.80 -11.20
CA LEU N 21 3.90 -31.50 -11.25
C LEU N 21 3.54 -30.80 -12.54
N SER N 22 3.45 -29.47 -12.48
CA SER N 22 3.18 -28.66 -13.65
C SER N 22 4.28 -27.62 -13.80
N CYS N 23 4.52 -27.23 -15.06
CA CYS N 23 5.54 -26.25 -15.40
C CYS N 23 4.91 -25.23 -16.34
N ARG N 24 5.18 -23.95 -16.08
CA ARG N 24 4.52 -22.86 -16.80
C ARG N 24 5.57 -21.90 -17.35
N ALA N 25 5.43 -21.58 -18.64
CA ALA N 25 6.34 -20.68 -19.35
C ALA N 25 5.64 -19.39 -19.73
N SER N 26 6.34 -18.26 -19.55
CA SER N 26 5.77 -16.97 -19.92
C SER N 26 5.49 -16.85 -21.41
N GLN N 27 6.09 -17.70 -22.23
CA GLN N 27 5.84 -17.76 -23.66
C GLN N 27 6.31 -19.12 -24.16
N SER N 28 5.87 -19.47 -25.38
CA SER N 28 6.07 -20.82 -25.89
C SER N 28 7.56 -21.19 -25.89
N VAL N 29 7.89 -22.21 -25.10
CA VAL N 29 9.22 -22.82 -25.04
C VAL N 29 9.38 -23.93 -26.08
N GLY N 30 8.40 -24.09 -26.96
CA GLY N 30 8.52 -25.06 -28.04
C GLY N 30 8.56 -26.53 -27.69
N ASN N 31 7.97 -26.91 -26.55
CA ASN N 31 7.87 -28.33 -26.16
C ASN N 31 9.22 -29.01 -25.98
N ASN N 32 10.23 -28.24 -25.63
CA ASN N 32 11.58 -28.75 -25.45
C ASN N 32 11.95 -28.38 -24.01
N LEU N 33 11.61 -29.30 -23.08
CA LEU N 33 11.84 -29.11 -21.66
C LEU N 33 12.34 -30.40 -21.05
N ALA N 34 13.02 -30.27 -19.93
CA ALA N 34 13.50 -31.42 -19.18
C ALA N 34 13.00 -31.36 -17.74
N TRP N 35 12.87 -32.54 -17.14
CA TRP N 35 12.47 -32.69 -15.74
C TRP N 35 13.59 -33.41 -15.01
N TYR N 36 13.97 -32.89 -13.83
CA TYR N 36 15.09 -33.42 -13.08
C TYR N 36 14.65 -33.89 -11.70
N GLN N 37 15.32 -34.93 -11.22
CA GLN N 37 15.25 -35.35 -9.83
C GLN N 37 16.47 -34.82 -9.11
N HIS N 38 16.29 -34.35 -7.88
CA HIS N 38 17.40 -33.79 -7.12
C HIS N 38 17.20 -34.10 -5.64
N LYS N 39 17.96 -35.07 -5.14
CA LYS N 39 17.99 -35.34 -3.70
C LYS N 39 19.10 -34.52 -3.03
N PRO N 40 18.85 -34.05 -1.80
CA PRO N 40 19.91 -33.36 -1.05
C PRO N 40 21.14 -34.23 -0.88
N GLY N 41 22.29 -33.71 -1.30
CA GLY N 41 23.56 -34.37 -1.13
C GLY N 41 24.10 -35.08 -2.35
N GLN N 42 23.31 -35.25 -3.41
CA GLN N 42 23.76 -35.91 -4.63
C GLN N 42 23.53 -34.99 -5.82
N ALA N 43 24.11 -35.39 -6.95
CA ALA N 43 23.88 -34.65 -8.18
C ALA N 43 22.46 -34.85 -8.70
N PRO N 44 21.92 -33.86 -9.41
CA PRO N 44 20.62 -34.04 -10.05
C PRO N 44 20.68 -35.13 -11.10
N ARG N 45 19.56 -35.83 -11.26
CA ARG N 45 19.41 -36.83 -12.30
C ARG N 45 18.47 -36.27 -13.37
N LEU N 46 18.77 -36.57 -14.64
CA LEU N 46 17.87 -36.20 -15.72
C LEU N 46 16.77 -37.24 -15.86
N LEU N 47 15.52 -36.79 -15.82
CA LEU N 47 14.36 -37.68 -15.84
C LEU N 47 13.66 -37.69 -17.19
N ILE N 48 13.33 -36.52 -17.72
CA ILE N 48 12.56 -36.40 -18.95
C ILE N 48 13.30 -35.42 -19.84
N TYR N 49 13.36 -35.72 -21.13
CA TYR N 49 13.97 -34.83 -22.11
C TYR N 49 13.14 -34.87 -23.40
N ASP N 50 13.30 -33.80 -24.19
CA ASP N 50 12.43 -33.47 -25.30
C ASP N 50 10.98 -33.28 -24.87
N ALA N 51 10.76 -33.15 -23.56
CA ALA N 51 9.51 -32.82 -22.86
C ALA N 51 8.51 -33.98 -22.85
N SER N 52 8.80 -35.09 -23.52
CA SER N 52 7.93 -36.26 -23.45
C SER N 52 8.68 -37.52 -23.06
N THR N 53 9.93 -37.69 -23.51
CA THR N 53 10.62 -38.96 -23.49
C THR N 53 11.56 -39.05 -22.30
N ARG N 54 11.51 -40.18 -21.59
CA ARG N 54 12.32 -40.39 -20.40
C ARG N 54 13.76 -40.72 -20.77
N ALA N 55 14.70 -40.14 -20.03
CA ALA N 55 16.11 -40.49 -20.17
C ALA N 55 16.34 -41.93 -19.71
N THR N 56 17.06 -42.69 -20.54
CA THR N 56 17.28 -44.10 -20.26
C THR N 56 18.10 -44.27 -18.99
N GLY N 57 17.69 -45.23 -18.16
CA GLY N 57 18.24 -45.43 -16.83
C GLY N 57 17.27 -45.15 -15.72
N ILE N 58 16.14 -44.50 -16.02
CA ILE N 58 15.13 -44.13 -15.03
C ILE N 58 13.88 -44.98 -15.20
N PRO N 59 13.16 -45.27 -14.11
CA PRO N 59 12.02 -46.17 -14.21
C PRO N 59 10.88 -45.56 -15.02
N GLY N 60 10.05 -46.46 -15.53
CA GLY N 60 8.93 -46.09 -16.39
C GLY N 60 7.79 -45.41 -15.67
N ARG N 61 7.78 -45.42 -14.34
CA ARG N 61 6.71 -44.78 -13.59
C ARG N 61 6.70 -43.26 -13.76
N PHE N 62 7.79 -42.66 -14.24
CA PHE N 62 7.81 -41.24 -14.55
C PHE N 62 7.34 -41.03 -15.98
N SER N 63 6.63 -39.93 -16.22
CA SER N 63 6.00 -39.69 -17.51
C SER N 63 5.90 -38.19 -17.74
N GLY N 64 5.68 -37.82 -19.00
CA GLY N 64 5.64 -36.42 -19.35
C GLY N 64 4.77 -36.02 -20.53
N SER N 65 3.98 -34.96 -20.32
CA SER N 65 3.17 -34.27 -21.31
C SER N 65 3.75 -32.87 -21.52
N GLY N 66 3.06 -32.07 -22.33
CA GLY N 66 3.71 -30.97 -23.03
C GLY N 66 2.80 -30.34 -24.08
N SER N 67 3.31 -30.15 -25.30
CA SER N 67 2.58 -29.50 -26.40
C SER N 67 2.14 -28.07 -26.06
N GLY N 68 3.14 -27.23 -25.82
CA GLY N 68 2.97 -25.79 -25.71
C GLY N 68 3.64 -25.11 -24.54
N THR N 69 2.87 -24.44 -23.70
CA THR N 69 3.41 -23.82 -22.49
C THR N 69 2.93 -24.52 -21.23
N GLU N 70 1.84 -25.28 -21.33
CA GLU N 70 1.48 -26.24 -20.29
C GLU N 70 2.46 -27.40 -20.32
N PHE N 71 2.96 -27.79 -19.15
CA PHE N 71 3.81 -28.96 -19.02
C PHE N 71 3.53 -29.64 -17.70
N THR N 72 3.48 -30.97 -17.73
CA THR N 72 3.18 -31.74 -16.53
C THR N 72 4.14 -32.91 -16.41
N LEU N 73 4.67 -33.09 -15.20
CA LEU N 73 5.44 -34.27 -14.83
C LEU N 73 4.56 -35.13 -13.94
N THR N 74 4.34 -36.37 -14.37
CA THR N 74 3.45 -37.29 -13.68
C THR N 74 4.25 -38.50 -13.20
N ILE N 75 4.22 -38.74 -11.89
CA ILE N 75 4.83 -39.92 -11.29
C ILE N 75 3.68 -40.84 -10.89
N SER N 76 3.47 -41.90 -11.65
CA SER N 76 2.49 -42.92 -11.28
C SER N 76 3.09 -43.87 -10.25
N SER N 77 2.35 -44.10 -9.17
CA SER N 77 2.73 -45.07 -8.14
C SER N 77 4.13 -44.78 -7.58
N LEU N 78 4.27 -43.60 -6.98
CA LEU N 78 5.56 -43.19 -6.45
C LEU N 78 5.91 -43.97 -5.19
N GLN N 79 7.18 -44.31 -5.06
CA GLN N 79 7.71 -45.16 -4.01
C GLN N 79 8.74 -44.35 -3.19
N SER N 80 9.41 -45.03 -2.26
CA SER N 80 10.24 -44.36 -1.26
C SER N 80 11.30 -43.44 -1.87
N GLU N 81 11.93 -43.86 -2.96
CA GLU N 81 12.99 -43.04 -3.56
C GLU N 81 12.47 -41.70 -4.09
N ASP N 82 11.20 -41.61 -4.47
CA ASP N 82 10.74 -40.47 -5.26
C ASP N 82 10.57 -39.18 -4.47
N PHE N 83 10.78 -39.16 -3.16
CA PHE N 83 10.59 -37.94 -2.38
C PHE N 83 11.88 -37.12 -2.44
N ALA N 84 11.84 -36.03 -3.19
CA ALA N 84 12.97 -35.13 -3.40
C ALA N 84 12.42 -33.87 -4.06
N VAL N 85 13.32 -32.95 -4.41
CA VAL N 85 12.91 -31.78 -5.19
C VAL N 85 12.98 -32.13 -6.68
N TYR N 86 12.02 -31.62 -7.45
CA TYR N 86 11.97 -31.83 -8.89
C TYR N 86 11.87 -30.48 -9.58
N TYR N 87 12.79 -30.21 -10.51
CA TYR N 87 12.77 -28.99 -11.30
C TYR N 87 12.46 -29.31 -12.75
N CYS N 88 11.75 -28.38 -13.40
CA CYS N 88 11.63 -28.36 -14.86
C CYS N 88 12.57 -27.31 -15.42
N GLN N 89 12.85 -27.41 -16.71
CA GLN N 89 13.89 -26.55 -17.30
C GLN N 89 13.55 -26.25 -18.75
N GLU N 90 13.64 -24.99 -19.13
CA GLU N 90 13.54 -24.56 -20.51
C GLU N 90 14.93 -24.44 -21.10
N TYR N 91 15.15 -25.08 -22.25
CA TYR N 91 16.40 -24.99 -22.96
C TYR N 91 16.24 -24.66 -24.45
N ASN N 92 15.05 -24.28 -24.92
CA ASN N 92 14.88 -23.98 -26.34
C ASN N 92 15.66 -22.75 -26.78
N ASN N 93 16.15 -21.94 -25.83
CA ASN N 93 17.10 -20.88 -26.16
C ASN N 93 18.51 -21.43 -25.95
N TRP N 94 19.38 -21.09 -26.88
CA TRP N 94 20.04 -22.15 -27.61
C TRP N 94 20.96 -23.07 -26.79
N PRO N 95 22.07 -22.63 -26.19
CA PRO N 95 22.58 -23.29 -24.98
C PRO N 95 22.06 -22.71 -23.67
N ARG N 96 21.05 -21.85 -23.70
CA ARG N 96 20.73 -21.01 -22.55
C ARG N 96 19.54 -21.60 -21.82
N TYR N 97 19.70 -21.80 -20.52
CA TYR N 97 18.72 -22.53 -19.75
C TYR N 97 18.13 -21.61 -18.69
N THR N 98 16.95 -21.97 -18.22
CA THR N 98 16.33 -21.34 -17.06
C THR N 98 15.62 -22.43 -16.29
N PHE N 99 16.02 -22.63 -15.04
CA PHE N 99 15.34 -23.58 -14.20
C PHE N 99 14.04 -22.98 -13.67
N GLY N 100 13.24 -23.83 -13.03
CA GLY N 100 12.12 -23.37 -12.25
C GLY N 100 12.47 -23.33 -10.77
N GLN N 101 11.51 -22.87 -9.98
CA GLN N 101 11.74 -22.75 -8.55
C GLN N 101 11.99 -24.11 -7.92
N GLY N 102 11.39 -25.16 -8.49
CA GLY N 102 11.47 -26.48 -7.91
C GLY N 102 10.18 -26.84 -7.20
N ALA N 103 10.04 -28.14 -6.93
CA ALA N 103 8.86 -28.60 -6.21
C ALA N 103 9.27 -29.79 -5.34
N LYS N 104 9.27 -29.59 -4.04
CA LYS N 104 9.52 -30.70 -3.13
C LYS N 104 8.30 -31.60 -3.09
N LEU N 105 8.56 -32.90 -2.94
CA LEU N 105 7.49 -33.89 -2.94
C LEU N 105 7.64 -34.69 -1.66
N GLU N 106 6.72 -34.49 -0.72
CA GLU N 106 6.82 -34.97 0.64
C GLU N 106 5.82 -36.09 0.91
N ILE N 107 6.16 -36.96 1.85
CA ILE N 107 5.23 -37.97 2.33
C ILE N 107 4.10 -37.30 3.11
N ARG N 108 2.87 -37.72 2.84
CA ARG N 108 1.71 -37.21 3.55
C ARG N 108 1.30 -38.23 4.61
N ARG N 109 0.98 -37.72 5.80
CA ARG N 109 0.59 -38.55 6.93
C ARG N 109 -0.54 -37.85 7.67
N THR N 110 -0.96 -38.41 8.79
CA THR N 110 -2.04 -37.82 9.57
C THR N 110 -1.52 -36.61 10.34
N VAL N 111 -2.44 -35.69 10.65
CA VAL N 111 -2.06 -34.46 11.33
C VAL N 111 -1.46 -34.79 12.70
N ALA N 112 -0.37 -34.13 13.04
CA ALA N 112 0.31 -34.35 14.31
C ALA N 112 0.61 -33.02 14.99
N ALA N 113 0.19 -32.90 16.25
CA ALA N 113 0.44 -31.72 17.06
C ALA N 113 1.88 -31.72 17.57
N PRO N 114 2.50 -30.55 17.70
CA PRO N 114 3.88 -30.49 18.17
C PRO N 114 3.99 -30.53 19.69
N SER N 115 5.06 -31.18 20.15
CA SER N 115 5.49 -31.06 21.54
C SER N 115 6.37 -29.83 21.65
N VAL N 116 6.00 -28.90 22.52
CA VAL N 116 6.66 -27.61 22.65
C VAL N 116 7.51 -27.59 23.91
N PHE N 117 8.79 -27.21 23.75
CA PHE N 117 9.66 -26.97 24.89
C PHE N 117 10.40 -25.65 24.70
N ILE N 118 10.73 -25.02 25.82
CA ILE N 118 11.47 -23.77 25.85
C ILE N 118 12.64 -23.95 26.82
N PHE N 119 13.79 -23.39 26.46
CA PHE N 119 15.01 -23.60 27.22
C PHE N 119 15.65 -22.25 27.49
N PRO N 120 16.04 -21.97 28.73
CA PRO N 120 16.64 -20.68 29.04
C PRO N 120 18.08 -20.60 28.55
N PRO N 121 18.64 -19.41 28.44
CA PRO N 121 20.05 -19.29 28.07
C PRO N 121 20.92 -19.94 29.14
N SER N 122 22.08 -20.42 28.72
CA SER N 122 22.96 -21.12 29.64
C SER N 122 23.76 -20.14 30.49
N ASP N 123 24.28 -20.66 31.61
CA ASP N 123 25.16 -19.88 32.47
C ASP N 123 26.46 -19.54 31.76
N GLU N 124 27.00 -20.50 31.01
CA GLU N 124 28.24 -20.27 30.26
C GLU N 124 28.09 -19.15 29.24
N GLN N 125 26.89 -18.98 28.68
CA GLN N 125 26.70 -17.95 27.66
C GLN N 125 26.48 -16.55 28.25
N LEU N 126 25.85 -16.44 29.42
CA LEU N 126 25.50 -15.11 29.93
C LEU N 126 26.72 -14.30 30.33
N LYS N 127 27.81 -14.96 30.73
CA LYS N 127 29.05 -14.24 30.97
C LYS N 127 29.85 -13.99 29.70
N SER N 128 29.44 -14.59 28.58
CA SER N 128 30.01 -14.27 27.29
C SER N 128 29.45 -12.97 26.71
N GLY N 129 28.32 -12.49 27.20
CA GLY N 129 27.73 -11.24 26.78
C GLY N 129 26.34 -11.36 26.18
N THR N 130 25.96 -12.53 25.68
CA THR N 130 24.70 -12.72 24.98
C THR N 130 23.84 -13.73 25.72
N ALA N 131 22.55 -13.72 25.38
CA ALA N 131 21.57 -14.67 25.88
C ALA N 131 20.82 -15.27 24.71
N SER N 132 20.59 -16.58 24.75
CA SER N 132 19.94 -17.29 23.64
C SER N 132 18.80 -18.13 24.19
N VAL N 133 17.56 -17.71 23.90
CA VAL N 133 16.35 -18.38 24.32
C VAL N 133 15.89 -19.30 23.19
N VAL N 134 15.68 -20.57 23.50
CA VAL N 134 15.41 -21.59 22.50
C VAL N 134 13.98 -22.09 22.66
N CYS N 135 13.26 -22.21 21.54
CA CYS N 135 11.91 -22.75 21.49
C CYS N 135 11.90 -23.89 20.48
N LEU N 136 11.49 -25.07 20.93
CA LEU N 136 11.55 -26.28 20.11
C LEU N 136 10.16 -26.85 19.88
N LEU N 137 9.87 -27.18 18.63
CA LEU N 137 8.69 -27.93 18.25
C LEU N 137 9.15 -29.30 17.74
N ASN N 138 8.58 -30.37 18.28
CA ASN N 138 9.11 -31.71 18.05
C ASN N 138 8.05 -32.61 17.44
N ASN N 139 8.41 -33.30 16.37
CA ASN N 139 7.60 -34.37 15.77
C ASN N 139 6.19 -33.89 15.44
N PHE N 140 6.10 -32.90 14.56
CA PHE N 140 4.83 -32.36 14.12
C PHE N 140 4.70 -32.45 12.60
N TYR N 141 3.45 -32.44 12.13
CA TYR N 141 3.11 -32.48 10.71
C TYR N 141 1.70 -31.96 10.53
N PRO N 142 1.41 -31.18 9.47
CA PRO N 142 2.29 -30.79 8.35
C PRO N 142 3.32 -29.74 8.75
N ARG N 143 4.17 -29.33 7.81
CA ARG N 143 5.26 -28.41 8.16
C ARG N 143 4.76 -27.01 8.47
N GLU N 144 3.69 -26.57 7.81
CA GLU N 144 3.29 -25.18 8.00
C GLU N 144 2.88 -24.91 9.44
N ALA N 145 3.69 -24.12 10.11
CA ALA N 145 3.48 -23.67 11.48
C ALA N 145 4.37 -22.46 11.69
N LYS N 146 3.96 -21.56 12.56
CA LYS N 146 4.80 -20.40 12.84
C LYS N 146 4.87 -20.18 14.34
N VAL N 147 5.94 -19.51 14.74
CA VAL N 147 6.29 -19.28 16.14
C VAL N 147 6.44 -17.79 16.36
N GLN N 148 5.76 -17.27 17.37
CA GLN N 148 5.79 -15.85 17.66
C GLN N 148 6.29 -15.68 19.09
N TRP N 149 7.19 -14.72 19.26
CA TRP N 149 7.90 -14.53 20.53
C TRP N 149 7.33 -13.35 21.30
N LYS N 150 7.14 -13.55 22.61
CA LYS N 150 6.67 -12.52 23.51
C LYS N 150 7.58 -12.47 24.74
N VAL N 151 8.20 -11.32 24.95
CA VAL N 151 9.10 -11.06 26.07
C VAL N 151 8.41 -10.03 26.95
N ASP N 152 8.00 -10.46 28.15
CA ASP N 152 7.04 -9.70 28.96
C ASP N 152 5.81 -9.35 28.13
N ASN N 153 5.36 -10.33 27.34
CA ASN N 153 4.25 -10.22 26.42
C ASN N 153 4.47 -9.16 25.34
N ALA N 154 5.70 -8.64 25.25
CA ALA N 154 6.07 -7.72 24.17
C ALA N 154 6.41 -8.56 22.94
N LEU N 155 5.58 -8.45 21.91
CA LEU N 155 5.75 -9.25 20.72
C LEU N 155 7.08 -8.97 20.02
N GLN N 156 7.92 -9.99 19.91
CA GLN N 156 9.21 -9.84 19.27
C GLN N 156 9.10 -10.17 17.78
N SER N 157 9.94 -9.53 16.98
CA SER N 157 9.92 -9.76 15.54
C SER N 157 11.27 -9.36 14.96
N GLY N 158 11.76 -10.17 14.02
CA GLY N 158 12.99 -9.86 13.33
C GLY N 158 14.26 -10.07 14.12
N ASN N 159 14.20 -10.76 15.26
CA ASN N 159 15.39 -11.07 16.04
C ASN N 159 15.43 -12.52 16.47
N SER N 160 14.66 -13.38 15.78
CA SER N 160 14.71 -14.81 15.96
C SER N 160 15.01 -15.46 14.63
N GLN N 161 15.79 -16.54 14.65
CA GLN N 161 16.06 -17.34 13.46
C GLN N 161 15.51 -18.74 13.69
N GLU N 162 14.78 -19.25 12.70
CA GLU N 162 14.16 -20.55 12.75
C GLU N 162 14.79 -21.50 11.73
N SER N 163 14.89 -22.76 12.11
CA SER N 163 15.37 -23.81 11.21
C SER N 163 14.49 -25.03 11.36
N VAL N 164 14.27 -25.72 10.25
CA VAL N 164 13.37 -26.87 10.20
C VAL N 164 14.20 -28.11 9.90
N THR N 165 13.73 -29.26 10.37
CA THR N 165 14.39 -30.52 10.08
C THR N 165 13.78 -31.17 8.84
N GLU N 166 14.56 -32.07 8.25
CA GLU N 166 14.12 -32.85 7.12
C GLU N 166 12.98 -33.77 7.50
N GLN N 167 12.14 -34.11 6.51
CA GLN N 167 11.03 -35.01 6.74
C GLN N 167 11.56 -36.33 7.31
N ASP N 168 11.08 -36.70 8.49
CA ASP N 168 11.72 -37.76 9.25
C ASP N 168 11.58 -39.10 8.53
N SER N 169 12.68 -39.86 8.51
CA SER N 169 12.69 -41.13 7.79
C SER N 169 11.75 -42.15 8.42
N LYS N 170 11.72 -42.22 9.75
CA LYS N 170 10.94 -43.25 10.43
C LYS N 170 9.47 -42.86 10.57
N ASP N 171 9.19 -41.66 11.07
CA ASP N 171 7.83 -41.29 11.46
C ASP N 171 7.22 -40.22 10.57
N SER N 172 7.96 -39.68 9.61
CA SER N 172 7.45 -38.72 8.63
C SER N 172 6.96 -37.42 9.28
N THR N 173 7.57 -37.03 10.40
CA THR N 173 7.23 -35.78 11.06
C THR N 173 8.34 -34.75 10.81
N TYR N 174 8.10 -33.52 11.28
CA TYR N 174 9.07 -32.45 11.18
C TYR N 174 9.40 -31.92 12.58
N SER N 175 10.54 -31.23 12.67
CA SER N 175 10.90 -30.48 13.86
C SER N 175 11.39 -29.09 13.48
N LEU N 176 11.18 -28.15 14.39
CA LEU N 176 11.56 -26.75 14.18
C LEU N 176 12.11 -26.22 15.49
N SER N 177 13.13 -25.37 15.40
CA SER N 177 13.72 -24.71 16.56
C SER N 177 13.74 -23.21 16.31
N SER N 178 13.08 -22.45 17.17
CA SER N 178 13.14 -20.99 17.15
C SER N 178 14.10 -20.51 18.22
N THR N 179 15.03 -19.65 17.83
CA THR N 179 16.06 -19.15 18.73
C THR N 179 15.91 -17.64 18.88
N LEU N 180 15.62 -17.19 20.09
CA LEU N 180 15.58 -15.77 20.41
C LEU N 180 16.94 -15.38 21.00
N THR N 181 17.60 -14.42 20.37
CA THR N 181 18.91 -13.97 20.82
C THR N 181 18.82 -12.52 21.29
N LEU N 182 19.20 -12.29 22.54
CA LEU N 182 19.34 -10.94 23.09
C LEU N 182 20.70 -10.86 23.78
N SER N 183 21.11 -9.64 24.10
CA SER N 183 22.31 -9.48 24.91
C SER N 183 21.95 -9.65 26.38
N LYS N 184 22.99 -9.83 27.21
CA LYS N 184 22.75 -9.91 28.65
C LYS N 184 22.06 -8.65 29.15
N ALA N 185 22.39 -7.49 28.57
CA ALA N 185 21.74 -6.25 28.98
C ALA N 185 20.24 -6.32 28.74
N ASP N 186 19.82 -6.79 27.56
CA ASP N 186 18.40 -6.93 27.28
C ASP N 186 17.79 -8.14 27.97
N TYR N 187 18.59 -9.18 28.22
CA TYR N 187 18.08 -10.34 28.95
C TYR N 187 17.72 -9.98 30.38
N GLU N 188 18.49 -9.08 30.98
CA GLU N 188 18.21 -8.61 32.34
C GLU N 188 16.97 -7.72 32.39
N LYS N 189 16.61 -7.06 31.29
CA LYS N 189 15.54 -6.08 31.30
C LYS N 189 14.20 -6.71 31.69
N HIS N 190 13.88 -7.86 31.11
CA HIS N 190 12.55 -8.42 31.19
C HIS N 190 12.51 -9.69 32.05
N LYS N 191 11.30 -10.15 32.32
CA LYS N 191 11.06 -11.26 33.23
C LYS N 191 10.34 -12.44 32.60
N VAL N 192 9.34 -12.21 31.74
CA VAL N 192 8.57 -13.27 31.12
C VAL N 192 9.05 -13.47 29.69
N TYR N 193 9.51 -14.69 29.36
CA TYR N 193 9.82 -15.03 27.97
C TYR N 193 8.99 -16.23 27.58
N ALA N 194 8.15 -16.06 26.56
CA ALA N 194 7.28 -17.13 26.09
C ALA N 194 7.38 -17.22 24.57
N CYS N 195 7.29 -18.45 24.05
CA CYS N 195 7.10 -18.68 22.62
C CYS N 195 5.72 -19.28 22.40
N GLU N 196 4.99 -18.73 21.43
CA GLU N 196 3.65 -19.18 21.07
C GLU N 196 3.68 -20.04 19.83
N VAL N 197 2.95 -21.16 19.87
CA VAL N 197 2.92 -22.11 18.76
C VAL N 197 1.49 -22.19 18.24
N THR N 198 1.32 -21.89 16.96
CA THR N 198 0.07 -22.06 16.23
C THR N 198 0.28 -23.17 15.21
N HIS N 199 -0.55 -24.21 15.28
CA HIS N 199 -0.42 -25.30 14.32
C HIS N 199 -1.79 -25.89 14.03
N GLN N 200 -1.90 -26.50 12.84
CA GLN N 200 -3.16 -27.09 12.40
C GLN N 200 -3.64 -28.17 13.36
N GLY N 201 -2.73 -28.86 14.03
CA GLY N 201 -3.05 -29.92 14.96
C GLY N 201 -3.25 -29.48 16.39
N LEU N 202 -3.38 -28.18 16.63
CA LEU N 202 -3.65 -27.65 17.96
C LEU N 202 -5.04 -27.04 18.00
N SER N 203 -5.80 -27.34 19.05
CA SER N 203 -7.13 -26.78 19.21
C SER N 203 -7.08 -25.26 19.19
N SER N 204 -6.18 -24.68 19.98
CA SER N 204 -5.92 -23.26 20.05
C SER N 204 -4.43 -23.09 20.27
N PRO N 205 -3.88 -21.90 20.02
CA PRO N 205 -2.43 -21.73 20.15
C PRO N 205 -1.96 -22.08 21.56
N VAL N 206 -0.88 -22.87 21.63
CA VAL N 206 -0.28 -23.29 22.88
C VAL N 206 0.96 -22.45 23.13
N THR N 207 1.14 -21.99 24.37
CA THR N 207 2.27 -21.18 24.75
C THR N 207 3.06 -21.87 25.86
N LYS N 208 4.38 -21.77 25.78
CA LYS N 208 5.30 -22.26 26.81
C LYS N 208 6.25 -21.14 27.18
N SER N 209 6.56 -21.02 28.46
CA SER N 209 7.26 -19.84 28.95
C SER N 209 8.22 -20.23 30.07
N PHE N 210 9.02 -19.26 30.49
CA PHE N 210 9.93 -19.44 31.61
C PHE N 210 10.27 -18.10 32.23
N ASN N 211 10.59 -18.14 33.52
CA ASN N 211 11.09 -16.97 34.24
C ASN N 211 12.61 -17.00 34.38
N ILE O 8 10.44 -42.72 -44.60
CA ILE O 8 10.60 -42.74 -43.15
C ILE O 8 12.07 -42.90 -42.77
N SER O 9 12.78 -43.73 -43.52
CA SER O 9 14.19 -43.99 -43.23
C SER O 9 15.09 -42.87 -43.73
N LYS O 10 14.77 -42.30 -44.89
CA LYS O 10 15.59 -41.24 -45.45
C LYS O 10 15.75 -40.07 -44.48
N LYS O 11 14.69 -39.78 -43.71
CA LYS O 11 14.76 -38.68 -42.76
C LYS O 11 15.95 -38.85 -41.82
N ILE O 12 16.15 -40.06 -41.30
CA ILE O 12 17.30 -40.34 -40.45
C ILE O 12 18.59 -40.24 -41.24
N THR O 13 18.65 -40.90 -42.41
CA THR O 13 19.90 -41.03 -43.15
C THR O 13 20.39 -39.71 -43.73
N ASP O 14 19.50 -38.87 -44.27
CA ASP O 14 19.96 -37.60 -44.83
C ASP O 14 20.45 -36.66 -43.74
N SER O 15 19.74 -36.59 -42.62
CA SER O 15 20.18 -35.73 -41.53
C SER O 15 21.51 -36.20 -40.95
N ASN O 16 21.73 -37.52 -40.91
CA ASN O 16 23.04 -38.03 -40.49
C ASN O 16 24.11 -37.67 -41.49
N ALA O 17 23.80 -37.77 -42.79
CA ALA O 17 24.75 -37.33 -43.81
C ALA O 17 25.12 -35.86 -43.61
N VAL O 18 24.12 -35.02 -43.32
CA VAL O 18 24.38 -33.60 -43.11
C VAL O 18 25.19 -33.37 -41.84
N LEU O 19 24.87 -34.10 -40.76
CA LEU O 19 25.58 -33.88 -39.51
C LEU O 19 27.06 -34.22 -39.65
N LEU O 20 27.36 -35.38 -40.26
CA LEU O 20 28.75 -35.74 -40.54
C LEU O 20 29.45 -34.66 -41.35
N ALA O 21 28.75 -34.06 -42.31
CA ALA O 21 29.36 -33.04 -43.15
C ALA O 21 29.81 -31.83 -42.34
N VAL O 22 28.95 -31.33 -41.46
CA VAL O 22 29.31 -30.15 -40.67
C VAL O 22 30.35 -30.50 -39.62
N LYS O 23 30.19 -31.64 -38.95
CA LYS O 23 31.12 -32.01 -37.89
C LYS O 23 32.51 -32.32 -38.44
N GLU O 24 32.64 -32.54 -39.76
CA GLU O 24 33.96 -32.61 -40.35
C GLU O 24 34.58 -31.22 -40.49
N VAL O 25 33.75 -30.20 -40.72
CA VAL O 25 34.23 -28.82 -40.70
C VAL O 25 34.75 -28.44 -39.32
N GLU O 26 33.97 -28.76 -38.29
CA GLU O 26 34.37 -28.43 -36.91
C GLU O 26 35.64 -29.15 -36.51
N ALA O 27 35.82 -30.39 -36.96
CA ALA O 27 37.06 -31.11 -36.65
C ALA O 27 38.27 -30.41 -37.24
N LEU O 28 38.16 -29.92 -38.48
CA LEU O 28 39.24 -29.16 -39.08
C LEU O 28 39.51 -27.87 -38.31
N LEU O 29 38.45 -27.17 -37.91
CA LEU O 29 38.59 -25.97 -37.10
C LEU O 29 39.38 -26.26 -35.82
N SER O 30 39.15 -27.41 -35.20
CA SER O 30 39.89 -27.77 -34.00
C SER O 30 41.36 -28.04 -34.31
N SER O 31 41.67 -28.49 -35.52
CA SER O 31 43.07 -28.67 -35.92
C SER O 31 43.79 -27.33 -36.01
N ILE O 32 43.13 -26.31 -36.54
CA ILE O 32 43.71 -24.96 -36.55
C ILE O 32 43.91 -24.47 -35.11
N ASP O 33 42.90 -24.65 -34.27
CA ASP O 33 43.00 -24.19 -32.89
C ASP O 33 44.08 -24.94 -32.13
N GLU O 34 44.20 -26.26 -32.38
CA GLU O 34 45.12 -27.07 -31.58
C GLU O 34 46.58 -26.77 -31.94
N ILE O 35 46.87 -26.53 -33.22
CA ILE O 35 48.23 -26.14 -33.58
C ILE O 35 48.53 -24.73 -33.07
N ALA O 36 47.52 -23.85 -33.06
CA ALA O 36 47.73 -22.51 -32.53
C ALA O 36 48.05 -22.57 -31.03
N ALA O 37 47.35 -23.44 -30.31
CA ALA O 37 47.54 -23.56 -28.88
C ALA O 37 48.80 -24.33 -28.53
N LYS O 38 49.17 -25.34 -29.32
CA LYS O 38 50.20 -26.29 -28.95
C LYS O 38 51.48 -26.22 -29.79
N ALA O 39 51.47 -25.52 -30.92
CA ALA O 39 52.61 -25.59 -31.83
C ALA O 39 53.29 -24.27 -32.15
N ILE O 40 52.67 -23.12 -31.83
CA ILE O 40 53.35 -21.85 -32.08
C ILE O 40 54.61 -21.77 -31.25
N GLY O 41 55.72 -21.42 -31.89
CA GLY O 41 56.98 -21.28 -31.19
C GLY O 41 57.55 -22.56 -30.65
N LYS O 42 57.22 -23.70 -31.26
CA LYS O 42 57.63 -25.00 -30.75
C LYS O 42 58.38 -25.78 -31.82
N LYS O 43 59.00 -26.87 -31.38
CA LYS O 43 59.75 -27.78 -32.24
C LYS O 43 59.52 -29.19 -31.74
N ILE O 44 59.82 -30.18 -32.58
CA ILE O 44 59.71 -31.56 -32.15
C ILE O 44 60.83 -31.82 -31.15
N HIS O 45 60.51 -32.51 -30.06
CA HIS O 45 61.48 -32.84 -29.04
C HIS O 45 61.48 -34.34 -28.82
N GLN O 46 62.68 -34.90 -28.61
CA GLN O 46 62.85 -36.34 -28.61
C GLN O 46 62.07 -37.01 -27.48
N ASN O 47 61.94 -36.36 -26.33
CA ASN O 47 61.29 -36.96 -25.18
C ASN O 47 59.97 -36.30 -24.80
N ASN O 48 59.97 -34.98 -24.62
CA ASN O 48 58.75 -34.28 -24.24
C ASN O 48 57.75 -34.21 -25.39
N GLY O 49 58.23 -34.29 -26.63
CA GLY O 49 57.36 -34.22 -27.79
C GLY O 49 57.32 -32.85 -28.43
N LEU O 50 57.30 -31.81 -27.61
CA LEU O 50 57.35 -30.44 -28.10
C LEU O 50 58.23 -29.60 -27.19
N ASP O 51 59.02 -28.72 -27.79
CA ASP O 51 59.96 -27.88 -27.06
C ASP O 51 60.08 -26.57 -27.82
N THR O 52 60.56 -25.55 -27.14
CA THR O 52 60.44 -24.18 -27.64
C THR O 52 61.44 -23.87 -28.75
N GLU O 53 60.95 -23.18 -29.78
CA GLU O 53 61.77 -22.60 -30.84
C GLU O 53 61.04 -21.34 -31.28
N ASN O 54 61.49 -20.19 -30.78
CA ASN O 54 60.70 -18.97 -30.87
C ASN O 54 60.79 -18.35 -32.26
N ASN O 55 59.65 -17.82 -32.73
CA ASN O 55 59.59 -16.89 -33.85
C ASN O 55 60.01 -17.56 -35.17
N HIS O 56 59.62 -18.83 -35.35
CA HIS O 56 59.87 -19.56 -36.59
C HIS O 56 58.60 -20.29 -37.04
N ASN O 57 57.47 -19.60 -37.00
CA ASN O 57 56.16 -20.22 -37.19
C ASN O 57 55.66 -20.14 -38.63
N GLY O 58 56.55 -19.87 -39.59
CA GLY O 58 56.11 -19.62 -40.96
C GLY O 58 55.42 -20.81 -41.60
N SER O 59 56.09 -21.97 -41.62
CA SER O 59 55.51 -23.15 -42.25
C SER O 59 54.24 -23.58 -41.53
N LEU O 60 54.14 -23.31 -40.23
CA LEU O 60 52.94 -23.61 -39.47
C LEU O 60 51.75 -22.81 -40.00
N LEU O 61 51.95 -21.51 -40.26
CA LEU O 61 50.87 -20.68 -40.80
C LEU O 61 50.49 -21.09 -42.21
N ALA O 62 51.46 -21.50 -43.03
CA ALA O 62 51.14 -22.08 -44.33
C ALA O 62 50.23 -23.28 -44.15
N GLY O 63 50.56 -24.16 -43.20
CA GLY O 63 49.66 -25.25 -42.86
C GLY O 63 48.30 -24.77 -42.40
N ALA O 64 48.27 -23.70 -41.61
CA ALA O 64 47.00 -23.14 -41.16
C ALA O 64 46.15 -22.68 -42.33
N TYR O 65 46.74 -21.92 -43.25
CA TYR O 65 45.99 -21.48 -44.44
C TYR O 65 45.63 -22.68 -45.32
N ALA O 66 46.52 -23.66 -45.42
CA ALA O 66 46.23 -24.87 -46.18
C ALA O 66 44.94 -25.52 -45.67
N ILE O 67 44.82 -25.66 -44.35
CA ILE O 67 43.58 -26.15 -43.77
C ILE O 67 42.44 -25.16 -44.01
N SER O 68 42.74 -23.87 -44.06
CA SER O 68 41.71 -22.85 -44.25
C SER O 68 40.95 -23.06 -45.56
N THR O 69 41.66 -23.37 -46.65
CA THR O 69 40.99 -23.62 -47.92
C THR O 69 40.31 -24.98 -47.93
N LEU O 70 40.87 -25.96 -47.23
CA LEU O 70 40.18 -27.23 -47.07
C LEU O 70 38.85 -27.05 -46.35
N ILE O 71 38.78 -26.09 -45.43
CA ILE O 71 37.50 -25.78 -44.77
C ILE O 71 36.51 -25.20 -45.78
N LYS O 72 36.98 -24.29 -46.63
CA LYS O 72 36.10 -23.65 -47.61
C LYS O 72 35.52 -24.68 -48.59
N GLN O 73 36.33 -25.66 -49.01
CA GLN O 73 35.83 -26.73 -49.86
C GLN O 73 34.64 -27.45 -49.22
N LYS O 74 34.74 -27.75 -47.93
CA LYS O 74 33.71 -28.53 -47.26
C LYS O 74 32.44 -27.70 -47.08
N LEU O 75 32.59 -26.40 -46.84
CA LEU O 75 31.42 -25.53 -46.78
C LEU O 75 30.78 -25.39 -48.15
N ASP O 76 31.58 -25.47 -49.21
CA ASP O 76 31.02 -25.46 -50.56
C ASP O 76 30.31 -26.77 -50.88
N GLY O 77 30.80 -27.88 -50.34
CA GLY O 77 30.14 -29.17 -50.52
C GLY O 77 28.86 -29.31 -49.72
N LEU O 78 28.62 -28.41 -48.77
CA LEU O 78 27.39 -28.41 -48.00
C LEU O 78 26.28 -27.78 -48.82
N LYS O 79 25.19 -28.53 -49.00
CA LYS O 79 24.01 -28.02 -49.71
C LYS O 79 22.78 -28.58 -49.02
N ASN O 80 21.93 -27.69 -48.53
CA ASN O 80 20.73 -28.06 -47.79
C ASN O 80 19.67 -27.00 -48.02
N GLU O 81 18.44 -27.44 -48.28
CA GLU O 81 17.36 -26.53 -48.61
C GLU O 81 17.06 -25.59 -47.45
N GLY O 82 17.03 -26.11 -46.22
CA GLY O 82 16.74 -25.31 -45.05
C GLY O 82 17.90 -24.47 -44.53
N LEU O 83 19.10 -25.05 -44.50
CA LEU O 83 20.29 -24.41 -43.95
C LEU O 83 21.00 -23.50 -44.94
N LYS O 84 20.36 -23.19 -46.08
CA LYS O 84 21.02 -22.43 -47.14
C LYS O 84 21.58 -21.11 -46.64
N GLU O 85 20.80 -20.35 -45.86
CA GLU O 85 21.24 -19.03 -45.44
C GLU O 85 22.43 -19.12 -44.48
N LYS O 86 22.41 -20.09 -43.56
CA LYS O 86 23.50 -20.22 -42.60
C LYS O 86 24.75 -20.83 -43.22
N ILE O 87 24.61 -21.73 -44.20
CA ILE O 87 25.78 -22.26 -44.90
C ILE O 87 26.50 -21.16 -45.64
N ASP O 88 25.74 -20.29 -46.31
CA ASP O 88 26.34 -19.16 -47.02
C ASP O 88 27.06 -18.21 -46.07
N ALA O 89 26.50 -18.02 -44.86
CA ALA O 89 27.15 -17.14 -43.89
C ALA O 89 28.46 -17.75 -43.39
N ALA O 90 28.46 -19.06 -43.11
CA ALA O 90 29.70 -19.72 -42.73
C ALA O 90 30.68 -19.72 -43.90
N LYS O 91 30.17 -19.91 -45.12
CA LYS O 91 31.02 -19.86 -46.30
C LYS O 91 31.71 -18.51 -46.43
N LYS O 92 30.95 -17.41 -46.29
CA LYS O 92 31.53 -16.08 -46.35
C LYS O 92 32.56 -15.87 -45.24
N CYS O 93 32.26 -16.35 -44.03
CA CYS O 93 33.19 -16.16 -42.92
C CYS O 93 34.51 -16.88 -43.16
N SER O 94 34.45 -18.09 -43.71
CA SER O 94 35.66 -18.83 -44.00
C SER O 94 36.54 -18.10 -45.01
N GLU O 95 35.92 -17.38 -45.96
CA GLU O 95 36.71 -16.65 -46.95
C GLU O 95 37.34 -15.40 -46.34
N THR O 96 36.64 -14.71 -45.45
CA THR O 96 37.18 -13.50 -44.84
C THR O 96 38.39 -13.81 -43.96
N PHE O 97 38.32 -14.92 -43.22
CA PHE O 97 39.47 -15.36 -42.44
C PHE O 97 40.65 -15.66 -43.36
N THR O 98 40.40 -16.46 -44.41
CA THR O 98 41.46 -16.81 -45.35
C THR O 98 42.00 -15.58 -46.07
N ASN O 99 41.13 -14.62 -46.40
CA ASN O 99 41.61 -13.41 -47.06
C ASN O 99 42.46 -12.56 -46.12
N LYS O 100 42.11 -12.53 -44.84
CA LYS O 100 42.93 -11.78 -43.89
C LYS O 100 44.32 -12.38 -43.80
N LEU O 101 44.42 -13.71 -43.85
CA LEU O 101 45.73 -14.37 -43.86
C LEU O 101 46.54 -13.96 -45.08
N LYS O 102 45.90 -13.93 -46.26
CA LYS O 102 46.57 -13.40 -47.44
C LYS O 102 46.91 -11.92 -47.26
N GLU O 103 45.97 -11.16 -46.70
CA GLU O 103 46.16 -9.73 -46.50
C GLU O 103 47.38 -9.44 -45.63
N LYS O 104 47.64 -10.30 -44.64
CA LYS O 104 48.76 -10.10 -43.71
C LYS O 104 49.97 -10.93 -44.11
N HIS O 105 50.13 -11.14 -45.42
CA HIS O 105 51.29 -11.88 -45.94
C HIS O 105 52.59 -11.15 -45.59
N THR O 106 52.54 -9.82 -45.50
CA THR O 106 53.74 -9.07 -45.17
C THR O 106 54.26 -9.41 -43.77
N ASP O 107 53.37 -9.79 -42.86
CA ASP O 107 53.77 -10.20 -41.53
C ASP O 107 53.74 -11.71 -41.33
N LEU O 108 52.88 -12.42 -42.07
CA LEU O 108 52.77 -13.86 -41.93
C LEU O 108 53.44 -14.66 -43.04
N GLY O 109 53.75 -14.03 -44.17
CA GLY O 109 54.38 -14.74 -45.27
C GLY O 109 55.90 -14.76 -45.26
N LYS O 110 56.47 -15.44 -44.27
CA LYS O 110 57.91 -15.69 -44.21
C LYS O 110 58.12 -16.86 -43.26
N GLU O 111 59.32 -17.42 -43.30
CA GLU O 111 59.61 -18.51 -42.37
C GLU O 111 59.69 -18.02 -40.93
N GLY O 112 60.28 -16.85 -40.71
CA GLY O 112 60.42 -16.30 -39.37
C GLY O 112 59.32 -15.38 -38.90
N VAL O 113 58.08 -15.87 -38.83
CA VAL O 113 57.01 -15.08 -38.23
C VAL O 113 57.05 -15.26 -36.71
N THR O 114 57.01 -14.13 -35.99
CA THR O 114 57.11 -14.17 -34.54
C THR O 114 55.93 -14.91 -33.93
N ASP O 115 56.15 -15.46 -32.73
CA ASP O 115 55.07 -16.03 -31.95
C ASP O 115 53.92 -15.04 -31.78
N ALA O 116 54.26 -13.78 -31.53
CA ALA O 116 53.24 -12.74 -31.34
C ALA O 116 52.32 -12.63 -32.55
N ASP O 117 52.90 -12.59 -33.75
CA ASP O 117 52.09 -12.41 -34.95
C ASP O 117 51.29 -13.67 -35.27
N ALA O 118 51.89 -14.85 -35.09
CA ALA O 118 51.15 -16.09 -35.31
C ALA O 118 49.95 -16.20 -34.38
N LYS O 119 50.14 -15.86 -33.09
CA LYS O 119 49.02 -15.88 -32.16
C LYS O 119 47.94 -14.89 -32.58
N GLU O 120 48.32 -13.73 -33.09
CA GLU O 120 47.34 -12.77 -33.60
C GLU O 120 46.60 -13.32 -34.81
N ALA O 121 47.13 -14.36 -35.46
CA ALA O 121 46.53 -14.90 -36.67
C ALA O 121 45.57 -16.04 -36.40
N ILE O 122 45.95 -16.99 -35.55
CA ILE O 122 45.23 -18.25 -35.41
C ILE O 122 44.88 -18.61 -33.97
N LEU O 123 45.30 -17.81 -32.99
CA LEU O 123 44.96 -18.10 -31.59
C LEU O 123 43.73 -17.27 -31.26
N LYS O 124 42.56 -17.89 -31.39
CA LYS O 124 41.30 -17.16 -31.27
C LYS O 124 41.02 -16.67 -29.86
N THR O 125 41.72 -17.17 -28.84
CA THR O 125 41.57 -16.65 -27.49
C THR O 125 42.67 -15.66 -27.12
N ASN O 126 43.49 -15.25 -28.07
CA ASN O 126 44.56 -14.30 -27.79
C ASN O 126 44.01 -12.94 -27.43
N GLY O 127 44.85 -12.13 -26.78
CA GLY O 127 44.45 -10.77 -26.43
C GLY O 127 44.19 -9.92 -27.66
N THR O 128 45.13 -9.88 -28.59
CA THR O 128 44.99 -9.14 -29.84
C THR O 128 44.82 -10.10 -31.01
N LYS O 129 43.95 -9.71 -31.95
CA LYS O 129 43.46 -10.56 -33.01
C LYS O 129 43.50 -9.82 -34.34
N THR O 130 44.53 -9.02 -34.56
CA THR O 130 44.58 -8.11 -35.70
C THR O 130 45.18 -8.73 -36.95
N LYS O 131 45.58 -10.00 -36.91
CA LYS O 131 46.15 -10.67 -38.07
C LYS O 131 45.24 -11.78 -38.58
N GLY O 132 44.03 -11.91 -38.05
CA GLY O 132 43.10 -12.91 -38.55
C GLY O 132 42.38 -13.69 -37.47
N ALA O 133 42.91 -13.69 -36.25
CA ALA O 133 42.32 -14.49 -35.18
C ALA O 133 40.90 -14.03 -34.85
N GLU O 134 40.62 -12.73 -35.00
CA GLU O 134 39.24 -12.26 -34.86
C GLU O 134 38.32 -12.96 -35.86
N GLU O 135 38.72 -12.94 -37.14
CA GLU O 135 37.92 -13.59 -38.17
C GLU O 135 37.82 -15.09 -37.94
N LEU O 136 38.86 -15.69 -37.33
CA LEU O 136 38.78 -17.10 -36.98
C LEU O 136 37.68 -17.35 -35.97
N GLY O 137 37.53 -16.44 -35.00
CA GLY O 137 36.42 -16.56 -34.06
C GLY O 137 35.08 -16.43 -34.75
N LYS O 138 34.95 -15.43 -35.62
CA LYS O 138 33.74 -15.27 -36.43
C LYS O 138 33.42 -16.55 -37.22
N LEU O 139 34.47 -17.20 -37.74
CA LEU O 139 34.26 -18.44 -38.49
C LEU O 139 33.75 -19.56 -37.57
N PHE O 140 34.35 -19.72 -36.39
CA PHE O 140 33.87 -20.71 -35.44
C PHE O 140 32.40 -20.48 -35.12
N GLU O 141 32.00 -19.22 -34.88
CA GLU O 141 30.61 -18.95 -34.53
C GLU O 141 29.67 -19.32 -35.68
N SER O 142 30.06 -19.01 -36.92
CA SER O 142 29.22 -19.34 -38.06
C SER O 142 29.06 -20.84 -38.25
N VAL O 143 30.16 -21.59 -38.10
CA VAL O 143 30.08 -23.04 -38.28
C VAL O 143 29.29 -23.69 -37.14
N GLU O 144 29.44 -23.16 -35.92
CA GLU O 144 28.76 -23.74 -34.77
C GLU O 144 27.27 -23.44 -34.80
N VAL O 145 26.88 -22.24 -35.25
CA VAL O 145 25.47 -21.96 -35.46
C VAL O 145 24.92 -22.91 -36.52
N LEU O 146 25.75 -23.34 -37.46
CA LEU O 146 25.32 -24.37 -38.41
C LEU O 146 25.29 -25.79 -37.81
N SER O 147 26.27 -26.15 -36.96
CA SER O 147 26.33 -27.49 -36.38
C SER O 147 25.25 -27.76 -35.33
N LYS O 148 24.98 -26.80 -34.45
CA LYS O 148 23.98 -26.94 -33.40
C LYS O 148 22.59 -27.15 -34.00
N ALA O 149 22.27 -26.37 -35.04
CA ALA O 149 20.99 -26.51 -35.72
C ALA O 149 20.92 -27.84 -36.47
N ALA O 150 22.01 -28.24 -37.12
CA ALA O 150 22.03 -29.51 -37.83
C ALA O 150 21.84 -30.69 -36.88
N LYS O 151 22.22 -30.53 -35.62
CA LYS O 151 22.09 -31.63 -34.66
C LYS O 151 20.63 -31.98 -34.42
N GLU O 152 19.75 -30.98 -34.30
CA GLU O 152 18.34 -31.26 -34.06
C GLU O 152 17.63 -31.81 -35.30
N MET O 153 18.13 -31.52 -36.50
CA MET O 153 17.55 -32.15 -37.69
C MET O 153 17.72 -33.66 -37.62
N LEU O 154 18.89 -34.12 -37.17
CA LEU O 154 19.10 -35.55 -36.95
C LEU O 154 18.31 -36.05 -35.75
N ALA O 155 18.38 -35.31 -34.63
CA ALA O 155 17.86 -35.83 -33.36
C ALA O 155 16.34 -36.04 -33.41
N ASN O 156 15.60 -35.05 -33.91
CA ASN O 156 14.16 -35.23 -33.98
C ASN O 156 13.74 -36.24 -35.04
N SER O 157 14.61 -36.48 -36.03
CA SER O 157 14.36 -37.52 -37.02
C SER O 157 14.42 -38.92 -36.42
N VAL O 158 15.25 -39.12 -35.39
CA VAL O 158 15.48 -40.46 -34.88
C VAL O 158 14.41 -40.90 -33.88
N LYS O 159 13.81 -39.99 -33.14
CA LYS O 159 12.74 -40.37 -32.23
C LYS O 159 11.35 -40.04 -32.75
N GLU O 160 11.17 -40.03 -34.07
CA GLU O 160 9.84 -40.11 -34.63
C GLU O 160 9.31 -41.53 -34.57
N LEU O 161 10.02 -42.41 -33.86
CA LEU O 161 9.65 -43.79 -33.63
C LEU O 161 8.88 -43.95 -32.33
N GLU P 7 11.94 -48.18 -30.79
CA GLU P 7 12.87 -48.98 -30.01
C GLU P 7 12.89 -50.38 -30.65
N ILE P 8 14.08 -50.96 -30.85
CA ILE P 8 15.36 -50.57 -30.27
C ILE P 8 16.14 -49.53 -31.07
N SER P 9 15.83 -48.27 -30.77
CA SER P 9 16.53 -47.15 -31.38
C SER P 9 17.85 -46.88 -30.67
N LYS P 10 18.01 -47.44 -29.47
CA LYS P 10 19.25 -47.26 -28.70
C LYS P 10 20.45 -47.66 -29.55
N LYS P 11 20.32 -48.73 -30.34
CA LYS P 11 21.37 -49.12 -31.25
C LYS P 11 21.73 -47.99 -32.21
N ILE P 12 20.71 -47.28 -32.70
CA ILE P 12 20.95 -46.19 -33.65
C ILE P 12 21.74 -45.08 -32.98
N THR P 13 21.31 -44.65 -31.79
CA THR P 13 21.97 -43.52 -31.13
C THR P 13 23.40 -43.86 -30.72
N ASP P 14 23.62 -45.07 -30.19
CA ASP P 14 24.96 -45.45 -29.78
C ASP P 14 25.89 -45.65 -30.97
N SER P 15 25.39 -46.29 -32.02
CA SER P 15 26.21 -46.48 -33.22
C SER P 15 26.48 -45.15 -33.91
N ASN P 16 25.56 -44.20 -33.82
CA ASN P 16 25.77 -42.88 -34.38
C ASN P 16 26.89 -42.14 -33.65
N ALA P 17 26.91 -42.23 -32.31
CA ALA P 17 27.95 -41.58 -31.53
C ALA P 17 29.34 -42.10 -31.88
N VAL P 18 29.48 -43.42 -32.01
CA VAL P 18 30.78 -44.00 -32.34
C VAL P 18 31.22 -43.57 -33.73
N LEU P 19 30.29 -43.55 -34.68
CA LEU P 19 30.63 -43.17 -36.05
C LEU P 19 31.16 -41.74 -36.12
N LEU P 20 30.47 -40.80 -35.46
CA LEU P 20 30.96 -39.42 -35.42
C LEU P 20 32.34 -39.35 -34.78
N ALA P 21 32.58 -40.15 -33.74
CA ALA P 21 33.90 -40.17 -33.11
C ALA P 21 34.97 -40.59 -34.11
N VAL P 22 34.69 -41.65 -34.88
CA VAL P 22 35.67 -42.15 -35.84
C VAL P 22 35.85 -41.15 -36.98
N LYS P 23 34.75 -40.61 -37.51
CA LYS P 23 34.87 -39.68 -38.63
C LYS P 23 35.50 -38.36 -38.21
N GLU P 24 35.56 -38.08 -36.90
CA GLU P 24 36.37 -36.95 -36.44
C GLU P 24 37.85 -37.31 -36.46
N VAL P 25 38.19 -38.57 -36.22
CA VAL P 25 39.57 -39.04 -36.36
C VAL P 25 40.03 -38.90 -37.81
N GLU P 26 39.21 -39.38 -38.75
CA GLU P 26 39.56 -39.27 -40.16
C GLU P 26 39.65 -37.82 -40.61
N ALA P 27 38.78 -36.96 -40.08
CA ALA P 27 38.85 -35.54 -40.41
C ALA P 27 40.17 -34.92 -39.95
N LEU P 28 40.63 -35.31 -38.75
CA LEU P 28 41.93 -34.84 -38.27
C LEU P 28 43.06 -35.35 -39.14
N LEU P 29 43.00 -36.63 -39.53
CA LEU P 29 44.03 -37.20 -40.40
C LEU P 29 44.16 -36.41 -41.71
N SER P 30 43.04 -36.02 -42.31
CA SER P 30 43.11 -35.27 -43.56
C SER P 30 43.74 -33.90 -43.36
N SER P 31 43.63 -33.33 -42.16
CA SER P 31 44.34 -32.08 -41.89
C SER P 31 45.86 -32.30 -41.93
N ILE P 32 46.32 -33.45 -41.40
CA ILE P 32 47.74 -33.80 -41.53
C ILE P 32 48.10 -34.00 -43.01
N ASP P 33 47.26 -34.74 -43.74
CA ASP P 33 47.54 -34.99 -45.14
C ASP P 33 47.53 -33.68 -45.94
N GLU P 34 46.62 -32.77 -45.60
CA GLU P 34 46.49 -31.54 -46.38
C GLU P 34 47.68 -30.60 -46.16
N ILE P 35 48.18 -30.50 -44.92
CA ILE P 35 49.37 -29.69 -44.68
C ILE P 35 50.59 -30.33 -45.31
N ALA P 36 50.68 -31.66 -45.28
CA ALA P 36 51.80 -32.34 -45.90
C ALA P 36 51.79 -32.16 -47.42
N ALA P 37 50.61 -32.17 -48.02
CA ALA P 37 50.50 -32.06 -49.47
C ALA P 37 50.64 -30.63 -49.97
N LYS P 38 50.17 -29.65 -49.20
CA LYS P 38 50.06 -28.27 -49.68
C LYS P 38 50.92 -27.27 -48.93
N ALA P 39 51.48 -27.62 -47.77
CA ALA P 39 52.16 -26.63 -46.95
C ALA P 39 53.65 -26.89 -46.75
N ILE P 40 54.15 -28.08 -47.07
CA ILE P 40 55.58 -28.33 -46.96
C ILE P 40 56.31 -27.40 -47.92
N GLY P 41 57.26 -26.63 -47.40
CA GLY P 41 58.04 -25.73 -48.24
C GLY P 41 57.28 -24.57 -48.83
N LYS P 42 56.22 -24.11 -48.18
CA LYS P 42 55.39 -23.05 -48.73
C LYS P 42 55.29 -21.88 -47.75
N LYS P 43 54.83 -20.75 -48.28
CA LYS P 43 54.64 -19.52 -47.52
C LYS P 43 53.40 -18.82 -48.05
N ILE P 44 52.82 -17.94 -47.23
CA ILE P 44 51.63 -17.22 -47.66
C ILE P 44 52.00 -16.16 -48.68
N HIS P 45 51.16 -16.05 -49.72
CA HIS P 45 51.27 -15.06 -50.78
C HIS P 45 49.93 -14.33 -50.84
N GLN P 46 49.95 -13.02 -51.08
CA GLN P 46 48.70 -12.27 -50.93
C GLN P 46 47.67 -12.64 -52.00
N ASN P 47 48.11 -13.06 -53.18
CA ASN P 47 47.18 -13.36 -54.26
C ASN P 47 46.99 -14.85 -54.51
N ASN P 48 48.08 -15.60 -54.72
CA ASN P 48 47.95 -17.02 -55.00
C ASN P 48 47.57 -17.82 -53.76
N GLY P 49 47.91 -17.33 -52.58
CA GLY P 49 47.60 -18.04 -51.35
C GLY P 49 48.78 -18.80 -50.78
N LEU P 50 49.57 -19.43 -51.65
CA LEU P 50 50.80 -20.11 -51.21
C LEU P 50 51.88 -19.92 -52.25
N ASP P 51 53.12 -19.80 -51.76
CA ASP P 51 54.29 -19.53 -52.58
C ASP P 51 55.46 -20.31 -52.00
N THR P 52 56.50 -20.50 -52.80
CA THR P 52 57.56 -21.43 -52.44
C THR P 52 58.46 -20.83 -51.37
N GLU P 53 58.76 -21.64 -50.34
CA GLU P 53 59.72 -21.26 -49.30
C GLU P 53 60.39 -22.54 -48.81
N ASN P 54 61.59 -22.81 -49.31
CA ASN P 54 62.20 -24.12 -49.16
C ASN P 54 62.88 -24.28 -47.80
N ASN P 55 62.72 -25.46 -47.21
CA ASN P 55 63.55 -25.95 -46.10
C ASN P 55 63.38 -25.11 -44.82
N HIS P 56 62.15 -24.73 -44.50
CA HIS P 56 61.81 -24.07 -43.24
C HIS P 56 60.57 -24.71 -42.63
N ASN P 57 60.53 -26.04 -42.62
CA ASN P 57 59.33 -26.79 -42.31
C ASN P 57 59.23 -27.17 -40.83
N GLY P 58 59.99 -26.52 -39.96
CA GLY P 58 60.06 -26.89 -38.57
C GLY P 58 58.75 -26.76 -37.82
N SER P 59 58.16 -25.55 -37.83
CA SER P 59 56.91 -25.35 -37.11
C SER P 59 55.77 -26.14 -37.74
N LEU P 60 55.83 -26.38 -39.05
CA LEU P 60 54.84 -27.24 -39.69
C LEU P 60 54.86 -28.64 -39.09
N LEU P 61 56.06 -29.19 -38.85
CA LEU P 61 56.16 -30.50 -38.23
C LEU P 61 55.67 -30.47 -36.79
N ALA P 62 55.88 -29.35 -36.09
CA ALA P 62 55.29 -29.19 -34.76
C ALA P 62 53.76 -29.25 -34.84
N GLY P 63 53.18 -28.50 -35.77
CA GLY P 63 51.74 -28.59 -35.98
C GLY P 63 51.30 -29.99 -36.37
N ALA P 64 52.10 -30.67 -37.18
CA ALA P 64 51.80 -32.06 -37.53
C ALA P 64 51.79 -32.95 -36.29
N TYR P 65 52.79 -32.78 -35.42
CA TYR P 65 52.85 -33.55 -34.18
C TYR P 65 51.69 -33.22 -33.26
N ALA P 66 51.31 -31.94 -33.18
CA ALA P 66 50.19 -31.54 -32.34
C ALA P 66 48.90 -32.27 -32.73
N ILE P 67 48.60 -32.31 -34.03
CA ILE P 67 47.42 -33.05 -34.48
C ILE P 67 47.58 -34.54 -34.22
N SER P 68 48.81 -35.06 -34.36
CA SER P 68 49.03 -36.48 -34.12
C SER P 68 48.65 -36.88 -32.71
N THR P 69 49.01 -36.06 -31.73
CA THR P 69 48.65 -36.35 -30.34
C THR P 69 47.17 -36.06 -30.07
N LEU P 70 46.60 -35.08 -30.77
CA LEU P 70 45.15 -34.87 -30.70
C LEU P 70 44.40 -36.08 -31.22
N ILE P 71 44.95 -36.77 -32.23
CA ILE P 71 44.36 -38.00 -32.73
C ILE P 71 44.43 -39.07 -31.64
N LYS P 72 45.56 -39.15 -30.95
CA LYS P 72 45.72 -40.15 -29.89
C LYS P 72 44.67 -39.96 -28.79
N GLN P 73 44.38 -38.71 -28.42
CA GLN P 73 43.31 -38.44 -27.46
C GLN P 73 41.98 -39.02 -27.90
N LYS P 74 41.61 -38.80 -29.17
CA LYS P 74 40.26 -39.16 -29.60
C LYS P 74 40.08 -40.67 -29.68
N LEU P 75 41.08 -41.40 -30.18
CA LEU P 75 40.98 -42.85 -30.19
C LEU P 75 40.94 -43.43 -28.78
N ASP P 76 41.54 -42.72 -27.80
CA ASP P 76 41.45 -43.17 -26.42
C ASP P 76 40.03 -42.99 -25.88
N GLY P 77 39.32 -41.97 -26.35
CA GLY P 77 37.95 -41.78 -25.91
C GLY P 77 36.99 -42.78 -26.51
N LEU P 78 37.40 -43.50 -27.55
CA LEU P 78 36.58 -44.56 -28.11
C LEU P 78 36.67 -45.79 -27.22
N LYS P 79 35.51 -46.25 -26.74
CA LYS P 79 35.42 -47.49 -25.98
C LYS P 79 34.12 -48.15 -26.44
N ASN P 80 34.24 -49.36 -26.97
CA ASN P 80 33.09 -50.01 -27.58
C ASN P 80 33.24 -51.52 -27.44
N GLU P 81 32.12 -52.17 -27.13
CA GLU P 81 32.12 -53.61 -26.89
C GLU P 81 32.53 -54.37 -28.15
N GLY P 82 32.01 -53.96 -29.31
CA GLY P 82 32.31 -54.61 -30.56
C GLY P 82 33.62 -54.21 -31.23
N LEU P 83 33.90 -52.90 -31.25
CA LEU P 83 35.06 -52.34 -31.93
C LEU P 83 36.34 -52.41 -31.10
N LYS P 84 36.35 -53.20 -30.02
CA LYS P 84 37.49 -53.19 -29.11
C LYS P 84 38.80 -53.50 -29.81
N GLU P 85 38.82 -54.51 -30.69
CA GLU P 85 40.06 -54.92 -31.33
C GLU P 85 40.59 -53.86 -32.30
N LYS P 86 39.70 -53.26 -33.09
CA LYS P 86 40.13 -52.29 -34.08
C LYS P 86 40.46 -50.93 -33.48
N ILE P 87 39.77 -50.52 -32.41
CA ILE P 87 40.12 -49.25 -31.76
C ILE P 87 41.50 -49.34 -31.12
N ASP P 88 41.79 -50.46 -30.45
CA ASP P 88 43.12 -50.65 -29.88
C ASP P 88 44.19 -50.65 -30.97
N ALA P 89 43.88 -51.26 -32.11
CA ALA P 89 44.83 -51.29 -33.23
C ALA P 89 45.09 -49.89 -33.78
N ALA P 90 44.04 -49.08 -33.90
CA ALA P 90 44.23 -47.70 -34.32
C ALA P 90 45.04 -46.90 -33.29
N LYS P 91 44.74 -47.11 -32.01
CA LYS P 91 45.54 -46.51 -30.95
C LYS P 91 47.00 -46.95 -31.06
N LYS P 92 47.20 -48.25 -31.20
CA LYS P 92 48.54 -48.81 -31.36
C LYS P 92 49.26 -48.17 -32.54
N CYS P 93 48.55 -47.98 -33.65
CA CYS P 93 49.15 -47.31 -34.80
C CYS P 93 49.35 -45.83 -34.53
N SER P 94 48.41 -45.22 -33.81
CA SER P 94 48.53 -43.79 -33.46
C SER P 94 49.76 -43.53 -32.61
N GLU P 95 50.06 -44.43 -31.66
CA GLU P 95 51.25 -44.22 -30.84
C GLU P 95 52.52 -44.42 -31.63
N THR P 96 52.52 -45.34 -32.60
CA THR P 96 53.71 -45.57 -33.41
C THR P 96 54.04 -44.35 -34.27
N PHE P 97 53.03 -43.71 -34.85
CA PHE P 97 53.27 -42.51 -35.65
C PHE P 97 53.84 -41.39 -34.79
N THR P 98 53.22 -41.14 -33.64
CA THR P 98 53.69 -40.06 -32.77
C THR P 98 55.10 -40.32 -32.26
N ASN P 99 55.40 -41.58 -31.92
CA ASN P 99 56.73 -41.89 -31.41
C ASN P 99 57.81 -41.74 -32.48
N LYS P 100 57.51 -42.13 -33.72
CA LYS P 100 58.50 -42.00 -34.79
C LYS P 100 58.88 -40.54 -35.02
N LEU P 101 57.90 -39.64 -34.87
CA LEU P 101 58.19 -38.21 -34.99
C LEU P 101 59.14 -37.75 -33.89
N LYS P 102 58.97 -38.27 -32.68
CA LYS P 102 59.93 -37.99 -31.60
C LYS P 102 61.30 -38.57 -31.94
N GLU P 103 61.32 -39.80 -32.43
CA GLU P 103 62.58 -40.50 -32.75
C GLU P 103 63.44 -39.72 -33.73
N LYS P 104 62.83 -38.99 -34.67
CA LYS P 104 63.56 -38.27 -35.71
C LYS P 104 63.73 -36.79 -35.38
N HIS P 105 63.84 -36.45 -34.10
CA HIS P 105 63.95 -35.05 -33.70
C HIS P 105 65.22 -34.39 -34.23
N THR P 106 66.30 -35.15 -34.42
CA THR P 106 67.51 -34.56 -34.99
C THR P 106 67.26 -34.02 -36.38
N ASP P 107 66.35 -34.64 -37.13
CA ASP P 107 66.00 -34.18 -38.47
C ASP P 107 64.71 -33.39 -38.51
N LEU P 108 63.78 -33.61 -37.58
CA LEU P 108 62.51 -32.90 -37.59
C LEU P 108 62.40 -31.81 -36.54
N GLY P 109 63.23 -31.84 -35.50
CA GLY P 109 63.25 -30.82 -34.47
C GLY P 109 64.19 -29.67 -34.75
N LYS P 110 63.89 -28.86 -35.75
CA LYS P 110 64.71 -27.68 -36.05
C LYS P 110 63.85 -26.67 -36.78
N GLU P 111 64.32 -25.42 -36.80
CA GLU P 111 63.63 -24.41 -37.60
C GLU P 111 63.81 -24.70 -39.09
N GLY P 112 65.00 -25.13 -39.48
CA GLY P 112 65.32 -25.47 -40.85
C GLY P 112 65.08 -26.92 -41.22
N VAL P 113 63.85 -27.41 -41.15
CA VAL P 113 63.56 -28.76 -41.61
C VAL P 113 63.41 -28.73 -43.12
N THR P 114 64.14 -29.61 -43.81
CA THR P 114 64.09 -29.65 -45.26
C THR P 114 62.74 -30.14 -45.75
N ASP P 115 62.36 -29.71 -46.94
CA ASP P 115 61.18 -30.27 -47.59
C ASP P 115 61.28 -31.79 -47.70
N ALA P 116 62.45 -32.28 -48.12
CA ALA P 116 62.65 -33.72 -48.28
C ALA P 116 62.37 -34.47 -46.98
N ASP P 117 62.96 -34.01 -45.87
CA ASP P 117 62.75 -34.71 -44.62
C ASP P 117 61.34 -34.50 -44.08
N ALA P 118 60.77 -33.32 -44.31
CA ALA P 118 59.37 -33.09 -43.96
C ALA P 118 58.47 -34.06 -44.71
N LYS P 119 58.69 -34.20 -46.02
CA LYS P 119 57.92 -35.13 -46.83
C LYS P 119 58.08 -36.57 -46.36
N GLU P 120 59.31 -36.96 -45.99
CA GLU P 120 59.51 -38.32 -45.47
C GLU P 120 58.80 -38.55 -44.15
N ALA P 121 58.36 -37.49 -43.47
CA ALA P 121 57.75 -37.63 -42.16
C ALA P 121 56.23 -37.76 -42.19
N ILE P 122 55.55 -36.91 -42.97
CA ILE P 122 54.10 -36.78 -42.88
C ILE P 122 53.38 -36.91 -44.21
N LEU P 123 54.08 -37.09 -45.32
CA LEU P 123 53.46 -37.22 -46.63
C LEU P 123 53.40 -38.71 -46.98
N LYS P 124 52.25 -39.34 -46.68
CA LYS P 124 52.16 -40.79 -46.81
C LYS P 124 52.31 -41.28 -48.24
N THR P 125 52.19 -40.41 -49.23
CA THR P 125 52.36 -40.80 -50.62
C THR P 125 53.78 -40.54 -51.13
N ASN P 126 54.71 -40.17 -50.25
CA ASN P 126 56.07 -39.92 -50.66
C ASN P 126 56.75 -41.20 -51.13
N GLY P 127 57.77 -41.03 -51.98
CA GLY P 127 58.54 -42.18 -52.43
C GLY P 127 59.26 -42.87 -51.29
N THR P 128 60.03 -42.11 -50.52
CA THR P 128 60.72 -42.62 -49.34
C THR P 128 59.98 -42.14 -48.09
N LYS P 129 59.81 -43.05 -47.13
CA LYS P 129 58.94 -42.82 -45.98
C LYS P 129 59.64 -43.22 -44.68
N THR P 130 60.90 -42.83 -44.51
CA THR P 130 61.71 -43.30 -43.40
C THR P 130 61.67 -42.39 -42.17
N LYS P 131 60.93 -41.27 -42.23
CA LYS P 131 60.87 -40.34 -41.11
C LYS P 131 59.49 -40.29 -40.47
N GLY P 132 58.60 -41.23 -40.79
CA GLY P 132 57.30 -41.27 -40.15
C GLY P 132 56.15 -41.49 -41.11
N ALA P 133 56.36 -41.18 -42.39
CA ALA P 133 55.27 -41.28 -43.35
C ALA P 133 54.81 -42.72 -43.56
N GLU P 134 55.73 -43.69 -43.46
CA GLU P 134 55.33 -45.09 -43.48
C GLU P 134 54.37 -45.39 -42.33
N GLU P 135 54.74 -44.98 -41.12
CA GLU P 135 53.90 -45.21 -39.95
C GLU P 135 52.57 -44.47 -40.08
N LEU P 136 52.59 -43.27 -40.67
CA LEU P 136 51.34 -42.54 -40.89
C LEU P 136 50.41 -43.31 -41.83
N GLY P 137 50.97 -43.88 -42.90
CA GLY P 137 50.16 -44.69 -43.80
C GLY P 137 49.52 -45.87 -43.09
N LYS P 138 50.31 -46.59 -42.28
CA LYS P 138 49.76 -47.68 -41.48
C LYS P 138 48.64 -47.19 -40.57
N LEU P 139 48.74 -45.96 -40.06
CA LEU P 139 47.67 -45.41 -39.24
C LEU P 139 46.39 -45.23 -40.05
N PHE P 140 46.49 -44.62 -41.23
CA PHE P 140 45.33 -44.49 -42.11
C PHE P 140 44.66 -45.84 -42.36
N GLU P 141 45.45 -46.86 -42.70
CA GLU P 141 44.89 -48.17 -42.97
C GLU P 141 44.11 -48.69 -41.76
N SER P 142 44.67 -48.50 -40.56
CA SER P 142 43.98 -48.92 -39.35
C SER P 142 42.70 -48.11 -39.12
N VAL P 143 42.78 -46.80 -39.33
CA VAL P 143 41.61 -45.93 -39.12
C VAL P 143 40.50 -46.30 -40.11
N GLU P 144 40.87 -46.59 -41.36
CA GLU P 144 39.88 -46.90 -42.38
C GLU P 144 39.14 -48.19 -42.07
N VAL P 145 39.85 -49.20 -41.54
CA VAL P 145 39.20 -50.42 -41.11
C VAL P 145 38.22 -50.15 -39.97
N LEU P 146 38.47 -49.10 -39.18
CA LEU P 146 37.55 -48.77 -38.10
C LEU P 146 36.26 -48.17 -38.63
N SER P 147 36.36 -47.27 -39.61
CA SER P 147 35.15 -46.67 -40.19
C SER P 147 34.33 -47.74 -40.91
N LYS P 148 34.98 -48.68 -41.60
CA LYS P 148 34.24 -49.73 -42.29
C LYS P 148 33.42 -50.53 -41.31
N ALA P 149 33.99 -50.86 -40.15
CA ALA P 149 33.22 -51.55 -39.13
C ALA P 149 32.19 -50.62 -38.47
N ALA P 150 32.59 -49.38 -38.18
CA ALA P 150 31.68 -48.46 -37.51
C ALA P 150 30.55 -47.99 -38.43
N LYS P 151 30.83 -47.82 -39.72
CA LYS P 151 29.77 -47.37 -40.63
C LYS P 151 28.70 -48.42 -40.80
N GLU P 152 29.08 -49.70 -40.87
CA GLU P 152 28.09 -50.76 -41.07
C GLU P 152 27.29 -51.07 -39.81
N MET P 153 27.83 -50.83 -38.61
CA MET P 153 27.03 -51.04 -37.40
C MET P 153 25.87 -50.05 -37.36
N LEU P 154 26.11 -48.80 -37.75
CA LEU P 154 25.02 -47.83 -37.84
C LEU P 154 24.00 -48.27 -38.88
N ALA P 155 24.48 -48.69 -40.06
CA ALA P 155 23.58 -49.04 -41.15
C ALA P 155 22.68 -50.20 -40.75
N ASN P 156 23.22 -51.19 -40.04
CA ASN P 156 22.37 -52.29 -39.58
C ASN P 156 21.46 -51.86 -38.45
N SER P 157 21.84 -50.83 -37.69
CA SER P 157 20.93 -50.26 -36.71
C SER P 157 19.77 -49.54 -37.39
N VAL P 158 20.04 -48.88 -38.50
CA VAL P 158 18.97 -48.15 -39.17
C VAL P 158 18.20 -49.09 -40.10
N LYS P 159 18.85 -50.12 -40.64
CA LYS P 159 18.11 -51.11 -41.42
C LYS P 159 17.26 -52.01 -40.55
N GLU P 160 17.26 -51.79 -39.23
CA GLU P 160 16.35 -52.50 -38.35
C GLU P 160 14.92 -52.02 -38.50
N LEU P 161 14.63 -51.12 -39.43
CA LEU P 161 13.24 -50.73 -39.68
C LEU P 161 12.65 -51.56 -40.83
N THR P 162 13.29 -51.52 -42.00
CA THR P 162 12.73 -52.06 -43.23
C THR P 162 13.07 -53.52 -43.50
N SER P 163 13.97 -54.12 -42.73
CA SER P 163 14.47 -55.45 -43.04
C SER P 163 14.12 -56.45 -41.94
N PRO P 164 14.07 -57.75 -42.27
CA PRO P 164 13.99 -58.81 -41.27
C PRO P 164 15.35 -59.17 -40.70
N GLN Q 1 23.34 -31.83 -57.48
CA GLN Q 1 24.14 -31.82 -56.25
C GLN Q 1 25.43 -32.63 -56.42
N LEU Q 2 25.29 -33.93 -56.26
CA LEU Q 2 26.38 -34.91 -56.34
C LEU Q 2 26.57 -35.31 -57.79
N GLN Q 3 27.46 -34.61 -58.51
CA GLN Q 3 27.54 -34.68 -59.96
C GLN Q 3 28.96 -35.04 -60.37
N LEU Q 4 29.10 -36.15 -61.10
CA LEU Q 4 30.39 -36.71 -61.53
C LEU Q 4 30.57 -36.60 -63.04
N GLN Q 5 31.75 -36.14 -63.45
CA GLN Q 5 32.02 -35.87 -64.86
C GLN Q 5 33.30 -36.53 -65.33
N GLU Q 6 33.21 -37.22 -66.47
CA GLU Q 6 34.27 -38.04 -67.06
C GLU Q 6 35.27 -37.18 -67.84
N SER Q 7 36.13 -37.85 -68.59
CA SER Q 7 37.52 -37.50 -68.89
C SER Q 7 37.80 -37.26 -70.37
N GLY Q 8 39.10 -37.09 -70.65
CA GLY Q 8 39.65 -36.70 -71.91
C GLY Q 8 39.83 -37.87 -72.88
N PRO Q 9 41.01 -37.98 -73.50
CA PRO Q 9 41.08 -38.58 -74.84
C PRO Q 9 40.57 -40.01 -74.89
N GLY Q 10 39.67 -40.24 -75.85
CA GLY Q 10 39.11 -41.51 -76.25
C GLY Q 10 39.81 -42.30 -77.34
N LEU Q 11 40.96 -41.84 -77.84
CA LEU Q 11 41.71 -42.59 -78.85
C LEU Q 11 43.08 -42.87 -78.27
N VAL Q 12 43.34 -44.13 -77.93
CA VAL Q 12 44.65 -44.56 -77.46
C VAL Q 12 45.19 -45.60 -78.43
N LYS Q 13 46.46 -45.44 -78.81
CA LYS Q 13 47.11 -46.46 -79.60
C LYS Q 13 47.39 -47.67 -78.71
N PRO Q 14 47.40 -48.88 -79.26
CA PRO Q 14 47.68 -50.06 -78.43
C PRO Q 14 49.09 -50.00 -77.85
N SER Q 15 49.27 -50.70 -76.73
CA SER Q 15 50.50 -50.75 -75.93
C SER Q 15 50.85 -49.43 -75.26
N GLN Q 16 50.02 -48.40 -75.41
CA GLN Q 16 50.20 -47.10 -74.78
C GLN Q 16 49.50 -47.05 -73.43
N THR Q 17 49.42 -45.86 -72.84
CA THR Q 17 48.77 -45.64 -71.55
C THR Q 17 47.54 -44.77 -71.75
N LEU Q 18 46.39 -45.23 -71.26
CA LEU Q 18 45.19 -44.43 -71.27
C LEU Q 18 45.01 -43.81 -69.88
N SER Q 19 44.68 -42.51 -69.86
CA SER Q 19 44.54 -41.77 -68.63
C SER Q 19 43.16 -41.12 -68.60
N LEU Q 20 42.41 -41.34 -67.53
CA LEU Q 20 41.11 -40.73 -67.38
C LEU Q 20 41.02 -40.00 -66.05
N THR Q 21 40.21 -38.95 -66.03
CA THR Q 21 39.99 -38.12 -64.84
C THR Q 21 38.50 -38.01 -64.59
N CYS Q 22 38.09 -38.26 -63.36
CA CYS Q 22 36.71 -38.03 -62.93
C CYS Q 22 36.68 -36.76 -62.09
N THR Q 23 35.86 -35.79 -62.48
CA THR Q 23 35.80 -34.51 -61.82
C THR Q 23 34.48 -34.37 -61.10
N LEU Q 24 34.53 -33.90 -59.84
CA LEU Q 24 33.34 -33.73 -59.02
C LEU Q 24 32.78 -32.33 -59.17
N SER Q 25 31.46 -32.23 -59.02
CA SER Q 25 30.77 -30.95 -59.04
C SER Q 25 29.77 -30.91 -57.89
N GLY Q 26 29.70 -29.76 -57.22
CA GLY Q 26 28.86 -29.62 -56.04
C GLY Q 26 29.23 -30.55 -54.91
N GLY Q 27 30.43 -31.12 -54.93
CA GLY Q 27 30.82 -32.11 -53.95
C GLY Q 27 32.32 -32.29 -53.93
N SER Q 28 32.80 -32.92 -52.87
CA SER Q 28 34.21 -33.24 -52.71
C SER Q 28 34.34 -34.64 -52.13
N ILE Q 29 35.56 -35.14 -52.08
CA ILE Q 29 35.83 -36.49 -51.56
C ILE Q 29 36.00 -36.30 -50.05
N SER Q 30 34.88 -36.38 -49.32
CA SER Q 30 34.81 -35.83 -47.98
C SER Q 30 33.46 -36.16 -47.34
N SER Q 31 33.34 -35.80 -46.05
CA SER Q 31 32.24 -36.17 -45.16
C SER Q 31 32.18 -37.66 -44.80
N THR Q 32 33.33 -38.30 -44.54
CA THR Q 32 34.62 -38.20 -45.19
C THR Q 32 34.45 -39.13 -46.39
N SER Q 33 35.37 -39.08 -47.36
CA SER Q 33 35.32 -39.95 -48.53
C SER Q 33 33.99 -39.78 -49.25
N TYR Q 34 33.16 -40.82 -49.33
CA TYR Q 34 32.25 -41.05 -50.45
C TYR Q 34 33.14 -41.30 -51.67
N TYR Q 35 33.23 -40.36 -52.60
CA TYR Q 35 33.80 -40.58 -53.94
C TYR Q 35 35.10 -41.37 -53.97
N TRP Q 36 35.07 -42.46 -54.72
CA TRP Q 36 36.23 -43.31 -55.02
C TRP Q 36 35.94 -44.04 -56.34
N GLY Q 37 36.92 -44.80 -56.84
CA GLY Q 37 36.60 -45.87 -57.81
C GLY Q 37 36.32 -45.62 -59.30
N TRP Q 38 36.59 -46.64 -60.14
CA TRP Q 38 36.34 -46.61 -61.58
C TRP Q 38 35.71 -47.91 -62.07
N ILE Q 39 34.87 -47.83 -63.12
CA ILE Q 39 34.15 -48.97 -63.71
C ILE Q 39 34.14 -48.82 -65.22
N ARG Q 40 34.16 -49.95 -65.94
CA ARG Q 40 34.13 -49.91 -67.41
C ARG Q 40 33.22 -50.99 -67.98
N GLN Q 41 32.75 -50.75 -69.21
CA GLN Q 41 31.97 -51.71 -69.99
C GLN Q 41 32.54 -51.84 -71.40
N PRO Q 42 33.12 -52.97 -71.77
CA PRO Q 42 33.65 -53.15 -73.13
C PRO Q 42 32.57 -53.64 -74.10
N PRO Q 43 32.73 -53.36 -75.39
CA PRO Q 43 31.70 -53.74 -76.38
C PRO Q 43 31.38 -55.23 -76.33
N GLY Q 44 30.08 -55.53 -76.34
CA GLY Q 44 29.64 -56.91 -76.29
C GLY Q 44 29.82 -57.57 -74.95
N SER Q 45 30.14 -56.81 -73.91
CA SER Q 45 30.40 -57.34 -72.59
C SER Q 45 29.65 -56.53 -71.55
N GLY Q 46 29.53 -57.11 -70.36
CA GLY Q 46 28.87 -56.45 -69.25
C GLY Q 46 29.81 -55.49 -68.54
N LEU Q 47 29.30 -54.94 -67.44
CA LEU Q 47 30.10 -54.08 -66.60
C LEU Q 47 31.04 -54.93 -65.76
N GLU Q 48 32.24 -54.40 -65.51
CA GLU Q 48 33.10 -55.06 -64.53
C GLU Q 48 33.90 -54.00 -63.78
N TRP Q 49 34.07 -54.25 -62.50
CA TRP Q 49 34.78 -53.33 -61.61
C TRP Q 49 36.27 -53.28 -61.94
N ILE Q 50 36.84 -52.07 -61.91
CA ILE Q 50 38.25 -51.87 -62.18
C ILE Q 50 39.02 -51.74 -60.87
N GLY Q 51 38.65 -50.74 -60.07
CA GLY Q 51 39.34 -50.48 -58.81
C GLY Q 51 38.53 -49.55 -57.95
N SER Q 52 38.99 -49.38 -56.71
CA SER Q 52 38.35 -48.51 -55.74
C SER Q 52 39.39 -47.65 -55.05
N MET Q 53 38.92 -46.51 -54.52
CA MET Q 53 39.78 -45.57 -53.81
C MET Q 53 39.16 -45.28 -52.44
N TYR Q 54 39.73 -44.33 -51.70
CA TYR Q 54 39.25 -43.94 -50.38
C TYR Q 54 39.49 -42.43 -50.27
N HIS Q 55 38.99 -41.78 -49.22
CA HIS Q 55 39.31 -40.35 -49.13
C HIS Q 55 40.82 -40.17 -49.03
N SER Q 56 41.49 -40.99 -48.23
CA SER Q 56 42.92 -41.15 -48.36
C SER Q 56 43.23 -41.79 -49.72
N GLY Q 57 44.50 -41.79 -50.10
CA GLY Q 57 44.79 -42.29 -51.42
C GLY Q 57 44.72 -43.80 -51.59
N ASN Q 58 44.41 -44.55 -50.54
CA ASN Q 58 44.44 -46.01 -50.60
C ASN Q 58 43.51 -46.57 -51.68
N THR Q 59 44.08 -47.42 -52.53
CA THR Q 59 43.39 -48.02 -53.67
C THR Q 59 43.41 -49.55 -53.59
N TYR Q 60 42.33 -50.17 -54.07
CA TYR Q 60 42.23 -51.62 -54.18
C TYR Q 60 41.80 -51.94 -55.60
N TYR Q 61 42.53 -52.87 -56.23
CA TYR Q 61 42.44 -53.12 -57.66
C TYR Q 61 41.97 -54.53 -57.98
N LYS Q 62 41.36 -54.68 -59.16
CA LYS Q 62 40.98 -56.00 -59.65
C LYS Q 62 42.23 -56.85 -59.80
N SER Q 63 42.16 -58.10 -59.34
CA SER Q 63 43.32 -59.00 -59.41
C SER Q 63 43.85 -59.17 -60.84
N SER Q 64 43.03 -58.91 -61.85
CA SER Q 64 43.46 -59.09 -63.24
C SER Q 64 44.01 -57.81 -63.86
N LEU Q 65 43.86 -56.66 -63.20
CA LEU Q 65 44.47 -55.41 -63.65
C LEU Q 65 45.61 -54.95 -62.76
N LYS Q 66 46.00 -55.74 -61.76
CA LYS Q 66 47.08 -55.33 -60.86
C LYS Q 66 48.36 -55.10 -61.66
N GLY Q 67 49.04 -54.00 -61.33
CA GLY Q 67 50.27 -53.62 -62.01
C GLY Q 67 50.00 -52.83 -63.28
N ARG Q 68 48.85 -53.07 -63.92
CA ARG Q 68 48.52 -52.31 -65.11
C ARG Q 68 47.84 -51.00 -64.75
N VAL Q 69 46.82 -51.05 -63.90
CA VAL Q 69 45.99 -49.90 -63.58
C VAL Q 69 46.49 -49.26 -62.30
N THR Q 70 46.39 -47.94 -62.23
CA THR Q 70 46.59 -47.21 -60.99
C THR Q 70 45.55 -46.11 -60.90
N ILE Q 71 44.88 -46.03 -59.76
CA ILE Q 71 43.94 -44.96 -59.47
C ILE Q 71 44.59 -44.00 -58.50
N SER Q 72 44.46 -42.71 -58.77
CA SER Q 72 45.14 -41.68 -57.99
C SER Q 72 44.14 -40.56 -57.74
N LEU Q 73 44.31 -39.87 -56.62
CA LEU Q 73 43.47 -38.73 -56.29
C LEU Q 73 44.30 -37.46 -56.39
N ASP Q 74 43.69 -36.43 -56.95
CA ASP Q 74 44.31 -35.12 -57.03
C ASP Q 74 44.16 -34.45 -55.67
N THR Q 75 45.27 -34.00 -55.09
CA THR Q 75 45.19 -33.10 -53.94
C THR Q 75 44.43 -31.85 -54.38
N SER Q 76 43.82 -31.15 -53.42
CA SER Q 76 42.69 -30.25 -53.71
C SER Q 76 41.59 -31.07 -54.39
N ARG Q 77 41.07 -32.03 -53.62
CA ARG Q 77 40.51 -33.29 -54.12
C ARG Q 77 39.11 -33.13 -54.69
N THR Q 78 39.03 -32.30 -55.73
CA THR Q 78 37.83 -32.23 -56.56
C THR Q 78 37.76 -33.34 -57.60
N GLN Q 79 38.88 -34.02 -57.87
CA GLN Q 79 38.93 -34.98 -58.96
C GLN Q 79 39.89 -36.11 -58.61
N PHE Q 80 39.67 -37.26 -59.23
CA PHE Q 80 40.55 -38.41 -59.12
C PHE Q 80 40.70 -39.07 -60.49
N SER Q 81 41.78 -39.82 -60.65
CA SER Q 81 42.27 -40.22 -61.97
C SER Q 81 42.33 -41.73 -62.15
N LEU Q 82 42.10 -42.17 -63.38
CA LEU Q 82 42.29 -43.55 -63.81
C LEU Q 82 43.49 -43.59 -64.76
N ARG Q 83 44.41 -44.52 -64.51
CA ARG Q 83 45.61 -44.64 -65.33
C ARG Q 83 45.89 -46.12 -65.59
N LEU Q 84 45.84 -46.52 -66.86
CA LEU Q 84 45.89 -47.92 -67.27
C LEU Q 84 46.94 -48.12 -68.36
N THR Q 85 47.85 -49.06 -68.14
CA THR Q 85 48.95 -49.30 -69.08
C THR Q 85 49.50 -50.71 -68.84
N SER Q 86 49.72 -51.47 -69.91
CA SER Q 86 49.56 -51.21 -71.35
C SER Q 86 48.17 -51.66 -71.81
N VAL Q 87 47.77 -51.24 -73.02
CA VAL Q 87 46.35 -51.11 -73.36
C VAL Q 87 45.82 -52.00 -74.49
N THR Q 88 46.35 -53.20 -74.69
CA THR Q 88 46.32 -53.77 -76.04
C THR Q 88 44.93 -54.30 -76.42
N ALA Q 89 44.02 -53.34 -76.64
CA ALA Q 89 42.74 -53.41 -77.34
C ALA Q 89 41.61 -54.15 -76.62
N ALA Q 90 41.86 -54.74 -75.46
CA ALA Q 90 40.73 -55.24 -74.67
C ALA Q 90 40.26 -54.18 -73.68
N ASP Q 91 40.94 -53.04 -73.68
CA ASP Q 91 40.62 -51.86 -72.90
C ASP Q 91 39.71 -50.87 -73.61
N THR Q 92 39.49 -51.01 -74.91
CA THR Q 92 38.53 -50.14 -75.57
C THR Q 92 37.14 -50.41 -75.01
N ALA Q 93 36.53 -49.37 -74.45
CA ALA Q 93 35.30 -49.50 -73.70
C ALA Q 93 34.76 -48.10 -73.39
N VAL Q 94 33.61 -48.08 -72.72
CA VAL Q 94 33.10 -46.87 -72.07
C VAL Q 94 33.40 -46.99 -70.58
N TYR Q 95 34.06 -45.99 -70.03
CA TYR Q 95 34.50 -46.01 -68.64
C TYR Q 95 33.64 -45.09 -67.79
N TYR Q 96 33.17 -45.61 -66.67
CA TYR Q 96 32.39 -44.86 -65.70
C TYR Q 96 33.21 -44.63 -64.45
N CYS Q 97 33.18 -43.40 -63.94
CA CYS Q 97 33.59 -43.16 -62.57
C CYS Q 97 32.33 -43.10 -61.73
N ALA Q 98 32.44 -43.45 -60.45
CA ALA Q 98 31.24 -43.56 -59.65
C ALA Q 98 31.57 -43.53 -58.17
N ARG Q 99 30.80 -42.77 -57.41
CA ARG Q 99 30.90 -42.76 -55.96
C ARG Q 99 30.20 -44.01 -55.44
N LEU Q 100 30.98 -45.04 -55.08
CA LEU Q 100 30.41 -46.30 -54.58
C LEU Q 100 30.30 -46.37 -53.05
N GLY Q 101 29.65 -45.42 -52.39
CA GLY Q 101 29.68 -45.46 -50.95
C GLY Q 101 28.79 -44.44 -50.27
N ASP Q 102 28.43 -44.78 -49.04
CA ASP Q 102 27.80 -43.90 -48.06
C ASP Q 102 27.70 -44.73 -46.79
N VAL Q 103 27.37 -44.08 -45.68
CA VAL Q 103 27.25 -44.77 -44.40
C VAL Q 103 26.19 -45.88 -44.48
N PHE Q 104 25.10 -45.63 -45.20
CA PHE Q 104 23.94 -46.50 -45.11
C PHE Q 104 23.70 -47.37 -46.35
N ASN Q 105 24.33 -47.07 -47.48
CA ASN Q 105 24.39 -48.00 -48.61
C ASN Q 105 25.88 -48.16 -48.95
N SER Q 106 26.48 -49.23 -48.45
CA SER Q 106 27.87 -49.56 -48.72
C SER Q 106 28.25 -49.35 -50.18
N ALA Q 107 27.36 -49.74 -51.11
CA ALA Q 107 27.61 -49.62 -52.54
C ALA Q 107 26.31 -49.36 -53.27
N MET Q 108 26.38 -48.73 -54.44
CA MET Q 108 27.37 -48.04 -55.28
C MET Q 108 26.49 -47.03 -56.03
N ASP Q 109 26.42 -45.77 -55.59
CA ASP Q 109 25.19 -45.02 -55.81
C ASP Q 109 25.23 -43.75 -56.66
N VAL Q 110 26.37 -43.33 -57.20
CA VAL Q 110 26.38 -42.14 -58.06
C VAL Q 110 27.33 -42.38 -59.22
N TRP Q 111 26.80 -42.39 -60.44
CA TRP Q 111 27.58 -42.67 -61.64
C TRP Q 111 27.83 -41.40 -62.44
N GLY Q 112 28.96 -41.38 -63.15
CA GLY Q 112 29.22 -40.38 -64.17
C GLY Q 112 28.44 -40.67 -65.44
N GLN Q 113 28.73 -39.88 -66.48
CA GLN Q 113 28.04 -40.11 -67.76
C GLN Q 113 28.65 -41.27 -68.55
N GLY Q 114 29.90 -41.61 -68.28
CA GLY Q 114 30.56 -42.60 -69.10
C GLY Q 114 31.32 -41.94 -70.22
N THR Q 115 32.61 -42.27 -70.34
CA THR Q 115 33.43 -41.75 -71.42
C THR Q 115 33.98 -42.93 -72.21
N THR Q 116 34.00 -42.78 -73.53
CA THR Q 116 34.40 -43.85 -74.41
C THR Q 116 35.88 -43.67 -74.75
N VAL Q 117 36.63 -44.75 -74.62
CA VAL Q 117 38.05 -44.79 -74.94
C VAL Q 117 38.23 -45.96 -75.87
N ILE Q 118 38.77 -45.72 -77.06
CA ILE Q 118 38.94 -46.75 -78.07
C ILE Q 118 40.44 -47.00 -78.22
N VAL Q 119 40.83 -48.26 -78.06
CA VAL Q 119 42.21 -48.67 -78.28
C VAL Q 119 42.25 -49.33 -79.66
N SER Q 120 42.80 -48.59 -80.63
CA SER Q 120 42.92 -49.06 -82.00
C SER Q 120 44.05 -48.27 -82.63
N SER Q 121 44.55 -48.78 -83.76
CA SER Q 121 45.68 -48.15 -84.43
C SER Q 121 45.22 -46.96 -85.27
N ALA Q 122 44.55 -46.01 -84.59
CA ALA Q 122 44.23 -44.68 -85.09
C ALA Q 122 43.85 -44.65 -86.56
N SER Q 123 44.43 -43.70 -87.30
CA SER Q 123 44.14 -43.50 -88.73
C SER Q 123 42.65 -43.24 -88.97
N THR Q 124 42.17 -42.14 -88.40
CA THR Q 124 40.79 -41.74 -88.61
C THR Q 124 40.54 -41.49 -90.10
N LYS Q 125 39.36 -41.91 -90.55
CA LYS Q 125 39.07 -42.01 -91.97
C LYS Q 125 37.60 -41.73 -92.21
N GLY Q 126 37.29 -41.03 -93.29
CA GLY Q 126 35.91 -40.83 -93.69
C GLY Q 126 35.41 -42.05 -94.42
N PRO Q 127 34.09 -42.26 -94.40
CA PRO Q 127 33.53 -43.50 -94.93
C PRO Q 127 33.37 -43.48 -96.45
N SER Q 128 33.36 -44.68 -97.01
CA SER Q 128 32.98 -44.91 -98.39
C SER Q 128 31.53 -45.38 -98.42
N VAL Q 129 30.70 -44.74 -99.25
CA VAL Q 129 29.26 -44.95 -99.25
C VAL Q 129 28.85 -45.58 -100.58
N PHE Q 130 28.13 -46.69 -100.48
CA PHE Q 130 27.72 -47.49 -101.62
C PHE Q 130 26.22 -47.74 -101.55
N PRO Q 131 25.54 -47.75 -102.69
CA PRO Q 131 24.08 -47.91 -102.68
C PRO Q 131 23.67 -49.37 -102.57
N LEU Q 132 22.44 -49.56 -102.11
CA LEU Q 132 21.83 -50.88 -102.00
C LEU Q 132 20.52 -50.81 -102.76
N ALA Q 133 20.58 -51.18 -104.04
CA ALA Q 133 19.54 -51.02 -105.06
C ALA Q 133 18.44 -52.07 -104.87
N PRO Q 134 17.18 -51.69 -105.09
CA PRO Q 134 16.09 -52.64 -104.96
C PRO Q 134 15.84 -53.42 -106.24
N SER Q 135 15.25 -54.60 -106.07
CA SER Q 135 14.97 -55.50 -107.19
C SER Q 135 13.87 -54.98 -108.11
N GLY Q 142 3.44 -55.78 -100.56
CA GLY Q 142 4.14 -55.62 -101.83
C GLY Q 142 5.10 -54.45 -101.82
N THR Q 143 6.05 -54.49 -100.90
CA THR Q 143 7.01 -53.41 -100.70
C THR Q 143 8.38 -53.79 -101.26
N ALA Q 144 9.26 -52.79 -101.27
CA ALA Q 144 10.64 -52.97 -101.71
C ALA Q 144 11.52 -52.19 -100.76
N ALA Q 145 12.79 -52.60 -100.67
CA ALA Q 145 13.70 -52.03 -99.70
C ALA Q 145 14.99 -51.61 -100.37
N LEU Q 146 15.50 -50.45 -99.96
CA LEU Q 146 16.75 -49.89 -100.44
C LEU Q 146 17.54 -49.40 -99.24
N GLY Q 147 18.80 -49.06 -99.47
CA GLY Q 147 19.59 -48.54 -98.37
C GLY Q 147 20.96 -48.09 -98.81
N CYS Q 148 21.79 -47.80 -97.82
CA CYS Q 148 23.16 -47.39 -98.00
C CYS Q 148 24.09 -48.30 -97.21
N LEU Q 149 25.28 -48.50 -97.75
CA LEU Q 149 26.33 -49.25 -97.08
C LEU Q 149 27.47 -48.28 -96.82
N VAL Q 150 27.75 -48.03 -95.54
CA VAL Q 150 28.77 -47.08 -95.11
C VAL Q 150 29.93 -47.90 -94.57
N LYS Q 151 31.04 -47.90 -95.31
CA LYS Q 151 32.10 -48.88 -95.10
C LYS Q 151 33.45 -48.20 -94.88
N ASP Q 152 34.28 -48.86 -94.07
CA ASP Q 152 35.70 -48.55 -93.91
C ASP Q 152 35.93 -47.11 -93.46
N TYR Q 153 35.41 -46.80 -92.27
CA TYR Q 153 35.62 -45.52 -91.61
C TYR Q 153 36.06 -45.76 -90.18
N PHE Q 154 36.60 -44.71 -89.56
CA PHE Q 154 37.11 -44.80 -88.20
C PHE Q 154 37.28 -43.40 -87.63
N PRO Q 155 36.89 -43.16 -86.37
CA PRO Q 155 36.19 -44.05 -85.44
C PRO Q 155 34.69 -43.87 -85.54
N GLU Q 156 33.93 -44.45 -84.62
CA GLU Q 156 32.52 -44.12 -84.53
C GLU Q 156 32.37 -42.75 -83.88
N PRO Q 157 31.25 -42.06 -84.11
CA PRO Q 157 30.08 -42.49 -84.87
C PRO Q 157 29.95 -41.87 -86.24
N VAL Q 158 29.10 -42.48 -87.07
CA VAL Q 158 28.60 -41.87 -88.29
C VAL Q 158 27.08 -41.81 -88.17
N THR Q 159 26.49 -40.78 -88.77
CA THR Q 159 25.05 -40.58 -88.74
C THR Q 159 24.49 -40.65 -90.16
N VAL Q 160 23.41 -41.40 -90.33
CA VAL Q 160 22.77 -41.58 -91.62
C VAL Q 160 21.32 -41.12 -91.52
N SER Q 161 20.90 -40.29 -92.48
CA SER Q 161 19.54 -39.81 -92.59
C SER Q 161 19.12 -39.86 -94.04
N TRP Q 162 17.83 -40.11 -94.27
CA TRP Q 162 17.29 -40.27 -95.62
C TRP Q 162 16.50 -39.04 -96.04
N ASN Q 163 16.71 -38.63 -97.30
CA ASN Q 163 16.04 -37.47 -97.89
C ASN Q 163 16.15 -36.24 -96.99
N SER Q 164 17.36 -36.02 -96.48
CA SER Q 164 17.66 -34.89 -95.60
C SER Q 164 16.74 -34.84 -94.38
N GLY Q 165 16.35 -36.02 -93.89
CA GLY Q 165 15.50 -36.13 -92.73
C GLY Q 165 14.01 -36.06 -92.97
N ALA Q 166 13.57 -36.00 -94.23
CA ALA Q 166 12.14 -36.04 -94.50
C ALA Q 166 11.59 -37.45 -94.52
N LEU Q 167 12.46 -38.45 -94.62
CA LEU Q 167 12.09 -39.86 -94.59
C LEU Q 167 12.72 -40.48 -93.34
N THR Q 168 11.91 -40.73 -92.33
CA THR Q 168 12.41 -41.28 -91.07
C THR Q 168 11.74 -42.57 -90.64
N SER Q 169 10.45 -42.75 -90.91
CA SER Q 169 9.77 -43.98 -90.57
C SER Q 169 10.12 -45.09 -91.57
N GLY Q 170 10.42 -46.28 -91.04
CA GLY Q 170 10.76 -47.41 -91.86
C GLY Q 170 12.25 -47.64 -92.03
N VAL Q 171 13.07 -46.81 -91.42
CA VAL Q 171 14.51 -46.87 -91.54
C VAL Q 171 15.05 -47.80 -90.46
N HIS Q 172 16.08 -48.56 -90.82
CA HIS Q 172 16.90 -49.26 -89.84
C HIS Q 172 18.34 -48.94 -90.20
N THR Q 173 19.01 -48.21 -89.31
CA THR Q 173 20.44 -48.01 -89.40
C THR Q 173 21.06 -48.96 -88.40
N PHE Q 174 21.83 -49.90 -88.89
CA PHE Q 174 22.27 -50.89 -87.93
C PHE Q 174 23.49 -50.35 -87.17
N PRO Q 175 23.71 -50.81 -85.94
CA PRO Q 175 24.92 -50.40 -85.25
C PRO Q 175 26.14 -50.86 -86.03
N ALA Q 176 27.21 -50.09 -85.93
CA ALA Q 176 28.39 -50.41 -86.72
C ALA Q 176 29.04 -51.68 -86.22
N VAL Q 177 29.76 -52.35 -87.11
CA VAL Q 177 30.53 -53.53 -86.79
C VAL Q 177 31.97 -53.24 -87.13
N LEU Q 178 32.88 -53.73 -86.31
CA LEU Q 178 34.31 -53.58 -86.55
C LEU Q 178 34.78 -54.79 -87.35
N GLN Q 179 35.16 -54.57 -88.60
CA GLN Q 179 35.67 -55.69 -89.38
C GLN Q 179 37.18 -55.80 -89.20
N SER Q 180 37.71 -56.95 -89.61
CA SER Q 180 39.09 -57.32 -89.31
C SER Q 180 40.12 -56.26 -89.70
N SER Q 181 39.79 -55.37 -90.64
CA SER Q 181 40.72 -54.32 -91.02
C SER Q 181 40.98 -53.29 -89.92
N GLY Q 182 40.21 -53.33 -88.83
CA GLY Q 182 40.34 -52.33 -87.79
C GLY Q 182 39.54 -51.07 -88.05
N LEU Q 183 38.73 -51.06 -89.10
CA LEU Q 183 37.83 -49.98 -89.45
C LEU Q 183 36.41 -50.36 -89.11
N TYR Q 184 35.53 -49.36 -89.05
CA TYR Q 184 34.13 -49.60 -88.76
C TYR Q 184 33.33 -49.53 -90.05
N SER Q 185 32.22 -50.27 -90.10
CA SER Q 185 31.30 -50.20 -91.21
C SER Q 185 29.90 -50.54 -90.73
N LEU Q 186 28.91 -49.90 -91.33
CA LEU Q 186 27.52 -50.19 -91.05
C LEU Q 186 26.71 -50.03 -92.33
N SER Q 187 25.41 -50.29 -92.25
CA SER Q 187 24.50 -50.07 -93.36
C SER Q 187 23.17 -49.56 -92.81
N SER Q 188 22.55 -48.64 -93.54
CA SER Q 188 21.26 -48.08 -93.18
C SER Q 188 20.28 -48.43 -94.28
N VAL Q 189 19.21 -49.14 -93.94
CA VAL Q 189 18.23 -49.58 -94.92
C VAL Q 189 16.86 -49.01 -94.55
N VAL Q 190 16.04 -48.79 -95.58
CA VAL Q 190 14.67 -48.33 -95.41
C VAL Q 190 13.78 -49.13 -96.35
N THR Q 191 12.55 -49.37 -95.92
CA THR Q 191 11.54 -49.96 -96.79
C THR Q 191 10.58 -48.89 -97.29
N VAL Q 192 10.26 -48.95 -98.57
CA VAL Q 192 9.36 -48.00 -99.21
C VAL Q 192 8.33 -48.79 -100.01
N PRO Q 193 7.14 -48.24 -100.26
CA PRO Q 193 6.21 -48.92 -101.17
C PRO Q 193 6.84 -49.15 -102.53
N SER Q 194 6.77 -50.40 -103.01
CA SER Q 194 7.40 -50.77 -104.27
C SER Q 194 6.83 -49.99 -105.44
N SER Q 195 5.61 -49.46 -105.32
CA SER Q 195 4.99 -48.72 -106.41
C SER Q 195 5.63 -47.37 -106.65
N SER Q 196 6.28 -46.77 -105.65
CA SER Q 196 6.81 -45.43 -105.75
C SER Q 196 8.29 -45.36 -106.13
N LEU Q 197 8.94 -46.48 -106.42
CA LEU Q 197 10.32 -46.43 -106.88
C LEU Q 197 10.37 -45.89 -108.30
N GLY Q 198 11.21 -44.87 -108.52
CA GLY Q 198 11.22 -44.11 -109.74
C GLY Q 198 10.32 -42.90 -109.73
N THR Q 199 9.39 -42.84 -108.77
CA THR Q 199 8.57 -41.66 -108.52
C THR Q 199 9.21 -40.79 -107.43
N GLN Q 200 9.66 -41.42 -106.36
CA GLN Q 200 10.26 -40.74 -105.21
C GLN Q 200 11.77 -40.94 -105.22
N THR Q 201 12.50 -39.83 -105.10
CA THR Q 201 13.95 -39.89 -105.01
C THR Q 201 14.37 -40.24 -103.59
N TYR Q 202 15.39 -41.10 -103.47
CA TYR Q 202 15.89 -41.51 -102.17
C TYR Q 202 17.37 -41.19 -102.10
N ILE Q 203 17.74 -40.33 -101.14
CA ILE Q 203 19.12 -39.93 -100.90
C ILE Q 203 19.42 -40.17 -99.44
N CYS Q 204 20.53 -40.82 -99.14
CA CYS Q 204 20.96 -41.01 -97.77
C CYS Q 204 22.10 -40.07 -97.47
N ASN Q 205 22.00 -39.35 -96.36
CA ASN Q 205 23.01 -38.40 -95.95
C ASN Q 205 23.89 -39.06 -94.89
N VAL Q 206 25.17 -39.22 -95.21
CA VAL Q 206 26.13 -39.87 -94.33
C VAL Q 206 27.03 -38.77 -93.76
N ASN Q 207 27.20 -38.77 -92.44
CA ASN Q 207 27.91 -37.71 -91.77
C ASN Q 207 28.85 -38.30 -90.73
N HIS Q 208 30.14 -38.08 -90.93
CA HIS Q 208 31.19 -38.48 -90.01
C HIS Q 208 31.75 -37.20 -89.40
N LYS Q 209 31.66 -37.07 -88.09
CA LYS Q 209 32.18 -35.86 -87.45
C LYS Q 209 33.70 -35.83 -87.30
N PRO Q 210 34.37 -36.94 -86.88
CA PRO Q 210 35.84 -36.89 -86.70
C PRO Q 210 36.60 -36.27 -87.87
N SER Q 211 36.41 -36.81 -89.06
CA SER Q 211 36.86 -36.16 -90.29
C SER Q 211 35.65 -35.51 -90.94
N ASN Q 212 35.81 -34.27 -91.42
CA ASN Q 212 34.65 -33.54 -91.91
C ASN Q 212 34.31 -34.10 -93.28
N THR Q 213 33.59 -35.22 -93.25
CA THR Q 213 33.10 -35.92 -94.43
C THR Q 213 31.59 -35.98 -94.35
N LYS Q 214 30.91 -35.20 -95.21
CA LYS Q 214 29.47 -35.32 -95.40
C LYS Q 214 29.24 -35.74 -96.83
N VAL Q 215 28.78 -36.98 -97.02
CA VAL Q 215 28.55 -37.57 -98.33
C VAL Q 215 27.04 -37.71 -98.54
N ASP Q 216 26.57 -37.30 -99.71
CA ASP Q 216 25.16 -37.35 -100.07
C ASP Q 216 25.05 -38.21 -101.32
N LYS Q 217 24.59 -39.46 -101.15
CA LYS Q 217 24.60 -40.43 -102.23
C LYS Q 217 23.17 -40.84 -102.57
N ARG Q 218 22.85 -40.88 -103.86
CA ARG Q 218 21.55 -41.22 -104.38
C ARG Q 218 21.50 -42.69 -104.83
N VAL Q 219 20.37 -43.34 -104.60
CA VAL Q 219 20.16 -44.73 -104.98
C VAL Q 219 19.18 -44.81 -106.15
N GLU Q 220 19.47 -45.69 -107.10
CA GLU Q 220 18.69 -45.81 -108.33
C GLU Q 220 18.44 -47.28 -108.63
N PRO Q 221 17.18 -47.69 -108.87
CA PRO Q 221 16.88 -49.06 -109.26
C PRO Q 221 17.41 -49.40 -110.65
N GLU R 1 37.18 -65.13 -57.59
CA GLU R 1 36.76 -66.50 -57.32
C GLU R 1 35.31 -66.56 -56.83
N ILE R 2 34.65 -65.41 -56.82
CA ILE R 2 33.21 -65.35 -56.64
C ILE R 2 32.60 -65.04 -58.00
N VAL R 3 31.68 -65.89 -58.45
CA VAL R 3 31.13 -65.80 -59.79
C VAL R 3 29.65 -65.53 -59.65
N MET R 4 29.17 -64.45 -60.28
CA MET R 4 27.77 -64.08 -60.28
C MET R 4 27.18 -64.41 -61.64
N THR R 5 26.10 -65.19 -61.64
CA THR R 5 25.53 -65.74 -62.87
C THR R 5 24.06 -65.38 -62.92
N GLN R 6 23.68 -64.51 -63.86
CA GLN R 6 22.28 -64.19 -64.07
C GLN R 6 21.63 -65.42 -64.71
N SER R 7 20.42 -65.77 -64.24
CA SER R 7 19.91 -67.11 -64.57
C SER R 7 19.60 -67.24 -66.05
N PRO R 8 18.64 -66.50 -66.63
CA PRO R 8 18.69 -66.33 -68.09
C PRO R 8 19.46 -65.07 -68.46
N VAL R 9 20.26 -65.17 -69.54
CA VAL R 9 20.92 -63.97 -70.05
C VAL R 9 19.90 -63.06 -70.72
N THR R 10 18.87 -63.62 -71.33
CA THR R 10 17.78 -62.85 -71.91
C THR R 10 16.48 -63.30 -71.25
N LEU R 11 15.58 -62.36 -71.02
CA LEU R 11 14.31 -62.65 -70.38
C LEU R 11 13.23 -61.88 -71.13
N SER R 12 12.15 -62.57 -71.48
CA SER R 12 11.11 -62.02 -72.34
C SER R 12 9.78 -62.06 -71.61
N VAL R 13 9.24 -60.88 -71.30
CA VAL R 13 7.98 -60.76 -70.59
C VAL R 13 7.15 -59.67 -71.25
N SER R 14 5.85 -59.92 -71.36
CA SER R 14 4.95 -58.93 -71.94
C SER R 14 4.83 -57.71 -71.02
N PRO R 15 4.64 -56.53 -71.58
CA PRO R 15 4.43 -55.34 -70.74
C PRO R 15 3.24 -55.56 -69.81
N GLY R 16 3.40 -55.12 -68.56
CA GLY R 16 2.35 -55.28 -67.57
C GLY R 16 2.42 -56.57 -66.77
N GLU R 17 3.23 -57.54 -67.20
CA GLU R 17 3.34 -58.82 -66.54
C GLU R 17 4.46 -58.75 -65.50
N ARG R 18 4.62 -59.82 -64.72
CA ARG R 18 5.65 -59.86 -63.71
C ARG R 18 6.96 -60.36 -64.32
N ALA R 19 8.06 -59.77 -63.88
CA ALA R 19 9.39 -60.26 -64.21
C ALA R 19 10.15 -60.51 -62.91
N THR R 20 10.87 -61.63 -62.87
CA THR R 20 11.68 -61.97 -61.71
C THR R 20 13.06 -62.35 -62.25
N LEU R 21 14.00 -61.44 -62.07
CA LEU R 21 15.39 -61.70 -62.42
C LEU R 21 16.05 -62.45 -61.26
N SER R 22 16.94 -63.38 -61.58
CA SER R 22 17.62 -64.15 -60.56
C SER R 22 19.12 -63.97 -60.67
N CYS R 23 19.79 -64.04 -59.51
CA CYS R 23 21.23 -63.92 -59.40
C CYS R 23 21.71 -64.99 -58.43
N ARG R 24 22.77 -65.69 -58.82
CA ARG R 24 23.33 -66.79 -58.05
C ARG R 24 24.81 -66.54 -57.88
N ALA R 25 25.32 -66.78 -56.67
CA ALA R 25 26.72 -66.55 -56.34
C ALA R 25 27.43 -67.88 -56.18
N SER R 26 28.65 -67.96 -56.69
CA SER R 26 29.43 -69.20 -56.60
C SER R 26 29.74 -69.57 -55.15
N GLN R 27 29.66 -68.61 -54.24
CA GLN R 27 29.81 -68.87 -52.83
C GLN R 27 29.08 -67.75 -52.09
N SER R 28 28.76 -68.01 -50.83
CA SER R 28 27.88 -67.12 -50.09
C SER R 28 28.41 -65.69 -50.06
N VAL R 29 27.66 -64.77 -50.68
CA VAL R 29 27.89 -63.35 -50.44
C VAL R 29 26.98 -62.82 -49.34
N GLY R 30 26.16 -63.70 -48.77
CA GLY R 30 25.29 -63.41 -47.65
C GLY R 30 24.24 -62.34 -47.90
N ASN R 31 24.37 -61.24 -47.16
CA ASN R 31 23.47 -60.09 -47.23
C ASN R 31 23.79 -59.07 -48.31
N ASN R 32 25.00 -59.09 -48.87
CA ASN R 32 25.54 -57.93 -49.59
C ASN R 32 25.37 -58.08 -51.09
N LEU R 33 24.23 -57.60 -51.60
CA LEU R 33 23.95 -57.63 -53.03
C LEU R 33 23.32 -56.32 -53.48
N ALA R 34 23.65 -55.92 -54.71
CA ALA R 34 23.06 -54.75 -55.34
C ALA R 34 22.58 -55.12 -56.73
N TRP R 35 21.51 -54.46 -57.15
CA TRP R 35 20.92 -54.64 -58.49
C TRP R 35 20.96 -53.32 -59.24
N TYR R 36 21.43 -53.35 -60.48
CA TYR R 36 21.50 -52.15 -61.30
C TYR R 36 20.72 -52.32 -62.59
N GLN R 37 20.10 -51.23 -63.02
CA GLN R 37 19.47 -51.11 -64.32
C GLN R 37 20.37 -50.29 -65.24
N HIS R 38 20.50 -50.74 -66.49
CA HIS R 38 21.36 -50.05 -67.46
C HIS R 38 20.61 -49.96 -68.78
N LYS R 39 20.06 -48.79 -69.06
CA LYS R 39 19.45 -48.54 -70.36
C LYS R 39 20.51 -48.05 -71.34
N PRO R 40 20.42 -48.50 -72.59
CA PRO R 40 21.39 -48.05 -73.61
C PRO R 40 21.39 -46.53 -73.75
N GLY R 41 22.58 -45.94 -73.59
CA GLY R 41 22.78 -44.51 -73.73
C GLY R 41 23.01 -43.79 -72.43
N GLN R 42 22.79 -44.43 -71.28
CA GLN R 42 22.98 -43.82 -69.98
C GLN R 42 23.90 -44.67 -69.11
N ALA R 43 24.34 -44.06 -68.02
CA ALA R 43 25.06 -44.79 -67.00
C ALA R 43 24.13 -45.69 -66.21
N PRO R 44 24.64 -46.77 -65.64
CA PRO R 44 23.80 -47.65 -64.82
C PRO R 44 23.20 -46.92 -63.62
N ARG R 45 22.03 -47.38 -63.21
CA ARG R 45 21.34 -46.90 -62.02
C ARG R 45 21.42 -47.95 -60.93
N LEU R 46 21.55 -47.54 -59.68
CA LEU R 46 21.44 -48.47 -58.58
C LEU R 46 19.97 -48.64 -58.22
N LEU R 47 19.48 -49.89 -58.22
CA LEU R 47 18.09 -50.17 -57.92
C LEU R 47 17.89 -50.71 -56.51
N ILE R 48 18.63 -51.76 -56.17
CA ILE R 48 18.50 -52.44 -54.90
C ILE R 48 19.86 -52.47 -54.24
N TYR R 49 19.88 -52.30 -52.92
CA TYR R 49 21.10 -52.36 -52.14
C TYR R 49 20.78 -53.04 -50.82
N ASP R 50 21.79 -53.72 -50.27
CA ASP R 50 21.64 -54.70 -49.19
C ASP R 50 20.73 -55.86 -49.59
N ALA R 51 20.40 -55.96 -50.88
CA ALA R 51 19.67 -57.04 -51.53
C ALA R 51 18.18 -57.03 -51.21
N SER R 52 17.72 -56.13 -50.34
CA SER R 52 16.29 -56.04 -50.05
C SER R 52 15.74 -54.64 -50.21
N THR R 53 16.56 -53.61 -49.99
CA THR R 53 16.07 -52.25 -49.80
C THR R 53 16.25 -51.42 -51.07
N ARG R 54 15.20 -50.70 -51.44
CA ARG R 54 15.20 -49.88 -52.65
C ARG R 54 15.93 -48.56 -52.46
N ALA R 55 16.71 -48.18 -53.48
CA ALA R 55 17.24 -46.83 -53.54
C ALA R 55 16.11 -45.84 -53.75
N THR R 56 16.09 -44.77 -52.95
CA THR R 56 15.02 -43.79 -53.05
C THR R 56 15.08 -43.10 -54.40
N GLY R 57 13.91 -42.91 -55.01
CA GLY R 57 13.80 -42.38 -56.35
C GLY R 57 13.39 -43.41 -57.37
N ILE R 58 13.43 -44.69 -57.02
CA ILE R 58 13.08 -45.76 -57.94
C ILE R 58 11.70 -46.29 -57.55
N PRO R 59 10.86 -46.65 -58.50
CA PRO R 59 9.47 -46.98 -58.19
C PRO R 59 9.33 -48.25 -57.38
N GLY R 60 8.17 -48.36 -56.74
CA GLY R 60 7.86 -49.48 -55.86
C GLY R 60 7.68 -50.81 -56.55
N ARG R 61 7.54 -50.83 -57.88
CA ARG R 61 7.42 -52.13 -58.55
C ARG R 61 8.70 -52.95 -58.45
N PHE R 62 9.82 -52.33 -58.12
CA PHE R 62 11.07 -53.06 -57.97
C PHE R 62 11.14 -53.67 -56.57
N SER R 63 11.69 -54.88 -56.50
CA SER R 63 11.70 -55.64 -55.26
C SER R 63 12.91 -56.57 -55.24
N GLY R 64 13.27 -57.00 -54.03
CA GLY R 64 14.46 -57.81 -53.90
C GLY R 64 14.45 -58.80 -52.75
N SER R 65 14.79 -60.05 -53.04
CA SER R 65 15.05 -61.08 -52.05
C SER R 65 16.54 -61.42 -52.10
N GLY R 66 16.94 -62.40 -51.29
CA GLY R 66 18.35 -62.48 -50.93
C GLY R 66 18.68 -63.45 -49.82
N SER R 67 19.46 -62.98 -48.85
CA SER R 67 19.87 -63.78 -47.69
C SER R 67 20.62 -65.06 -48.08
N GLY R 68 21.77 -64.87 -48.72
CA GLY R 68 22.68 -65.97 -48.98
C GLY R 68 23.24 -66.05 -50.39
N THR R 69 22.99 -67.15 -51.10
CA THR R 69 23.43 -67.28 -52.48
C THR R 69 22.28 -67.23 -53.47
N GLU R 70 21.05 -67.47 -53.02
CA GLU R 70 19.86 -67.13 -53.77
C GLU R 70 19.67 -65.63 -53.81
N PHE R 71 19.32 -65.08 -54.97
CA PHE R 71 18.97 -63.68 -55.06
C PHE R 71 17.96 -63.46 -56.19
N THR R 72 16.98 -62.58 -55.93
CA THR R 72 15.92 -62.32 -56.89
C THR R 72 15.62 -60.83 -56.98
N LEU R 73 15.53 -60.32 -58.20
CA LEU R 73 14.97 -59.00 -58.49
C LEU R 73 13.64 -59.21 -59.20
N THR R 74 12.56 -58.68 -58.62
CA THR R 74 11.24 -58.83 -59.19
C THR R 74 10.64 -57.45 -59.48
N ILE R 75 10.25 -57.23 -60.73
CA ILE R 75 9.53 -56.04 -61.14
C ILE R 75 8.09 -56.44 -61.37
N SER R 76 7.19 -56.03 -60.49
CA SER R 76 5.77 -56.26 -60.71
C SER R 76 5.24 -55.31 -61.77
N SER R 77 4.60 -55.85 -62.80
CA SER R 77 3.99 -55.07 -63.87
C SER R 77 4.99 -54.10 -64.48
N LEU R 78 6.05 -54.66 -65.06
CA LEU R 78 7.08 -53.83 -65.68
C LEU R 78 6.50 -53.08 -66.87
N GLN R 79 6.97 -51.84 -67.05
CA GLN R 79 6.42 -50.93 -68.04
C GLN R 79 7.41 -50.78 -69.20
N SER R 80 7.06 -49.91 -70.14
CA SER R 80 7.91 -49.71 -71.30
C SER R 80 9.30 -49.26 -70.89
N GLU R 81 9.37 -48.39 -69.88
CA GLU R 81 10.65 -47.92 -69.36
C GLU R 81 11.50 -49.06 -68.82
N ASP R 82 10.87 -50.10 -68.30
CA ASP R 82 11.58 -51.11 -67.50
C ASP R 82 12.35 -52.13 -68.35
N PHE R 83 12.35 -52.01 -69.67
CA PHE R 83 13.06 -52.97 -70.52
C PHE R 83 14.48 -52.46 -70.75
N ALA R 84 15.44 -53.16 -70.16
CA ALA R 84 16.86 -52.82 -70.24
C ALA R 84 17.65 -54.02 -69.72
N VAL R 85 18.96 -53.85 -69.63
CA VAL R 85 19.83 -54.84 -69.00
C VAL R 85 19.84 -54.58 -67.49
N TYR R 86 19.91 -55.66 -66.70
CA TYR R 86 20.00 -55.56 -65.25
C TYR R 86 21.17 -56.39 -64.78
N TYR R 87 22.08 -55.76 -64.04
CA TYR R 87 23.23 -56.44 -63.45
C TYR R 87 23.02 -56.61 -61.96
N CYS R 88 23.47 -57.74 -61.42
CA CYS R 88 23.60 -57.91 -59.98
C CYS R 88 25.06 -57.77 -59.59
N GLN R 89 25.30 -57.51 -58.30
CA GLN R 89 26.64 -57.16 -57.85
C GLN R 89 26.89 -57.69 -56.46
N GLU R 90 28.01 -58.40 -56.27
CA GLU R 90 28.46 -58.82 -54.95
C GLU R 90 29.41 -57.77 -54.39
N TYR R 91 29.21 -57.39 -53.13
CA TYR R 91 30.18 -56.52 -52.47
C TYR R 91 30.48 -56.91 -51.01
N ASN R 92 30.36 -58.19 -50.64
CA ASN R 92 30.61 -58.49 -49.23
C ASN R 92 32.08 -58.40 -48.87
N ASN R 93 32.97 -58.41 -49.85
CA ASN R 93 34.31 -57.88 -49.70
C ASN R 93 34.25 -56.49 -50.28
N TRP R 94 34.67 -55.49 -49.52
CA TRP R 94 34.22 -54.17 -49.91
C TRP R 94 35.34 -53.23 -49.51
N PRO R 95 35.83 -52.37 -50.41
CA PRO R 95 35.21 -51.89 -51.67
C PRO R 95 35.45 -52.72 -52.94
N ARG R 96 35.38 -54.04 -52.88
CA ARG R 96 35.70 -54.93 -53.99
C ARG R 96 34.42 -55.51 -54.57
N TYR R 97 34.23 -55.37 -55.88
CA TYR R 97 32.99 -55.80 -56.50
C TYR R 97 33.19 -56.91 -57.52
N THR R 98 32.10 -57.62 -57.76
CA THR R 98 31.97 -58.51 -58.91
C THR R 98 30.55 -58.35 -59.42
N PHE R 99 30.42 -57.95 -60.69
CA PHE R 99 29.15 -57.91 -61.36
C PHE R 99 28.78 -59.31 -61.83
N GLY R 100 27.56 -59.43 -62.35
CA GLY R 100 27.19 -60.59 -63.12
C GLY R 100 27.32 -60.25 -64.60
N GLN R 101 27.13 -61.27 -65.43
CA GLN R 101 27.27 -61.03 -66.86
C GLN R 101 26.18 -60.10 -67.37
N GLY R 102 25.07 -60.01 -66.67
CA GLY R 102 23.94 -59.22 -67.07
C GLY R 102 22.81 -60.07 -67.61
N ALA R 103 21.62 -59.46 -67.62
CA ALA R 103 20.43 -60.13 -68.14
C ALA R 103 19.59 -59.09 -68.86
N LYS R 104 19.46 -59.25 -70.17
CA LYS R 104 18.60 -58.38 -70.95
C LYS R 104 17.15 -58.74 -70.70
N LEU R 105 16.29 -57.73 -70.68
CA LEU R 105 14.86 -57.92 -70.47
C LEU R 105 14.15 -57.29 -71.66
N GLU R 106 13.63 -58.14 -72.54
CA GLU R 106 13.09 -57.72 -73.82
C GLU R 106 11.57 -57.82 -73.80
N ILE R 107 10.92 -56.99 -74.61
CA ILE R 107 9.49 -57.11 -74.82
C ILE R 107 9.22 -58.41 -75.57
N ARG R 108 8.30 -59.21 -75.06
CA ARG R 108 7.90 -60.43 -75.74
C ARG R 108 6.58 -60.17 -76.46
N ARG R 109 6.51 -60.60 -77.72
CA ARG R 109 5.32 -60.47 -78.53
C ARG R 109 5.19 -61.74 -79.37
N THR R 110 4.17 -61.79 -80.21
CA THR R 110 3.95 -62.99 -80.98
C THR R 110 4.94 -63.08 -82.14
N VAL R 111 5.15 -64.33 -82.59
CA VAL R 111 6.14 -64.60 -83.62
C VAL R 111 5.85 -63.80 -84.88
N ALA R 112 6.91 -63.23 -85.45
CA ALA R 112 6.83 -62.48 -86.69
C ALA R 112 7.94 -62.97 -87.62
N ALA R 113 7.57 -63.37 -88.82
CA ALA R 113 8.57 -63.86 -89.76
C ALA R 113 9.35 -62.70 -90.37
N PRO R 114 10.62 -62.91 -90.73
CA PRO R 114 11.40 -61.83 -91.32
C PRO R 114 11.07 -61.62 -92.79
N SER R 115 11.11 -60.35 -93.20
CA SER R 115 11.13 -60.02 -94.62
C SER R 115 12.59 -60.04 -95.05
N VAL R 116 12.90 -60.86 -96.05
CA VAL R 116 14.27 -61.12 -96.48
C VAL R 116 14.50 -60.37 -97.79
N PHE R 117 15.56 -59.58 -97.84
CA PHE R 117 16.01 -58.95 -99.06
C PHE R 117 17.50 -59.14 -99.21
N ILE R 118 17.95 -59.19 -100.45
CA ILE R 118 19.36 -59.35 -100.79
C ILE R 118 19.74 -58.25 -101.77
N PHE R 119 20.97 -57.76 -101.64
CA PHE R 119 21.44 -56.65 -102.44
C PHE R 119 22.79 -57.04 -103.02
N PRO R 120 22.99 -56.90 -104.32
CA PRO R 120 24.31 -57.17 -104.88
C PRO R 120 25.22 -55.99 -104.62
N PRO R 121 26.54 -56.18 -104.72
CA PRO R 121 27.43 -55.04 -104.53
C PRO R 121 27.20 -53.99 -105.61
N SER R 122 27.57 -52.77 -105.30
CA SER R 122 27.41 -51.71 -106.29
C SER R 122 28.56 -51.76 -107.28
N ASP R 123 28.32 -51.17 -108.45
CA ASP R 123 29.40 -51.01 -109.41
C ASP R 123 30.48 -50.09 -108.85
N GLU R 124 30.08 -49.11 -108.03
CA GLU R 124 31.04 -48.25 -107.35
C GLU R 124 31.95 -49.05 -106.43
N GLN R 125 31.47 -50.16 -105.87
CA GLN R 125 32.33 -50.98 -105.04
C GLN R 125 33.30 -51.82 -105.86
N LEU R 126 32.84 -52.28 -107.02
CA LEU R 126 33.62 -53.27 -107.76
C LEU R 126 34.84 -52.67 -108.44
N LYS R 127 34.81 -51.37 -108.74
CA LYS R 127 36.03 -50.73 -109.23
C LYS R 127 36.94 -50.26 -108.10
N SER R 128 36.46 -50.26 -106.85
CA SER R 128 37.37 -50.02 -105.73
C SER R 128 38.17 -51.25 -105.34
N GLY R 129 37.73 -52.45 -105.73
CA GLY R 129 38.48 -53.68 -105.53
C GLY R 129 37.73 -54.76 -104.77
N THR R 130 36.76 -54.39 -103.95
CA THR R 130 36.06 -55.36 -103.14
C THR R 130 34.58 -55.40 -103.47
N ALA R 131 33.94 -56.50 -103.06
CA ALA R 131 32.50 -56.70 -103.22
C ALA R 131 31.88 -57.01 -101.87
N SER R 132 30.73 -56.42 -101.59
CA SER R 132 30.03 -56.61 -100.33
C SER R 132 28.58 -56.99 -100.64
N VAL R 133 28.20 -58.22 -100.32
CA VAL R 133 26.85 -58.72 -100.54
C VAL R 133 26.12 -58.69 -99.22
N VAL R 134 24.99 -57.98 -99.16
CA VAL R 134 24.26 -57.78 -97.91
C VAL R 134 22.89 -58.46 -98.05
N CYS R 135 22.52 -59.22 -97.02
CA CYS R 135 21.24 -59.89 -96.92
C CYS R 135 20.60 -59.43 -95.62
N LEU R 136 19.37 -58.89 -95.70
CA LEU R 136 18.75 -58.30 -94.53
C LEU R 136 17.46 -59.04 -94.18
N LEU R 137 17.26 -59.24 -92.89
CA LEU R 137 16.04 -59.79 -92.31
C LEU R 137 15.29 -58.66 -91.62
N ASN R 138 14.02 -58.49 -91.96
CA ASN R 138 13.28 -57.30 -91.57
C ASN R 138 12.09 -57.66 -90.71
N ASN R 139 11.94 -56.96 -89.59
CA ASN R 139 10.76 -57.00 -88.74
C ASN R 139 10.38 -58.43 -88.37
N PHE R 140 11.29 -59.11 -87.69
CA PHE R 140 11.05 -60.48 -87.23
C PHE R 140 11.13 -60.55 -85.72
N TYR R 141 10.54 -61.61 -85.17
CA TYR R 141 10.68 -61.91 -83.76
C TYR R 141 10.30 -63.36 -83.57
N PRO R 142 11.00 -64.13 -82.72
CA PRO R 142 12.10 -63.72 -81.82
C PRO R 142 13.39 -63.43 -82.56
N ARG R 143 14.42 -62.99 -81.84
CA ARG R 143 15.66 -62.60 -82.49
C ARG R 143 16.39 -63.80 -83.08
N GLU R 144 16.22 -64.97 -82.47
CA GLU R 144 16.93 -66.15 -82.95
C GLU R 144 16.63 -66.36 -84.42
N ALA R 145 17.66 -66.24 -85.24
CA ALA R 145 17.57 -66.34 -86.68
C ALA R 145 18.90 -66.84 -87.18
N LYS R 146 18.88 -67.53 -88.30
CA LYS R 146 20.09 -68.10 -88.85
C LYS R 146 20.20 -67.62 -90.29
N VAL R 147 21.35 -67.03 -90.61
CA VAL R 147 21.60 -66.46 -91.91
C VAL R 147 22.82 -67.19 -92.43
N GLN R 148 22.67 -67.84 -93.57
CA GLN R 148 23.72 -68.66 -94.09
C GLN R 148 23.98 -68.26 -95.53
N TRP R 149 25.25 -68.19 -95.91
CA TRP R 149 25.61 -67.77 -97.26
C TRP R 149 26.03 -69.01 -98.04
N LYS R 150 25.48 -69.17 -99.24
CA LYS R 150 25.87 -70.24 -100.13
C LYS R 150 26.19 -69.63 -101.48
N VAL R 151 27.41 -69.82 -101.95
CA VAL R 151 27.87 -69.29 -103.22
C VAL R 151 28.10 -70.47 -104.13
N ASP R 152 27.26 -70.63 -105.14
CA ASP R 152 27.21 -71.84 -105.97
C ASP R 152 27.06 -73.07 -105.08
N ASN R 153 26.15 -72.98 -104.12
CA ASN R 153 25.83 -74.02 -103.14
C ASN R 153 27.01 -74.34 -102.22
N ALA R 154 28.09 -73.57 -102.28
CA ALA R 154 29.23 -73.72 -101.37
C ALA R 154 28.94 -72.96 -100.09
N LEU R 155 28.74 -73.68 -99.00
CA LEU R 155 28.46 -73.03 -97.72
C LEU R 155 29.64 -72.17 -97.29
N GLN R 156 29.38 -70.89 -97.08
CA GLN R 156 30.41 -69.93 -96.71
C GLN R 156 30.56 -69.85 -95.20
N SER R 157 31.78 -69.53 -94.75
CA SER R 157 32.08 -69.44 -93.33
C SER R 157 33.28 -68.54 -93.13
N GLY R 158 33.23 -67.73 -92.07
CA GLY R 158 34.33 -66.86 -91.72
C GLY R 158 34.49 -65.64 -92.59
N ASN R 159 33.51 -65.33 -93.44
CA ASN R 159 33.59 -64.15 -94.28
C ASN R 159 32.27 -63.36 -94.32
N SER R 160 31.39 -63.56 -93.35
CA SER R 160 30.17 -62.77 -93.21
C SER R 160 30.12 -62.12 -91.83
N GLN R 161 29.58 -60.91 -91.77
CA GLN R 161 29.31 -60.21 -90.53
C GLN R 161 27.82 -59.91 -90.44
N GLU R 162 27.20 -60.26 -89.31
CA GLU R 162 25.80 -59.96 -89.08
C GLU R 162 25.68 -59.00 -87.91
N SER R 163 24.74 -58.06 -88.03
CA SER R 163 24.46 -57.11 -86.96
C SER R 163 22.95 -56.94 -86.84
N VAL R 164 22.48 -56.77 -85.60
CA VAL R 164 21.07 -56.72 -85.29
C VAL R 164 20.70 -55.31 -84.89
N THR R 165 19.43 -54.96 -85.09
CA THR R 165 18.92 -53.66 -84.69
C THR R 165 18.24 -53.75 -83.33
N GLU R 166 18.06 -52.59 -82.72
CA GLU R 166 17.34 -52.50 -81.45
C GLU R 166 15.88 -52.87 -81.66
N GLN R 167 15.27 -53.42 -80.61
CA GLN R 167 13.86 -53.79 -80.68
C GLN R 167 13.03 -52.54 -80.94
N ASP R 168 12.25 -52.57 -82.02
CA ASP R 168 11.58 -51.37 -82.50
C ASP R 168 10.53 -50.91 -81.49
N SER R 169 10.42 -49.58 -81.35
CA SER R 169 9.57 -49.00 -80.32
C SER R 169 8.10 -49.36 -80.49
N LYS R 170 7.58 -49.31 -81.72
CA LYS R 170 6.13 -49.53 -81.89
C LYS R 170 5.77 -51.01 -81.93
N ASP R 171 6.49 -51.80 -82.72
CA ASP R 171 6.06 -53.17 -83.00
C ASP R 171 6.92 -54.23 -82.32
N SER R 172 8.02 -53.86 -81.69
CA SER R 172 8.84 -54.78 -80.88
C SER R 172 9.45 -55.91 -81.70
N THR R 173 9.79 -55.66 -82.96
CA THR R 173 10.45 -56.67 -83.79
C THR R 173 11.92 -56.35 -83.92
N TYR R 174 12.65 -57.24 -84.59
CA TYR R 174 14.06 -57.06 -84.85
C TYR R 174 14.31 -56.96 -86.35
N SER R 175 15.45 -56.38 -86.69
CA SER R 175 15.98 -56.39 -88.04
C SER R 175 17.46 -56.73 -87.98
N LEU R 176 17.93 -57.48 -88.96
CA LEU R 176 19.31 -57.94 -88.97
C LEU R 176 19.84 -57.87 -90.39
N SER R 177 21.13 -57.58 -90.52
CA SER R 177 21.81 -57.56 -91.80
C SER R 177 23.11 -58.34 -91.67
N SER R 178 23.25 -59.40 -92.45
CA SER R 178 24.52 -60.10 -92.58
C SER R 178 25.18 -59.67 -93.88
N THR R 179 26.46 -59.34 -93.82
CA THR R 179 27.19 -58.85 -94.97
C THR R 179 28.32 -59.80 -95.29
N LEU R 180 28.30 -60.37 -96.49
CA LEU R 180 29.37 -61.22 -96.98
C LEU R 180 30.34 -60.36 -97.77
N THR R 181 31.62 -60.40 -97.38
CA THR R 181 32.64 -59.59 -98.03
C THR R 181 33.61 -60.50 -98.78
N LEU R 182 33.76 -60.25 -100.07
CA LEU R 182 34.76 -60.89 -100.91
C LEU R 182 35.55 -59.81 -101.63
N SER R 183 36.66 -60.20 -102.23
CA SER R 183 37.37 -59.32 -103.13
C SER R 183 36.75 -59.41 -104.52
N LYS R 184 37.06 -58.41 -105.36
CA LYS R 184 36.61 -58.45 -106.75
C LYS R 184 37.08 -59.73 -107.44
N ALA R 185 38.29 -60.18 -107.11
CA ALA R 185 38.82 -61.41 -107.69
C ALA R 185 37.96 -62.62 -107.35
N ASP R 186 37.56 -62.74 -106.09
CA ASP R 186 36.73 -63.88 -105.70
C ASP R 186 35.28 -63.71 -106.14
N TYR R 187 34.79 -62.48 -106.23
CA TYR R 187 33.40 -62.25 -106.66
C TYR R 187 33.18 -62.65 -108.10
N GLU R 188 34.17 -62.45 -108.97
CA GLU R 188 34.05 -62.80 -110.38
C GLU R 188 33.98 -64.31 -110.59
N LYS R 189 34.53 -65.10 -109.66
CA LYS R 189 34.64 -66.54 -109.85
C LYS R 189 33.27 -67.21 -109.99
N HIS R 190 32.31 -66.83 -109.16
CA HIS R 190 31.06 -67.56 -109.02
C HIS R 190 29.89 -66.81 -109.62
N LYS R 191 28.75 -67.50 -109.70
CA LYS R 191 27.55 -66.96 -110.34
C LYS R 191 26.37 -66.80 -109.40
N VAL R 192 26.06 -67.81 -108.60
CA VAL R 192 24.89 -67.80 -107.73
C VAL R 192 25.31 -67.42 -106.33
N TYR R 193 24.74 -66.34 -105.81
CA TYR R 193 24.96 -65.94 -104.41
C TYR R 193 23.61 -65.90 -103.72
N ALA R 194 23.45 -66.73 -102.71
CA ALA R 194 22.19 -66.87 -101.99
C ALA R 194 22.44 -66.77 -100.50
N CYS R 195 21.50 -66.14 -99.80
CA CYS R 195 21.44 -66.23 -98.35
C CYS R 195 20.18 -67.00 -97.98
N GLU R 196 20.33 -68.01 -97.15
CA GLU R 196 19.20 -68.78 -96.66
C GLU R 196 18.91 -68.31 -95.25
N VAL R 197 17.64 -68.13 -94.94
CA VAL R 197 17.24 -67.58 -93.65
C VAL R 197 16.39 -68.62 -92.94
N THR R 198 16.82 -68.99 -91.73
CA THR R 198 16.05 -69.86 -90.87
C THR R 198 15.52 -69.03 -89.70
N HIS R 199 14.20 -69.05 -89.51
CA HIS R 199 13.58 -68.34 -88.41
C HIS R 199 12.37 -69.12 -87.95
N GLN R 200 11.99 -68.90 -86.69
CA GLN R 200 10.85 -69.62 -86.12
C GLN R 200 9.55 -69.34 -86.89
N GLY R 201 9.38 -68.12 -87.40
CA GLY R 201 8.16 -67.80 -88.09
C GLY R 201 8.12 -68.16 -89.56
N LEU R 202 9.08 -68.96 -90.02
CA LEU R 202 9.09 -69.48 -91.38
C LEU R 202 8.89 -70.98 -91.31
N SER R 203 7.94 -71.50 -92.10
CA SER R 203 7.68 -72.93 -92.12
C SER R 203 8.93 -73.71 -92.49
N SER R 204 9.65 -73.24 -93.50
CA SER R 204 10.91 -73.81 -93.93
C SER R 204 11.83 -72.65 -94.28
N PRO R 205 13.15 -72.86 -94.29
CA PRO R 205 14.07 -71.75 -94.52
C PRO R 205 13.78 -71.04 -95.83
N VAL R 206 13.89 -69.71 -95.79
CA VAL R 206 13.70 -68.88 -96.97
C VAL R 206 15.08 -68.60 -97.54
N THR R 207 15.21 -68.75 -98.85
CA THR R 207 16.46 -68.46 -99.53
C THR R 207 16.18 -67.38 -100.57
N LYS R 208 17.04 -66.37 -100.63
CA LYS R 208 16.95 -65.36 -101.65
C LYS R 208 18.34 -65.13 -102.23
N SER R 209 18.39 -64.93 -103.54
CA SER R 209 19.65 -64.99 -104.25
C SER R 209 19.61 -64.03 -105.43
N PHE R 210 20.75 -63.94 -106.10
CA PHE R 210 20.85 -63.22 -107.35
C PHE R 210 21.96 -63.87 -108.17
N ASN R 211 21.80 -63.82 -109.48
CA ASN R 211 22.85 -64.21 -110.40
C ASN R 211 23.57 -62.94 -110.79
N ARG R 212 24.89 -62.90 -110.60
CA ARG R 212 25.58 -61.62 -110.71
C ARG R 212 25.63 -61.23 -112.19
N GLY R 213 24.73 -60.33 -112.54
CA GLY R 213 24.26 -60.17 -113.91
C GLY R 213 22.99 -60.99 -114.04
N GLU R 214 21.85 -60.33 -114.27
CA GLU R 214 20.54 -60.97 -114.13
C GLU R 214 20.41 -62.30 -114.89
N GLN S 1 -43.65 -18.58 31.90
CA GLN S 1 -43.86 -17.41 32.76
C GLN S 1 -43.32 -16.13 32.10
N LEU S 2 -42.00 -15.92 32.17
CA LEU S 2 -41.34 -14.73 31.63
C LEU S 2 -41.01 -14.97 30.16
N GLN S 3 -41.90 -14.52 29.29
CA GLN S 3 -41.85 -14.82 27.85
C GLN S 3 -41.95 -13.54 27.04
N LEU S 4 -41.07 -13.39 26.05
CA LEU S 4 -41.00 -12.21 25.20
C LEU S 4 -41.45 -12.55 23.78
N GLN S 5 -42.32 -11.71 23.21
CA GLN S 5 -42.96 -11.96 21.93
C GLN S 5 -42.78 -10.75 21.02
N GLU S 6 -42.33 -11.00 19.79
CA GLU S 6 -41.90 -9.97 18.85
C GLU S 6 -43.07 -9.33 18.13
N SER S 7 -42.74 -8.54 17.11
CA SER S 7 -43.41 -7.31 16.72
C SER S 7 -44.03 -7.35 15.33
N GLY S 8 -44.51 -6.17 14.93
CA GLY S 8 -45.25 -5.97 13.71
C GLY S 8 -44.36 -5.87 12.49
N PRO S 9 -44.67 -4.95 11.59
CA PRO S 9 -44.35 -5.18 10.17
C PRO S 9 -42.86 -5.22 9.87
N GLY S 10 -42.47 -6.31 9.20
CA GLY S 10 -41.22 -6.37 8.46
C GLY S 10 -41.45 -5.89 7.04
N LEU S 11 -40.40 -5.97 6.23
CA LEU S 11 -40.47 -5.56 4.82
C LEU S 11 -40.91 -4.09 4.71
N VAL S 12 -40.08 -3.21 5.24
CA VAL S 12 -40.27 -1.77 5.12
C VAL S 12 -39.30 -1.25 4.07
N LYS S 13 -39.75 -0.26 3.32
CA LYS S 13 -38.94 0.34 2.26
C LYS S 13 -37.75 1.08 2.84
N PRO S 14 -36.64 1.18 2.11
CA PRO S 14 -35.49 1.94 2.60
C PRO S 14 -35.84 3.42 2.73
N SER S 15 -35.06 4.11 3.56
CA SER S 15 -35.25 5.52 3.89
C SER S 15 -36.56 5.76 4.61
N GLN S 16 -37.28 4.69 4.91
CA GLN S 16 -38.53 4.73 5.67
C GLN S 16 -38.25 4.55 7.16
N THR S 17 -39.32 4.38 7.93
CA THR S 17 -39.24 4.20 9.37
C THR S 17 -39.77 2.81 9.70
N LEU S 18 -38.95 2.00 10.38
CA LEU S 18 -39.40 0.71 10.89
C LEU S 18 -39.61 0.81 12.39
N SER S 19 -40.75 0.27 12.85
CA SER S 19 -41.11 0.30 14.26
C SER S 19 -41.36 -1.13 14.75
N LEU S 20 -40.71 -1.50 15.85
CA LEU S 20 -40.92 -2.82 16.44
C LEU S 20 -41.32 -2.67 17.90
N THR S 21 -42.19 -3.57 18.35
CA THR S 21 -42.66 -3.60 19.73
C THR S 21 -42.58 -5.02 20.28
N CYS S 22 -41.98 -5.17 21.45
CA CYS S 22 -41.99 -6.45 22.17
C CYS S 22 -43.05 -6.41 23.26
N THR S 23 -43.89 -7.43 23.28
CA THR S 23 -45.02 -7.52 24.20
C THR S 23 -44.68 -8.58 25.25
N LEU S 24 -44.89 -8.25 26.51
CA LEU S 24 -44.56 -9.20 27.57
C LEU S 24 -45.75 -10.14 27.80
N SER S 25 -45.44 -11.35 28.25
CA SER S 25 -46.46 -12.36 28.55
C SER S 25 -46.14 -13.01 29.88
N GLY S 26 -47.16 -13.21 30.70
CA GLY S 26 -46.96 -13.73 32.03
C GLY S 26 -46.10 -12.86 32.91
N GLY S 27 -45.94 -11.59 32.56
CA GLY S 27 -45.04 -10.70 33.26
C GLY S 27 -45.32 -9.25 32.92
N SER S 28 -44.71 -8.38 33.70
CA SER S 28 -44.83 -6.95 33.54
C SER S 28 -43.45 -6.34 33.77
N ILE S 29 -43.32 -5.06 33.49
CA ILE S 29 -42.01 -4.39 33.64
C ILE S 29 -41.92 -3.94 35.09
N SER S 30 -41.38 -4.84 35.91
CA SER S 30 -41.36 -4.81 37.36
C SER S 30 -39.92 -4.74 37.84
N SER S 31 -39.75 -4.76 39.17
CA SER S 31 -38.43 -4.67 39.83
C SER S 31 -37.71 -3.32 39.73
N THR S 32 -38.40 -2.16 39.79
CA THR S 32 -39.74 -1.82 39.32
C THR S 32 -39.72 -1.80 37.79
N TYR S 35 -38.59 -4.89 31.59
CA TYR S 35 -37.56 -5.38 30.67
C TYR S 35 -36.98 -4.23 29.89
N TRP S 36 -35.81 -4.46 29.30
CA TRP S 36 -35.17 -3.45 28.46
C TRP S 36 -34.36 -4.14 27.37
N GLY S 37 -34.23 -3.47 26.23
CA GLY S 37 -33.16 -3.81 25.31
C GLY S 37 -33.64 -4.44 23.99
N TRP S 38 -32.85 -4.22 22.93
CA TRP S 38 -33.05 -4.79 21.61
C TRP S 38 -31.71 -5.27 21.05
N ILE S 39 -31.76 -6.36 20.26
CA ILE S 39 -30.55 -6.95 19.68
C ILE S 39 -30.85 -7.41 18.25
N ARG S 40 -29.82 -7.36 17.39
CA ARG S 40 -29.95 -7.81 16.00
C ARG S 40 -28.70 -8.54 15.54
N GLN S 41 -28.87 -9.36 14.50
CA GLN S 41 -27.75 -9.88 13.71
C GLN S 41 -28.14 -9.72 12.25
N PRO S 42 -27.42 -8.92 11.46
CA PRO S 42 -27.74 -8.78 10.03
C PRO S 42 -27.09 -9.89 9.23
N PRO S 43 -27.67 -10.26 8.09
CA PRO S 43 -27.16 -11.41 7.34
C PRO S 43 -25.68 -11.30 7.03
N GLY S 44 -24.98 -12.42 7.18
CA GLY S 44 -23.54 -12.49 7.01
C GLY S 44 -22.76 -11.93 8.18
N SER S 45 -23.43 -11.59 9.28
CA SER S 45 -22.77 -10.99 10.44
C SER S 45 -23.33 -11.59 11.72
N GLY S 46 -22.60 -11.37 12.82
CA GLY S 46 -23.01 -11.84 14.11
C GLY S 46 -23.98 -10.92 14.82
N LEU S 47 -24.26 -11.25 16.08
CA LEU S 47 -25.14 -10.45 16.91
C LEU S 47 -24.45 -9.15 17.33
N GLU S 48 -25.24 -8.09 17.47
CA GLU S 48 -24.72 -6.84 17.99
C GLU S 48 -25.82 -6.10 18.76
N TRP S 49 -25.43 -5.48 19.86
CA TRP S 49 -26.37 -4.76 20.72
C TRP S 49 -26.84 -3.47 20.06
N ILE S 50 -28.14 -3.18 20.19
CA ILE S 50 -28.69 -1.95 19.60
C ILE S 50 -28.88 -0.88 20.67
N GLY S 51 -29.65 -1.19 21.71
CA GLY S 51 -29.91 -0.20 22.75
C GLY S 51 -30.48 -0.85 24.00
N SER S 52 -30.56 -0.03 25.05
CA SER S 52 -31.09 -0.46 26.34
C SER S 52 -32.09 0.56 26.87
N MET S 53 -32.99 0.07 27.72
CA MET S 53 -34.01 0.88 28.38
C MET S 53 -33.92 0.65 29.88
N TYR S 54 -34.87 1.19 30.65
CA TYR S 54 -34.96 1.02 32.09
C TYR S 54 -36.44 0.95 32.40
N HIS S 55 -36.80 0.64 33.66
CA HIS S 55 -38.23 0.65 33.95
C HIS S 55 -38.82 2.04 33.73
N SER S 56 -38.06 3.08 34.06
CA SER S 56 -38.36 4.42 33.58
C SER S 56 -38.03 4.53 32.09
N GLY S 57 -38.21 5.70 31.52
CA GLY S 57 -37.96 5.81 30.09
C GLY S 57 -36.52 5.98 29.67
N ASN S 58 -35.57 6.05 30.60
CA ASN S 58 -34.18 6.31 30.25
C ASN S 58 -33.62 5.25 29.31
N THR S 59 -32.99 5.71 28.23
CA THR S 59 -32.47 4.84 27.19
C THR S 59 -30.98 5.12 26.96
N TYR S 60 -30.24 4.06 26.64
CA TYR S 60 -28.84 4.17 26.24
C TYR S 60 -28.65 3.41 24.94
N TYR S 61 -28.11 4.08 23.92
CA TYR S 61 -28.04 3.52 22.58
C TYR S 61 -26.59 3.32 22.19
N LYS S 62 -26.35 2.32 21.35
CA LYS S 62 -25.02 2.06 20.82
C LYS S 62 -24.56 3.20 19.93
N SER S 63 -23.43 3.81 20.29
CA SER S 63 -22.82 4.86 19.48
C SER S 63 -22.74 4.42 18.03
N SER S 64 -22.84 5.40 17.12
CA SER S 64 -22.93 5.28 15.66
C SER S 64 -24.32 4.82 15.23
N LEU S 65 -25.22 4.54 16.17
CA LEU S 65 -26.65 4.44 15.87
C LEU S 65 -27.39 5.65 16.43
N LYS S 66 -26.65 6.67 16.84
CA LYS S 66 -27.22 7.91 17.36
C LYS S 66 -28.15 8.55 16.34
N GLY S 67 -29.29 9.03 16.81
CA GLY S 67 -30.25 9.70 15.97
C GLY S 67 -31.17 8.78 15.20
N ARG S 68 -30.73 7.54 14.95
CA ARG S 68 -31.55 6.59 14.21
C ARG S 68 -32.57 5.90 15.12
N VAL S 69 -32.11 5.41 16.26
CA VAL S 69 -32.91 4.52 17.10
C VAL S 69 -33.64 5.32 18.16
N THR S 70 -34.83 4.82 18.50
CA THR S 70 -35.59 5.25 19.66
C THR S 70 -36.24 4.02 20.26
N ILE S 71 -36.02 3.80 21.55
CA ILE S 71 -36.71 2.76 22.29
C ILE S 71 -37.66 3.45 23.24
N SER S 72 -38.89 2.94 23.32
CA SER S 72 -39.96 3.60 24.04
C SER S 72 -40.70 2.58 24.89
N LEU S 73 -41.20 3.03 26.02
CA LEU S 73 -41.99 2.21 26.91
C LEU S 73 -43.45 2.63 26.82
N ASP S 74 -44.32 1.66 26.64
CA ASP S 74 -45.75 1.91 26.60
C ASP S 74 -46.29 2.00 28.03
N THR S 75 -47.02 3.06 28.32
CA THR S 75 -47.81 3.08 29.54
C THR S 75 -48.76 1.90 29.51
N SER S 76 -49.16 1.44 30.69
CA SER S 76 -49.74 0.11 30.83
C SER S 76 -48.75 -0.93 30.30
N ARG S 77 -47.61 -0.99 30.99
CA ARG S 77 -46.32 -1.42 30.40
C ARG S 77 -46.24 -2.94 30.27
N THR S 78 -47.14 -3.46 29.44
CA THR S 78 -47.07 -4.83 28.95
C THR S 78 -46.10 -4.98 27.79
N GLN S 79 -45.70 -3.87 27.17
CA GLN S 79 -44.91 -3.91 25.96
C GLN S 79 -44.04 -2.65 25.85
N PHE S 80 -42.92 -2.78 25.15
CA PHE S 80 -42.05 -1.65 24.83
C PHE S 80 -41.62 -1.75 23.38
N SER S 81 -41.23 -0.60 22.80
CA SER S 81 -41.13 -0.46 21.36
C SER S 81 -39.74 -0.03 20.91
N LEU S 82 -39.37 -0.48 19.71
CA LEU S 82 -38.17 -0.04 18.99
C LEU S 82 -38.58 0.81 17.80
N ARG S 83 -37.87 1.91 17.59
CA ARG S 83 -38.13 2.82 16.48
C ARG S 83 -36.83 3.14 15.77
N LEU S 84 -36.72 2.76 14.50
CA LEU S 84 -35.48 2.88 13.74
C LEU S 84 -35.77 3.67 12.47
N THR S 85 -35.09 4.80 12.32
CA THR S 85 -35.33 5.74 11.22
C THR S 85 -34.17 6.71 11.13
N SER S 86 -33.64 6.91 9.93
CA SER S 86 -34.06 6.28 8.69
C SER S 86 -33.29 5.00 8.45
N VAL S 87 -33.76 4.18 7.53
CA VAL S 87 -33.28 2.80 7.41
C VAL S 87 -32.51 2.71 6.09
N THR S 88 -31.20 2.93 6.15
CA THR S 88 -30.37 2.86 4.94
C THR S 88 -29.93 1.46 4.52
N ALA S 89 -30.85 0.51 4.37
CA ALA S 89 -30.69 -0.72 3.60
C ALA S 89 -29.77 -1.72 4.29
N ALA S 90 -29.17 -1.36 5.42
CA ALA S 90 -28.28 -2.22 6.18
C ALA S 90 -28.93 -2.70 7.46
N ASP S 91 -30.16 -2.28 7.73
CA ASP S 91 -30.92 -2.70 8.90
C ASP S 91 -31.68 -3.99 8.67
N THR S 92 -31.76 -4.48 7.44
CA THR S 92 -32.35 -5.79 7.21
C THR S 92 -31.61 -6.83 8.05
N ALA S 93 -32.35 -7.48 8.93
CA ALA S 93 -31.76 -8.34 9.96
C ALA S 93 -32.89 -9.06 10.67
N VAL S 94 -32.52 -9.92 11.60
CA VAL S 94 -33.44 -10.50 12.57
C VAL S 94 -33.21 -9.75 13.89
N TYR S 95 -34.28 -9.16 14.43
CA TYR S 95 -34.20 -8.33 15.61
C TYR S 95 -34.68 -9.11 16.81
N TYR S 96 -33.88 -9.12 17.87
CA TYR S 96 -34.22 -9.78 19.13
C TYR S 96 -34.42 -8.74 20.20
N CYS S 97 -35.49 -8.88 20.98
CA CYS S 97 -35.57 -8.23 22.27
C CYS S 97 -35.31 -9.25 23.37
N ALA S 98 -34.85 -8.76 24.50
CA ALA S 98 -34.49 -9.59 25.64
C ALA S 98 -34.55 -8.70 26.86
N ARG S 99 -34.82 -9.29 28.02
CA ARG S 99 -34.67 -8.54 29.27
C ARG S 99 -33.19 -8.55 29.63
N LEU S 100 -32.56 -7.38 29.55
CA LEU S 100 -31.12 -7.32 29.79
C LEU S 100 -30.84 -7.05 31.26
N GLY S 101 -31.41 -7.85 32.16
CA GLY S 101 -31.32 -7.50 33.56
C GLY S 101 -31.85 -8.58 34.48
N ASP S 102 -31.34 -8.55 35.71
CA ASP S 102 -31.83 -9.27 36.87
C ASP S 102 -30.97 -8.80 38.04
N VAL S 103 -31.48 -9.02 39.25
CA VAL S 103 -30.71 -8.66 40.44
C VAL S 103 -29.41 -9.46 40.48
N PHE S 104 -29.47 -10.75 40.11
CA PHE S 104 -28.37 -11.67 40.36
C PHE S 104 -27.59 -12.10 39.13
N ASN S 105 -28.15 -11.95 37.93
CA ASN S 105 -27.38 -12.05 36.69
C ASN S 105 -27.74 -10.78 35.92
N SER S 106 -26.90 -9.76 36.08
CA SER S 106 -27.08 -8.47 35.43
C SER S 106 -27.49 -8.60 33.96
N ALA S 107 -26.92 -9.55 33.22
CA ALA S 107 -27.24 -9.74 31.82
C ALA S 107 -27.29 -11.24 31.53
N MET S 108 -28.05 -11.64 30.50
CA MET S 108 -28.97 -11.02 29.54
C MET S 108 -29.99 -12.05 29.05
N ASP S 109 -31.22 -12.00 29.56
CA ASP S 109 -32.08 -13.19 29.61
C ASP S 109 -33.34 -13.03 28.77
N VAL S 110 -34.14 -14.10 28.80
CA VAL S 110 -35.45 -14.23 28.16
C VAL S 110 -35.51 -13.58 26.78
N TRP S 111 -34.76 -14.13 25.84
CA TRP S 111 -34.76 -13.59 24.49
C TRP S 111 -36.13 -13.84 23.86
N GLY S 112 -36.50 -12.97 22.92
CA GLY S 112 -37.67 -13.21 22.10
C GLY S 112 -37.38 -14.27 21.05
N GLN S 113 -38.41 -14.56 20.23
CA GLN S 113 -38.22 -15.56 19.20
C GLN S 113 -37.51 -15.01 17.97
N GLY S 114 -37.47 -13.68 17.83
CA GLY S 114 -36.87 -13.11 16.65
C GLY S 114 -37.88 -12.83 15.56
N THR S 115 -37.87 -11.60 15.05
CA THR S 115 -38.71 -11.21 13.94
C THR S 115 -37.82 -10.69 12.81
N THR S 116 -38.20 -11.01 11.58
CA THR S 116 -37.40 -10.66 10.42
C THR S 116 -37.93 -9.37 9.80
N VAL S 117 -37.01 -8.46 9.50
CA VAL S 117 -37.32 -7.19 8.87
C VAL S 117 -36.39 -7.05 7.67
N ILE S 118 -36.98 -6.92 6.48
CA ILE S 118 -36.24 -6.82 5.23
C ILE S 118 -36.36 -5.40 4.71
N VAL S 119 -35.22 -4.79 4.40
CA VAL S 119 -35.18 -3.44 3.85
C VAL S 119 -34.93 -3.53 2.36
N SER S 120 -35.95 -3.30 1.55
CA SER S 120 -35.80 -3.32 0.10
C SER S 120 -36.81 -2.38 -0.53
N SER S 121 -36.49 -1.91 -1.73
CA SER S 121 -37.36 -0.98 -2.45
C SER S 121 -38.52 -1.73 -3.10
N ALA S 122 -39.32 -2.39 -2.26
CA ALA S 122 -40.57 -3.02 -2.67
C ALA S 122 -40.40 -3.85 -3.94
N SER S 123 -41.35 -3.69 -4.87
CA SER S 123 -41.36 -4.43 -6.13
C SER S 123 -41.36 -5.94 -5.88
N THR S 124 -42.38 -6.40 -5.17
CA THR S 124 -42.57 -7.83 -4.94
C THR S 124 -42.87 -8.55 -6.25
N LYS S 125 -42.25 -9.72 -6.45
CA LYS S 125 -42.29 -10.38 -7.74
C LYS S 125 -42.29 -11.89 -7.54
N GLY S 126 -43.05 -12.59 -8.39
CA GLY S 126 -43.05 -14.04 -8.40
C GLY S 126 -41.87 -14.58 -9.17
N PRO S 127 -41.43 -15.79 -8.82
CA PRO S 127 -40.21 -16.33 -9.41
C PRO S 127 -40.41 -16.88 -10.81
N SER S 128 -39.32 -16.88 -11.58
CA SER S 128 -39.24 -17.56 -12.85
C SER S 128 -38.44 -18.85 -12.68
N VAL S 129 -38.96 -19.95 -13.24
CA VAL S 129 -38.39 -21.28 -13.02
C VAL S 129 -37.79 -21.78 -14.33
N PHE S 130 -36.51 -22.15 -14.28
CA PHE S 130 -35.70 -22.53 -15.42
C PHE S 130 -34.99 -23.85 -15.12
N PRO S 131 -34.85 -24.74 -16.09
CA PRO S 131 -34.27 -26.06 -15.82
C PRO S 131 -32.74 -26.09 -15.83
N LEU S 132 -32.21 -27.16 -15.23
CA LEU S 132 -30.77 -27.45 -15.19
C LEU S 132 -30.56 -28.90 -15.68
N ALA S 133 -30.32 -29.06 -16.99
CA ALA S 133 -30.27 -30.35 -17.67
C ALA S 133 -28.95 -31.08 -17.41
N PRO S 134 -28.99 -32.41 -17.27
CA PRO S 134 -27.77 -33.20 -17.10
C PRO S 134 -27.19 -33.67 -18.42
N SER S 135 -25.91 -34.03 -18.37
CA SER S 135 -25.20 -34.48 -19.57
C SER S 135 -25.70 -35.83 -20.07
N GLY S 142 -21.15 -43.55 -10.01
CA GLY S 142 -21.65 -43.18 -11.33
C GLY S 142 -22.96 -42.42 -11.27
N THR S 143 -22.95 -41.28 -10.57
CA THR S 143 -24.17 -40.49 -10.38
C THR S 143 -24.17 -39.27 -11.30
N ALA S 144 -25.31 -38.58 -11.31
CA ALA S 144 -25.49 -37.34 -12.05
C ALA S 144 -26.32 -36.37 -11.23
N ALA S 145 -26.27 -35.10 -11.60
CA ALA S 145 -27.03 -34.06 -10.90
C ALA S 145 -27.78 -33.20 -11.90
N LEU S 146 -29.01 -32.87 -11.52
CA LEU S 146 -29.92 -32.01 -12.26
C LEU S 146 -30.50 -31.00 -11.28
N GLY S 147 -31.25 -30.03 -11.78
CA GLY S 147 -31.83 -29.09 -10.85
C GLY S 147 -32.76 -28.10 -11.51
N CYS S 148 -33.18 -27.11 -10.70
CA CYS S 148 -34.08 -26.05 -11.10
C CYS S 148 -33.43 -24.70 -10.81
N LEU S 149 -33.82 -23.70 -11.60
CA LEU S 149 -33.30 -22.34 -11.44
C LEU S 149 -34.43 -21.37 -11.10
N VAL S 150 -34.38 -20.79 -9.90
CA VAL S 150 -35.32 -19.77 -9.47
C VAL S 150 -34.54 -18.48 -9.25
N LYS S 151 -34.76 -17.49 -10.10
CA LYS S 151 -33.98 -16.26 -10.13
C LYS S 151 -34.94 -15.07 -10.10
N ASP S 152 -34.47 -13.96 -9.50
CA ASP S 152 -35.16 -12.67 -9.59
C ASP S 152 -36.59 -12.77 -9.07
N TYR S 153 -36.70 -13.10 -7.78
CA TYR S 153 -37.98 -13.17 -7.09
C TYR S 153 -37.93 -12.40 -5.78
N PHE S 154 -39.12 -12.04 -5.29
CA PHE S 154 -39.25 -11.19 -4.11
C PHE S 154 -40.66 -11.23 -3.56
N PRO S 155 -40.83 -11.36 -2.24
CA PRO S 155 -39.77 -11.52 -1.24
C PRO S 155 -39.48 -12.98 -0.94
N GLU S 156 -38.58 -13.20 0.02
CA GLU S 156 -38.29 -14.52 0.56
C GLU S 156 -39.37 -14.89 1.59
N PRO S 157 -39.68 -16.19 1.76
CA PRO S 157 -39.14 -17.37 1.08
C PRO S 157 -40.06 -17.97 0.03
N VAL S 158 -39.50 -18.86 -0.78
CA VAL S 158 -40.22 -19.76 -1.66
C VAL S 158 -39.89 -21.19 -1.25
N THR S 159 -40.84 -22.10 -1.48
CA THR S 159 -40.66 -23.50 -1.15
C THR S 159 -40.65 -24.31 -2.44
N VAL S 160 -39.67 -25.19 -2.56
CA VAL S 160 -39.49 -26.05 -3.72
C VAL S 160 -39.54 -27.50 -3.24
N SER S 161 -40.24 -28.35 -3.98
CA SER S 161 -40.31 -29.76 -3.66
C SER S 161 -40.13 -30.57 -4.92
N TRP S 162 -39.44 -31.70 -4.79
CA TRP S 162 -39.11 -32.56 -5.91
C TRP S 162 -39.95 -33.84 -5.85
N ASN S 163 -40.47 -34.25 -7.01
CA ASN S 163 -41.31 -35.44 -7.12
C ASN S 163 -42.45 -35.43 -6.10
N SER S 164 -43.04 -34.24 -5.92
CA SER S 164 -44.17 -34.05 -4.98
C SER S 164 -43.83 -34.50 -3.57
N GLY S 165 -42.56 -34.37 -3.18
CA GLY S 165 -42.14 -34.78 -1.86
C GLY S 165 -41.83 -36.24 -1.71
N ALA S 166 -41.87 -37.02 -2.79
CA ALA S 166 -41.48 -38.42 -2.73
C ALA S 166 -39.98 -38.61 -2.89
N LEU S 167 -39.28 -37.57 -3.31
CA LEU S 167 -37.82 -37.56 -3.45
C LEU S 167 -37.28 -36.58 -2.41
N THR S 168 -36.74 -37.12 -1.33
CA THR S 168 -36.18 -36.30 -0.26
C THR S 168 -34.70 -36.59 -0.01
N SER S 169 -34.25 -37.80 -0.32
CA SER S 169 -32.83 -38.13 -0.23
C SER S 169 -32.12 -37.67 -1.49
N GLY S 170 -31.01 -36.96 -1.33
CA GLY S 170 -30.22 -36.50 -2.45
C GLY S 170 -30.44 -35.07 -2.88
N VAL S 171 -31.39 -34.36 -2.28
CA VAL S 171 -31.70 -32.99 -2.69
C VAL S 171 -30.84 -32.04 -1.87
N HIS S 172 -30.35 -30.97 -2.52
CA HIS S 172 -29.72 -29.85 -1.82
C HIS S 172 -30.32 -28.56 -2.36
N THR S 173 -31.06 -27.85 -1.51
CA THR S 173 -31.60 -26.53 -1.84
C THR S 173 -30.72 -25.46 -1.20
N PHE S 174 -30.21 -24.55 -2.04
CA PHE S 174 -29.25 -23.57 -1.57
C PHE S 174 -29.95 -22.39 -0.90
N PRO S 175 -29.29 -21.75 0.07
CA PRO S 175 -29.83 -20.50 0.62
C PRO S 175 -29.92 -19.42 -0.43
N ALA S 176 -30.95 -18.59 -0.33
CA ALA S 176 -31.09 -17.51 -1.30
C ALA S 176 -30.02 -16.46 -1.07
N VAL S 177 -29.63 -15.78 -2.13
CA VAL S 177 -28.69 -14.67 -2.06
C VAL S 177 -29.36 -13.43 -2.62
N LEU S 178 -29.06 -12.27 -2.03
CA LEU S 178 -29.57 -11.01 -2.54
C LEU S 178 -28.52 -10.47 -3.51
N GLN S 179 -28.85 -10.45 -4.79
CA GLN S 179 -27.93 -9.97 -5.81
C GLN S 179 -28.10 -8.46 -5.99
N SER S 180 -27.12 -7.86 -6.69
CA SER S 180 -27.08 -6.40 -6.84
C SER S 180 -28.39 -5.84 -7.38
N SER S 181 -29.20 -6.67 -8.05
CA SER S 181 -30.50 -6.24 -8.55
C SER S 181 -31.48 -5.91 -7.43
N GLY S 182 -31.15 -6.27 -6.18
CA GLY S 182 -32.07 -6.12 -5.07
C GLY S 182 -33.10 -7.22 -4.96
N LEU S 183 -32.99 -8.25 -5.79
CA LEU S 183 -33.86 -9.42 -5.77
C LEU S 183 -33.08 -10.61 -5.25
N TYR S 184 -33.82 -11.63 -4.81
CA TYR S 184 -33.23 -12.85 -4.28
C TYR S 184 -33.19 -13.94 -5.34
N SER S 185 -32.20 -14.82 -5.21
CA SER S 185 -32.11 -16.01 -6.05
C SER S 185 -31.48 -17.14 -5.23
N LEU S 186 -31.90 -18.37 -5.54
CA LEU S 186 -31.32 -19.56 -4.96
C LEU S 186 -31.36 -20.64 -6.04
N SER S 187 -30.86 -21.83 -5.72
CA SER S 187 -30.92 -22.92 -6.69
C SER S 187 -31.16 -24.23 -5.96
N SER S 188 -31.91 -25.12 -6.61
CA SER S 188 -32.25 -26.43 -6.07
C SER S 188 -31.71 -27.50 -7.01
N VAL S 189 -30.82 -28.34 -6.50
CA VAL S 189 -30.18 -29.40 -7.26
C VAL S 189 -30.45 -30.73 -6.59
N VAL S 190 -30.43 -31.80 -7.37
CA VAL S 190 -30.66 -33.15 -6.87
C VAL S 190 -29.64 -34.09 -7.50
N THR S 191 -29.22 -35.09 -6.74
CA THR S 191 -28.41 -36.19 -7.25
C THR S 191 -29.33 -37.35 -7.63
N VAL S 192 -29.10 -37.91 -8.81
CA VAL S 192 -29.93 -39.00 -9.31
C VAL S 192 -29.02 -40.11 -9.81
N PRO S 193 -29.43 -41.38 -9.72
CA PRO S 193 -28.67 -42.44 -10.41
C PRO S 193 -28.65 -42.20 -11.91
N SER S 194 -27.45 -42.24 -12.49
CA SER S 194 -27.30 -41.94 -13.91
C SER S 194 -28.05 -42.93 -14.79
N SER S 195 -28.35 -44.12 -14.29
CA SER S 195 -29.05 -45.11 -15.10
C SER S 195 -30.52 -44.74 -15.31
N SER S 196 -31.10 -43.97 -14.40
CA SER S 196 -32.50 -43.60 -14.47
C SER S 196 -32.72 -42.26 -15.17
N LEU S 197 -31.66 -41.68 -15.74
CA LEU S 197 -31.78 -40.45 -16.51
C LEU S 197 -32.51 -40.72 -17.82
N GLY S 198 -33.63 -40.02 -18.03
CA GLY S 198 -34.48 -40.30 -19.16
C GLY S 198 -35.50 -41.38 -18.91
N THR S 199 -35.36 -42.12 -17.82
CA THR S 199 -36.31 -43.16 -17.43
C THR S 199 -37.39 -42.61 -16.51
N GLN S 200 -37.00 -41.94 -15.43
CA GLN S 200 -37.94 -41.34 -14.50
C GLN S 200 -37.89 -39.83 -14.67
N THR S 201 -39.05 -39.21 -14.83
CA THR S 201 -39.11 -37.75 -14.95
C THR S 201 -39.01 -37.11 -13.56
N TYR S 202 -38.31 -36.00 -13.49
CA TYR S 202 -38.11 -35.25 -12.24
C TYR S 202 -38.67 -33.85 -12.41
N ILE S 203 -39.60 -33.49 -11.53
CA ILE S 203 -40.28 -32.20 -11.57
C ILE S 203 -40.14 -31.56 -10.20
N CYS S 204 -39.76 -30.29 -10.16
CA CYS S 204 -39.67 -29.55 -8.92
C CYS S 204 -40.87 -28.60 -8.83
N ASN S 205 -41.55 -28.64 -7.69
CA ASN S 205 -42.77 -27.86 -7.46
C ASN S 205 -42.40 -26.57 -6.76
N VAL S 206 -42.62 -25.45 -7.43
CA VAL S 206 -42.23 -24.14 -6.89
C VAL S 206 -43.48 -23.44 -6.38
N ASN S 207 -43.42 -22.97 -5.13
CA ASN S 207 -44.56 -22.38 -4.45
C ASN S 207 -44.10 -21.10 -3.74
N HIS S 208 -44.70 -19.97 -4.12
CA HIS S 208 -44.40 -18.68 -3.53
C HIS S 208 -45.61 -18.26 -2.71
N LYS S 209 -45.40 -18.01 -1.42
CA LYS S 209 -46.54 -17.65 -0.58
C LYS S 209 -47.01 -16.21 -0.74
N PRO S 210 -46.12 -15.18 -0.71
CA PRO S 210 -46.62 -13.79 -0.81
C PRO S 210 -47.54 -13.56 -2.00
N SER S 211 -47.08 -13.86 -3.21
CA SER S 211 -47.95 -13.95 -4.37
C SER S 211 -48.24 -15.42 -4.67
N ASN S 212 -49.50 -15.73 -4.92
CA ASN S 212 -49.93 -17.13 -5.09
C ASN S 212 -49.54 -17.57 -6.49
N THR S 213 -48.39 -18.24 -6.60
CA THR S 213 -47.87 -18.75 -7.87
C THR S 213 -47.44 -20.20 -7.71
N LYS S 214 -48.17 -21.12 -8.32
CA LYS S 214 -47.73 -22.52 -8.42
C LYS S 214 -47.56 -22.92 -9.88
N VAL S 215 -46.31 -23.01 -10.32
CA VAL S 215 -45.96 -23.52 -11.65
C VAL S 215 -45.03 -24.72 -11.42
N ASP S 216 -45.28 -25.81 -12.15
CA ASP S 216 -44.52 -27.04 -11.98
C ASP S 216 -43.95 -27.50 -13.32
N LYS S 217 -42.65 -27.31 -13.51
CA LYS S 217 -41.97 -27.61 -14.76
C LYS S 217 -40.97 -28.73 -14.53
N ARG S 218 -40.87 -29.64 -15.51
CA ARG S 218 -40.01 -30.81 -15.40
C ARG S 218 -38.65 -30.57 -16.04
N VAL S 219 -37.64 -31.23 -15.48
CA VAL S 219 -36.27 -31.17 -15.99
C VAL S 219 -35.95 -32.50 -16.67
N GLU S 220 -35.45 -32.42 -17.90
CA GLU S 220 -35.20 -33.59 -18.73
C GLU S 220 -34.03 -33.25 -19.65
N PRO S 221 -33.01 -34.11 -19.76
CA PRO S 221 -31.89 -33.85 -20.68
C PRO S 221 -32.33 -33.90 -22.14
N ILE T 2 -13.73 -0.19 23.22
CA ILE T 2 -13.53 -1.52 23.77
C ILE T 2 -13.82 -2.56 22.69
N VAL T 3 -12.84 -3.42 22.44
CA VAL T 3 -12.84 -4.32 21.29
C VAL T 3 -12.92 -5.77 21.76
N MET T 4 -13.78 -6.56 21.13
CA MET T 4 -13.90 -7.98 21.37
C MET T 4 -13.36 -8.77 20.18
N THR T 5 -12.46 -9.72 20.47
CA THR T 5 -11.76 -10.48 19.44
C THR T 5 -11.86 -11.96 19.77
N GLN T 6 -12.61 -12.71 18.96
CA GLN T 6 -12.67 -14.16 19.09
C GLN T 6 -11.41 -14.79 18.51
N SER T 7 -10.81 -15.74 19.24
CA SER T 7 -9.50 -16.24 18.82
C SER T 7 -9.60 -17.02 17.50
N PRO T 8 -10.31 -18.16 17.42
CA PRO T 8 -10.74 -18.62 16.10
C PRO T 8 -12.12 -18.11 15.74
N VAL T 9 -12.30 -17.74 14.47
CA VAL T 9 -13.64 -17.43 14.00
C VAL T 9 -14.45 -18.71 13.79
N THR T 10 -13.79 -19.81 13.41
CA THR T 10 -14.44 -21.09 13.24
C THR T 10 -13.64 -22.18 13.97
N LEU T 11 -14.36 -23.19 14.46
CA LEU T 11 -13.75 -24.31 15.18
C LEU T 11 -14.42 -25.59 14.73
N SER T 12 -13.61 -26.59 14.39
CA SER T 12 -14.11 -27.87 13.85
C SER T 12 -13.56 -28.99 14.73
N VAL T 13 -14.45 -29.69 15.42
CA VAL T 13 -14.07 -30.77 16.34
C VAL T 13 -15.01 -31.95 16.15
N SER T 14 -14.46 -33.15 16.26
CA SER T 14 -15.26 -34.36 16.19
C SER T 14 -16.12 -34.49 17.44
N PRO T 15 -17.33 -35.06 17.31
CA PRO T 15 -18.21 -35.20 18.48
C PRO T 15 -17.57 -35.98 19.61
N GLY T 16 -17.85 -35.54 20.84
CA GLY T 16 -17.35 -36.15 22.05
C GLY T 16 -16.05 -35.56 22.59
N GLU T 17 -15.40 -34.69 21.84
CA GLU T 17 -14.14 -34.11 22.28
C GLU T 17 -14.34 -32.77 22.97
N ARG T 18 -13.21 -32.20 23.37
CA ARG T 18 -13.15 -30.94 24.08
C ARG T 18 -13.13 -29.75 23.13
N ALA T 19 -13.78 -28.66 23.54
CA ALA T 19 -13.70 -27.37 22.86
C ALA T 19 -13.18 -26.32 23.82
N THR T 20 -12.35 -25.39 23.32
CA THR T 20 -11.83 -24.28 24.13
C THR T 20 -11.97 -22.99 23.31
N LEU T 21 -12.95 -22.17 23.67
CA LEU T 21 -13.11 -20.85 23.07
C LEU T 21 -12.29 -19.81 23.83
N SER T 22 -11.81 -18.80 23.11
CA SER T 22 -11.09 -17.70 23.71
C SER T 22 -11.73 -16.37 23.30
N CYS T 23 -11.68 -15.40 24.21
CA CYS T 23 -12.21 -14.06 23.98
C CYS T 23 -11.26 -13.05 24.59
N ARG T 24 -11.02 -11.95 23.89
CA ARG T 24 -10.06 -10.94 24.32
C ARG T 24 -10.73 -9.57 24.35
N ALA T 25 -10.51 -8.83 25.43
CA ALA T 25 -11.05 -7.48 25.60
C ALA T 25 -9.92 -6.47 25.45
N SER T 26 -10.20 -5.37 24.75
CA SER T 26 -9.16 -4.36 24.54
C SER T 26 -8.70 -3.69 25.82
N GLN T 27 -9.48 -3.79 26.90
CA GLN T 27 -9.10 -3.27 28.21
C GLN T 27 -9.95 -3.98 29.25
N SER T 28 -9.52 -3.88 30.51
CA SER T 28 -10.12 -4.68 31.56
C SER T 28 -11.63 -4.44 31.64
N VAL T 29 -12.41 -5.49 31.36
CA VAL T 29 -13.83 -5.54 31.64
C VAL T 29 -14.00 -6.21 33.00
N GLY T 30 -12.87 -6.49 33.64
CA GLY T 30 -12.81 -7.09 34.96
C GLY T 30 -13.37 -8.50 35.08
N ASN T 31 -14.48 -8.66 35.81
CA ASN T 31 -15.11 -9.96 36.03
C ASN T 31 -16.45 -10.06 35.32
N ASN T 32 -16.67 -9.29 34.25
CA ASN T 32 -18.00 -9.18 33.66
C ASN T 32 -18.03 -9.58 32.18
N LEU T 33 -18.25 -10.87 31.91
CA LEU T 33 -18.39 -11.35 30.54
C LEU T 33 -19.42 -12.48 30.51
N ALA T 34 -20.13 -12.59 29.38
CA ALA T 34 -21.10 -13.66 29.17
C ALA T 34 -20.86 -14.36 27.84
N TRP T 35 -21.23 -15.65 27.79
CA TRP T 35 -21.14 -16.47 26.60
C TRP T 35 -22.52 -17.00 26.24
N TYR T 36 -22.90 -16.90 24.96
CA TYR T 36 -24.22 -17.34 24.51
C TYR T 36 -24.09 -18.40 23.42
N GLN T 37 -25.05 -19.32 23.40
CA GLN T 37 -25.21 -20.28 22.32
C GLN T 37 -26.27 -19.80 21.34
N HIS T 38 -26.01 -19.96 20.04
CA HIS T 38 -26.95 -19.51 19.01
C HIS T 38 -26.95 -20.50 17.86
N LYS T 39 -28.02 -21.30 17.76
CA LYS T 39 -28.26 -22.16 16.61
C LYS T 39 -29.03 -21.40 15.54
N PRO T 40 -28.72 -21.64 14.27
CA PRO T 40 -29.49 -21.01 13.18
C PRO T 40 -30.97 -21.35 13.27
N GLY T 41 -31.80 -20.30 13.35
CA GLY T 41 -33.23 -20.44 13.38
C GLY T 41 -33.89 -20.26 14.74
N GLN T 42 -33.11 -20.21 15.81
CA GLN T 42 -33.68 -20.04 17.15
C GLN T 42 -33.07 -18.82 17.83
N ALA T 43 -33.67 -18.44 18.96
CA ALA T 43 -33.13 -17.38 19.79
C ALA T 43 -31.85 -17.82 20.50
N PRO T 44 -30.96 -16.87 20.79
CA PRO T 44 -29.75 -17.21 21.55
C PRO T 44 -30.08 -17.66 22.96
N ARG T 45 -29.26 -18.58 23.46
CA ARG T 45 -29.32 -19.01 24.85
C ARG T 45 -28.11 -18.47 25.59
N LEU T 46 -28.32 -18.08 26.85
CA LEU T 46 -27.23 -17.69 27.75
C LEU T 46 -26.57 -18.91 28.38
N LEU T 47 -25.25 -19.00 28.27
CA LEU T 47 -24.54 -20.17 28.78
C LEU T 47 -23.83 -19.90 30.09
N ILE T 48 -22.98 -18.88 30.14
CA ILE T 48 -22.25 -18.52 31.35
C ILE T 48 -22.31 -17.01 31.50
N TYR T 49 -22.45 -16.55 32.74
CA TYR T 49 -22.52 -15.13 33.04
C TYR T 49 -21.68 -14.83 34.28
N ASP T 50 -21.30 -13.55 34.40
CA ASP T 50 -20.26 -13.07 35.31
C ASP T 50 -18.91 -13.76 35.07
N ALA T 51 -18.77 -14.41 33.92
CA ALA T 51 -17.55 -14.99 33.36
C ALA T 51 -17.11 -16.27 34.06
N SER T 52 -17.77 -16.68 35.14
CA SER T 52 -17.43 -17.93 35.80
C SER T 52 -18.60 -18.88 35.96
N THR T 53 -19.80 -18.35 36.21
CA THR T 53 -20.93 -19.14 36.70
C THR T 53 -21.88 -19.52 35.57
N ARG T 54 -22.26 -20.79 35.54
CA ARG T 54 -23.15 -21.31 34.52
C ARG T 54 -24.59 -20.88 34.78
N ALA T 55 -25.30 -20.50 33.72
CA ALA T 55 -26.72 -20.26 33.82
C ALA T 55 -27.47 -21.57 34.06
N THR T 56 -28.30 -21.59 35.11
CA THR T 56 -29.02 -22.79 35.47
C THR T 56 -30.03 -23.17 34.38
N GLY T 57 -30.11 -24.46 34.07
CA GLY T 57 -30.91 -24.96 32.97
C GLY T 57 -30.08 -25.55 31.84
N ILE T 58 -28.78 -25.28 31.83
CA ILE T 58 -27.86 -25.71 30.79
C ILE T 58 -26.94 -26.79 31.31
N PRO T 59 -26.49 -27.73 30.47
CA PRO T 59 -25.74 -28.88 30.99
C PRO T 59 -24.39 -28.46 31.57
N GLY T 60 -23.92 -29.31 32.48
CA GLY T 60 -22.69 -29.06 33.22
C GLY T 60 -21.42 -29.12 32.40
N ARG T 61 -21.50 -29.63 31.17
CA ARG T 61 -20.33 -29.68 30.30
C ARG T 61 -19.82 -28.31 29.91
N PHE T 62 -20.60 -27.25 30.12
CA PHE T 62 -20.18 -25.89 29.86
C PHE T 62 -19.45 -25.32 31.07
N SER T 63 -18.44 -24.49 30.82
CA SER T 63 -17.57 -23.97 31.87
C SER T 63 -17.01 -22.64 31.43
N GLY T 64 -16.45 -21.89 32.38
CA GLY T 64 -15.98 -20.55 32.07
C GLY T 64 -14.85 -20.01 32.91
N SER T 65 -13.83 -19.47 32.25
CA SER T 65 -12.76 -18.73 32.91
C SER T 65 -12.86 -17.25 32.53
N GLY T 66 -11.92 -16.45 33.01
CA GLY T 66 -12.14 -15.01 33.07
C GLY T 66 -11.16 -14.24 33.92
N SER T 67 -11.68 -13.37 34.78
CA SER T 67 -10.89 -12.55 35.71
C SER T 67 -9.86 -11.67 35.00
N GLY T 68 -10.36 -10.76 34.16
CA GLY T 68 -9.51 -9.76 33.54
C GLY T 68 -9.69 -9.65 32.03
N THR T 69 -8.62 -9.90 31.27
CA THR T 69 -8.71 -9.90 29.82
C THR T 69 -8.60 -11.30 29.22
N GLU T 70 -8.12 -12.27 29.98
CA GLU T 70 -8.31 -13.67 29.64
C GLU T 70 -9.79 -14.04 29.75
N PHE T 71 -10.30 -14.76 28.76
CA PHE T 71 -11.63 -15.35 28.87
C PHE T 71 -11.63 -16.66 28.10
N THR T 72 -12.26 -17.68 28.68
CA THR T 72 -12.27 -19.00 28.07
C THR T 72 -13.62 -19.65 28.25
N LEU T 73 -14.18 -20.17 27.16
CA LEU T 73 -15.36 -21.04 27.20
C LEU T 73 -14.96 -22.45 26.76
N THR T 74 -15.14 -23.42 27.65
CA THR T 74 -14.81 -24.81 27.37
C THR T 74 -16.05 -25.68 27.47
N ILE T 75 -16.32 -26.45 26.42
CA ILE T 75 -17.37 -27.46 26.43
C ILE T 75 -16.67 -28.81 26.59
N SER T 76 -16.78 -29.41 27.76
CA SER T 76 -16.21 -30.73 27.97
C SER T 76 -17.10 -31.80 27.33
N SER T 77 -16.51 -32.64 26.49
CA SER T 77 -17.22 -33.75 25.85
C SER T 77 -18.50 -33.27 25.17
N LEU T 78 -18.31 -32.38 24.19
CA LEU T 78 -19.45 -31.79 23.51
C LEU T 78 -20.21 -32.84 22.69
N GLN T 79 -21.52 -32.70 22.67
CA GLN T 79 -22.44 -33.67 22.09
C GLN T 79 -23.00 -33.14 20.78
N SER T 80 -23.92 -33.92 20.18
CA SER T 80 -24.48 -33.54 18.89
C SER T 80 -25.19 -32.19 18.97
N GLU T 81 -25.88 -31.94 20.08
CA GLU T 81 -26.58 -30.67 20.26
C GLU T 81 -25.63 -29.47 20.23
N ASP T 82 -24.39 -29.65 20.67
CA ASP T 82 -23.50 -28.53 20.96
C ASP T 82 -22.93 -27.84 19.72
N PHE T 83 -23.24 -28.31 18.51
CA PHE T 83 -22.67 -27.69 17.31
C PHE T 83 -23.51 -26.47 16.94
N ALA T 84 -22.96 -25.28 17.16
CA ALA T 84 -23.65 -24.02 16.92
C ALA T 84 -22.63 -22.88 16.98
N VAL T 85 -23.13 -21.65 16.88
CA VAL T 85 -22.30 -20.45 17.04
C VAL T 85 -22.30 -20.01 18.50
N TYR T 86 -21.15 -19.54 18.98
CA TYR T 86 -20.98 -19.04 20.35
C TYR T 86 -20.34 -17.66 20.32
N TYR T 87 -20.99 -16.69 20.97
CA TYR T 87 -20.45 -15.35 21.11
C TYR T 87 -20.10 -15.06 22.57
N CYS T 88 -19.07 -14.24 22.77
CA CYS T 88 -18.80 -13.65 24.07
C CYS T 88 -19.28 -12.19 24.07
N GLN T 89 -19.48 -11.65 25.28
CA GLN T 89 -20.10 -10.34 25.41
C GLN T 89 -19.58 -9.62 26.64
N GLU T 90 -19.13 -8.38 26.46
CA GLU T 90 -18.80 -7.49 27.56
C GLU T 90 -20.02 -6.70 28.00
N TYR T 91 -20.23 -6.59 29.31
CA TYR T 91 -21.26 -5.68 29.78
C TYR T 91 -20.84 -4.87 31.02
N ASN T 92 -19.53 -4.65 31.22
CA ASN T 92 -19.11 -3.91 32.41
C ASN T 92 -19.36 -2.41 32.35
N ASN T 93 -19.69 -1.84 31.19
CA ASN T 93 -20.12 -0.45 31.12
C ASN T 93 -21.64 -0.38 31.13
N TRP T 94 -22.21 -0.60 32.30
CA TRP T 94 -23.64 -0.84 32.40
C TRP T 94 -24.43 0.41 32.01
N PRO T 95 -25.55 0.26 31.27
CA PRO T 95 -26.09 -0.94 30.59
C PRO T 95 -25.58 -1.21 29.17
N ARG T 96 -24.41 -0.74 28.77
CA ARG T 96 -23.97 -0.80 27.38
C ARG T 96 -23.23 -2.11 27.11
N TYR T 97 -23.62 -2.79 26.04
CA TYR T 97 -23.07 -4.11 25.72
C TYR T 97 -22.28 -4.05 24.42
N THR T 98 -21.39 -5.03 24.26
CA THR T 98 -20.71 -5.30 22.99
C THR T 98 -20.52 -6.79 22.86
N PHE T 99 -21.04 -7.38 21.78
CA PHE T 99 -20.78 -8.78 21.48
C PHE T 99 -19.42 -8.93 20.82
N GLY T 100 -19.04 -10.19 20.59
CA GLY T 100 -17.93 -10.52 19.72
C GLY T 100 -18.44 -10.99 18.36
N GLN T 101 -17.49 -11.22 17.45
CA GLN T 101 -17.90 -11.66 16.12
C GLN T 101 -18.52 -13.05 16.14
N GLY T 102 -18.15 -13.88 17.12
CA GLY T 102 -18.67 -15.23 17.18
C GLY T 102 -17.67 -16.27 16.70
N ALA T 103 -17.94 -17.52 17.09
CA ALA T 103 -17.13 -18.66 16.66
C ALA T 103 -18.06 -19.85 16.49
N LYS T 104 -18.22 -20.29 15.24
CA LYS T 104 -19.05 -21.46 14.95
C LYS T 104 -18.35 -22.75 15.36
N LEU T 105 -19.16 -23.76 15.67
CA LEU T 105 -18.66 -25.07 16.10
C LEU T 105 -19.28 -26.15 15.22
N GLU T 106 -18.48 -26.75 14.34
CA GLU T 106 -18.94 -27.71 13.36
C GLU T 106 -18.39 -29.10 13.67
N ILE T 107 -19.09 -30.12 13.17
CA ILE T 107 -18.63 -31.50 13.26
C ILE T 107 -17.39 -31.70 12.39
N ARG T 108 -16.39 -32.41 12.92
CA ARG T 108 -15.19 -32.76 12.19
C ARG T 108 -15.26 -34.18 11.64
N ARG T 109 -14.86 -34.35 10.39
CA ARG T 109 -14.71 -35.63 9.71
C ARG T 109 -13.49 -35.54 8.80
N THR T 110 -13.25 -36.58 8.02
CA THR T 110 -12.10 -36.64 7.12
C THR T 110 -12.30 -35.76 5.88
N VAL T 111 -11.17 -35.35 5.30
CA VAL T 111 -11.19 -34.49 4.13
C VAL T 111 -11.83 -35.23 2.97
N ALA T 112 -12.71 -34.53 2.25
CA ALA T 112 -13.39 -35.09 1.09
C ALA T 112 -13.32 -34.11 -0.07
N ALA T 113 -12.84 -34.59 -1.21
CA ALA T 113 -12.73 -33.75 -2.39
C ALA T 113 -14.12 -33.49 -2.97
N PRO T 114 -14.34 -32.34 -3.59
CA PRO T 114 -15.69 -32.02 -4.09
C PRO T 114 -15.96 -32.69 -5.42
N SER T 115 -17.22 -33.10 -5.61
CA SER T 115 -17.73 -33.46 -6.92
C SER T 115 -18.20 -32.18 -7.61
N VAL T 116 -17.61 -31.88 -8.75
CA VAL T 116 -17.87 -30.64 -9.47
C VAL T 116 -18.74 -30.97 -10.68
N PHE T 117 -19.83 -30.23 -10.87
CA PHE T 117 -20.66 -30.33 -12.06
C PHE T 117 -20.92 -28.92 -12.57
N ILE T 118 -21.09 -28.80 -13.88
CA ILE T 118 -21.31 -27.51 -14.53
C ILE T 118 -22.53 -27.61 -15.43
N PHE T 119 -23.32 -26.55 -15.46
CA PHE T 119 -24.59 -26.49 -16.17
C PHE T 119 -24.63 -25.26 -17.06
N PRO T 120 -25.07 -25.41 -18.31
CA PRO T 120 -25.18 -24.26 -19.19
C PRO T 120 -26.39 -23.43 -18.83
N PRO T 121 -26.45 -22.17 -19.25
CA PRO T 121 -27.64 -21.37 -18.98
C PRO T 121 -28.85 -21.97 -19.67
N SER T 122 -30.03 -21.62 -19.15
CA SER T 122 -31.25 -22.18 -19.73
C SER T 122 -31.61 -21.48 -21.03
N ASP T 123 -32.42 -22.17 -21.83
CA ASP T 123 -32.97 -21.56 -23.03
C ASP T 123 -33.95 -20.45 -22.67
N GLU T 124 -34.70 -20.65 -21.59
CA GLU T 124 -35.64 -19.65 -21.11
C GLU T 124 -34.93 -18.36 -20.67
N GLN T 125 -33.67 -18.44 -20.22
CA GLN T 125 -33.01 -17.20 -19.79
C GLN T 125 -32.47 -16.41 -20.96
N LEU T 126 -31.99 -17.08 -22.00
CA LEU T 126 -31.25 -16.35 -23.02
C LEU T 126 -32.17 -15.50 -23.87
N LYS T 127 -33.45 -15.85 -23.94
CA LYS T 127 -34.43 -14.96 -24.57
C LYS T 127 -34.94 -13.88 -23.62
N SER T 128 -34.68 -14.01 -22.31
CA SER T 128 -34.97 -12.93 -21.38
C SER T 128 -33.88 -11.87 -21.36
N GLY T 129 -32.68 -12.20 -21.84
CA GLY T 129 -31.57 -11.27 -21.95
C GLY T 129 -30.33 -11.64 -21.16
N THR T 130 -30.47 -12.46 -20.12
CA THR T 130 -29.35 -12.80 -19.26
C THR T 130 -29.01 -14.28 -19.35
N ALA T 131 -27.78 -14.61 -18.93
CA ALA T 131 -27.30 -15.97 -18.84
C ALA T 131 -26.66 -16.18 -17.47
N SER T 132 -26.89 -17.35 -16.87
CA SER T 132 -26.37 -17.68 -15.55
C SER T 132 -25.71 -19.05 -15.62
N VAL T 133 -24.38 -19.08 -15.52
CA VAL T 133 -23.62 -20.32 -15.56
C VAL T 133 -23.29 -20.70 -14.12
N VAL T 134 -23.67 -21.93 -13.73
CA VAL T 134 -23.60 -22.38 -12.35
C VAL T 134 -22.55 -23.47 -12.22
N CYS T 135 -21.77 -23.40 -11.14
CA CYS T 135 -20.74 -24.37 -10.81
C CYS T 135 -21.01 -24.89 -9.41
N LEU T 136 -21.10 -26.20 -9.27
CA LEU T 136 -21.52 -26.82 -8.02
C LEU T 136 -20.42 -27.73 -7.46
N LEU T 137 -20.14 -27.56 -6.18
CA LEU T 137 -19.27 -28.45 -5.42
C LEU T 137 -20.14 -29.20 -4.43
N ASN T 138 -20.06 -30.53 -4.43
CA ASN T 138 -21.02 -31.35 -3.72
C ASN T 138 -20.31 -32.25 -2.71
N ASN T 139 -20.78 -32.22 -1.47
CA ASN T 139 -20.37 -33.14 -0.41
C ASN T 139 -18.85 -33.15 -0.20
N PHE T 140 -18.33 -31.97 0.16
CA PHE T 140 -16.91 -31.80 0.47
C PHE T 140 -16.72 -31.23 1.87
N TYR T 141 -15.53 -31.46 2.45
CA TYR T 141 -15.14 -30.83 3.71
C TYR T 141 -13.64 -31.00 3.70
N PRO T 142 -12.84 -29.99 4.14
CA PRO T 142 -13.26 -28.74 4.78
C PRO T 142 -13.91 -27.74 3.85
N ARG T 143 -14.50 -26.72 4.46
CA ARG T 143 -15.24 -25.74 3.69
C ARG T 143 -14.32 -24.80 2.93
N GLU T 144 -13.16 -24.48 3.49
CA GLU T 144 -12.33 -23.49 2.81
C GLU T 144 -11.94 -24.02 1.44
N ALA T 145 -12.50 -23.39 0.43
CA ALA T 145 -12.25 -23.68 -0.97
C ALA T 145 -12.75 -22.48 -1.75
N LYS T 146 -12.10 -22.17 -2.85
CA LYS T 146 -12.53 -21.04 -3.65
C LYS T 146 -12.52 -21.45 -5.12
N VAL T 147 -13.55 -21.02 -5.84
CA VAL T 147 -13.76 -21.39 -7.23
C VAL T 147 -13.88 -20.12 -8.03
N GLN T 148 -13.04 -20.00 -9.05
CA GLN T 148 -12.98 -18.83 -9.92
C GLN T 148 -13.26 -19.25 -11.35
N TRP T 149 -13.89 -18.35 -12.09
CA TRP T 149 -14.37 -18.62 -13.43
C TRP T 149 -13.40 -18.10 -14.46
N LYS T 150 -13.19 -18.87 -15.52
CA LYS T 150 -12.35 -18.47 -16.64
C LYS T 150 -13.19 -18.60 -17.91
N VAL T 151 -13.31 -17.49 -18.63
CA VAL T 151 -14.07 -17.44 -19.88
C VAL T 151 -13.07 -17.15 -20.99
N ASP T 152 -12.82 -18.13 -21.84
CA ASP T 152 -11.72 -18.09 -22.82
C ASP T 152 -10.40 -17.77 -22.14
N ASN T 153 -10.14 -18.47 -21.02
CA ASN T 153 -8.95 -18.31 -20.20
C ASN T 153 -8.83 -16.94 -19.55
N ALA T 154 -9.88 -16.11 -19.65
CA ALA T 154 -9.90 -14.82 -18.97
C ALA T 154 -10.44 -15.01 -17.56
N LEU T 155 -9.58 -14.81 -16.56
CA LEU T 155 -9.99 -14.97 -15.17
C LEU T 155 -11.09 -13.98 -14.83
N GLN T 156 -12.24 -14.48 -14.41
CA GLN T 156 -13.34 -13.61 -14.06
C GLN T 156 -13.28 -13.26 -12.58
N SER T 157 -13.79 -12.08 -12.26
CA SER T 157 -13.77 -11.58 -10.89
C SER T 157 -14.89 -10.56 -10.71
N GLY T 158 -15.56 -10.62 -9.57
CA GLY T 158 -16.58 -9.65 -9.26
C GLY T 158 -17.90 -9.83 -9.99
N ASN T 159 -18.12 -10.98 -10.63
CA ASN T 159 -19.40 -11.22 -11.30
C ASN T 159 -19.95 -12.61 -11.00
N SER T 160 -19.46 -13.24 -9.93
CA SER T 160 -20.04 -14.46 -9.41
C SER T 160 -20.35 -14.24 -7.93
N GLN T 161 -21.47 -14.78 -7.48
CA GLN T 161 -21.83 -14.79 -6.06
C GLN T 161 -21.91 -16.22 -5.60
N GLU T 162 -21.29 -16.51 -4.45
CA GLU T 162 -21.25 -17.86 -3.91
C GLU T 162 -22.03 -17.94 -2.60
N SER T 163 -22.68 -19.08 -2.41
CA SER T 163 -23.38 -19.40 -1.17
C SER T 163 -23.07 -20.85 -0.83
N VAL T 164 -22.92 -21.11 0.46
CA VAL T 164 -22.55 -22.44 0.94
C VAL T 164 -23.76 -23.01 1.67
N THR T 165 -23.86 -24.33 1.70
CA THR T 165 -24.95 -24.95 2.41
C THR T 165 -24.54 -25.31 3.83
N GLU T 166 -25.53 -25.50 4.67
CA GLU T 166 -25.31 -25.91 6.04
C GLU T 166 -24.69 -27.30 6.06
N GLN T 167 -23.90 -27.57 7.11
CA GLN T 167 -23.29 -28.88 7.25
C GLN T 167 -24.41 -29.91 7.35
N ASP T 168 -24.35 -30.91 6.47
CA ASP T 168 -25.50 -31.79 6.28
C ASP T 168 -25.79 -32.61 7.54
N SER T 169 -27.08 -32.74 7.85
CA SER T 169 -27.48 -33.47 9.05
C SER T 169 -27.07 -34.93 8.97
N LYS T 170 -27.16 -35.52 7.77
CA LYS T 170 -26.88 -36.93 7.61
C LYS T 170 -25.38 -37.21 7.47
N ASP T 171 -24.71 -36.51 6.55
CA ASP T 171 -23.33 -36.84 6.20
C ASP T 171 -22.32 -35.79 6.66
N SER T 172 -22.76 -34.64 7.16
CA SER T 172 -21.88 -33.62 7.72
C SER T 172 -20.91 -33.05 6.68
N THR T 173 -21.35 -32.98 5.43
CA THR T 173 -20.55 -32.43 4.35
C THR T 173 -21.01 -31.03 3.99
N TYR T 174 -20.35 -30.43 3.01
CA TYR T 174 -20.70 -29.11 2.51
C TYR T 174 -21.12 -29.18 1.05
N SER T 175 -21.89 -28.18 0.64
CA SER T 175 -22.17 -27.94 -0.77
C SER T 175 -22.02 -26.46 -1.06
N LEU T 176 -21.60 -26.14 -2.28
CA LEU T 176 -21.35 -24.77 -2.68
C LEU T 176 -21.83 -24.57 -4.11
N SER T 177 -22.42 -23.41 -4.37
CA SER T 177 -22.85 -23.05 -5.72
C SER T 177 -22.26 -21.69 -6.07
N SER T 178 -21.44 -21.65 -7.12
CA SER T 178 -20.98 -20.41 -7.70
C SER T 178 -21.77 -20.16 -8.97
N THR T 179 -22.33 -18.96 -9.09
CA THR T 179 -23.15 -18.60 -10.24
C THR T 179 -22.50 -17.46 -10.99
N LEU T 180 -22.13 -17.71 -12.25
CA LEU T 180 -21.61 -16.66 -13.12
C LEU T 180 -22.77 -16.14 -13.95
N THR T 181 -22.99 -14.83 -13.89
CA THR T 181 -24.09 -14.19 -14.61
C THR T 181 -23.54 -13.25 -15.67
N LEU T 182 -23.94 -13.46 -16.91
CA LEU T 182 -23.64 -12.54 -18.01
C LEU T 182 -24.93 -12.24 -18.75
N SER T 183 -24.88 -11.26 -19.64
CA SER T 183 -26.00 -10.97 -20.52
C SER T 183 -25.93 -11.84 -21.77
N LYS T 184 -27.06 -11.90 -22.48
CA LYS T 184 -27.10 -12.60 -23.76
C LYS T 184 -26.03 -12.07 -24.70
N ALA T 185 -25.79 -10.76 -24.68
CA ALA T 185 -24.76 -10.17 -25.53
C ALA T 185 -23.38 -10.71 -25.17
N ASP T 186 -23.03 -10.66 -23.89
CA ASP T 186 -21.71 -11.12 -23.46
C ASP T 186 -21.60 -12.64 -23.37
N TYR T 187 -22.70 -13.36 -23.12
CA TYR T 187 -22.62 -14.81 -23.06
C TYR T 187 -22.29 -15.41 -24.42
N GLU T 188 -22.83 -14.83 -25.49
CA GLU T 188 -22.56 -15.33 -26.84
C GLU T 188 -21.17 -14.95 -27.33
N LYS T 189 -20.52 -13.95 -26.72
CA LYS T 189 -19.24 -13.49 -27.23
C LYS T 189 -18.21 -14.62 -27.22
N HIS T 190 -18.20 -15.42 -26.16
CA HIS T 190 -17.17 -16.43 -25.92
C HIS T 190 -17.77 -17.82 -26.06
N LYS T 191 -16.90 -18.83 -26.01
CA LYS T 191 -17.35 -20.21 -26.16
C LYS T 191 -17.01 -21.10 -24.98
N VAL T 192 -15.81 -20.96 -24.41
CA VAL T 192 -15.35 -21.84 -23.35
C VAL T 192 -15.60 -21.17 -22.00
N TYR T 193 -16.42 -21.80 -21.17
CA TYR T 193 -16.66 -21.36 -19.79
C TYR T 193 -16.35 -22.51 -18.85
N ALA T 194 -15.34 -22.34 -18.01
CA ALA T 194 -14.91 -23.37 -17.09
C ALA T 194 -14.78 -22.78 -15.70
N CYS T 195 -15.17 -23.55 -14.70
CA CYS T 195 -14.90 -23.24 -13.31
C CYS T 195 -13.85 -24.22 -12.79
N GLU T 196 -12.81 -23.68 -12.16
CA GLU T 196 -11.74 -24.48 -11.59
C GLU T 196 -11.87 -24.48 -10.08
N VAL T 197 -11.64 -25.64 -9.48
CA VAL T 197 -11.85 -25.84 -8.05
C VAL T 197 -10.53 -26.17 -7.40
N THR T 198 -10.16 -25.40 -6.38
CA THR T 198 -9.02 -25.69 -5.52
C THR T 198 -9.57 -26.07 -4.16
N HIS T 199 -9.20 -27.25 -3.68
CA HIS T 199 -9.68 -27.74 -2.40
C HIS T 199 -8.58 -28.54 -1.73
N GLN T 200 -8.65 -28.63 -0.40
CA GLN T 200 -7.64 -29.36 0.35
C GLN T 200 -7.61 -30.84 -0.05
N GLY T 201 -8.76 -31.42 -0.39
CA GLY T 201 -8.82 -32.82 -0.72
C GLY T 201 -8.53 -33.19 -2.17
N LEU T 202 -8.05 -32.25 -2.98
CA LEU T 202 -7.62 -32.55 -4.34
C LEU T 202 -6.12 -32.31 -4.46
N SER T 203 -5.42 -33.28 -5.06
CA SER T 203 -3.98 -33.14 -5.27
C SER T 203 -3.67 -31.91 -6.12
N SER T 204 -4.42 -31.69 -7.19
CA SER T 204 -4.28 -30.53 -8.03
C SER T 204 -5.66 -30.08 -8.49
N PRO T 205 -5.81 -28.79 -8.84
CA PRO T 205 -7.13 -28.27 -9.23
C PRO T 205 -7.74 -28.97 -10.44
N VAL T 206 -9.03 -29.30 -10.33
CA VAL T 206 -9.82 -29.88 -11.41
C VAL T 206 -10.69 -28.79 -12.05
N THR T 207 -10.79 -28.81 -13.37
CA THR T 207 -11.63 -27.87 -14.11
C THR T 207 -12.66 -28.64 -14.92
N LYS T 208 -13.86 -28.07 -15.00
CA LYS T 208 -14.93 -28.61 -15.83
C LYS T 208 -15.51 -27.49 -16.66
N SER T 209 -15.86 -27.80 -17.91
CA SER T 209 -16.17 -26.79 -18.89
C SER T 209 -17.25 -27.32 -19.82
N PHE T 210 -17.74 -26.45 -20.68
CA PHE T 210 -18.80 -26.79 -21.62
C PHE T 210 -18.74 -25.89 -22.84
N ASN T 211 -19.18 -26.43 -23.97
CA ASN T 211 -19.30 -25.68 -25.22
C ASN T 211 -20.76 -25.30 -25.43
N ARG T 212 -21.02 -24.01 -25.53
CA ARG T 212 -22.37 -23.49 -25.69
C ARG T 212 -22.94 -23.82 -27.07
N THR U 6 -19.90 -8.53 58.15
CA THR U 6 -18.62 -9.04 58.60
C THR U 6 -18.57 -10.56 58.43
N GLU U 7 -19.74 -11.19 58.48
CA GLU U 7 -19.93 -12.55 58.00
C GLU U 7 -20.42 -12.48 56.54
N ILE U 8 -20.50 -13.63 55.89
CA ILE U 8 -21.02 -13.65 54.52
C ILE U 8 -22.50 -13.27 54.52
N SER U 9 -23.22 -13.59 55.60
CA SER U 9 -24.64 -13.25 55.66
C SER U 9 -24.81 -11.78 55.98
N LYS U 10 -23.99 -11.25 56.89
CA LYS U 10 -24.05 -9.84 57.25
C LYS U 10 -23.90 -8.96 56.01
N LYS U 11 -23.04 -9.36 55.07
CA LYS U 11 -22.98 -8.66 53.79
C LYS U 11 -24.30 -8.79 53.06
N ILE U 12 -24.88 -9.99 53.04
CA ILE U 12 -26.13 -10.24 52.33
C ILE U 12 -27.27 -9.44 52.95
N THR U 13 -27.41 -9.50 54.27
CA THR U 13 -28.54 -8.85 54.92
C THR U 13 -28.47 -7.34 54.81
N ASP U 14 -27.30 -6.76 55.01
CA ASP U 14 -27.16 -5.30 54.93
C ASP U 14 -27.34 -4.81 53.50
N SER U 15 -26.65 -5.44 52.55
CA SER U 15 -26.76 -5.03 51.15
C SER U 15 -28.18 -5.23 50.63
N ASN U 16 -28.88 -6.26 51.11
CA ASN U 16 -30.28 -6.45 50.73
C ASN U 16 -31.13 -5.30 51.27
N ALA U 17 -30.89 -4.90 52.53
CA ALA U 17 -31.60 -3.78 53.12
C ALA U 17 -31.46 -2.52 52.27
N VAL U 18 -30.26 -2.26 51.74
CA VAL U 18 -30.04 -1.07 50.94
C VAL U 18 -30.83 -1.14 49.64
N LEU U 19 -30.92 -2.34 49.04
CA LEU U 19 -31.64 -2.46 47.78
C LEU U 19 -33.13 -2.21 47.96
N LEU U 20 -33.76 -2.90 48.92
CA LEU U 20 -35.17 -2.67 49.18
C LEU U 20 -35.45 -1.22 49.53
N ALA U 21 -34.58 -0.60 50.33
CA ALA U 21 -34.76 0.81 50.65
C ALA U 21 -34.77 1.66 49.40
N VAL U 22 -33.84 1.38 48.47
CA VAL U 22 -33.76 2.15 47.23
C VAL U 22 -34.89 1.77 46.28
N LYS U 23 -35.20 0.48 46.18
CA LYS U 23 -36.22 0.04 45.23
C LYS U 23 -37.62 0.53 45.56
N GLU U 24 -37.88 0.90 46.82
CA GLU U 24 -39.15 1.56 47.11
C GLU U 24 -39.15 3.02 46.70
N VAL U 25 -37.98 3.65 46.64
CA VAL U 25 -37.89 4.99 46.07
C VAL U 25 -38.30 4.97 44.61
N GLU U 26 -37.79 3.99 43.85
CA GLU U 26 -38.18 3.84 42.45
C GLU U 26 -39.66 3.48 42.33
N ALA U 27 -40.17 2.67 43.27
CA ALA U 27 -41.59 2.32 43.26
C ALA U 27 -42.48 3.55 43.43
N LEU U 28 -42.08 4.46 44.32
CA LEU U 28 -42.83 5.71 44.48
C LEU U 28 -42.75 6.56 43.20
N LEU U 29 -41.55 6.68 42.62
CA LEU U 29 -41.40 7.42 41.38
C LEU U 29 -42.34 6.91 40.29
N SER U 30 -42.52 5.59 40.21
CA SER U 30 -43.46 5.04 39.24
C SER U 30 -44.89 5.44 39.56
N SER U 31 -45.19 5.71 40.83
CA SER U 31 -46.52 6.21 41.19
C SER U 31 -46.76 7.60 40.63
N ILE U 32 -45.75 8.48 40.69
CA ILE U 32 -45.86 9.77 40.05
C ILE U 32 -46.06 9.59 38.54
N ASP U 33 -45.25 8.71 37.94
CA ASP U 33 -45.34 8.49 36.51
C ASP U 33 -46.69 7.89 36.12
N GLU U 34 -47.21 6.98 36.94
CA GLU U 34 -48.45 6.30 36.57
C GLU U 34 -49.64 7.23 36.64
N ILE U 35 -49.68 8.12 37.63
CA ILE U 35 -50.74 9.12 37.67
C ILE U 35 -50.55 10.15 36.56
N ALA U 36 -49.30 10.52 36.26
CA ALA U 36 -49.05 11.48 35.20
C ALA U 36 -49.50 10.95 33.84
N ALA U 37 -49.27 9.66 33.59
CA ALA U 37 -49.60 9.11 32.28
C ALA U 37 -51.08 8.78 32.15
N LYS U 38 -51.70 8.28 33.22
CA LYS U 38 -53.04 7.72 33.12
C LYS U 38 -54.11 8.49 33.90
N ALA U 39 -53.73 9.45 34.74
CA ALA U 39 -54.69 10.16 35.57
C ALA U 39 -54.76 11.66 35.32
N ILE U 40 -53.78 12.23 34.62
CA ILE U 40 -53.85 13.64 34.27
C ILE U 40 -55.05 13.85 33.36
N GLY U 41 -55.95 14.75 33.75
CA GLY U 41 -57.13 15.00 32.96
C GLY U 41 -58.15 13.88 32.95
N LYS U 42 -58.22 13.08 34.01
CA LYS U 42 -59.12 11.94 34.02
C LYS U 42 -60.01 11.97 35.26
N LYS U 43 -61.04 11.13 35.21
CA LYS U 43 -62.02 10.98 36.29
C LYS U 43 -62.45 9.51 36.33
N ILE U 44 -63.03 9.12 37.46
CA ILE U 44 -63.48 7.74 37.61
C ILE U 44 -64.68 7.49 36.70
N HIS U 45 -64.69 6.33 36.06
CA HIS U 45 -65.80 5.93 35.20
C HIS U 45 -66.30 4.56 35.62
N GLN U 46 -67.62 4.39 35.59
CA GLN U 46 -68.24 3.19 36.16
C GLN U 46 -67.82 1.93 35.41
N ASN U 47 -67.63 2.03 34.10
CA ASN U 47 -67.31 0.89 33.25
C ASN U 47 -65.91 0.94 32.67
N ASN U 48 -65.55 2.05 32.02
CA ASN U 48 -64.24 2.16 31.39
C ASN U 48 -63.13 2.23 32.43
N GLY U 49 -63.45 2.69 33.63
CA GLY U 49 -62.50 2.79 34.73
C GLY U 49 -61.92 4.18 34.89
N LEU U 50 -61.63 4.83 33.78
CA LEU U 50 -61.19 6.21 33.76
C LEU U 50 -61.76 6.88 32.53
N ASP U 51 -62.11 8.16 32.65
CA ASP U 51 -62.75 8.88 31.56
C ASP U 51 -62.24 10.31 31.60
N THR U 52 -62.47 11.03 30.51
CA THR U 52 -61.82 12.32 30.33
C THR U 52 -62.46 13.38 31.22
N GLU U 53 -61.60 14.18 31.85
CA GLU U 53 -62.03 15.33 32.66
C GLU U 53 -60.92 16.37 32.53
N ASN U 54 -61.13 17.34 31.66
CA ASN U 54 -60.04 18.20 31.22
C ASN U 54 -59.81 19.35 32.19
N ASN U 55 -58.53 19.64 32.44
CA ASN U 55 -58.08 20.88 33.09
C ASN U 55 -58.58 20.97 34.54
N HIS U 56 -58.54 19.86 35.27
CA HIS U 56 -58.87 19.84 36.68
C HIS U 56 -57.86 19.01 37.48
N ASN U 57 -56.58 19.19 37.19
CA ASN U 57 -55.53 18.30 37.70
C ASN U 57 -54.92 18.79 39.01
N GLY U 58 -55.59 19.69 39.73
CA GLY U 58 -55.00 20.27 40.92
C GLY U 58 -54.76 19.33 42.08
N SER U 59 -55.80 18.64 42.53
CA SER U 59 -55.64 17.70 43.65
C SER U 59 -54.70 16.57 43.27
N LEU U 60 -54.63 16.24 41.98
CA LEU U 60 -53.69 15.24 41.49
C LEU U 60 -52.25 15.70 41.75
N LEU U 61 -51.94 16.96 41.41
CA LEU U 61 -50.60 17.48 41.64
C LEU U 61 -50.28 17.55 43.13
N ALA U 62 -51.28 17.86 43.95
CA ALA U 62 -51.10 17.80 45.40
C ALA U 62 -50.65 16.40 45.83
N GLY U 63 -51.34 15.37 45.35
CA GLY U 63 -50.90 14.02 45.61
C GLY U 63 -49.52 13.74 45.06
N ALA U 64 -49.23 14.26 43.87
CA ALA U 64 -47.89 14.10 43.29
C ALA U 64 -46.84 14.71 44.20
N TYR U 65 -47.09 15.94 44.68
CA TYR U 65 -46.14 16.58 45.58
C TYR U 65 -46.07 15.85 46.92
N ALA U 66 -47.21 15.34 47.40
CA ALA U 66 -47.20 14.56 48.64
C ALA U 66 -46.26 13.37 48.53
N ILE U 67 -46.35 12.63 47.42
CA ILE U 67 -45.40 11.54 47.17
C ILE U 67 -44.00 12.09 46.98
N SER U 68 -43.89 13.30 46.39
CA SER U 68 -42.58 13.89 46.15
C SER U 68 -41.82 14.06 47.46
N THR U 69 -42.50 14.53 48.51
CA THR U 69 -41.83 14.67 49.80
C THR U 69 -41.66 13.32 50.50
N LEU U 70 -42.56 12.36 50.25
CA LEU U 70 -42.33 11.01 50.75
C LEU U 70 -41.07 10.40 50.15
N ILE U 71 -40.72 10.78 48.92
CA ILE U 71 -39.49 10.29 48.30
C ILE U 71 -38.27 10.81 49.05
N LYS U 72 -38.22 12.12 49.29
CA LYS U 72 -37.08 12.70 49.99
C LYS U 72 -36.93 12.12 51.39
N GLN U 73 -38.05 11.91 52.08
CA GLN U 73 -38.02 11.26 53.39
C GLN U 73 -37.29 9.92 53.32
N LYS U 74 -37.56 9.14 52.27
CA LYS U 74 -36.94 7.83 52.13
C LYS U 74 -35.46 7.95 51.77
N LEU U 75 -35.12 8.90 50.89
CA LEU U 75 -33.73 9.14 50.55
C LEU U 75 -32.97 9.72 51.74
N ASP U 76 -33.66 10.44 52.62
CA ASP U 76 -33.01 10.99 53.81
C ASP U 76 -32.64 9.89 54.82
N GLY U 77 -33.47 8.86 54.93
CA GLY U 77 -33.16 7.74 55.81
C GLY U 77 -32.13 6.78 55.28
N LEU U 78 -31.82 6.87 53.99
CA LEU U 78 -30.81 6.02 53.36
C LEU U 78 -29.42 6.56 53.62
N LYS U 79 -28.53 5.73 54.19
CA LYS U 79 -27.15 6.13 54.39
C LYS U 79 -26.22 4.95 54.27
N ASN U 80 -25.19 5.09 53.45
CA ASN U 80 -24.19 4.06 53.20
C ASN U 80 -22.87 4.76 52.89
N GLU U 81 -21.78 4.30 53.52
CA GLU U 81 -20.50 4.98 53.37
C GLU U 81 -20.01 4.90 51.93
N GLY U 82 -20.21 3.76 51.27
CA GLY U 82 -19.80 3.64 49.89
C GLY U 82 -20.68 4.45 48.96
N LEU U 83 -22.00 4.38 49.16
CA LEU U 83 -22.97 5.06 48.32
C LEU U 83 -23.24 6.50 48.75
N LYS U 84 -22.43 7.05 49.66
CA LYS U 84 -22.74 8.36 50.23
C LYS U 84 -22.86 9.43 49.16
N GLU U 85 -21.91 9.50 48.24
CA GLU U 85 -21.92 10.56 47.24
C GLU U 85 -23.07 10.37 46.26
N LYS U 86 -23.39 9.12 45.93
CA LYS U 86 -24.51 8.88 45.02
C LYS U 86 -25.85 9.11 45.72
N ILE U 87 -25.93 8.80 47.02
CA ILE U 87 -27.12 9.10 47.80
C ILE U 87 -27.32 10.61 47.91
N ASP U 88 -26.23 11.35 48.15
CA ASP U 88 -26.32 12.81 48.25
C ASP U 88 -26.85 13.43 46.98
N ALA U 89 -26.52 12.85 45.82
CA ALA U 89 -27.03 13.37 44.56
C ALA U 89 -28.54 13.19 44.44
N ALA U 90 -29.05 12.03 44.85
CA ALA U 90 -30.49 11.80 44.82
C ALA U 90 -31.23 12.73 45.77
N LYS U 91 -30.65 12.97 46.95
CA LYS U 91 -31.28 13.90 47.90
C LYS U 91 -31.43 15.29 47.30
N LYS U 92 -30.36 15.84 46.74
CA LYS U 92 -30.42 17.17 46.16
C LYS U 92 -31.38 17.22 44.98
N CYS U 93 -31.39 16.17 44.15
CA CYS U 93 -32.29 16.16 43.01
C CYS U 93 -33.74 16.07 43.48
N SER U 94 -34.00 15.30 44.53
CA SER U 94 -35.35 15.26 45.09
C SER U 94 -35.76 16.62 45.61
N GLU U 95 -34.81 17.37 46.20
CA GLU U 95 -35.11 18.71 46.68
C GLU U 95 -35.35 19.67 45.51
N THR U 96 -34.61 19.49 44.42
CA THR U 96 -34.77 20.37 43.26
C THR U 96 -36.14 20.19 42.61
N PHE U 97 -36.60 18.95 42.50
CA PHE U 97 -37.93 18.69 41.97
C PHE U 97 -39.01 19.25 42.89
N THR U 98 -38.93 18.92 44.19
CA THR U 98 -39.93 19.39 45.14
C THR U 98 -39.99 20.91 45.21
N ASN U 99 -38.83 21.58 45.17
CA ASN U 99 -38.83 23.05 45.20
C ASN U 99 -39.40 23.64 43.92
N LYS U 100 -39.16 23.00 42.78
CA LYS U 100 -39.67 23.54 41.52
C LYS U 100 -41.19 23.54 41.51
N LEU U 101 -41.82 22.50 42.06
CA LEU U 101 -43.28 22.45 42.13
C LEU U 101 -43.83 23.62 42.95
N LYS U 102 -43.21 23.92 44.09
CA LYS U 102 -43.61 25.10 44.85
C LYS U 102 -43.37 26.37 44.06
N GLU U 103 -42.25 26.44 43.33
CA GLU U 103 -41.95 27.62 42.52
C GLU U 103 -43.07 27.90 41.52
N LYS U 104 -43.71 26.85 41.00
CA LYS U 104 -44.76 26.95 40.01
C LYS U 104 -46.15 26.87 40.63
N HIS U 105 -46.30 27.35 41.87
CA HIS U 105 -47.58 27.24 42.56
C HIS U 105 -48.67 28.03 41.85
N THR U 106 -48.30 29.10 41.14
CA THR U 106 -49.32 29.87 40.43
C THR U 106 -50.00 29.05 39.35
N ASP U 107 -49.26 28.12 38.72
CA ASP U 107 -49.82 27.27 37.69
C ASP U 107 -50.20 25.89 38.18
N LEU U 108 -49.60 25.41 39.27
CA LEU U 108 -49.91 24.09 39.81
C LEU U 108 -50.72 24.14 41.09
N GLY U 109 -50.71 25.26 41.82
CA GLY U 109 -51.45 25.38 43.06
C GLY U 109 -52.85 25.92 42.91
N LYS U 110 -53.70 25.18 42.21
CA LYS U 110 -55.12 25.48 42.07
C LYS U 110 -55.83 24.17 41.81
N GLU U 111 -57.14 24.15 42.00
CA GLU U 111 -57.88 22.93 41.69
C GLU U 111 -57.93 22.68 40.20
N GLY U 112 -58.06 23.74 39.40
CA GLY U 112 -58.13 23.66 37.96
C GLY U 112 -56.81 23.78 37.22
N VAL U 113 -55.87 22.86 37.44
CA VAL U 113 -54.63 22.88 36.67
C VAL U 113 -54.87 22.20 35.33
N THR U 114 -54.49 22.88 34.24
CA THR U 114 -54.70 22.35 32.90
C THR U 114 -53.86 21.10 32.67
N ASP U 115 -54.34 20.29 31.72
CA ASP U 115 -53.54 19.15 31.26
C ASP U 115 -52.15 19.59 30.82
N ALA U 116 -52.07 20.73 30.11
CA ALA U 116 -50.79 21.23 29.62
C ALA U 116 -49.80 21.47 30.75
N ASP U 117 -50.25 22.17 31.80
CA ASP U 117 -49.33 22.51 32.88
C ASP U 117 -49.02 21.31 33.77
N ALA U 118 -50.01 20.46 34.03
CA ALA U 118 -49.75 19.25 34.81
C ALA U 118 -48.72 18.36 34.12
N LYS U 119 -48.88 18.16 32.81
CA LYS U 119 -47.89 17.38 32.06
C LYS U 119 -46.52 18.05 32.09
N GLU U 120 -46.50 19.38 31.99
CA GLU U 120 -45.23 20.10 32.12
C GLU U 120 -44.58 19.89 33.48
N ALA U 121 -45.34 19.42 34.47
CA ALA U 121 -44.84 19.25 35.83
C ALA U 121 -44.34 17.84 36.12
N ILE U 122 -45.10 16.81 35.76
CA ILE U 122 -44.81 15.45 36.21
C ILE U 122 -44.75 14.43 35.09
N LEU U 123 -44.91 14.83 33.83
CA LEU U 123 -44.81 13.87 32.72
C LEU U 123 -43.41 14.01 32.14
N LYS U 124 -42.49 13.18 32.62
CA LYS U 124 -41.09 13.34 32.23
C LYS U 124 -40.85 13.07 30.75
N THR U 125 -41.81 12.46 30.04
CA THR U 125 -41.72 12.25 28.61
C THR U 125 -42.41 13.33 27.80
N ASN U 126 -42.91 14.38 28.46
CA ASN U 126 -43.63 15.44 27.77
C ASN U 126 -42.69 16.22 26.85
N GLY U 127 -43.30 16.96 25.92
CA GLY U 127 -42.56 17.82 25.02
C GLY U 127 -41.86 18.95 25.74
N THR U 128 -42.63 19.77 26.44
CA THR U 128 -42.10 20.85 27.27
C THR U 128 -42.22 20.47 28.73
N LYS U 129 -41.21 20.81 29.51
CA LYS U 129 -41.04 20.31 30.87
C LYS U 129 -40.71 21.44 31.83
N THR U 130 -41.41 22.56 31.68
CA THR U 130 -41.08 23.80 32.38
C THR U 130 -41.75 23.94 33.75
N LYS U 131 -42.52 22.96 34.21
CA LYS U 131 -43.16 23.04 35.51
C LYS U 131 -42.63 22.01 36.49
N GLY U 132 -41.55 21.32 36.16
CA GLY U 132 -40.97 20.38 37.09
C GLY U 132 -40.59 19.06 36.45
N ALA U 133 -41.15 18.77 35.27
CA ALA U 133 -40.91 17.49 34.62
C ALA U 133 -39.44 17.31 34.25
N GLU U 134 -38.75 18.40 33.92
CA GLU U 134 -37.30 18.31 33.73
C GLU U 134 -36.62 17.80 34.99
N GLU U 135 -36.88 18.45 36.13
CA GLU U 135 -36.29 18.01 37.38
C GLU U 135 -36.75 16.62 37.77
N LEU U 136 -37.98 16.24 37.40
CA LEU U 136 -38.46 14.89 37.69
C LEU U 136 -37.65 13.85 36.91
N GLY U 137 -37.34 14.14 35.65
CA GLY U 137 -36.49 13.23 34.90
C GLY U 137 -35.10 13.12 35.49
N LYS U 138 -34.50 14.25 35.83
CA LYS U 138 -33.19 14.24 36.50
C LYS U 138 -33.24 13.45 37.80
N LEU U 139 -34.35 13.55 38.52
CA LEU U 139 -34.50 12.77 39.75
C LEU U 139 -34.53 11.27 39.46
N PHE U 140 -35.29 10.87 38.44
CA PHE U 140 -35.29 9.47 38.02
C PHE U 140 -33.88 8.99 37.75
N GLU U 141 -33.09 9.79 37.03
CA GLU U 141 -31.73 9.38 36.67
C GLU U 141 -30.86 9.20 37.92
N SER U 142 -30.98 10.11 38.89
CA SER U 142 -30.18 9.98 40.10
C SER U 142 -30.55 8.73 40.87
N VAL U 143 -31.84 8.41 40.95
CA VAL U 143 -32.25 7.18 41.61
C VAL U 143 -31.78 5.98 40.80
N GLU U 144 -31.74 6.09 39.48
CA GLU U 144 -31.29 4.98 38.64
C GLU U 144 -29.81 4.70 38.87
N VAL U 145 -29.01 5.76 39.03
CA VAL U 145 -27.61 5.60 39.38
C VAL U 145 -27.46 4.89 40.72
N LEU U 146 -28.42 5.09 41.61
CA LEU U 146 -28.36 4.46 42.92
C LEU U 146 -28.73 2.98 42.88
N SER U 147 -29.75 2.61 42.09
CA SER U 147 -30.14 1.20 42.01
C SER U 147 -29.07 0.36 41.35
N LYS U 148 -28.46 0.86 40.27
CA LYS U 148 -27.40 0.11 39.60
C LYS U 148 -26.24 -0.18 40.55
N ALA U 149 -25.81 0.83 41.31
CA ALA U 149 -24.73 0.63 42.27
C ALA U 149 -25.17 -0.27 43.42
N ALA U 150 -26.37 -0.07 43.95
CA ALA U 150 -26.85 -0.85 45.07
C ALA U 150 -27.07 -2.32 44.70
N LYS U 151 -27.42 -2.60 43.44
CA LYS U 151 -27.68 -3.98 43.04
C LYS U 151 -26.42 -4.83 43.08
N GLU U 152 -25.28 -4.27 42.68
CA GLU U 152 -24.06 -5.09 42.68
C GLU U 152 -23.53 -5.31 44.09
N MET U 153 -23.83 -4.41 45.03
CA MET U 153 -23.45 -4.67 46.41
C MET U 153 -24.17 -5.91 46.94
N LEU U 154 -25.45 -6.06 46.60
CA LEU U 154 -26.16 -7.28 46.93
C LEU U 154 -25.65 -8.46 46.11
N ALA U 155 -25.50 -8.23 44.80
CA ALA U 155 -25.16 -9.34 43.89
C ALA U 155 -23.79 -9.91 44.20
N ASN U 156 -22.80 -9.06 44.47
CA ASN U 156 -21.47 -9.57 44.79
C ASN U 156 -21.42 -10.15 46.21
N SER U 157 -22.34 -9.76 47.08
CA SER U 157 -22.42 -10.42 48.38
C SER U 157 -22.96 -11.83 48.24
N VAL U 158 -23.87 -12.07 47.29
CA VAL U 158 -24.43 -13.40 47.11
C VAL U 158 -23.55 -14.23 46.17
N LYS U 159 -22.81 -13.58 45.26
CA LYS U 159 -21.88 -14.23 44.37
C LYS U 159 -20.64 -14.77 45.09
N GLU U 160 -20.54 -14.51 46.40
CA GLU U 160 -19.53 -15.06 47.27
C GLU U 160 -19.86 -16.46 47.77
N LEU U 161 -20.79 -17.14 47.11
CA LEU U 161 -21.09 -18.53 47.45
C LEU U 161 -20.18 -19.47 46.69
N THR U 162 -19.79 -19.11 45.47
CA THR U 162 -18.67 -19.73 44.76
C THR U 162 -17.92 -18.63 43.99
N GLU V 7 -28.47 -25.71 43.43
CA GLU V 7 -29.66 -25.57 44.27
C GLU V 7 -29.38 -24.75 45.51
N ILE V 8 -28.10 -24.69 45.90
CA ILE V 8 -27.74 -24.19 47.22
C ILE V 8 -28.07 -22.71 47.36
N SER V 9 -28.07 -21.96 46.25
CA SER V 9 -28.32 -20.53 46.27
C SER V 9 -29.59 -20.11 45.54
N LYS V 10 -30.06 -20.90 44.56
CA LYS V 10 -31.20 -20.51 43.74
C LYS V 10 -32.42 -20.12 44.56
N LYS V 11 -32.74 -20.89 45.61
CA LYS V 11 -33.88 -20.53 46.44
C LYS V 11 -33.70 -19.13 47.03
N ILE V 12 -32.46 -18.80 47.43
CA ILE V 12 -32.19 -17.48 48.00
C ILE V 12 -32.46 -16.39 46.97
N THR V 13 -31.94 -16.57 45.75
CA THR V 13 -32.13 -15.57 44.72
C THR V 13 -33.61 -15.49 44.31
N ASP V 14 -34.28 -16.64 44.22
CA ASP V 14 -35.70 -16.65 43.91
C ASP V 14 -36.51 -16.00 45.01
N SER V 15 -36.20 -16.34 46.27
CA SER V 15 -36.89 -15.73 47.40
C SER V 15 -36.59 -14.24 47.48
N ASN V 16 -35.39 -13.82 47.09
CA ASN V 16 -35.08 -12.39 47.02
C ASN V 16 -35.94 -11.73 45.96
N ALA V 17 -36.11 -12.40 44.81
CA ALA V 17 -36.97 -11.87 43.75
C ALA V 17 -38.40 -11.73 44.23
N VAL V 18 -38.92 -12.75 44.94
CA VAL V 18 -40.29 -12.70 45.42
C VAL V 18 -40.47 -11.56 46.41
N LEU V 19 -39.47 -11.33 47.26
CA LEU V 19 -39.56 -10.26 48.26
C LEU V 19 -39.59 -8.88 47.60
N LEU V 20 -38.71 -8.64 46.62
CA LEU V 20 -38.70 -7.36 45.92
C LEU V 20 -40.06 -7.05 45.30
N ALA V 21 -40.70 -8.06 44.70
CA ALA V 21 -42.00 -7.85 44.09
C ALA V 21 -43.04 -7.41 45.11
N VAL V 22 -43.04 -8.03 46.29
CA VAL V 22 -44.06 -7.73 47.29
C VAL V 22 -43.83 -6.36 47.91
N LYS V 23 -42.58 -6.06 48.30
CA LYS V 23 -42.33 -4.80 49.00
C LYS V 23 -42.49 -3.58 48.12
N GLU V 24 -42.53 -3.73 46.80
CA GLU V 24 -42.91 -2.58 45.97
C GLU V 24 -44.42 -2.41 45.93
N VAL V 25 -45.17 -3.51 46.06
CA VAL V 25 -46.62 -3.39 46.22
C VAL V 25 -46.94 -2.58 47.47
N GLU V 26 -46.29 -2.92 48.58
CA GLU V 26 -46.45 -2.12 49.79
C GLU V 26 -45.96 -0.69 49.56
N ALA V 27 -44.87 -0.53 48.81
CA ALA V 27 -44.41 0.81 48.46
C ALA V 27 -45.44 1.53 47.61
N LEU V 28 -46.08 0.81 46.68
CA LEU V 28 -47.16 1.40 45.90
C LEU V 28 -48.36 1.72 46.78
N LEU V 29 -48.72 0.79 47.68
CA LEU V 29 -49.81 1.03 48.61
C LEU V 29 -49.57 2.28 49.45
N SER V 30 -48.32 2.49 49.90
CA SER V 30 -48.03 3.68 50.69
C SER V 30 -48.19 4.96 49.90
N SER V 31 -48.10 4.91 48.57
CA SER V 31 -48.41 6.08 47.77
C SER V 31 -49.89 6.43 47.85
N ILE V 32 -50.76 5.42 47.81
CA ILE V 32 -52.18 5.64 48.02
C ILE V 32 -52.43 6.17 49.43
N ASP V 33 -51.79 5.56 50.42
CA ASP V 33 -51.96 5.98 51.80
C ASP V 33 -51.47 7.42 52.00
N GLU V 34 -50.36 7.77 51.34
CA GLU V 34 -49.74 9.06 51.57
C GLU V 34 -50.56 10.20 50.96
N ILE V 35 -51.10 9.99 49.76
CA ILE V 35 -51.96 11.02 49.17
C ILE V 35 -53.28 11.11 49.92
N ALA V 36 -53.82 9.98 50.36
CA ALA V 36 -55.06 10.02 51.14
C ALA V 36 -54.88 10.78 52.45
N ALA V 37 -53.73 10.59 53.11
CA ALA V 37 -53.52 11.20 54.41
C ALA V 37 -53.14 12.67 54.31
N LYS V 38 -52.41 13.08 53.28
CA LYS V 38 -51.85 14.42 53.22
C LYS V 38 -52.30 15.24 52.01
N ALA V 39 -52.97 14.65 51.03
CA ALA V 39 -53.30 15.36 49.81
C ALA V 39 -54.79 15.55 49.55
N ILE V 40 -55.66 14.77 50.20
CA ILE V 40 -57.10 14.99 50.05
C ILE V 40 -57.43 16.39 50.53
N GLY V 41 -58.11 17.17 49.67
CA GLY V 41 -58.49 18.51 50.05
C GLY V 41 -57.34 19.50 50.14
N LYS V 42 -56.26 19.28 49.40
CA LYS V 42 -55.09 20.13 49.49
C LYS V 42 -54.69 20.65 48.12
N LYS V 43 -53.80 21.65 48.13
CA LYS V 43 -53.26 22.25 46.92
C LYS V 43 -51.82 22.64 47.18
N ILE V 44 -51.05 22.79 46.10
CA ILE V 44 -49.66 23.20 46.26
C ILE V 44 -49.59 24.66 46.69
N HIS V 45 -48.69 24.95 47.62
CA HIS V 45 -48.44 26.31 48.12
C HIS V 45 -46.97 26.59 47.96
N GLN V 46 -46.62 27.84 47.61
CA GLN V 46 -45.24 28.11 47.24
C GLN V 46 -44.26 27.92 48.40
N ASN V 47 -44.72 28.10 49.64
CA ASN V 47 -43.82 28.02 50.79
C ASN V 47 -44.08 26.79 51.66
N ASN V 48 -45.32 26.61 52.11
CA ASN V 48 -45.67 25.49 52.98
C ASN V 48 -45.64 24.14 52.28
N GLY V 49 -45.75 24.13 50.96
CA GLY V 49 -45.79 22.91 50.18
C GLY V 49 -47.20 22.40 49.93
N LEU V 50 -48.04 22.41 50.96
CA LEU V 50 -49.45 22.07 50.81
C LEU V 50 -50.30 23.00 51.68
N ASP V 51 -51.47 23.32 51.15
CA ASP V 51 -52.39 24.25 51.78
C ASP V 51 -53.79 23.75 51.47
N THR V 52 -54.79 24.23 52.20
CA THR V 52 -56.11 23.63 52.12
C THR V 52 -56.81 24.06 50.83
N GLU V 53 -57.45 23.09 50.17
CA GLU V 53 -58.23 23.35 48.96
C GLU V 53 -59.39 22.34 48.98
N ASN V 54 -60.54 22.79 49.46
CA ASN V 54 -61.62 21.88 49.83
C ASN V 54 -62.47 21.45 48.64
N ASN V 55 -62.81 20.16 48.62
CA ASN V 55 -63.88 19.60 47.80
C ASN V 55 -63.60 19.71 46.30
N HIS V 56 -62.36 19.47 45.90
CA HIS V 56 -62.01 19.36 44.49
C HIS V 56 -61.08 18.18 44.27
N ASN V 57 -61.39 17.05 44.91
CA ASN V 57 -60.48 15.91 44.98
C ASN V 57 -60.66 14.93 43.82
N GLY V 58 -61.24 15.38 42.71
CA GLY V 58 -61.55 14.48 41.61
C GLY V 58 -60.34 13.84 40.97
N SER V 59 -59.40 14.66 40.49
CA SER V 59 -58.21 14.12 39.83
C SER V 59 -57.37 13.27 40.78
N LEU V 60 -57.37 13.60 42.07
CA LEU V 60 -56.65 12.78 43.05
C LEU V 60 -57.19 11.36 43.07
N LEU V 61 -58.51 11.19 43.03
CA LEU V 61 -59.08 9.85 43.03
C LEU V 61 -58.76 9.10 41.74
N ALA V 62 -58.70 9.81 40.61
CA ALA V 62 -58.24 9.19 39.37
C ALA V 62 -56.83 8.63 39.54
N GLY V 63 -55.92 9.44 40.08
CA GLY V 63 -54.57 8.95 40.37
C GLY V 63 -54.57 7.77 41.32
N ALA V 64 -55.39 7.84 42.37
CA ALA V 64 -55.49 6.71 43.30
C ALA V 64 -56.00 5.47 42.60
N TYR V 65 -57.03 5.62 41.76
CA TYR V 65 -57.54 4.49 41.00
C TYR V 65 -56.48 3.97 40.03
N ALA V 66 -55.74 4.88 39.40
CA ALA V 66 -54.65 4.48 38.51
C ALA V 66 -53.57 3.72 39.26
N ILE V 67 -53.15 4.24 40.43
CA ILE V 67 -52.17 3.53 41.24
C ILE V 67 -52.75 2.20 41.70
N SER V 68 -54.04 2.16 42.02
CA SER V 68 -54.66 0.92 42.46
C SER V 68 -54.60 -0.13 41.36
N THR V 69 -54.81 0.27 40.11
CA THR V 69 -54.72 -0.68 39.01
C THR V 69 -53.27 -1.06 38.71
N LEU V 70 -52.33 -0.15 38.95
CA LEU V 70 -50.92 -0.54 38.86
C LEU V 70 -50.58 -1.62 39.89
N ILE V 71 -51.26 -1.59 41.05
CA ILE V 71 -51.08 -2.64 42.04
C ILE V 71 -51.60 -3.98 41.52
N LYS V 72 -52.79 -3.96 40.92
CA LYS V 72 -53.38 -5.19 40.40
C LYS V 72 -52.49 -5.78 39.33
N GLN V 73 -51.90 -4.94 38.48
CA GLN V 73 -50.93 -5.39 37.51
C GLN V 73 -49.77 -6.15 38.16
N LYS V 74 -49.21 -5.57 39.23
CA LYS V 74 -48.02 -6.15 39.83
C LYS V 74 -48.32 -7.43 40.60
N LEU V 75 -49.45 -7.46 41.33
CA LEU V 75 -49.81 -8.67 42.06
C LEU V 75 -50.11 -9.83 41.12
N ASP V 76 -50.59 -9.55 39.92
CA ASP V 76 -50.83 -10.62 38.94
C ASP V 76 -49.52 -11.19 38.43
N GLY V 77 -48.46 -10.38 38.39
CA GLY V 77 -47.16 -10.85 37.96
C GLY V 77 -46.47 -11.73 38.97
N LEU V 78 -46.92 -11.74 40.22
CA LEU V 78 -46.36 -12.61 41.23
C LEU V 78 -46.84 -14.03 41.02
N LYS V 79 -45.90 -14.95 40.83
CA LYS V 79 -46.20 -16.36 40.66
C LYS V 79 -45.14 -17.15 41.40
N ASN V 80 -45.57 -17.92 42.39
CA ASN V 80 -44.70 -18.71 43.24
C ASN V 80 -45.56 -19.86 43.74
N GLU V 81 -45.05 -21.09 43.61
CA GLU V 81 -45.86 -22.26 43.93
C GLU V 81 -46.20 -22.31 45.42
N GLY V 82 -45.27 -21.92 46.28
CA GLY V 82 -45.53 -21.98 47.71
C GLY V 82 -46.54 -20.95 48.19
N LEU V 83 -46.41 -19.71 47.73
CA LEU V 83 -47.24 -18.59 48.18
C LEU V 83 -48.52 -18.41 47.36
N LYS V 84 -48.93 -19.41 46.56
CA LYS V 84 -50.05 -19.21 45.63
C LYS V 84 -51.31 -18.73 46.35
N GLU V 85 -51.66 -19.36 47.46
CA GLU V 85 -52.92 -19.02 48.13
C GLU V 85 -52.90 -17.60 48.66
N LYS V 86 -51.76 -17.14 49.17
CA LYS V 86 -51.69 -15.80 49.74
C LYS V 86 -51.68 -14.73 48.66
N ILE V 87 -51.00 -14.99 47.52
CA ILE V 87 -51.04 -14.04 46.42
C ILE V 87 -52.43 -13.93 45.83
N ASP V 88 -53.10 -15.08 45.65
CA ASP V 88 -54.47 -15.06 45.13
C ASP V 88 -55.39 -14.26 46.05
N ALA V 89 -55.16 -14.32 47.36
CA ALA V 89 -55.96 -13.53 48.28
C ALA V 89 -55.69 -12.04 48.10
N ALA V 90 -54.43 -11.68 47.88
CA ALA V 90 -54.10 -10.28 47.60
C ALA V 90 -54.67 -9.84 46.25
N LYS V 91 -54.63 -10.72 45.26
CA LYS V 91 -55.20 -10.41 43.95
C LYS V 91 -56.68 -10.08 44.05
N LYS V 92 -57.45 -10.93 44.74
CA LYS V 92 -58.89 -10.66 44.90
C LYS V 92 -59.13 -9.34 45.62
N CYS V 93 -58.37 -9.08 46.68
CA CYS V 93 -58.56 -7.84 47.43
C CYS V 93 -58.23 -6.62 46.59
N SER V 94 -57.19 -6.72 45.74
CA SER V 94 -56.83 -5.59 44.88
C SER V 94 -57.96 -5.22 43.92
N GLU V 95 -58.66 -6.22 43.38
CA GLU V 95 -59.76 -5.92 42.47
C GLU V 95 -61.01 -5.45 43.22
N THR V 96 -61.25 -5.99 44.42
CA THR V 96 -62.43 -5.58 45.18
C THR V 96 -62.37 -4.08 45.49
N PHE V 97 -61.19 -3.57 45.84
CA PHE V 97 -61.02 -2.14 46.03
C PHE V 97 -61.24 -1.38 44.73
N THR V 98 -60.54 -1.80 43.66
CA THR V 98 -60.64 -1.11 42.38
C THR V 98 -62.07 -1.11 41.85
N ASN V 99 -62.78 -2.23 41.98
CA ASN V 99 -64.17 -2.28 41.54
C ASN V 99 -65.05 -1.34 42.36
N LYS V 100 -64.83 -1.30 43.67
CA LYS V 100 -65.62 -0.41 44.52
C LYS V 100 -65.41 1.05 44.13
N LEU V 101 -64.20 1.40 43.72
CA LEU V 101 -63.95 2.76 43.25
C LEU V 101 -64.76 3.06 42.00
N LYS V 102 -64.85 2.09 41.08
CA LYS V 102 -65.73 2.24 39.93
C LYS V 102 -67.19 2.30 40.37
N GLU V 103 -67.57 1.43 41.31
CA GLU V 103 -68.95 1.38 41.80
C GLU V 103 -69.42 2.73 42.31
N LYS V 104 -68.52 3.51 42.93
CA LYS V 104 -68.87 4.79 43.53
C LYS V 104 -68.50 5.97 42.65
N HIS V 105 -68.56 5.79 41.33
CA HIS V 105 -68.23 6.87 40.41
C HIS V 105 -69.17 8.06 40.55
N THR V 106 -70.41 7.83 41.01
CA THR V 106 -71.36 8.92 41.17
C THR V 106 -70.87 9.96 42.15
N ASP V 107 -70.13 9.54 43.17
CA ASP V 107 -69.56 10.46 44.14
C ASP V 107 -68.08 10.73 43.92
N LEU V 108 -67.36 9.81 43.27
CA LEU V 108 -65.92 9.95 43.07
C LEU V 108 -65.54 10.33 41.64
N GLY V 109 -66.39 10.06 40.66
CA GLY V 109 -66.07 10.39 39.28
C GLY V 109 -66.53 11.76 38.81
N LYS V 110 -65.98 12.81 39.43
CA LYS V 110 -66.24 14.18 39.00
C LYS V 110 -65.09 15.05 39.49
N GLU V 111 -65.02 16.27 38.96
CA GLU V 111 -63.98 17.19 39.41
C GLU V 111 -64.14 17.55 40.88
N GLY V 112 -65.39 17.74 41.32
CA GLY V 112 -65.68 18.11 42.70
C GLY V 112 -65.95 16.98 43.67
N VAL V 113 -64.98 16.11 43.92
CA VAL V 113 -65.16 15.10 44.96
C VAL V 113 -64.88 15.73 46.32
N THR V 114 -65.86 15.62 47.23
CA THR V 114 -65.72 16.23 48.54
C THR V 114 -64.65 15.53 49.37
N ASP V 115 -64.06 16.28 50.29
CA ASP V 115 -63.15 15.70 51.27
C ASP V 115 -63.79 14.52 52.00
N ALA V 116 -65.05 14.68 52.39
CA ALA V 116 -65.75 13.61 53.11
C ALA V 116 -65.80 12.34 52.27
N ASP V 117 -66.19 12.46 51.00
CA ASP V 117 -66.32 11.28 50.16
C ASP V 117 -64.96 10.75 49.75
N ALA V 118 -64.00 11.65 49.52
CA ALA V 118 -62.62 11.23 49.24
C ALA V 118 -62.03 10.44 50.41
N LYS V 119 -62.22 10.93 51.64
CA LYS V 119 -61.73 10.20 52.80
C LYS V 119 -62.39 8.84 52.91
N GLU V 120 -63.69 8.76 52.63
CA GLU V 120 -64.34 7.46 52.54
C GLU V 120 -63.79 6.67 51.36
N ALA V 121 -63.07 7.31 50.44
CA ALA V 121 -62.62 6.65 49.23
C ALA V 121 -61.24 6.00 49.37
N ILE V 122 -60.23 6.72 49.88
CA ILE V 122 -58.87 6.21 49.86
C ILE V 122 -58.17 6.28 51.21
N LEU V 123 -58.80 6.83 52.23
CA LEU V 123 -58.17 7.02 53.55
C LEU V 123 -58.61 5.87 54.47
N LYS V 124 -57.79 4.82 54.54
CA LYS V 124 -58.19 3.58 55.19
C LYS V 124 -58.42 3.73 56.70
N THR V 125 -57.97 4.82 57.30
CA THR V 125 -58.17 5.07 58.73
C THR V 125 -59.39 5.93 59.03
N ASN V 126 -60.21 6.24 58.03
CA ASN V 126 -61.36 7.11 58.23
C ASN V 126 -62.39 6.49 59.17
N GLY V 127 -63.24 7.35 59.72
CA GLY V 127 -64.33 6.90 60.58
C GLY V 127 -65.33 6.05 59.85
N THR V 128 -65.90 6.60 58.77
CA THR V 128 -66.82 5.87 57.90
C THR V 128 -66.10 5.57 56.59
N LYS V 129 -66.34 4.36 56.06
CA LYS V 129 -65.53 3.79 54.99
C LYS V 129 -66.41 3.17 53.90
N THR V 130 -67.47 3.85 53.50
CA THR V 130 -68.49 3.24 52.66
C THR V 130 -68.23 3.40 51.16
N LYS V 131 -67.13 4.02 50.75
CA LYS V 131 -66.86 4.21 49.33
C LYS V 131 -65.65 3.41 48.85
N GLY V 132 -65.16 2.46 49.63
CA GLY V 132 -64.08 1.59 49.17
C GLY V 132 -62.94 1.42 50.16
N ALA V 133 -62.83 2.37 51.10
CA ALA V 133 -61.71 2.40 52.03
C ALA V 133 -61.68 1.17 52.91
N GLU V 134 -62.85 0.57 53.16
CA GLU V 134 -62.90 -0.73 53.81
C GLU V 134 -62.09 -1.74 52.99
N GLU V 135 -62.36 -1.79 51.68
CA GLU V 135 -61.67 -2.73 50.80
C GLU V 135 -60.19 -2.41 50.72
N LEU V 136 -59.82 -1.13 50.70
CA LEU V 136 -58.41 -0.77 50.74
C LEU V 136 -57.75 -1.29 52.01
N GLY V 137 -58.43 -1.12 53.15
CA GLY V 137 -57.92 -1.69 54.39
C GLY V 137 -57.78 -3.20 54.32
N LYS V 138 -58.78 -3.88 53.78
CA LYS V 138 -58.69 -5.33 53.57
C LYS V 138 -57.53 -5.68 52.65
N LEU V 139 -57.23 -4.82 51.66
CA LEU V 139 -56.12 -5.09 50.76
C LEU V 139 -54.78 -4.97 51.49
N PHE V 140 -54.61 -3.92 52.30
CA PHE V 140 -53.39 -3.79 53.11
C PHE V 140 -53.14 -5.05 53.93
N GLU V 141 -54.19 -5.57 54.58
CA GLU V 141 -54.02 -6.74 55.44
C GLU V 141 -53.56 -7.96 54.66
N SER V 142 -54.17 -8.21 53.50
CA SER V 142 -53.78 -9.35 52.68
C SER V 142 -52.33 -9.24 52.25
N VAL V 143 -51.89 -8.02 51.91
CA VAL V 143 -50.51 -7.80 51.49
C VAL V 143 -49.56 -8.09 52.64
N GLU V 144 -49.95 -7.75 53.88
CA GLU V 144 -49.06 -8.00 55.00
C GLU V 144 -48.84 -9.50 55.21
N VAL V 145 -49.89 -10.28 55.01
CA VAL V 145 -49.76 -11.73 55.05
C VAL V 145 -48.81 -12.23 53.99
N LEU V 146 -48.74 -11.53 52.85
CA LEU V 146 -47.83 -11.93 51.79
C LEU V 146 -46.39 -11.58 52.14
N SER V 147 -46.16 -10.38 52.69
CA SER V 147 -44.80 -10.02 53.07
C SER V 147 -44.28 -10.92 54.19
N LYS V 148 -45.15 -11.28 55.13
CA LYS V 148 -44.75 -12.16 56.22
C LYS V 148 -44.28 -13.51 55.70
N ALA V 149 -45.05 -14.11 54.79
CA ALA V 149 -44.66 -15.40 54.22
C ALA V 149 -43.43 -15.28 53.34
N ALA V 150 -43.39 -14.24 52.48
CA ALA V 150 -42.25 -14.08 51.59
C ALA V 150 -40.99 -13.70 52.36
N LYS V 151 -41.13 -12.98 53.47
CA LYS V 151 -39.96 -12.57 54.23
C LYS V 151 -39.24 -13.78 54.83
N GLU V 152 -40.00 -14.74 55.38
CA GLU V 152 -39.36 -15.92 55.94
C GLU V 152 -38.87 -16.88 54.87
N MET V 153 -39.46 -16.85 53.68
CA MET V 153 -38.92 -17.65 52.58
C MET V 153 -37.52 -17.19 52.22
N LEU V 154 -37.30 -15.87 52.24
CA LEU V 154 -35.95 -15.35 52.06
C LEU V 154 -35.09 -15.64 53.28
N ALA V 155 -35.62 -15.34 54.47
CA ALA V 155 -34.82 -15.46 55.69
C ALA V 155 -34.41 -16.92 55.92
N ASN V 156 -35.33 -17.86 55.69
CA ASN V 156 -34.99 -19.27 55.83
C ASN V 156 -34.17 -19.79 54.65
N SER V 157 -34.17 -19.08 53.52
CA SER V 157 -33.28 -19.42 52.42
C SER V 157 -31.83 -19.19 52.79
N VAL V 158 -31.56 -18.12 53.56
CA VAL V 158 -30.21 -17.78 53.96
C VAL V 158 -29.84 -18.54 55.23
N LYS V 159 -30.84 -19.06 55.95
CA LYS V 159 -30.63 -19.91 57.11
C LYS V 159 -29.93 -21.22 56.74
N GLU V 160 -29.72 -21.48 55.44
CA GLU V 160 -28.91 -22.59 54.98
C GLU V 160 -27.40 -22.32 55.05
N LEU V 161 -26.98 -21.22 55.67
CA LEU V 161 -25.56 -21.00 55.90
C LEU V 161 -25.11 -21.39 57.29
N THR V 162 -26.04 -21.47 58.25
CA THR V 162 -25.75 -21.92 59.60
C THR V 162 -27.03 -22.33 60.32
N GLN W 1 -27.37 5.39 63.83
CA GLN W 1 -28.22 5.34 62.64
C GLN W 1 -29.68 5.10 63.04
N LEU W 2 -29.97 3.83 63.31
CA LEU W 2 -31.32 3.37 63.67
C LEU W 2 -31.55 3.65 65.15
N GLN W 3 -32.07 4.84 65.46
CA GLN W 3 -32.09 5.35 66.82
C GLN W 3 -33.50 5.80 67.20
N LEU W 4 -33.98 5.30 68.33
CA LEU W 4 -35.32 5.55 68.84
C LEU W 4 -35.26 6.36 70.12
N GLN W 5 -36.09 7.40 70.22
CA GLN W 5 -36.05 8.34 71.33
C GLN W 5 -37.44 8.47 71.93
N GLU W 6 -37.51 8.37 73.25
CA GLU W 6 -38.75 8.25 74.01
C GLU W 6 -39.42 9.61 74.23
N SER W 7 -40.41 9.61 75.11
CA SER W 7 -41.63 10.41 75.05
C SER W 7 -41.77 11.35 76.24
N GLY W 8 -42.95 11.98 76.28
CA GLY W 8 -43.29 13.01 77.23
C GLY W 8 -43.73 12.46 78.57
N PRO W 9 -44.80 13.02 79.11
CA PRO W 9 -44.92 13.12 80.57
C PRO W 9 -45.01 11.80 81.30
N GLY W 10 -44.21 11.69 82.36
CA GLY W 10 -44.45 10.76 83.45
C GLY W 10 -45.37 11.43 84.44
N LEU W 11 -45.64 10.74 85.55
CA LEU W 11 -46.50 11.28 86.60
C LEU W 11 -47.89 11.63 86.05
N VAL W 12 -48.59 10.61 85.60
CA VAL W 12 -49.98 10.76 85.21
C VAL W 12 -50.84 10.28 86.38
N LYS W 13 -51.93 10.98 86.65
CA LYS W 13 -52.82 10.60 87.73
C LYS W 13 -53.58 9.33 87.35
N PRO W 14 -53.93 8.50 88.34
CA PRO W 14 -54.65 7.26 88.02
C PRO W 14 -56.03 7.54 87.44
N SER W 15 -56.54 6.54 86.71
CA SER W 15 -57.81 6.53 85.99
C SER W 15 -57.78 7.45 84.76
N GLN W 16 -56.68 8.14 84.52
CA GLN W 16 -56.45 9.01 83.38
C GLN W 16 -55.70 8.26 82.26
N THR W 17 -55.28 8.99 81.25
CA THR W 17 -54.62 8.44 80.07
C THR W 17 -53.15 8.85 80.03
N LEU W 18 -52.26 7.85 79.89
CA LEU W 18 -50.85 8.10 79.66
C LEU W 18 -50.58 7.96 78.17
N SER W 19 -49.89 8.93 77.59
CA SER W 19 -49.61 9.00 76.16
C SER W 19 -48.11 9.06 75.94
N LEU W 20 -47.60 8.17 75.08
CA LEU W 20 -46.18 8.13 74.79
C LEU W 20 -45.95 8.20 73.28
N THR W 21 -44.82 8.81 72.91
CA THR W 21 -44.40 8.99 71.53
C THR W 21 -42.97 8.46 71.36
N CYS W 22 -42.76 7.61 70.37
CA CYS W 22 -41.42 7.14 70.01
C CYS W 22 -40.98 7.89 68.76
N THR W 23 -39.83 8.56 68.85
CA THR W 23 -39.33 9.39 67.76
C THR W 23 -38.11 8.72 67.14
N LEU W 24 -38.11 8.61 65.82
CA LEU W 24 -37.03 7.98 65.08
C LEU W 24 -36.00 9.03 64.66
N SER W 25 -34.75 8.57 64.54
CA SER W 25 -33.64 9.40 64.08
C SER W 25 -32.84 8.61 63.06
N GLY W 26 -32.40 9.29 62.01
CA GLY W 26 -31.70 8.60 60.94
C GLY W 26 -32.52 7.54 60.25
N GLY W 27 -33.84 7.59 60.44
CA GLY W 27 -34.70 6.54 59.94
C GLY W 27 -36.14 7.00 59.88
N SER W 28 -36.92 6.25 59.13
CA SER W 28 -38.35 6.47 58.99
C SER W 28 -39.00 5.09 58.98
N ILE W 29 -40.33 5.07 58.99
CA ILE W 29 -41.03 3.79 58.98
C ILE W 29 -41.07 3.38 57.52
N SER W 30 -40.06 2.61 57.12
CA SER W 30 -39.68 2.48 55.71
C SER W 30 -39.11 1.10 55.43
N SER W 31 -38.88 0.86 54.13
CA SER W 31 -38.43 -0.42 53.56
C SER W 31 -39.47 -1.55 53.65
N THR W 32 -40.75 -1.26 53.41
CA THR W 32 -41.58 -0.08 53.52
C THR W 32 -42.06 0.02 54.98
N SER W 33 -41.51 -0.85 55.83
CA SER W 33 -42.33 -1.43 56.91
C SER W 33 -41.89 -1.13 58.34
N TYR W 34 -40.60 -1.17 58.66
CA TYR W 34 -40.18 -1.46 60.03
C TYR W 34 -40.30 -0.22 60.92
N TYR W 35 -39.72 -0.29 62.13
CA TYR W 35 -40.06 0.58 63.28
C TYR W 35 -41.53 0.51 63.71
N TRP W 36 -41.95 -0.68 64.14
CA TRP W 36 -43.18 -0.86 64.90
C TRP W 36 -42.91 -1.45 66.28
N GLY W 37 -43.75 -1.09 67.27
CA GLY W 37 -43.84 -1.80 68.55
C GLY W 37 -43.51 -1.12 69.87
N TRP W 38 -44.16 -1.55 70.97
CA TRP W 38 -43.94 -1.03 72.32
C TRP W 38 -43.87 -2.15 73.36
N ILE W 39 -43.05 -1.92 74.39
CA ILE W 39 -42.79 -2.85 75.48
C ILE W 39 -42.64 -2.06 76.78
N ARG W 40 -43.02 -2.68 77.91
CA ARG W 40 -42.86 -2.01 79.21
C ARG W 40 -42.36 -2.99 80.27
N GLN W 41 -41.80 -2.42 81.33
CA GLN W 41 -41.36 -3.17 82.52
C GLN W 41 -41.91 -2.54 83.79
N PRO W 42 -42.78 -3.23 84.54
CA PRO W 42 -43.28 -2.67 85.80
C PRO W 42 -42.34 -2.96 86.96
N PRO W 43 -42.38 -2.15 88.02
CA PRO W 43 -41.42 -2.32 89.13
C PRO W 43 -41.50 -3.70 89.76
N GLY W 44 -40.33 -4.29 90.01
CA GLY W 44 -40.28 -5.61 90.60
C GLY W 44 -40.71 -6.72 89.67
N SER W 45 -40.85 -6.43 88.38
CA SER W 45 -41.39 -7.38 87.42
C SER W 45 -40.56 -7.34 86.15
N GLY W 46 -40.73 -8.37 85.33
CA GLY W 46 -39.99 -8.53 84.10
C GLY W 46 -40.57 -7.71 82.96
N LEU W 47 -40.00 -7.92 81.78
CA LEU W 47 -40.46 -7.23 80.58
C LEU W 47 -41.80 -7.78 80.15
N GLU W 48 -42.62 -6.90 79.59
CA GLU W 48 -43.94 -7.30 79.10
C GLU W 48 -44.26 -6.62 77.78
N TRP W 49 -44.79 -7.41 76.84
CA TRP W 49 -45.16 -6.88 75.54
C TRP W 49 -46.45 -6.07 75.66
N ILE W 50 -46.49 -4.91 75.02
CA ILE W 50 -47.69 -4.09 75.07
C ILE W 50 -48.47 -4.27 73.79
N GLY W 51 -47.85 -3.96 72.66
CA GLY W 51 -48.53 -4.08 71.38
C GLY W 51 -47.53 -3.97 70.25
N SER W 52 -48.03 -4.26 69.04
CA SER W 52 -47.23 -4.16 67.83
C SER W 52 -48.00 -3.39 66.77
N MET W 53 -47.26 -2.77 65.86
CA MET W 53 -47.87 -2.02 64.76
C MET W 53 -47.27 -2.53 63.46
N TYR W 54 -47.56 -1.88 62.35
CA TYR W 54 -47.04 -2.23 61.04
C TYR W 54 -46.78 -0.92 60.32
N HIS W 55 -46.16 -0.94 59.13
CA HIS W 55 -45.95 0.36 58.47
C HIS W 55 -47.28 1.02 58.14
N SER W 56 -48.25 0.23 57.66
CA SER W 56 -49.61 0.73 57.65
C SER W 56 -50.09 0.89 59.10
N GLY W 57 -51.28 1.43 59.25
CA GLY W 57 -51.71 1.65 60.62
C GLY W 57 -52.10 0.41 61.40
N ASN W 58 -51.97 -0.77 60.81
CA ASN W 58 -52.42 -1.99 61.45
C ASN W 58 -51.68 -2.25 62.77
N THR W 59 -52.46 -2.44 63.84
CA THR W 59 -51.95 -2.65 65.19
C THR W 59 -52.51 -3.94 65.78
N TYR W 60 -51.68 -4.60 66.59
CA TYR W 60 -52.08 -5.77 67.35
C TYR W 60 -51.65 -5.55 68.79
N TYR W 61 -52.57 -5.79 69.72
CA TYR W 61 -52.40 -5.41 71.11
C TYR W 61 -52.33 -6.65 71.98
N LYS W 62 -51.58 -6.55 73.08
CA LYS W 62 -51.52 -7.66 74.02
C LYS W 62 -52.90 -7.97 74.55
N SER W 63 -53.35 -9.21 74.34
CA SER W 63 -54.61 -9.64 74.94
C SER W 63 -54.60 -9.30 76.41
N SER W 64 -55.78 -8.97 76.95
CA SER W 64 -56.02 -8.49 78.31
C SER W 64 -55.61 -7.02 78.46
N LEU W 65 -55.03 -6.40 77.42
CA LEU W 65 -54.91 -4.95 77.37
C LEU W 65 -55.88 -4.39 76.33
N LYS W 66 -56.76 -5.23 75.81
CA LYS W 66 -57.75 -4.82 74.82
C LYS W 66 -58.65 -3.72 75.39
N GLY W 67 -58.93 -2.72 74.57
CA GLY W 67 -59.76 -1.61 74.98
C GLY W 67 -58.97 -0.54 75.72
N ARG W 68 -57.89 -0.94 76.38
CA ARG W 68 -57.07 0.01 77.12
C ARG W 68 -56.01 0.65 76.24
N VAL W 69 -55.28 -0.14 75.44
CA VAL W 69 -54.14 0.37 74.70
C VAL W 69 -54.58 0.73 73.29
N THR W 70 -53.95 1.77 72.74
CA THR W 70 -54.02 2.10 71.33
C THR W 70 -52.65 2.56 70.88
N ILE W 71 -52.13 1.93 69.84
CA ILE W 71 -50.88 2.33 69.20
C ILE W 71 -51.23 2.91 67.84
N SER W 72 -50.59 4.03 67.49
CA SER W 72 -50.95 4.75 66.29
C SER W 72 -49.70 5.21 65.56
N LEU W 73 -49.84 5.41 64.26
CA LEU W 73 -48.77 5.92 63.42
C LEU W 73 -49.04 7.38 63.07
N ASP W 74 -48.01 8.20 63.22
CA ASP W 74 -48.08 9.59 62.79
C ASP W 74 -47.81 9.65 61.29
N THR W 75 -48.70 10.29 60.54
CA THR W 75 -48.43 10.65 59.16
C THR W 75 -47.19 11.54 59.10
N SER W 76 -46.51 11.56 57.95
CA SER W 76 -45.13 12.05 57.89
C SER W 76 -44.27 11.21 58.84
N ARG W 77 -44.20 9.93 58.51
CA ARG W 77 -44.12 8.80 59.45
C ARG W 77 -42.73 8.66 60.05
N THR W 78 -42.31 9.71 60.75
CA THR W 78 -41.12 9.72 61.58
C THR W 78 -41.35 9.14 62.98
N GLN W 79 -42.59 9.01 63.44
CA GLN W 79 -42.81 8.65 64.83
C GLN W 79 -44.15 7.92 65.00
N PHE W 80 -44.25 7.15 66.08
CA PHE W 80 -45.48 6.45 66.43
C PHE W 80 -45.71 6.54 67.93
N SER W 81 -46.97 6.36 68.33
CA SER W 81 -47.43 6.71 69.66
C SER W 81 -48.12 5.54 70.36
N LEU W 82 -47.93 5.47 71.68
CA LEU W 82 -48.68 4.57 72.55
C LEU W 82 -49.61 5.40 73.44
N ARG W 83 -50.86 4.96 73.53
CA ARG W 83 -51.87 5.64 74.33
C ARG W 83 -52.63 4.59 75.14
N LEU W 84 -52.56 4.70 76.46
CA LEU W 84 -53.05 3.68 77.38
C LEU W 84 -54.02 4.33 78.37
N THR W 85 -55.24 3.79 78.44
CA THR W 85 -56.30 4.42 79.21
C THR W 85 -57.39 3.41 79.53
N SER W 86 -57.92 3.47 80.75
CA SER W 86 -57.51 4.37 81.81
C SER W 86 -56.52 3.65 82.71
N VAL W 87 -55.72 4.38 83.49
CA VAL W 87 -54.54 3.78 84.12
C VAL W 87 -54.74 3.72 85.62
N THR W 88 -54.67 2.51 86.17
CA THR W 88 -54.42 2.28 87.59
C THR W 88 -52.93 2.38 87.85
N ALA W 89 -52.52 2.16 89.09
CA ALA W 89 -51.13 1.80 89.25
C ALA W 89 -50.96 0.34 88.81
N ALA W 90 -49.72 -0.10 88.71
CA ALA W 90 -49.25 -1.27 87.96
C ALA W 90 -49.20 -0.90 86.49
N ASP W 91 -49.60 0.32 86.13
CA ASP W 91 -49.29 0.93 84.85
C ASP W 91 -48.05 1.80 84.97
N THR W 92 -47.65 2.10 86.20
CA THR W 92 -46.37 2.72 86.48
C THR W 92 -45.26 1.75 86.07
N ALA W 93 -44.39 2.19 85.17
CA ALA W 93 -43.41 1.30 84.58
C ALA W 93 -42.42 2.13 83.77
N VAL W 94 -41.43 1.46 83.22
CA VAL W 94 -40.55 2.03 82.21
C VAL W 94 -40.99 1.47 80.88
N TYR W 95 -41.30 2.35 79.94
CA TYR W 95 -41.81 1.94 78.63
C TYR W 95 -40.73 2.14 77.58
N TYR W 96 -40.50 1.09 76.81
CA TYR W 96 -39.58 1.14 75.68
C TYR W 96 -40.37 0.99 74.39
N CYS W 97 -39.99 1.74 73.38
CA CYS W 97 -40.40 1.47 72.02
C CYS W 97 -39.27 0.74 71.32
N ALA W 98 -39.61 -0.07 70.33
CA ALA W 98 -38.60 -0.89 69.70
C ALA W 98 -39.06 -1.27 68.30
N ARG W 99 -38.09 -1.45 67.41
CA ARG W 99 -38.37 -2.01 66.10
C ARG W 99 -38.46 -3.53 66.21
N LEU W 100 -39.67 -4.07 66.06
CA LEU W 100 -39.84 -5.51 66.18
C LEU W 100 -39.71 -6.20 64.82
N GLY W 101 -38.64 -5.97 64.07
CA GLY W 101 -38.62 -6.50 62.71
C GLY W 101 -37.32 -6.25 61.98
N ASP W 102 -37.12 -7.07 60.96
CA ASP W 102 -36.14 -6.97 59.88
C ASP W 102 -36.47 -8.14 58.96
N VAL W 103 -35.92 -8.11 57.75
CA VAL W 103 -36.17 -9.20 56.81
C VAL W 103 -35.70 -10.53 57.38
N PHE W 104 -34.57 -10.52 58.10
CA PHE W 104 -33.93 -11.78 58.48
C PHE W 104 -34.07 -12.13 59.95
N ASN W 105 -34.45 -11.20 60.82
CA ASN W 105 -34.91 -11.52 62.17
C ASN W 105 -36.24 -10.83 62.41
N SER W 106 -37.33 -11.58 62.27
CA SER W 106 -38.68 -11.08 62.53
C SER W 106 -38.74 -10.26 63.81
N ALA W 107 -38.00 -10.66 64.85
CA ALA W 107 -37.97 -9.91 66.11
C ALA W 107 -36.57 -9.96 66.69
N MET W 108 -36.20 -8.97 67.50
CA MET W 108 -36.75 -7.67 67.94
C MET W 108 -35.50 -6.84 68.21
N ASP W 109 -35.08 -5.99 67.28
CA ASP W 109 -33.66 -5.68 67.16
C ASP W 109 -33.23 -4.24 67.39
N VAL W 110 -34.13 -3.28 67.56
CA VAL W 110 -33.71 -1.92 67.90
C VAL W 110 -34.63 -1.40 68.99
N TRP W 111 -34.07 -1.04 70.13
CA TRP W 111 -34.83 -0.60 71.30
C TRP W 111 -34.69 0.90 71.51
N GLY W 112 -35.76 1.51 72.04
CA GLY W 112 -35.64 2.85 72.56
C GLY W 112 -34.88 2.82 73.88
N GLN W 113 -34.62 4.00 74.43
CA GLN W 113 -33.87 4.03 75.68
C GLN W 113 -34.73 3.80 76.91
N GLY W 114 -36.05 3.92 76.78
CA GLY W 114 -36.91 3.76 77.94
C GLY W 114 -37.33 5.07 78.56
N THR W 115 -38.62 5.22 78.81
CA THR W 115 -39.18 6.38 79.49
C THR W 115 -39.91 5.88 80.73
N THR W 116 -39.79 6.62 81.83
CA THR W 116 -40.39 6.22 83.08
C THR W 116 -41.73 6.91 83.23
N VAL W 117 -42.75 6.15 83.58
CA VAL W 117 -44.10 6.67 83.76
C VAL W 117 -44.61 6.17 85.10
N ILE W 118 -44.93 7.11 86.00
CA ILE W 118 -45.47 6.79 87.31
C ILE W 118 -46.94 7.14 87.30
N VAL W 119 -47.79 6.19 87.68
CA VAL W 119 -49.22 6.44 87.81
C VAL W 119 -49.48 6.52 89.31
N SER W 120 -49.68 7.74 89.80
CA SER W 120 -49.89 7.99 91.22
C SER W 120 -50.58 9.33 91.39
N SER W 121 -51.16 9.54 92.57
CA SER W 121 -51.91 10.75 92.86
C SER W 121 -50.98 11.92 93.22
N ALA W 122 -50.06 12.22 92.30
CA ALA W 122 -49.26 13.44 92.27
C ALA W 122 -48.75 13.92 93.63
N SER W 123 -48.87 15.23 93.88
CA SER W 123 -48.44 15.88 95.12
C SER W 123 -46.94 15.65 95.39
N THR W 124 -46.12 16.13 94.46
CA THR W 124 -44.68 16.05 94.63
C THR W 124 -44.22 16.79 95.89
N LYS W 125 -43.27 16.19 96.61
CA LYS W 125 -42.87 16.63 97.93
C LYS W 125 -41.37 16.41 98.12
N GLY W 126 -40.72 17.35 98.80
CA GLY W 126 -39.34 17.16 99.20
C GLY W 126 -39.26 16.24 100.39
N PRO W 127 -38.11 15.59 100.58
CA PRO W 127 -37.99 14.60 101.64
C PRO W 127 -37.73 15.24 102.99
N SER W 128 -38.12 14.51 104.03
CA SER W 128 -37.71 14.86 105.40
C SER W 128 -36.60 13.90 105.79
N VAL W 129 -35.48 14.46 106.25
CA VAL W 129 -34.26 13.70 106.47
C VAL W 129 -33.97 13.67 107.96
N PHE W 130 -33.73 12.48 108.49
CA PHE W 130 -33.57 12.22 109.90
C PHE W 130 -32.27 11.47 110.11
N PRO W 131 -31.52 11.78 111.17
CA PRO W 131 -30.23 11.14 111.37
C PRO W 131 -30.39 9.74 111.94
N LEU W 132 -29.36 8.92 111.72
CA LEU W 132 -29.31 7.55 112.20
C LEU W 132 -28.07 7.46 113.09
N ALA W 133 -28.27 7.70 114.38
CA ALA W 133 -27.16 7.84 115.31
C ALA W 133 -26.55 6.47 115.61
N PRO W 134 -25.23 6.39 115.73
CA PRO W 134 -24.58 5.11 116.01
C PRO W 134 -24.42 4.85 117.50
N SER W 135 -24.34 3.56 117.83
CA SER W 135 -24.22 3.11 119.21
C SER W 135 -22.85 3.46 119.78
N GLY W 142 -13.67 -3.90 113.98
CA GLY W 142 -14.32 -3.25 115.11
C GLY W 142 -14.80 -1.85 114.78
N THR W 143 -15.68 -1.76 113.78
CA THR W 143 -16.19 -0.49 113.28
C THR W 143 -17.61 -0.25 113.78
N ALA W 144 -18.15 0.91 113.40
CA ALA W 144 -19.51 1.30 113.76
C ALA W 144 -20.17 1.90 112.53
N ALA W 145 -21.50 2.02 112.57
CA ALA W 145 -22.27 2.42 111.41
C ALA W 145 -23.24 3.55 111.74
N LEU W 146 -23.32 4.50 110.82
CA LEU W 146 -24.23 5.65 110.88
C LEU W 146 -24.93 5.81 109.54
N GLY W 147 -25.92 6.67 109.49
CA GLY W 147 -26.57 6.93 108.22
C GLY W 147 -27.61 8.03 108.30
N CYS W 148 -28.35 8.17 107.20
CA CYS W 148 -29.44 9.13 107.04
C CYS W 148 -30.71 8.40 106.60
N LEU W 149 -31.85 8.94 107.02
CA LEU W 149 -33.16 8.45 106.61
C LEU W 149 -33.88 9.57 105.86
N VAL W 150 -34.13 9.36 104.57
CA VAL W 150 -34.84 10.32 103.74
C VAL W 150 -36.23 9.77 103.47
N LYS W 151 -37.23 10.40 104.07
CA LYS W 151 -38.57 9.83 104.18
C LYS W 151 -39.62 10.75 103.57
N ASP W 152 -40.69 10.13 103.04
CA ASP W 152 -41.91 10.82 102.64
C ASP W 152 -41.65 11.90 101.58
N TYR W 153 -41.14 11.45 100.44
CA TYR W 153 -40.95 12.30 99.27
C TYR W 153 -41.52 11.61 98.03
N PHE W 154 -41.77 12.42 97.00
CA PHE W 154 -42.34 11.96 95.74
C PHE W 154 -42.06 13.13 94.79
N PRO W 155 -41.57 12.88 93.56
CA PRO W 155 -41.18 11.59 93.02
C PRO W 155 -39.74 11.18 93.21
N GLU W 156 -39.47 10.03 92.66
CA GLU W 156 -38.15 9.47 92.56
C GLU W 156 -37.42 10.19 91.42
N PRO W 157 -36.10 10.30 91.49
CA PRO W 157 -35.21 9.80 92.54
C PRO W 157 -34.76 10.90 93.47
N VAL W 158 -34.14 10.51 94.59
CA VAL W 158 -33.37 11.41 95.42
C VAL W 158 -31.93 10.95 95.35
N THR W 159 -31.00 11.88 95.53
CA THR W 159 -29.58 11.55 95.52
C THR W 159 -28.98 11.86 96.88
N VAL W 160 -28.15 10.95 97.36
CA VAL W 160 -27.49 11.10 98.65
C VAL W 160 -25.99 11.02 98.44
N SER W 161 -25.26 11.96 99.02
CA SER W 161 -23.81 11.95 99.04
C SER W 161 -23.36 12.35 100.43
N TRP W 162 -22.23 11.79 100.86
CA TRP W 162 -21.71 12.02 102.20
C TRP W 162 -20.48 12.93 102.14
N ASN W 163 -20.43 13.89 103.06
CA ASN W 163 -19.35 14.87 103.13
C ASN W 163 -19.11 15.56 101.78
N SER W 164 -20.21 15.99 101.16
CA SER W 164 -20.20 16.68 99.87
C SER W 164 -19.55 15.83 98.77
N GLY W 165 -19.74 14.52 98.86
CA GLY W 165 -19.20 13.59 97.88
C GLY W 165 -17.76 13.21 98.08
N ALA W 166 -17.13 13.64 99.17
CA ALA W 166 -15.76 13.24 99.45
C ALA W 166 -15.66 11.89 100.13
N LEU W 167 -16.77 11.38 100.67
CA LEU W 167 -16.79 10.06 101.31
C LEU W 167 -17.68 9.13 100.49
N THR W 168 -17.05 8.20 99.78
CA THR W 168 -17.76 7.22 98.97
C THR W 168 -17.50 5.79 99.39
N SER W 169 -16.38 5.50 100.04
CA SER W 169 -16.09 4.16 100.53
C SER W 169 -16.91 3.87 101.79
N GLY W 170 -17.59 2.73 101.79
CA GLY W 170 -18.40 2.33 102.92
C GLY W 170 -19.86 2.69 102.81
N VAL W 171 -20.26 3.38 101.74
CA VAL W 171 -21.61 3.89 101.59
C VAL W 171 -22.50 2.85 100.92
N HIS W 172 -23.72 2.71 101.44
CA HIS W 172 -24.81 2.02 100.76
C HIS W 172 -26.04 2.90 100.84
N THR W 173 -26.50 3.39 99.70
CA THR W 173 -27.78 4.08 99.59
C THR W 173 -28.78 3.08 99.04
N PHE W 174 -29.82 2.79 99.81
CA PHE W 174 -30.69 1.72 99.37
C PHE W 174 -31.70 2.26 98.36
N PRO W 175 -32.21 1.39 97.48
CA PRO W 175 -33.28 1.82 96.57
C PRO W 175 -34.51 2.26 97.35
N ALA W 176 -35.25 3.19 96.77
CA ALA W 176 -36.42 3.71 97.45
C ALA W 176 -37.51 2.64 97.53
N VAL W 177 -38.39 2.80 98.50
CA VAL W 177 -39.54 1.93 98.68
C VAL W 177 -40.79 2.77 98.61
N LEU W 178 -41.85 2.23 98.02
CA LEU W 178 -43.14 2.91 97.94
C LEU W 178 -43.97 2.42 99.11
N GLN W 179 -44.23 3.29 100.07
CA GLN W 179 -45.02 2.90 101.23
C GLN W 179 -46.49 3.24 101.02
N SER W 180 -47.34 2.65 101.87
CA SER W 180 -48.79 2.74 101.70
C SER W 180 -49.28 4.17 101.57
N SER W 181 -48.54 5.13 102.11
CA SER W 181 -48.92 6.54 101.95
C SER W 181 -48.83 7.00 100.50
N GLY W 182 -48.22 6.21 99.62
CA GLY W 182 -47.99 6.59 98.25
C GLY W 182 -46.75 7.42 98.04
N LEU W 183 -45.93 7.59 99.06
CA LEU W 183 -44.67 8.33 98.97
C LEU W 183 -43.50 7.35 99.01
N TYR W 184 -42.35 7.82 98.55
CA TYR W 184 -41.14 7.02 98.53
C TYR W 184 -40.27 7.35 99.74
N SER W 185 -39.48 6.36 100.16
CA SER W 185 -38.48 6.60 101.20
C SER W 185 -37.33 5.62 101.02
N LEU W 186 -36.13 6.06 101.35
CA LEU W 186 -34.94 5.22 101.36
C LEU W 186 -34.05 5.67 102.52
N SER W 187 -32.95 4.96 102.71
CA SER W 187 -31.97 5.33 103.71
C SER W 187 -30.58 5.04 103.17
N SER W 188 -29.62 5.88 103.57
CA SER W 188 -28.23 5.75 103.17
C SER W 188 -27.38 5.60 104.43
N VAL W 189 -26.63 4.52 104.51
CA VAL W 189 -25.83 4.22 105.69
C VAL W 189 -24.36 4.09 105.30
N VAL W 190 -23.48 4.37 106.25
CA VAL W 190 -22.04 4.25 106.07
C VAL W 190 -21.47 3.55 107.30
N THR W 191 -20.47 2.71 107.09
CA THR W 191 -19.66 2.17 108.18
C THR W 191 -18.36 2.94 108.22
N VAL W 192 -17.97 3.34 109.42
CA VAL W 192 -16.75 4.12 109.61
C VAL W 192 -15.97 3.41 110.71
N PRO W 193 -14.64 3.48 110.74
CA PRO W 193 -13.92 2.96 111.90
C PRO W 193 -14.39 3.63 113.17
N SER W 194 -14.66 2.80 114.20
CA SER W 194 -15.21 3.30 115.45
C SER W 194 -14.29 4.32 116.11
N SER W 195 -13.02 4.36 115.74
CA SER W 195 -12.08 5.31 116.34
C SER W 195 -12.35 6.74 115.91
N SER W 196 -12.97 6.95 114.75
CA SER W 196 -13.20 8.30 114.26
C SER W 196 -14.57 8.85 114.61
N LEU W 197 -15.37 8.10 115.37
CA LEU W 197 -16.62 8.65 115.90
C LEU W 197 -16.28 9.64 117.00
N GLY W 198 -16.77 10.87 116.88
CA GLY W 198 -16.34 11.94 117.76
C GLY W 198 -15.12 12.68 117.27
N THR W 199 -14.40 12.12 116.29
CA THR W 199 -13.28 12.77 115.63
C THR W 199 -13.68 13.39 114.29
N GLN W 200 -14.32 12.61 113.43
CA GLN W 200 -14.72 13.06 112.10
C GLN W 200 -16.22 13.28 112.05
N THR W 201 -16.63 14.46 111.60
CA THR W 201 -18.04 14.79 111.42
C THR W 201 -18.54 14.25 110.09
N TYR W 202 -19.77 13.72 110.08
CA TYR W 202 -20.38 13.19 108.86
C TYR W 202 -21.70 13.86 108.60
N ILE W 203 -21.83 14.46 107.42
CA ILE W 203 -23.05 15.12 106.97
C ILE W 203 -23.43 14.47 105.64
N CYS W 204 -24.71 14.17 105.47
CA CYS W 204 -25.19 13.59 104.22
C CYS W 204 -25.92 14.65 103.41
N ASN W 205 -25.62 14.70 102.13
CA ASN W 205 -26.20 15.68 101.22
C ASN W 205 -27.42 15.05 100.56
N VAL W 206 -28.60 15.56 100.87
CA VAL W 206 -29.84 15.04 100.31
C VAL W 206 -30.31 16.05 99.28
N ASN W 207 -30.56 15.56 98.07
CA ASN W 207 -30.88 16.42 96.93
C ASN W 207 -32.08 15.86 96.19
N HIS W 208 -33.14 16.64 96.13
CA HIS W 208 -34.33 16.28 95.38
C HIS W 208 -34.43 17.24 94.20
N LYS W 209 -34.44 16.70 92.99
CA LYS W 209 -34.55 17.57 91.83
C LYS W 209 -35.98 18.05 91.55
N PRO W 210 -37.02 17.17 91.58
CA PRO W 210 -38.39 17.64 91.25
C PRO W 210 -38.81 18.90 91.98
N SER W 211 -38.75 18.87 93.31
CA SER W 211 -38.79 20.07 94.12
C SER W 211 -37.35 20.39 94.50
N ASN W 212 -36.98 21.67 94.48
CA ASN W 212 -35.57 22.03 94.62
C ASN W 212 -35.15 21.96 96.09
N THR W 213 -35.30 20.76 96.64
CA THR W 213 -34.92 20.44 98.02
C THR W 213 -33.47 19.96 98.09
N LYS W 214 -32.60 20.77 98.69
CA LYS W 214 -31.27 20.34 99.10
C LYS W 214 -31.13 20.53 100.61
N VAL W 215 -31.17 19.43 101.36
CA VAL W 215 -31.03 19.47 102.82
C VAL W 215 -29.78 18.71 103.22
N ASP W 216 -29.01 19.29 104.15
CA ASP W 216 -27.75 18.72 104.62
C ASP W 216 -27.80 18.47 106.12
N LYS W 217 -27.87 17.21 106.53
CA LYS W 217 -27.99 16.85 107.94
C LYS W 217 -26.77 16.09 108.44
N ARG W 218 -26.29 16.45 109.61
CA ARG W 218 -25.18 15.76 110.26
C ARG W 218 -25.72 14.77 111.29
N VAL W 219 -25.01 13.65 111.45
CA VAL W 219 -25.38 12.64 112.44
C VAL W 219 -24.36 12.67 113.57
N GLU W 220 -24.88 12.59 114.80
CA GLU W 220 -24.07 12.71 116.01
C GLU W 220 -24.55 11.63 116.97
N PRO W 221 -23.63 10.89 117.62
CA PRO W 221 -24.01 9.84 118.58
C PRO W 221 -24.69 10.40 119.83
N GLU X 1 -52.12 -17.68 76.54
CA GLU X 1 -52.32 -19.07 76.92
C GLU X 1 -51.07 -19.87 76.53
N ILE X 2 -50.03 -19.15 76.13
CA ILE X 2 -48.72 -19.72 75.84
C ILE X 2 -47.76 -19.14 76.88
N VAL X 3 -47.09 -20.03 77.61
CA VAL X 3 -46.35 -19.68 78.82
C VAL X 3 -44.87 -19.97 78.62
N MET X 4 -44.03 -18.99 78.95
CA MET X 4 -42.58 -19.15 78.95
C MET X 4 -42.08 -19.18 80.38
N THR X 5 -41.33 -20.21 80.72
CA THR X 5 -40.87 -20.44 82.08
C THR X 5 -39.36 -20.64 82.08
N GLN X 6 -38.63 -19.66 82.60
CA GLN X 6 -37.20 -19.80 82.80
C GLN X 6 -36.98 -20.61 84.07
N SER X 7 -36.05 -21.57 84.00
CA SER X 7 -36.04 -22.63 85.00
C SER X 7 -35.68 -22.14 86.42
N PRO X 8 -34.49 -21.60 86.69
CA PRO X 8 -34.41 -20.81 87.93
C PRO X 8 -34.69 -19.34 87.67
N VAL X 9 -35.42 -18.72 88.60
CA VAL X 9 -35.62 -17.28 88.50
C VAL X 9 -34.33 -16.56 88.86
N THR X 10 -33.50 -17.16 89.70
CA THR X 10 -32.19 -16.62 90.00
C THR X 10 -31.15 -17.71 89.72
N LEU X 11 -30.00 -17.31 89.19
CA LEU X 11 -28.94 -18.25 88.83
C LEU X 11 -27.61 -17.67 89.29
N SER X 12 -26.80 -18.50 89.94
CA SER X 12 -25.56 -18.05 90.55
C SER X 12 -24.40 -18.87 90.03
N VAL X 13 -23.47 -18.20 89.34
CA VAL X 13 -22.28 -18.83 88.78
C VAL X 13 -21.07 -17.95 89.07
N SER X 14 -19.95 -18.59 89.39
CA SER X 14 -18.71 -17.86 89.61
C SER X 14 -18.19 -17.28 88.29
N PRO X 15 -17.60 -16.09 88.31
CA PRO X 15 -17.06 -15.52 87.08
C PRO X 15 -16.05 -16.43 86.42
N GLY X 16 -16.12 -16.51 85.10
CA GLY X 16 -15.25 -17.36 84.31
C GLY X 16 -15.76 -18.77 84.08
N GLU X 17 -16.81 -19.20 84.77
CA GLU X 17 -17.34 -20.53 84.55
C GLU X 17 -18.45 -20.40 83.51
N ARG X 18 -19.05 -21.50 83.09
CA ARG X 18 -20.11 -21.41 82.10
C ARG X 18 -21.47 -21.30 82.78
N ALA X 19 -22.36 -20.51 82.18
CA ALA X 19 -23.74 -20.38 82.65
C ALA X 19 -24.69 -20.82 81.55
N THR X 20 -25.79 -21.47 81.95
CA THR X 20 -26.83 -21.90 81.02
C THR X 20 -28.20 -21.51 81.57
N LEU X 21 -28.82 -20.51 80.95
CA LEU X 21 -30.22 -20.22 81.23
C LEU X 21 -31.08 -21.15 80.40
N SER X 22 -32.23 -21.52 80.95
CA SER X 22 -33.15 -22.42 80.25
C SER X 22 -34.51 -21.76 80.12
N CYS X 23 -35.21 -22.10 79.03
CA CYS X 23 -36.53 -21.56 78.75
C CYS X 23 -37.40 -22.70 78.23
N ARG X 24 -38.60 -22.81 78.75
CA ARG X 24 -39.53 -23.89 78.42
C ARG X 24 -40.84 -23.27 77.94
N ALA X 25 -41.39 -23.83 76.87
CA ALA X 25 -42.61 -23.33 76.28
C ALA X 25 -43.78 -24.27 76.55
N SER X 26 -44.93 -23.68 76.87
CA SER X 26 -46.15 -24.45 77.12
C SER X 26 -46.63 -25.15 75.85
N GLN X 27 -46.22 -24.66 74.69
CA GLN X 27 -46.54 -25.26 73.39
C GLN X 27 -45.40 -24.90 72.45
N SER X 28 -45.30 -25.65 71.36
CA SER X 28 -44.16 -25.48 70.46
C SER X 28 -44.13 -24.06 69.92
N VAL X 29 -43.07 -23.32 70.26
CA VAL X 29 -42.79 -22.06 69.59
C VAL X 29 -41.89 -22.29 68.38
N GLY X 30 -41.61 -23.55 68.06
CA GLY X 30 -40.80 -23.92 66.91
C GLY X 30 -39.39 -23.39 67.00
N ASN X 31 -38.88 -22.94 65.86
CA ASN X 31 -37.55 -22.38 65.75
C ASN X 31 -37.52 -20.87 65.97
N ASN X 32 -38.54 -20.31 66.61
CA ASN X 32 -38.69 -18.85 66.73
C ASN X 32 -38.59 -18.45 68.20
N LEU X 33 -37.37 -18.19 68.66
CA LEU X 33 -37.13 -17.74 70.03
C LEU X 33 -36.00 -16.73 70.04
N ALA X 34 -36.08 -15.77 70.95
CA ALA X 34 -35.05 -14.77 71.14
C ALA X 34 -34.67 -14.67 72.60
N TRP X 35 -33.41 -14.34 72.85
CA TRP X 35 -32.87 -14.16 74.20
C TRP X 35 -32.40 -12.72 74.35
N TYR X 36 -32.80 -12.08 75.45
CA TYR X 36 -32.38 -10.70 75.69
C TYR X 36 -31.62 -10.57 76.99
N GLN X 37 -30.60 -9.72 76.97
CA GLN X 37 -29.87 -9.28 78.14
C GLN X 37 -30.39 -7.91 78.57
N HIS X 38 -30.54 -7.73 79.88
CA HIS X 38 -31.03 -6.45 80.40
C HIS X 38 -30.16 -6.08 81.60
N LYS X 39 -29.27 -5.12 81.39
CA LYS X 39 -28.55 -4.60 82.55
C LYS X 39 -29.37 -3.50 83.21
N PRO X 40 -29.38 -3.43 84.54
CA PRO X 40 -30.13 -2.37 85.22
C PRO X 40 -29.64 -1.00 84.79
N GLY X 41 -30.56 -0.18 84.26
CA GLY X 41 -30.27 1.17 83.84
C GLY X 41 -30.22 1.34 82.33
N GLN X 42 -30.31 0.26 81.55
CA GLN X 42 -30.26 0.33 80.11
C GLN X 42 -31.50 -0.32 79.50
N ALA X 43 -31.68 -0.08 78.21
CA ALA X 43 -32.69 -0.80 77.45
C ALA X 43 -32.25 -2.23 77.23
N PRO X 44 -33.18 -3.16 77.03
CA PRO X 44 -32.80 -4.54 76.76
C PRO X 44 -31.99 -4.66 75.47
N ARG X 45 -31.09 -5.64 75.47
CA ARG X 45 -30.30 -6.00 74.29
C ARG X 45 -30.77 -7.37 73.80
N LEU X 46 -30.84 -7.52 72.48
CA LEU X 46 -31.09 -8.83 71.89
C LEU X 46 -29.79 -9.58 71.75
N LEU X 47 -29.74 -10.80 72.28
CA LEU X 47 -28.52 -11.61 72.24
C LEU X 47 -28.59 -12.66 71.14
N ILE X 48 -29.65 -13.45 71.12
CA ILE X 48 -29.80 -14.55 70.18
C ILE X 48 -31.18 -14.45 69.56
N TYR X 49 -31.27 -14.77 68.28
CA TYR X 49 -32.51 -14.77 67.53
C TYR X 49 -32.53 -15.99 66.63
N ASP X 50 -33.74 -16.44 66.31
CA ASP X 50 -34.03 -17.75 65.73
C ASP X 50 -33.59 -18.88 66.66
N ALA X 51 -33.28 -18.56 67.92
CA ALA X 51 -33.00 -19.46 69.03
C ALA X 51 -31.67 -20.19 68.86
N SER X 52 -30.96 -19.99 67.76
CA SER X 52 -29.65 -20.59 67.56
C SER X 52 -28.62 -19.54 67.17
N THR X 53 -29.07 -18.49 66.51
CA THR X 53 -28.18 -17.59 65.79
C THR X 53 -27.91 -16.32 66.59
N ARG X 54 -26.64 -15.93 66.59
CA ARG X 54 -26.15 -14.79 67.34
C ARG X 54 -26.51 -13.48 66.67
N ALA X 55 -27.02 -12.53 67.43
CA ALA X 55 -27.19 -11.18 66.91
C ALA X 55 -25.82 -10.57 66.62
N THR X 56 -25.70 -9.91 65.47
CA THR X 56 -24.43 -9.32 65.07
C THR X 56 -24.02 -8.24 66.07
N GLY X 57 -22.76 -8.24 66.47
CA GLY X 57 -22.27 -7.30 67.47
C GLY X 57 -22.01 -7.86 68.85
N ILE X 58 -22.49 -9.06 69.16
CA ILE X 58 -22.37 -9.61 70.52
C ILE X 58 -21.31 -10.71 70.55
N PRO X 59 -20.58 -10.85 71.65
CA PRO X 59 -19.43 -11.76 71.67
C PRO X 59 -19.80 -13.23 71.53
N GLY X 60 -18.80 -14.00 71.11
CA GLY X 60 -18.94 -15.42 70.84
C GLY X 60 -19.21 -16.29 72.05
N ARG X 61 -19.00 -15.77 73.26
CA ARG X 61 -19.29 -16.57 74.45
C ARG X 61 -20.78 -16.86 74.61
N PHE X 62 -21.65 -16.11 73.94
CA PHE X 62 -23.08 -16.38 74.00
C PHE X 62 -23.46 -17.34 72.87
N SER X 63 -24.34 -18.27 73.17
CA SER X 63 -24.76 -19.29 72.22
C SER X 63 -26.14 -19.78 72.61
N GLY X 64 -26.83 -20.40 71.65
CA GLY X 64 -28.21 -20.80 71.89
C GLY X 64 -28.66 -22.08 71.22
N SER X 65 -29.35 -22.93 71.96
CA SER X 65 -30.03 -24.10 71.43
C SER X 65 -31.54 -23.89 71.56
N GLY X 66 -32.32 -24.89 71.14
CA GLY X 66 -33.69 -24.60 70.78
C GLY X 66 -34.44 -25.70 70.07
N SER X 67 -35.11 -25.35 68.97
CA SER X 67 -35.86 -26.29 68.14
C SER X 67 -36.97 -27.02 68.92
N GLY X 68 -37.93 -26.23 69.43
CA GLY X 68 -39.11 -26.82 70.03
C GLY X 68 -39.55 -26.23 71.35
N THR X 69 -39.60 -27.04 72.41
CA THR X 69 -39.96 -26.51 73.72
C THR X 69 -38.79 -26.45 74.69
N GLU X 70 -37.72 -27.20 74.44
CA GLU X 70 -36.45 -26.96 75.10
C GLU X 70 -35.79 -25.70 74.54
N PHE X 71 -35.26 -24.86 75.44
CA PHE X 71 -34.44 -23.74 75.00
C PHE X 71 -33.37 -23.47 76.02
N THR X 72 -32.16 -23.20 75.54
CA THR X 72 -31.00 -22.99 76.38
C THR X 72 -30.18 -21.82 75.86
N LEU X 73 -29.82 -20.91 76.76
CA LEU X 73 -28.83 -19.86 76.49
C LEU X 73 -27.58 -20.20 77.29
N THR X 74 -26.45 -20.34 76.60
CA THR X 74 -25.20 -20.70 77.25
C THR X 74 -24.18 -19.58 77.08
N ILE X 75 -23.65 -19.10 78.20
CA ILE X 75 -22.53 -18.18 78.21
C ILE X 75 -21.32 -18.98 78.65
N SER X 76 -20.41 -19.29 77.73
CA SER X 76 -19.17 -19.94 78.13
C SER X 76 -18.22 -18.91 78.75
N SER X 77 -17.77 -19.19 79.97
CA SER X 77 -16.78 -18.35 80.65
C SER X 77 -17.27 -16.90 80.78
N LEU X 78 -18.39 -16.72 81.48
CA LEU X 78 -18.99 -15.40 81.59
C LEU X 78 -18.11 -14.44 82.37
N GLN X 79 -18.16 -13.17 81.98
CA GLN X 79 -17.34 -12.10 82.49
C GLN X 79 -18.18 -11.19 83.37
N SER X 80 -17.56 -10.11 83.86
CA SER X 80 -18.26 -9.21 84.76
C SER X 80 -19.48 -8.59 84.09
N GLU X 81 -19.35 -8.21 82.82
CA GLU X 81 -20.49 -7.63 82.10
C GLU X 81 -21.67 -8.58 82.03
N ASP X 82 -21.42 -9.89 82.08
CA ASP X 82 -22.46 -10.86 81.77
C ASP X 82 -23.45 -11.07 82.90
N PHE X 83 -23.28 -10.41 84.04
CA PHE X 83 -24.19 -10.57 85.15
C PHE X 83 -25.33 -9.55 84.99
N ALA X 84 -26.50 -10.05 84.66
CA ALA X 84 -27.68 -9.22 84.39
C ALA X 84 -28.90 -10.13 84.37
N VAL X 85 -30.06 -9.57 84.03
CA VAL X 85 -31.27 -10.36 83.81
C VAL X 85 -31.27 -10.81 82.36
N TYR X 86 -31.75 -12.04 82.12
CA TYR X 86 -31.85 -12.59 80.77
C TYR X 86 -33.26 -13.08 80.53
N TYR X 87 -33.91 -12.54 79.50
CA TYR X 87 -35.26 -12.90 79.11
C TYR X 87 -35.25 -13.73 77.84
N CYS X 88 -36.17 -14.71 77.75
CA CYS X 88 -36.48 -15.37 76.49
C CYS X 88 -37.82 -14.86 75.97
N GLN X 89 -38.06 -15.10 74.68
CA GLN X 89 -39.23 -14.52 74.02
C GLN X 89 -39.75 -15.47 72.95
N GLU X 90 -41.06 -15.71 72.97
CA GLU X 90 -41.73 -16.42 71.89
C GLU X 90 -42.19 -15.42 70.85
N TYR X 91 -41.88 -15.68 69.58
CA TYR X 91 -42.40 -14.84 68.52
C TYR X 91 -42.87 -15.63 67.29
N ASN X 92 -43.28 -16.88 67.45
CA ASN X 92 -43.76 -17.57 66.24
C ASN X 92 -45.16 -17.12 65.83
N ASN X 93 -45.84 -16.34 66.66
CA ASN X 93 -47.04 -15.62 66.28
C ASN X 93 -46.74 -14.19 65.85
N TRP X 94 -45.49 -13.89 65.49
CA TRP X 94 -45.06 -12.50 65.43
C TRP X 94 -45.94 -11.73 64.45
N PRO X 95 -46.24 -10.46 64.71
CA PRO X 95 -45.63 -9.53 65.67
C PRO X 95 -46.13 -9.67 67.11
N ARG X 96 -46.72 -10.81 67.47
CA ARG X 96 -47.34 -11.00 68.77
C ARG X 96 -46.35 -11.78 69.61
N TYR X 97 -46.02 -11.24 70.78
CA TYR X 97 -44.92 -11.74 71.59
C TYR X 97 -45.37 -12.25 72.95
N THR X 98 -44.49 -13.04 73.56
CA THR X 98 -44.56 -13.38 74.99
C THR X 98 -43.15 -13.48 75.53
N PHE X 99 -42.84 -12.66 76.53
CA PHE X 99 -41.59 -12.76 77.27
C PHE X 99 -41.71 -13.86 78.33
N GLY X 100 -40.59 -14.15 78.99
CA GLY X 100 -40.62 -14.91 80.22
C GLY X 100 -40.49 -13.97 81.40
N GLN X 101 -40.66 -14.53 82.61
CA GLN X 101 -40.60 -13.69 83.79
C GLN X 101 -39.19 -13.14 84.06
N GLY X 102 -38.16 -13.76 83.50
CA GLY X 102 -36.80 -13.33 83.74
C GLY X 102 -36.03 -14.29 84.62
N ALA X 103 -34.71 -14.20 84.52
CA ALA X 103 -33.81 -14.98 85.35
C ALA X 103 -32.59 -14.13 85.65
N LYS X 104 -32.44 -13.73 86.91
CA LYS X 104 -31.24 -13.01 87.32
C LYS X 104 -30.05 -13.96 87.33
N LEU X 105 -28.86 -13.40 87.07
CA LEU X 105 -27.63 -14.18 87.02
C LEU X 105 -26.65 -13.53 88.00
N GLU X 106 -26.37 -14.23 89.09
CA GLU X 106 -25.62 -13.67 90.20
C GLU X 106 -24.16 -14.09 90.17
N ILE X 107 -23.30 -13.23 90.70
CA ILE X 107 -21.93 -13.59 90.99
C ILE X 107 -21.90 -14.54 92.18
N ARG X 108 -21.13 -15.63 92.07
CA ARG X 108 -20.98 -16.53 93.20
C ARG X 108 -19.75 -16.20 93.99
N ARG X 109 -19.90 -16.16 95.31
CA ARG X 109 -18.77 -16.05 96.20
C ARG X 109 -19.04 -16.93 97.42
N THR X 110 -18.11 -16.92 98.36
CA THR X 110 -18.23 -17.70 99.58
C THR X 110 -19.13 -16.99 100.58
N VAL X 111 -19.69 -17.78 101.50
CA VAL X 111 -20.61 -17.24 102.49
C VAL X 111 -19.91 -16.21 103.36
N ALA X 112 -20.61 -15.09 103.61
CA ALA X 112 -20.15 -14.03 104.49
C ALA X 112 -21.30 -13.63 105.39
N ALA X 113 -21.07 -13.65 106.70
CA ALA X 113 -22.13 -13.30 107.63
C ALA X 113 -22.35 -11.79 107.63
N PRO X 114 -23.58 -11.34 107.88
CA PRO X 114 -23.85 -9.90 107.85
C PRO X 114 -23.47 -9.24 109.17
N SER X 115 -22.99 -8.01 109.06
CA SER X 115 -22.88 -7.15 110.23
C SER X 115 -24.21 -6.47 110.44
N VAL X 116 -24.80 -6.69 111.60
CA VAL X 116 -26.15 -6.22 111.92
C VAL X 116 -26.03 -5.03 112.85
N PHE X 117 -26.70 -3.93 112.50
CA PHE X 117 -26.79 -2.78 113.38
C PHE X 117 -28.25 -2.37 113.49
N ILE X 118 -28.58 -1.75 114.62
CA ILE X 118 -29.93 -1.29 114.89
C ILE X 118 -29.87 0.16 115.32
N PHE X 119 -30.88 0.93 114.92
CA PHE X 119 -30.92 2.35 115.20
C PHE X 119 -32.29 2.68 115.79
N PRO X 120 -32.35 3.46 116.85
CA PRO X 120 -33.64 3.90 117.36
C PRO X 120 -34.15 5.03 116.50
N PRO X 121 -35.44 5.32 116.51
CA PRO X 121 -35.92 6.46 115.72
C PRO X 121 -35.28 7.73 116.24
N SER X 122 -35.15 8.72 115.37
CA SER X 122 -34.51 9.95 115.80
C SER X 122 -35.49 10.80 116.60
N ASP X 123 -34.94 11.67 117.43
CA ASP X 123 -35.79 12.63 118.14
C ASP X 123 -36.42 13.61 117.18
N GLU X 124 -35.71 13.92 116.08
CA GLU X 124 -36.29 14.76 115.04
C GLU X 124 -37.55 14.14 114.47
N GLN X 125 -37.61 12.81 114.41
CA GLN X 125 -38.80 12.13 113.90
C GLN X 125 -39.88 11.98 114.97
N LEU X 126 -39.49 11.81 116.24
CA LEU X 126 -40.47 11.53 117.28
C LEU X 126 -41.34 12.74 117.59
N LYS X 127 -40.85 13.94 117.35
CA LYS X 127 -41.69 15.11 117.53
C LYS X 127 -42.62 15.37 116.35
N SER X 128 -42.39 14.72 115.21
CA SER X 128 -43.32 14.78 114.10
C SER X 128 -44.52 13.86 114.29
N GLY X 129 -44.41 12.87 115.17
CA GLY X 129 -45.50 11.96 115.45
C GLY X 129 -45.20 10.51 115.13
N THR X 130 -44.25 10.23 114.26
CA THR X 130 -43.98 8.89 113.79
C THR X 130 -42.60 8.44 114.25
N ALA X 131 -42.44 7.12 114.33
CA ALA X 131 -41.18 6.50 114.71
C ALA X 131 -40.80 5.45 113.67
N SER X 132 -39.51 5.41 113.34
CA SER X 132 -39.00 4.47 112.35
C SER X 132 -37.74 3.83 112.91
N VAL X 133 -37.81 2.54 113.19
CA VAL X 133 -36.68 1.79 113.71
C VAL X 133 -36.07 1.04 112.53
N VAL X 134 -34.79 1.29 112.24
CA VAL X 134 -34.14 0.74 111.07
C VAL X 134 -33.08 -0.25 111.51
N CYS X 135 -33.07 -1.42 110.87
CA CYS X 135 -32.12 -2.49 111.13
C CYS X 135 -31.46 -2.88 109.81
N LEU X 136 -30.14 -2.78 109.75
CA LEU X 136 -29.44 -3.01 108.50
C LEU X 136 -28.51 -4.21 108.63
N LEU X 137 -28.50 -5.04 107.58
CA LEU X 137 -27.58 -6.15 107.44
C LEU X 137 -26.56 -5.76 106.37
N ASN X 138 -25.28 -5.87 106.70
CA ASN X 138 -24.25 -5.29 105.86
C ASN X 138 -23.29 -6.35 105.35
N ASN X 139 -23.01 -6.30 104.05
CA ASN X 139 -21.98 -7.09 103.38
C ASN X 139 -22.12 -8.58 103.70
N PHE X 140 -23.26 -9.14 103.32
CA PHE X 140 -23.53 -10.56 103.50
C PHE X 140 -23.76 -11.23 102.16
N TYR X 141 -23.58 -12.55 102.15
CA TYR X 141 -23.89 -13.39 100.99
C TYR X 141 -23.95 -14.82 101.51
N PRO X 142 -24.93 -15.64 101.07
CA PRO X 142 -25.94 -15.41 100.03
C PRO X 142 -27.03 -14.43 100.45
N ARG X 143 -27.91 -14.06 99.53
CA ARG X 143 -28.91 -13.05 99.87
C ARG X 143 -30.01 -13.60 100.76
N GLU X 144 -30.37 -14.88 100.63
CA GLU X 144 -31.51 -15.37 101.39
C GLU X 144 -31.26 -15.16 102.87
N ALA X 145 -32.08 -14.30 103.47
CA ALA X 145 -31.95 -13.91 104.86
C ALA X 145 -33.34 -13.62 105.40
N LYS X 146 -33.49 -13.80 106.71
CA LYS X 146 -34.78 -13.62 107.36
C LYS X 146 -34.60 -12.64 108.50
N VAL X 147 -35.39 -11.57 108.48
CA VAL X 147 -35.30 -10.53 109.49
C VAL X 147 -36.71 -10.34 110.03
N GLN X 148 -36.87 -10.57 111.33
CA GLN X 148 -38.16 -10.43 111.99
C GLN X 148 -38.02 -9.51 113.19
N TRP X 149 -39.02 -8.68 113.40
CA TRP X 149 -39.01 -7.71 114.48
C TRP X 149 -39.85 -8.25 115.62
N LYS X 150 -39.33 -8.15 116.83
CA LYS X 150 -40.08 -8.52 118.01
C LYS X 150 -40.06 -7.35 118.99
N VAL X 151 -41.24 -6.92 119.40
CA VAL X 151 -41.43 -5.80 120.30
C VAL X 151 -41.94 -6.33 121.62
N ASP X 152 -41.09 -6.26 122.67
CA ASP X 152 -41.37 -6.93 123.93
C ASP X 152 -41.71 -8.40 123.69
N ASN X 153 -40.90 -9.03 122.85
CA ASN X 153 -41.04 -10.42 122.41
C ASN X 153 -42.29 -10.69 121.58
N ALA X 154 -43.01 -9.65 121.16
CA ALA X 154 -44.14 -9.82 120.25
C ALA X 154 -43.64 -9.76 118.82
N LEU X 155 -43.72 -10.89 118.12
CA LEU X 155 -43.26 -10.96 116.73
C LEU X 155 -44.08 -10.03 115.86
N GLN X 156 -43.41 -9.11 115.17
CA GLN X 156 -44.08 -8.10 114.38
C GLN X 156 -44.33 -8.57 112.96
N SER X 157 -45.43 -8.10 112.38
CA SER X 157 -45.84 -8.48 111.03
C SER X 157 -46.71 -7.37 110.45
N GLY X 158 -46.55 -7.11 109.16
CA GLY X 158 -47.35 -6.13 108.47
C GLY X 158 -46.99 -4.69 108.76
N ASN X 159 -45.85 -4.44 109.40
CA ASN X 159 -45.43 -3.07 109.69
C ASN X 159 -43.96 -2.82 109.40
N SER X 160 -43.29 -3.67 108.62
CA SER X 160 -41.90 -3.43 108.24
C SER X 160 -41.74 -3.45 106.72
N GLN X 161 -40.80 -2.67 106.24
CA GLN X 161 -40.38 -2.64 104.84
C GLN X 161 -38.91 -3.03 104.73
N GLU X 162 -38.59 -3.93 103.80
CA GLU X 162 -37.22 -4.35 103.56
C GLU X 162 -36.77 -3.89 102.18
N SER X 163 -35.51 -3.46 102.07
CA SER X 163 -34.93 -3.10 100.79
C SER X 163 -33.50 -3.61 100.72
N VAL X 164 -33.08 -4.05 99.53
CA VAL X 164 -31.76 -4.64 99.32
C VAL X 164 -30.96 -3.79 98.35
N THR X 165 -29.64 -3.83 98.50
CA THR X 165 -28.72 -3.19 97.57
C THR X 165 -28.14 -4.24 96.62
N GLU X 166 -27.67 -3.77 95.47
CA GLU X 166 -27.03 -4.63 94.48
C GLU X 166 -25.69 -5.15 95.00
N GLN X 167 -25.28 -6.30 94.46
CA GLN X 167 -24.01 -6.91 94.86
C GLN X 167 -22.86 -5.94 94.68
N ASP X 168 -22.05 -5.80 95.73
CA ASP X 168 -21.01 -4.78 95.74
C ASP X 168 -19.99 -5.05 94.64
N SER X 169 -19.50 -3.98 94.02
CA SER X 169 -18.56 -4.12 92.92
C SER X 169 -17.28 -4.83 93.36
N LYS X 170 -16.77 -4.49 94.55
CA LYS X 170 -15.50 -5.06 94.99
C LYS X 170 -15.66 -6.46 95.58
N ASP X 171 -16.60 -6.64 96.52
CA ASP X 171 -16.67 -7.89 97.28
C ASP X 171 -17.90 -8.73 96.94
N SER X 172 -18.80 -8.25 96.08
CA SER X 172 -19.93 -9.03 95.59
C SER X 172 -20.87 -9.46 96.72
N THR X 173 -20.99 -8.63 97.75
CA THR X 173 -21.85 -8.91 98.87
C THR X 173 -23.15 -8.11 98.76
N TYR X 174 -24.05 -8.31 99.70
CA TYR X 174 -25.31 -7.61 99.74
C TYR X 174 -25.42 -6.79 101.02
N SER X 175 -26.31 -5.82 101.00
CA SER X 175 -26.74 -5.13 102.19
C SER X 175 -28.25 -5.02 102.15
N LEU X 176 -28.85 -5.08 103.33
CA LEU X 176 -30.30 -5.09 103.45
C LEU X 176 -30.68 -4.20 104.63
N SER X 177 -31.80 -3.50 104.51
CA SER X 177 -32.31 -2.69 105.58
C SER X 177 -33.77 -3.02 105.78
N SER X 178 -34.12 -3.43 106.99
CA SER X 178 -35.50 -3.60 107.40
C SER X 178 -35.89 -2.41 108.26
N THR X 179 -37.01 -1.78 107.94
CA THR X 179 -37.46 -0.60 108.66
C THR X 179 -38.82 -0.89 109.27
N LEU X 180 -38.90 -0.79 110.59
CA LEU X 180 -40.15 -0.93 111.32
C LEU X 180 -40.72 0.46 111.56
N THR X 181 -41.94 0.70 111.09
CA THR X 181 -42.58 2.00 111.26
C THR X 181 -43.80 1.82 112.14
N LEU X 182 -43.81 2.52 113.26
CA LEU X 182 -44.93 2.59 114.19
C LEU X 182 -45.23 4.05 114.49
N SER X 183 -46.35 4.29 115.14
CA SER X 183 -46.67 5.62 115.60
C SER X 183 -45.99 5.90 116.92
N LYS X 184 -45.91 7.19 117.28
CA LYS X 184 -45.33 7.58 118.55
C LYS X 184 -46.08 6.94 119.72
N ALA X 185 -47.40 6.82 119.61
CA ALA X 185 -48.17 6.21 120.67
C ALA X 185 -47.77 4.75 120.85
N ASP X 186 -47.62 4.02 119.74
CA ASP X 186 -47.23 2.62 119.82
C ASP X 186 -45.77 2.47 120.23
N TYR X 187 -44.91 3.42 119.81
CA TYR X 187 -43.50 3.33 120.18
C TYR X 187 -43.30 3.51 121.67
N GLU X 188 -44.07 4.40 122.30
CA GLU X 188 -43.95 4.64 123.72
C GLU X 188 -44.52 3.49 124.56
N LYS X 189 -45.46 2.71 124.02
CA LYS X 189 -46.11 1.68 124.82
C LYS X 189 -45.12 0.62 125.28
N HIS X 190 -44.19 0.24 124.43
CA HIS X 190 -43.30 -0.89 124.68
C HIS X 190 -41.89 -0.38 124.94
N LYS X 191 -41.01 -1.30 125.37
CA LYS X 191 -39.66 -0.90 125.75
C LYS X 191 -38.55 -1.55 124.94
N VAL X 192 -38.67 -2.85 124.63
CA VAL X 192 -37.62 -3.59 123.94
C VAL X 192 -37.99 -3.73 122.47
N TYR X 193 -37.10 -3.25 121.60
CA TYR X 193 -37.24 -3.40 120.16
C TYR X 193 -36.00 -4.11 119.64
N ALA X 194 -36.21 -5.29 119.05
CA ALA X 194 -35.12 -6.09 118.55
C ALA X 194 -35.42 -6.51 117.11
N CYS X 195 -34.39 -6.54 116.29
CA CYS X 195 -34.47 -7.18 114.99
C CYS X 195 -33.62 -8.43 115.09
N GLU X 196 -34.22 -9.58 114.78
CA GLU X 196 -33.52 -10.85 114.78
C GLU X 196 -33.19 -11.21 113.35
N VAL X 197 -31.95 -11.63 113.12
CA VAL X 197 -31.48 -11.91 111.78
C VAL X 197 -31.12 -13.38 111.71
N THR X 198 -31.73 -14.09 110.77
CA THR X 198 -31.38 -15.46 110.46
C THR X 198 -30.69 -15.44 109.09
N HIS X 199 -29.48 -15.98 109.04
CA HIS X 199 -28.72 -16.01 107.81
C HIS X 199 -27.85 -17.27 107.80
N GLN X 200 -27.51 -17.71 106.59
CA GLN X 200 -26.71 -18.92 106.46
C GLN X 200 -25.33 -18.77 107.11
N GLY X 201 -24.79 -17.56 107.13
CA GLY X 201 -23.47 -17.35 107.69
C GLY X 201 -23.46 -17.09 109.18
N LEU X 202 -24.58 -17.29 109.86
CA LEU X 202 -24.68 -17.16 111.30
C LEU X 202 -24.90 -18.55 111.89
N SER X 203 -24.11 -18.90 112.91
CA SER X 203 -24.25 -20.20 113.56
C SER X 203 -25.67 -20.40 114.08
N SER X 204 -26.18 -19.40 114.77
CA SER X 204 -27.54 -19.35 115.28
C SER X 204 -28.02 -17.92 115.09
N PRO X 205 -29.33 -17.70 115.06
CA PRO X 205 -29.82 -16.34 114.76
C PRO X 205 -29.26 -15.30 115.72
N VAL X 206 -28.81 -14.18 115.17
CA VAL X 206 -28.26 -13.07 115.93
C VAL X 206 -29.34 -12.03 116.09
N THR X 207 -29.49 -11.51 117.30
CA THR X 207 -30.47 -10.47 117.59
C THR X 207 -29.75 -9.24 118.13
N LYS X 208 -30.21 -8.07 117.70
CA LYS X 208 -29.72 -6.81 118.23
C LYS X 208 -30.91 -5.92 118.55
N SER X 209 -30.80 -5.20 119.66
CA SER X 209 -31.95 -4.53 120.25
C SER X 209 -31.49 -3.26 120.95
N PHE X 210 -32.46 -2.51 121.43
CA PHE X 210 -32.18 -1.32 122.22
C PHE X 210 -33.34 -1.06 123.16
N ASN X 211 -33.03 -0.47 124.30
CA ASN X 211 -34.03 0.02 125.23
C ASN X 211 -34.18 1.52 125.02
N ARG X 212 -35.41 2.00 124.97
CA ARG X 212 -35.65 3.42 124.76
C ARG X 212 -35.54 4.15 126.10
N GLY X 213 -34.68 5.16 126.14
CA GLY X 213 -34.33 5.81 127.38
C GLY X 213 -33.20 5.16 128.13
N GLU X 214 -32.43 4.29 127.48
CA GLU X 214 -31.36 3.51 128.11
C GLU X 214 -31.79 2.89 129.44
#